data_7USD
#
_entry.id   7USD
#
loop_
_entity.id
_entity.type
_entity.pdbx_description
1 polymer 'Cytoplasmic FMR1-interacting protein 1'
2 polymer 'Nck-associated protein 1'
3 polymer 'Wiskott-Aldrich syndrome protein family member 1'
4 polymer 'Protein BRICK1'
5 polymer 'Abl interactor 2'
6 polymer 'Ras-related C3 botulinum toxin substrate 1'
7 non-polymer "GUANOSINE-5'-TRIPHOSPHATE"
8 non-polymer 'MAGNESIUM ION'
#
loop_
_entity_poly.entity_id
_entity_poly.type
_entity_poly.pdbx_seq_one_letter_code
_entity_poly.pdbx_strand_id
1 'polypeptide(L)'
;MAAQVTLEDALSNVDLLEELPLPDQQPCIEPPPSSLLYQPNFNTNFEDRNAFVTGIARYIEQATVHSSMNEMLEEGQEYA
VMLYTWRSCSRAIPQVKCNEQPNRVEIYEKTVEVLEPEVTKLMNFMYFQRNAIERFCGEVRRLCHAERRKDFVSEAYLIT
LGKFINMFAVLDELKNMKCSVKNDHSAYKRAAQFLRKMADPQSIQESQNLSMFLANHNKITQSLQQQLEVISGYEELLAD
IVNLCVDYYENRMYLTPSEKHMLLKVMGFGLYLMDGSVSNIYKLDAKKRINLSKIDKYFKQLQVVPLFGDMQIELARYIK
TSAHYEENKSRWTCTSSGSSPQYNICEQMIQIREDHMRFISELARYSNSEVVTGSGRQEAQKTDAEYRKLFDLALQGLQL
LSQWSAHVMEVYSWKLVHPTDKYSNKDCPDSAEEYERATRYNYTSEEKFALVEVIAMIKGLQVLMGRMESVFNHAIRHTV
YAALQDFSQVTLREPLRQAIKKKKNVIQSVLQAIRKTVCDWETGHEPFNDPALRGEKDPKSGFDIKVPRRAVGPSSTQLY
MVRTMLESLIADKSGSKKTLRSSLEGPTILDIEKFHRESFFYTHLINFSETLQQCCDLSQLWFREFFLELTMGRRIQFPI
EMSMPWILTDHILETKEASMMEYVLYSLDLYNDSAHYALTRFNKQFLYDEIEAEVNLCFDQFVYKLADQIFAYYKVMAGS
LLLDKRLRSECKNQGATIHLPPSNRYETLLKQRHVQLLGRSIDLNRLITQRVSAAMYKSLELAIGRFESEDLTSIVELDG
LLEINRMTHKLLSRYLTLDGFDAMFREANHNVSAPYGRITLHVFWELNYDFLPNYCYNGSTNRFVRTVLPFSQEFQRDKQ
PNAQPQYLHGSKALNLAYSSIYGSYRNFVGPPHFQVICRLLGYQGIAVVMEELLKVVKSLLQGTILQYVKTLMEVMPKIC
RLPRHEYGSPGILEFFHHQLKDIVEYAELKTVCFQNLREVGNAILFCLLIEQSLSLEEVCDLLHAAPFQNILPRVHVKEG
ERLDAKMKRLESKYAPLHLVPLIERLGTPQQIAIAREGDLLTKERLCCGLSMFEVILTRIRSFLDDPIWRGPLPSNGVMH
VDECVEFHRLWSAMQFVYCIPVGTHEFTVEQCFGDGLHWAGCMIIVLLGQQRRFAVLDFCYHLLKVQKHDGKDEIIKNVP
LKKMVERIRKFQILNDEIITILDKYLKSGDGEGTPVEHVRCFQPPIHQSLASS
;
A
2 'polypeptide(L)'
;MSRSVLQPSQQKLAEKLTILNDRGVGMLTRLYNIKKACGDPKAKPSYLIDKNLESAVKFIVRKFPAVETRNNNQQLAQLQ
KEKSEILKNLALYYFTFVDVMEFKDHVCELLNTIDVCQVFFDITVNFDLTKNYLDLIITYTTLMILLSRIEERKAIIGLY
NYAHEMTHGASDREYPRLGQMIVDYENPLKKMMEEFVPHSKSLSDALISLQMVYPRRNLSADQWRNAQLLSLISAPSTML
NPAQSDTMPCEYLSLDAMEKWIIFGFILCHGILNTDATALNLWKLALQSSSCLSLFRDEVFHIHKAAEDLFVNIRGYNKR
INDIRECKEAAVSHAGSMHRERRKFLRSALKELATVLSDQPGLLGPKALFVFMALSFARDEIIWLLRHADNMPKKSADDF
IDKHIAELIFYMEELRAHVRKYGPVMQRYYVQYLSGFDAVVLNELVQNLSVCPEDESIIMSSFVNTMTSLSVKQVEDGEV
FDFRGMRLDWFRLQAYTSVSKASLGLADHRELGKMMNTIIFHTKMVDSLVEMLVETSDLSIFCFYSRAFEKMFQQCLELP
SQSRYSIAFPLLCTHFMSCTHELCPEERHHIGDRSLSLCNMFLDEMAKQARNLITDICTEQCTLSDQLLPKHCAKTISQA
VNKKSKKQTGKKGEPEREKPGVESMRKNRLVVTNLDKLHTALSELCFSINYVPNMVVWEHTFTPREYLTSHLEIRFTKSI
VGMTMYNQATQEIAKPSELLTSVRAYMTVLQSIENYVQIDITRVFNNVLLQQTQHLDSHGEPTITSLYTNWYLETLLRQV
SNGHIAYFPAMKAFVNLPTENELTFNAEEYSDISEMRSLSELLGPYGMKFLSESLMWHISSQVAELKKLVVENVDVLTQM
RTSFDKPDQMAALFKRLSSVDSVLKRMTIIGVILSFRSLAQEALRDVLSYHIPFLVSSIEDFKDHIPRETDMKVAMNVYE
LSSAAGLPCEIDPALVVALSSQKSENISPEEEYKIACLLMVFVAVSLPTLASNVMSQYSPAIEGHCNNIHCLAKAINQIA
AALFTIHKGSIEDRLKEFLALASSSLLKIGQETDKTTTRNRESVYLLLDMIVQESPFLTMDLLESCFPYVLLRNAYHAVY
KQSVTSSA
;
B
3 'polypeptide(L)'
;MPLVKRNIDPRHLCHTALPRGIKNELECVTNISLANIIRQLSSLSKYAEDIFGELFNEAHSFSFRVNSLQERVDRLSVSV
TQLDPKEEELSLQDITMRKAFRSSTIQDQQLFDRKTLPIPLQETYDVCEQPPPLNILTPYRDDGKEGLKFYTNPSYFFDL
WKEKMLQDTEDKRKEKRKQKQKNLDRPHEPEKVPRAPHDRRREWQKLAQGPELAEDDANLLHKHIEVANGGGSGGSGGSG
GSGGSGGSKRHPSTLPVISDARSVLLEAIRKGIQLRKVEEQREQEAKHERIENDVATILSRRIAVEYSDSEDDSEFDEVD
WLE
;
C
4 'polypeptide(L)' MAGQEDPVQREIHQDWANREYIEIITSSIKKIADFLNSFDMSCRSRLATLNEKLTALERRIEYIEARVTKGETLT D
5 'polypeptide(L)'
;MAELQMLLEEEIPGGRRALFDSYTNLERVADYCENNYIQSADKQRALEETKAYTTQSLASVAYLINTLANNVLQMLDIQA
SQLRRMESSINHISQTVDIHKEKVARREIGILTTNKNTSRTHKIIAPANLERPVRYIRKPIDYTILDDIGHGVKVSTQ
;
E
6 'polypeptide(L)'
;MQAIKCVVVGDGAVGKTCLLISYTTNAFSGEYIPTVFDNYSANVMVDGKPVNLGLWDTAGLEDYDRLRPLSYPQTDVFLI
CFSLVSPASFENVRAKWYPEVRHHCPNTPIILVGTKLDLRDDKDTIEKLKEKKLTPITYPQGLAMAKEIGAVKYLECSAL
TQRGLKTVFDEAIRAVLCPPPVKKRKRK
;
F
#
loop_
_chem_comp.id
_chem_comp.type
_chem_comp.name
_chem_comp.formula
GTP non-polymer GUANOSINE-5'-TRIPHOSPHATE 'C10 H16 N5 O14 P3'
MG non-polymer 'MAGNESIUM ION' 'Mg 2'
#
# COMPACT_ATOMS: atom_id res chain seq x y z
N VAL A 5 54.51 -22.16 41.83
CA VAL A 5 55.67 -22.25 42.71
C VAL A 5 56.96 -22.19 41.89
N THR A 6 56.83 -22.12 40.57
CA THR A 6 57.97 -22.05 39.67
C THR A 6 57.69 -20.99 38.61
N LEU A 7 58.77 -20.47 38.02
CA LEU A 7 58.64 -19.46 36.99
C LEU A 7 57.88 -19.99 35.78
N GLU A 8 58.18 -21.23 35.38
CA GLU A 8 57.51 -21.82 34.22
C GLU A 8 56.01 -21.94 34.46
N ASP A 9 55.61 -22.32 35.67
CA ASP A 9 54.18 -22.43 35.98
C ASP A 9 53.49 -21.08 35.89
N ALA A 10 54.14 -20.04 36.44
CA ALA A 10 53.55 -18.70 36.37
C ALA A 10 53.43 -18.22 34.94
N LEU A 11 54.45 -18.44 34.11
CA LEU A 11 54.34 -18.00 32.72
C LEU A 11 53.17 -18.69 32.01
N SER A 12 53.01 -19.98 32.31
CA SER A 12 51.95 -20.78 31.72
C SER A 12 50.59 -20.24 32.14
N ASN A 13 50.48 -19.83 33.41
CA ASN A 13 49.23 -19.28 33.89
C ASN A 13 48.88 -18.02 33.11
N VAL A 14 49.87 -17.17 32.88
CA VAL A 14 49.64 -15.94 32.13
C VAL A 14 49.18 -16.26 30.71
N ASP A 15 49.81 -17.24 30.07
CA ASP A 15 49.40 -17.61 28.71
C ASP A 15 47.95 -18.12 28.68
N LEU A 16 47.63 -18.91 29.70
CA LEU A 16 46.30 -19.48 29.83
C LEU A 16 45.29 -18.36 29.98
N LEU A 17 45.63 -17.35 30.80
CA LEU A 17 44.76 -16.21 31.03
C LEU A 17 44.54 -15.43 29.74
N GLU A 18 45.61 -15.32 28.95
CA GLU A 18 45.53 -14.60 27.69
C GLU A 18 44.70 -15.38 26.68
N GLU A 19 44.62 -16.70 26.86
CA GLU A 19 43.86 -17.55 25.94
C GLU A 19 42.38 -17.61 26.29
N LEU A 20 41.69 -16.48 26.12
CA LEU A 20 40.26 -16.37 26.39
C LEU A 20 39.62 -15.64 25.23
N PRO A 21 38.36 -15.98 24.90
CA PRO A 21 37.73 -15.27 23.80
C PRO A 21 37.11 -13.98 24.31
N LEU A 22 37.49 -12.86 23.69
CA LEU A 22 36.98 -11.56 24.09
C LEU A 22 36.46 -10.81 22.87
N PRO A 23 35.27 -11.21 22.40
CA PRO A 23 34.63 -10.60 21.23
C PRO A 23 34.00 -9.24 21.52
N ASP A 24 33.50 -8.62 20.46
CA ASP A 24 32.85 -7.31 20.53
C ASP A 24 33.73 -6.31 21.29
N GLN A 25 34.92 -6.06 20.73
CA GLN A 25 35.85 -5.11 21.33
C GLN A 25 35.45 -3.68 21.00
N GLN A 26 35.42 -3.32 19.73
CA GLN A 26 35.06 -1.99 19.28
C GLN A 26 34.17 -2.12 18.05
N PRO A 27 33.37 -1.09 17.74
CA PRO A 27 32.49 -1.14 16.57
C PRO A 27 33.19 -0.75 15.28
N ALA A 57 86.50 6.30 39.63
CA ALA A 57 87.12 7.38 38.89
C ALA A 57 86.63 8.74 39.41
N ARG A 58 86.86 9.79 38.63
CA ARG A 58 86.46 11.14 39.00
C ARG A 58 85.06 11.51 38.53
N TYR A 59 84.46 10.56 37.81
CA TYR A 59 83.14 10.71 37.24
C TYR A 59 82.07 10.56 38.31
N ILE A 60 82.46 9.99 39.45
CA ILE A 60 81.53 9.82 40.56
C ILE A 60 81.07 11.19 41.06
N GLU A 61 82.01 12.13 41.14
CA GLU A 61 81.70 13.49 41.58
C GLU A 61 80.73 14.13 40.60
N GLN A 62 80.97 13.92 39.30
CA GLN A 62 80.10 14.48 38.29
C GLN A 62 78.70 13.90 38.43
N ALA A 63 78.62 12.60 38.68
CA ALA A 63 77.31 11.97 38.83
C ALA A 63 76.59 12.56 40.02
N THR A 64 77.30 12.75 41.13
CA THR A 64 76.68 13.31 42.31
C THR A 64 76.17 14.72 42.06
N VAL A 65 76.97 15.55 41.38
CA VAL A 65 76.51 16.90 41.11
C VAL A 65 75.28 16.91 40.19
N HIS A 66 75.28 16.01 39.21
CA HIS A 66 74.17 15.89 38.28
C HIS A 66 72.90 15.51 39.04
N SER A 67 73.04 14.58 39.97
CA SER A 67 71.90 14.14 40.77
C SER A 67 71.37 15.29 41.60
N SER A 68 72.28 16.07 42.18
CA SER A 68 71.86 17.21 42.98
C SER A 68 71.09 18.21 42.12
N MET A 69 71.58 18.46 40.92
CA MET A 69 70.91 19.39 40.02
C MET A 69 69.51 18.89 39.68
N ASN A 70 69.39 17.59 39.42
CA ASN A 70 68.09 17.02 39.09
C ASN A 70 67.12 17.17 40.26
N GLU A 71 67.63 16.94 41.47
CA GLU A 71 66.80 17.07 42.66
C GLU A 71 66.32 18.51 42.79
N MET A 72 67.21 19.47 42.54
CA MET A 72 66.84 20.88 42.61
C MET A 72 65.77 21.20 41.58
N LEU A 73 65.91 20.65 40.38
CA LEU A 73 64.95 20.86 39.33
C LEU A 73 63.57 20.30 39.70
N GLU A 74 63.51 19.15 40.36
CA GLU A 74 62.19 18.60 40.71
C GLU A 74 61.40 19.55 41.62
N GLU A 75 62.11 20.27 42.48
CA GLU A 75 61.56 21.26 43.40
C GLU A 75 61.18 22.54 42.66
N GLY A 76 62.03 22.97 41.72
CA GLY A 76 61.69 24.15 40.94
C GLY A 76 60.43 23.95 40.12
N GLN A 77 60.25 22.77 39.53
CA GLN A 77 59.03 22.49 38.80
C GLN A 77 57.83 22.49 39.72
N GLU A 78 57.97 21.94 40.93
CA GLU A 78 56.88 21.96 41.90
C GLU A 78 56.49 23.39 42.23
N TYR A 79 57.48 24.25 42.48
CA TYR A 79 57.20 25.64 42.78
C TYR A 79 56.55 26.36 41.60
N ALA A 80 57.01 26.07 40.38
CA ALA A 80 56.43 26.69 39.20
C ALA A 80 54.96 26.30 39.04
N VAL A 81 54.64 25.01 39.21
CA VAL A 81 53.26 24.57 39.08
C VAL A 81 52.41 25.15 40.20
N MET A 82 52.99 25.28 41.40
CA MET A 82 52.26 25.93 42.48
C MET A 82 51.93 27.38 42.13
N LEU A 83 52.89 28.11 41.58
CA LEU A 83 52.66 29.49 41.21
C LEU A 83 51.62 29.61 40.09
N TYR A 84 51.68 28.71 39.10
CA TYR A 84 50.78 28.81 37.95
C TYR A 84 49.32 28.66 38.37
N THR A 85 49.04 27.77 39.33
CA THR A 85 47.68 27.45 39.73
C THR A 85 47.25 28.22 40.97
N TRP A 86 47.70 29.46 41.10
CA TRP A 86 47.33 30.32 42.22
C TRP A 86 46.15 31.20 41.80
N ARG A 87 45.13 31.28 42.64
CA ARG A 87 43.96 32.11 42.40
C ARG A 87 43.83 33.14 43.53
N SER A 88 43.32 34.32 43.18
CA SER A 88 43.19 35.40 44.14
C SER A 88 42.35 34.97 45.33
N CYS A 89 42.98 34.87 46.50
CA CYS A 89 42.30 34.48 47.73
C CYS A 89 41.75 35.67 48.51
N SER A 90 42.10 36.90 48.11
CA SER A 90 41.64 38.10 48.81
C SER A 90 40.28 38.59 48.32
N ARG A 91 39.80 38.10 47.17
CA ARG A 91 38.52 38.58 46.65
C ARG A 91 37.36 38.21 47.56
N ALA A 92 37.36 36.99 48.09
CA ALA A 92 36.27 36.55 48.96
C ALA A 92 36.28 37.23 50.31
N ILE A 93 37.35 37.94 50.66
CA ILE A 93 37.41 38.61 51.97
C ILE A 93 36.37 39.71 52.03
N PRO A 94 35.66 39.88 53.15
CA PRO A 94 34.71 41.01 53.25
C PRO A 94 35.42 42.34 53.47
N GLN A 95 35.86 42.96 52.37
CA GLN A 95 36.62 44.20 52.47
C GLN A 95 35.87 45.24 53.30
N VAL A 96 36.59 45.88 54.22
CA VAL A 96 36.00 46.87 55.11
C VAL A 96 36.17 48.25 54.51
N LYS A 97 35.08 49.02 54.47
CA LYS A 97 35.10 50.36 53.91
C LYS A 97 35.40 51.42 54.98
N CYS A 98 34.85 51.24 56.18
CA CYS A 98 35.09 52.15 57.29
C CYS A 98 35.98 51.48 58.33
N ASN A 99 36.47 52.28 59.27
CA ASN A 99 37.41 51.84 60.27
C ASN A 99 36.75 51.59 61.62
N GLU A 100 35.42 51.52 61.67
CA GLU A 100 34.71 51.34 62.92
C GLU A 100 33.62 50.27 62.76
N GLN A 101 33.85 49.31 61.86
CA GLN A 101 32.88 48.25 61.65
C GLN A 101 32.75 47.40 62.91
N PRO A 102 31.54 46.91 63.22
CA PRO A 102 31.39 46.06 64.41
C PRO A 102 32.25 44.81 64.38
N ASN A 103 32.46 44.22 63.21
CA ASN A 103 33.24 43.00 63.06
C ASN A 103 34.58 43.24 62.38
N ARG A 104 35.11 44.46 62.43
CA ARG A 104 36.40 44.74 61.80
C ARG A 104 37.50 43.90 62.42
N VAL A 105 37.50 43.78 63.75
CA VAL A 105 38.52 43.04 64.47
C VAL A 105 38.28 41.55 64.31
N GLU A 106 37.04 41.17 64.01
CA GLU A 106 36.65 39.76 63.96
C GLU A 106 37.08 39.05 62.68
N ILE A 107 37.26 39.77 61.57
CA ILE A 107 37.64 39.13 60.31
C ILE A 107 39.14 39.02 60.13
N TYR A 108 39.94 39.79 60.88
CA TYR A 108 41.38 39.74 60.72
C TYR A 108 41.94 38.39 61.15
N GLU A 109 41.40 37.81 62.23
CA GLU A 109 41.86 36.48 62.65
C GLU A 109 41.54 35.44 61.58
N LYS A 110 40.35 35.52 60.98
CA LYS A 110 40.01 34.59 59.91
C LYS A 110 40.96 34.75 58.73
N THR A 111 41.25 35.99 58.35
CA THR A 111 42.17 36.22 57.24
C THR A 111 43.55 35.65 57.55
N VAL A 112 44.03 35.85 58.78
CA VAL A 112 45.35 35.36 59.16
C VAL A 112 45.37 33.84 59.11
N GLU A 113 44.38 33.19 59.71
CA GLU A 113 44.34 31.73 59.76
C GLU A 113 44.08 31.11 58.40
N VAL A 114 43.54 31.88 57.45
CA VAL A 114 43.35 31.36 56.10
C VAL A 114 44.54 31.62 55.19
N LEU A 115 45.33 32.67 55.45
CA LEU A 115 46.43 33.03 54.57
C LEU A 115 47.80 32.66 55.12
N GLU A 116 47.90 32.17 56.35
CA GLU A 116 49.21 31.77 56.88
C GLU A 116 49.86 30.69 56.02
N PRO A 117 49.21 29.56 55.71
CA PRO A 117 49.85 28.57 54.83
C PRO A 117 50.16 29.11 53.45
N GLU A 118 49.34 30.03 52.92
CA GLU A 118 49.58 30.60 51.60
C GLU A 118 50.80 31.50 51.57
N VAL A 119 51.19 32.07 52.71
CA VAL A 119 52.38 32.93 52.78
C VAL A 119 53.58 32.07 53.13
N THR A 120 53.35 30.96 53.82
CA THR A 120 54.42 30.00 54.07
C THR A 120 54.98 29.48 52.75
N LYS A 121 54.10 29.22 51.78
CA LYS A 121 54.55 28.77 50.47
C LYS A 121 55.40 29.83 49.79
N LEU A 122 55.01 31.10 49.90
CA LEU A 122 55.81 32.17 49.31
C LEU A 122 57.18 32.27 49.96
N MET A 123 57.23 32.15 51.30
CA MET A 123 58.51 32.16 51.99
C MET A 123 59.39 31.00 51.53
N ASN A 124 58.81 29.81 51.42
CA ASN A 124 59.57 28.66 50.94
C ASN A 124 60.06 28.87 49.52
N PHE A 125 59.23 29.45 48.66
CA PHE A 125 59.64 29.72 47.29
C PHE A 125 60.81 30.70 47.24
N MET A 126 60.74 31.76 48.06
CA MET A 126 61.83 32.73 48.09
C MET A 126 63.12 32.07 48.56
N TYR A 127 63.04 31.26 49.63
CA TYR A 127 64.23 30.57 50.10
C TYR A 127 64.79 29.64 49.03
N PHE A 128 63.91 28.90 48.36
CA PHE A 128 64.37 27.95 47.34
C PHE A 128 65.02 28.67 46.17
N GLN A 129 64.43 29.78 45.73
CA GLN A 129 65.02 30.49 44.59
C GLN A 129 66.36 31.10 44.96
N ARG A 130 66.48 31.64 46.18
CA ARG A 130 67.77 32.15 46.63
C ARG A 130 68.81 31.04 46.65
N ASN A 131 68.45 29.88 47.21
CA ASN A 131 69.39 28.77 47.27
C ASN A 131 69.78 28.30 45.88
N ALA A 132 68.81 28.21 44.97
CA ALA A 132 69.10 27.76 43.61
C ALA A 132 70.02 28.73 42.89
N ILE A 133 69.78 30.03 43.04
CA ILE A 133 70.65 31.02 42.42
C ILE A 133 72.06 30.90 42.99
N GLU A 134 72.17 30.77 44.31
CA GLU A 134 73.50 30.64 44.92
C GLU A 134 74.22 29.40 44.41
N ARG A 135 73.51 28.28 44.32
CA ARG A 135 74.13 27.04 43.87
C ARG A 135 74.56 27.14 42.41
N PHE A 136 73.72 27.73 41.56
CA PHE A 136 74.08 27.87 40.15
C PHE A 136 75.30 28.78 40.00
N CYS A 137 75.34 29.87 40.76
CA CYS A 137 76.51 30.75 40.70
C CYS A 137 77.76 30.03 41.18
N GLY A 138 77.65 29.24 42.25
CA GLY A 138 78.79 28.49 42.73
C GLY A 138 79.31 27.49 41.70
N GLU A 139 78.40 26.76 41.06
CA GLU A 139 78.82 25.81 40.02
C GLU A 139 79.47 26.55 38.85
N VAL A 140 78.89 27.69 38.44
CA VAL A 140 79.48 28.44 37.34
C VAL A 140 80.89 28.89 37.70
N ARG A 141 81.07 29.39 38.92
CA ARG A 141 82.40 29.80 39.36
C ARG A 141 83.36 28.61 39.37
N ARG A 142 82.89 27.46 39.86
CA ARG A 142 83.75 26.28 39.93
C ARG A 142 84.22 25.86 38.54
N LEU A 143 83.31 25.85 37.57
CA LEU A 143 83.64 25.43 36.21
C LEU A 143 84.28 26.53 35.39
N CYS A 144 84.38 27.75 35.93
CA CYS A 144 84.96 28.87 35.20
C CYS A 144 86.40 29.17 35.62
N HIS A 145 87.02 28.32 36.42
CA HIS A 145 88.39 28.57 36.86
C HIS A 145 89.35 28.51 35.67
N ALA A 146 90.44 29.27 35.79
CA ALA A 146 91.38 29.40 34.67
C ALA A 146 91.93 28.04 34.26
N GLU A 147 92.44 27.26 35.22
CA GLU A 147 92.99 25.96 34.89
C GLU A 147 91.89 24.98 34.47
N ARG A 148 90.70 25.10 35.06
CA ARG A 148 89.58 24.24 34.72
C ARG A 148 88.87 24.69 33.46
N ARG A 149 89.24 25.84 32.90
CA ARG A 149 88.56 26.35 31.71
C ARG A 149 88.74 25.41 30.52
N LYS A 150 89.96 24.92 30.31
CA LYS A 150 90.28 24.10 29.15
C LYS A 150 90.27 22.60 29.46
N ASP A 151 89.51 22.18 30.47
CA ASP A 151 89.39 20.77 30.81
C ASP A 151 88.20 20.17 30.07
N PHE A 152 87.80 18.97 30.44
CA PHE A 152 86.71 18.25 29.79
C PHE A 152 85.47 18.30 30.68
N VAL A 153 84.34 18.68 30.09
CA VAL A 153 83.06 18.74 30.78
C VAL A 153 82.02 18.03 29.91
N SER A 154 81.20 17.20 30.55
CA SER A 154 80.18 16.43 29.83
C SER A 154 79.09 17.33 29.29
N GLU A 155 78.46 16.91 28.18
CA GLU A 155 77.36 17.65 27.59
C GLU A 155 76.11 17.64 28.46
N ALA A 156 75.91 16.57 29.24
CA ALA A 156 74.75 16.48 30.11
C ALA A 156 74.75 17.60 31.14
N TYR A 157 75.93 17.93 31.68
CA TYR A 157 76.01 19.03 32.65
C TYR A 157 75.60 20.34 32.00
N LEU A 158 76.04 20.58 30.76
CA LEU A 158 75.65 21.82 30.07
C LEU A 158 74.15 21.85 29.82
N ILE A 159 73.57 20.71 29.44
CA ILE A 159 72.12 20.65 29.25
C ILE A 159 71.40 20.93 30.56
N THR A 160 71.96 20.44 31.67
CA THR A 160 71.35 20.69 32.98
C THR A 160 71.43 22.17 33.34
N LEU A 161 72.54 22.82 33.04
CA LEU A 161 72.64 24.26 33.28
C LEU A 161 71.64 25.03 32.42
N GLY A 162 71.47 24.61 31.17
CA GLY A 162 70.43 25.21 30.34
C GLY A 162 69.06 25.03 30.94
N LYS A 163 68.77 23.84 31.45
CA LYS A 163 67.50 23.60 32.13
C LYS A 163 67.34 24.53 33.32
N PHE A 164 68.42 24.76 34.07
CA PHE A 164 68.36 25.64 35.23
C PHE A 164 68.03 27.07 34.80
N ILE A 165 68.67 27.57 33.74
CA ILE A 165 68.40 28.94 33.32
C ILE A 165 66.98 29.05 32.78
N ASN A 166 66.50 28.02 32.06
CA ASN A 166 65.12 28.03 31.61
C ASN A 166 64.15 28.03 32.78
N MET A 167 64.46 27.26 33.82
CA MET A 167 63.63 27.25 35.02
C MET A 167 63.59 28.63 35.67
N PHE A 168 64.75 29.28 35.75
CA PHE A 168 64.78 30.63 36.31
C PHE A 168 63.94 31.59 35.48
N ALA A 169 64.05 31.51 34.16
CA ALA A 169 63.28 32.40 33.29
C ALA A 169 61.78 32.18 33.47
N VAL A 170 61.35 30.92 33.49
CA VAL A 170 59.92 30.64 33.61
C VAL A 170 59.41 31.04 35.00
N LEU A 171 60.23 30.84 36.04
CA LEU A 171 59.83 31.27 37.37
C LEU A 171 59.69 32.78 37.44
N ASP A 172 60.62 33.51 36.83
CA ASP A 172 60.51 34.96 36.79
C ASP A 172 59.26 35.41 36.05
N GLU A 173 58.96 34.75 34.93
CA GLU A 173 57.75 35.08 34.18
C GLU A 173 56.49 34.82 35.00
N LEU A 174 56.46 33.70 35.71
CA LEU A 174 55.31 33.38 36.56
C LEU A 174 55.17 34.40 37.68
N LYS A 175 56.27 34.81 38.28
CA LYS A 175 56.21 35.84 39.33
C LYS A 175 55.70 37.16 38.78
N ASN A 176 56.17 37.55 37.59
CA ASN A 176 55.76 38.83 37.01
C ASN A 176 54.29 38.82 36.64
N MET A 177 53.84 37.77 35.96
CA MET A 177 52.45 37.72 35.47
C MET A 177 51.47 37.69 36.64
N LYS A 178 51.77 36.93 37.68
CA LYS A 178 50.85 36.76 38.80
C LYS A 178 50.78 38.03 39.64
N CYS A 179 49.73 38.82 39.45
CA CYS A 179 49.54 40.05 40.20
C CYS A 179 48.70 39.85 41.47
N SER A 180 48.11 38.67 41.65
CA SER A 180 47.30 38.39 42.83
C SER A 180 48.12 37.96 44.04
N VAL A 181 49.31 37.41 43.82
CA VAL A 181 50.15 37.00 44.94
C VAL A 181 50.53 38.19 45.79
N LYS A 182 50.90 39.30 45.15
CA LYS A 182 51.25 40.50 45.90
C LYS A 182 50.09 40.99 46.73
N ASN A 183 48.89 41.03 46.13
CA ASN A 183 47.71 41.49 46.85
C ASN A 183 47.40 40.59 48.04
N ASP A 184 47.46 39.27 47.84
CA ASP A 184 47.18 38.35 48.95
C ASP A 184 48.21 38.52 50.06
N HIS A 185 49.50 38.60 49.71
CA HIS A 185 50.52 38.74 50.73
C HIS A 185 50.37 40.05 51.51
N SER A 186 50.04 41.14 50.80
CA SER A 186 49.95 42.43 51.49
C SER A 186 48.66 42.53 52.31
N ALA A 187 47.59 41.86 51.87
CA ALA A 187 46.40 41.77 52.71
C ALA A 187 46.71 40.99 53.98
N TYR A 188 47.42 39.88 53.86
CA TYR A 188 47.90 39.19 55.07
C TYR A 188 48.81 40.09 55.89
N LYS A 189 49.54 40.99 55.23
CA LYS A 189 50.41 41.90 55.95
C LYS A 189 49.62 42.86 56.83
N ARG A 190 48.50 43.38 56.27
CA ARG A 190 47.60 44.29 57.01
C ARG A 190 46.87 43.48 58.10
N ALA A 191 46.63 42.20 57.89
CA ALA A 191 45.95 41.35 58.87
C ALA A 191 46.87 41.03 60.05
N ALA A 192 48.15 40.75 59.78
CA ALA A 192 49.12 40.46 60.83
C ALA A 192 49.55 41.71 61.59
N GLN A 193 49.77 42.83 60.89
CA GLN A 193 50.25 44.02 61.56
C GLN A 193 49.19 44.61 62.49
N PHE A 194 47.92 44.50 62.12
CA PHE A 194 46.86 44.99 63.00
C PHE A 194 46.81 44.18 64.30
N LEU A 195 47.00 42.86 64.22
CA LEU A 195 46.97 42.01 65.40
C LEU A 195 48.26 42.08 66.22
N ARG A 196 49.29 42.75 65.71
CA ARG A 196 50.57 42.88 66.42
C ARG A 196 51.16 41.51 66.75
N LYS A 197 51.02 40.56 65.83
CA LYS A 197 51.59 39.23 65.99
C LYS A 197 52.96 39.10 65.33
N MET A 198 53.47 40.17 64.73
CA MET A 198 54.79 40.19 64.10
C MET A 198 55.81 40.95 64.91
N ALA A 199 55.62 41.08 66.22
CA ALA A 199 56.53 41.86 67.04
C ALA A 199 57.95 41.33 67.01
N ASP A 200 58.14 40.06 66.65
CA ASP A 200 59.48 39.49 66.59
C ASP A 200 60.29 40.22 65.52
N PRO A 201 61.49 40.73 65.84
CA PRO A 201 62.27 41.44 64.82
C PRO A 201 62.55 40.61 63.58
N GLN A 202 62.84 39.32 63.75
CA GLN A 202 63.09 38.48 62.58
C GLN A 202 61.85 38.33 61.72
N SER A 203 60.67 38.29 62.34
CA SER A 203 59.43 38.24 61.57
C SER A 203 59.27 39.50 60.72
N ILE A 204 59.54 40.67 61.31
CA ILE A 204 59.47 41.91 60.54
C ILE A 204 60.48 41.89 59.40
N GLN A 205 61.69 41.42 59.67
CA GLN A 205 62.72 41.42 58.65
C GLN A 205 62.33 40.52 57.48
N GLU A 206 61.86 39.30 57.77
CA GLU A 206 61.49 38.38 56.70
C GLU A 206 60.25 38.89 55.95
N SER A 207 59.30 39.50 56.66
CA SER A 207 58.13 40.05 55.98
C SER A 207 58.54 41.17 55.02
N GLN A 208 59.44 42.05 55.48
CA GLN A 208 59.92 43.12 54.60
C GLN A 208 60.67 42.56 53.41
N ASN A 209 61.49 41.53 53.63
CA ASN A 209 62.24 40.92 52.53
C ASN A 209 61.30 40.33 51.50
N LEU A 210 60.28 39.61 51.93
CA LEU A 210 59.33 39.02 50.98
C LEU A 210 58.54 40.10 50.27
N SER A 211 58.13 41.15 50.99
CA SER A 211 57.37 42.22 50.36
C SER A 211 58.18 42.91 49.28
N MET A 212 59.45 43.22 49.56
CA MET A 212 60.28 43.86 48.55
C MET A 212 60.61 42.90 47.41
N PHE A 213 60.76 41.61 47.70
CA PHE A 213 60.97 40.63 46.63
C PHE A 213 59.78 40.60 45.68
N LEU A 214 58.56 40.60 46.23
CA LEU A 214 57.39 40.58 45.38
C LEU A 214 57.17 41.90 44.65
N ALA A 215 57.50 43.03 45.29
CA ALA A 215 57.24 44.32 44.68
C ALA A 215 58.10 44.52 43.43
N ASN A 216 59.35 44.11 43.48
CA ASN A 216 60.26 44.34 42.35
C ASN A 216 59.83 43.54 41.13
N HIS A 217 60.17 44.08 39.96
CA HIS A 217 59.84 43.45 38.69
C HIS A 217 61.10 42.83 38.09
N ASN A 218 60.97 41.60 37.58
CA ASN A 218 62.09 40.85 37.03
C ASN A 218 63.20 40.71 38.06
N LYS A 219 62.79 40.47 39.31
CA LYS A 219 63.73 40.34 40.42
C LYS A 219 64.62 39.11 40.30
N ILE A 220 64.07 37.97 39.91
CA ILE A 220 64.87 36.75 39.82
C ILE A 220 65.95 36.89 38.75
N THR A 221 65.57 37.37 37.57
CA THR A 221 66.56 37.54 36.50
C THR A 221 67.60 38.59 36.87
N GLN A 222 67.17 39.69 37.47
CA GLN A 222 68.10 40.77 37.80
C GLN A 222 69.14 40.28 38.81
N SER A 223 68.70 39.55 39.84
CA SER A 223 69.64 39.08 40.86
C SER A 223 70.66 38.11 40.26
N LEU A 224 70.19 37.15 39.45
CA LEU A 224 71.10 36.21 38.83
C LEU A 224 72.10 36.93 37.92
N GLN A 225 71.60 37.86 37.10
CA GLN A 225 72.49 38.61 36.23
C GLN A 225 73.54 39.35 37.04
N GLN A 226 73.11 40.09 38.07
CA GLN A 226 74.05 40.85 38.89
C GLN A 226 75.10 39.93 39.50
N GLN A 227 74.67 38.76 39.99
CA GLN A 227 75.63 37.80 40.52
C GLN A 227 76.47 37.16 39.43
N LEU A 228 76.15 37.37 38.16
CA LEU A 228 76.95 36.77 37.09
C LEU A 228 78.17 37.61 36.73
N GLU A 229 78.03 38.94 36.66
CA GLU A 229 79.16 39.76 36.25
C GLU A 229 80.33 39.62 37.21
N VAL A 230 80.05 39.38 38.49
CA VAL A 230 81.12 39.27 39.48
C VAL A 230 82.08 38.14 39.11
N ILE A 231 81.59 37.11 38.42
CA ILE A 231 82.42 36.03 37.93
C ILE A 231 82.97 36.43 36.56
N SER A 232 84.24 36.14 36.34
CA SER A 232 84.91 36.47 35.08
C SER A 232 85.01 35.22 34.21
N GLY A 233 84.54 35.34 32.97
CA GLY A 233 84.58 34.23 32.03
C GLY A 233 83.30 33.43 31.94
N TYR A 234 82.25 33.81 32.67
CA TYR A 234 80.99 33.08 32.57
C TYR A 234 80.44 33.11 31.15
N GLU A 235 80.81 34.13 30.37
CA GLU A 235 80.37 34.20 28.99
C GLU A 235 80.82 32.99 28.19
N GLU A 236 82.00 32.43 28.51
CA GLU A 236 82.48 31.25 27.80
C GLU A 236 81.60 30.04 28.10
N LEU A 237 81.19 29.88 29.36
CA LEU A 237 80.30 28.78 29.72
C LEU A 237 78.94 28.94 29.05
N LEU A 238 78.40 30.16 29.07
CA LEU A 238 77.15 30.41 28.36
C LEU A 238 77.31 30.11 26.87
N ALA A 239 78.49 30.43 26.32
CA ALA A 239 78.73 30.25 24.90
C ALA A 239 78.76 28.78 24.52
N ASP A 240 79.49 27.95 25.29
CA ASP A 240 79.56 26.55 24.91
C ASP A 240 78.24 25.84 25.22
N ILE A 241 77.50 26.30 26.22
CA ILE A 241 76.15 25.78 26.44
C ILE A 241 75.28 26.08 25.21
N VAL A 242 75.32 27.32 24.72
CA VAL A 242 74.51 27.69 23.57
C VAL A 242 74.95 26.92 22.33
N ASN A 243 76.26 26.71 22.18
CA ASN A 243 76.76 25.94 21.04
C ASN A 243 76.27 24.50 21.10
N LEU A 244 76.31 23.89 22.27
CA LEU A 244 75.79 22.53 22.40
C LEU A 244 74.31 22.47 22.06
N CYS A 245 73.53 23.44 22.56
CA CYS A 245 72.10 23.44 22.27
C CYS A 245 71.84 23.65 20.77
N VAL A 246 72.60 24.54 20.13
CA VAL A 246 72.43 24.78 18.71
C VAL A 246 72.77 23.53 17.91
N ASP A 247 73.86 22.85 18.28
CA ASP A 247 74.23 21.61 17.60
C ASP A 247 73.15 20.56 17.78
N TYR A 248 72.58 20.44 18.98
CA TYR A 248 71.52 19.47 19.21
C TYR A 248 70.30 19.80 18.35
N TYR A 249 69.91 21.08 18.31
CA TYR A 249 68.74 21.46 17.53
C TYR A 249 68.96 21.23 16.04
N GLU A 250 70.14 21.57 15.53
CA GLU A 250 70.41 21.43 14.10
C GLU A 250 70.36 19.97 13.67
N ASN A 251 70.90 19.07 14.48
CA ASN A 251 70.94 17.65 14.16
C ASN A 251 69.67 16.92 14.59
N ARG A 252 68.67 17.64 15.08
CA ARG A 252 67.42 17.04 15.55
C ARG A 252 67.68 16.03 16.66
N MET A 253 68.58 16.40 17.55
CA MET A 253 68.97 15.54 18.68
C MET A 253 67.99 15.64 19.83
N TYR A 254 66.71 15.43 19.53
CA TYR A 254 65.66 15.46 20.53
C TYR A 254 64.52 14.55 20.08
N LEU A 255 63.71 14.14 21.04
CA LEU A 255 62.57 13.26 20.77
C LEU A 255 61.23 13.92 21.11
N THR A 256 61.09 14.47 22.32
CA THR A 256 59.83 15.07 22.73
C THR A 256 59.80 16.55 22.39
N PRO A 257 58.65 17.11 22.00
CA PRO A 257 58.60 18.55 21.68
C PRO A 257 59.03 19.44 22.83
N SER A 258 58.85 18.98 24.07
CA SER A 258 59.27 19.77 25.22
C SER A 258 60.76 20.09 25.15
N GLU A 259 61.58 19.09 24.79
CA GLU A 259 63.01 19.35 24.63
C GLU A 259 63.29 20.28 23.47
N LYS A 260 62.52 20.14 22.37
CA LYS A 260 62.70 21.01 21.22
C LYS A 260 62.48 22.47 21.59
N HIS A 261 61.43 22.74 22.36
CA HIS A 261 61.19 24.10 22.84
C HIS A 261 62.18 24.53 23.91
N MET A 262 62.64 23.58 24.75
CA MET A 262 63.59 23.91 25.79
C MET A 262 64.92 24.37 25.19
N LEU A 263 65.34 23.75 24.10
CA LEU A 263 66.59 24.17 23.45
C LEU A 263 66.52 25.63 23.02
N LEU A 264 65.43 26.01 22.35
CA LEU A 264 65.28 27.39 21.89
C LEU A 264 65.16 28.35 23.06
N LYS A 265 64.40 27.96 24.10
CA LYS A 265 64.26 28.82 25.27
C LYS A 265 65.61 29.06 25.94
N VAL A 266 66.42 28.01 26.08
CA VAL A 266 67.74 28.14 26.68
C VAL A 266 68.63 29.02 25.81
N MET A 267 68.59 28.83 24.49
CA MET A 267 69.38 29.67 23.61
C MET A 267 69.02 31.15 23.79
N GLY A 268 67.71 31.45 23.80
CA GLY A 268 67.30 32.83 23.96
C GLY A 268 67.69 33.42 25.29
N PHE A 269 67.47 32.66 26.38
CA PHE A 269 67.79 33.16 27.70
C PHE A 269 69.29 33.37 27.87
N GLY A 270 70.10 32.45 27.32
CA GLY A 270 71.54 32.62 27.38
C GLY A 270 72.00 33.84 26.58
N LEU A 271 71.42 34.04 25.40
CA LEU A 271 71.76 35.23 24.63
C LEU A 271 71.40 36.49 25.40
N TYR A 272 70.25 36.49 26.07
CA TYR A 272 69.88 37.63 26.90
C TYR A 272 70.88 37.84 28.04
N LEU A 273 71.31 36.74 28.67
CA LEU A 273 72.23 36.86 29.80
C LEU A 273 73.61 37.34 29.36
N MET A 274 74.06 36.95 28.17
CA MET A 274 75.36 37.39 27.67
C MET A 274 75.48 38.90 27.59
N ASP A 275 74.48 39.60 27.04
CA ASP A 275 74.57 41.03 26.79
C ASP A 275 74.42 41.78 28.10
N GLY A 276 75.42 42.60 28.41
CA GLY A 276 75.41 43.35 29.66
C GLY A 276 76.54 44.36 29.74
N SER A 277 77.04 44.59 30.96
CA SER A 277 78.08 45.59 31.15
C SER A 277 79.43 45.08 30.66
N VAL A 278 79.74 43.81 30.91
CA VAL A 278 81.06 43.26 30.66
C VAL A 278 81.11 42.49 29.34
N SER A 279 80.09 41.67 29.07
CA SER A 279 80.09 40.78 27.92
C SER A 279 79.15 41.27 26.84
N ASN A 280 79.62 41.25 25.59
CA ASN A 280 78.83 41.68 24.44
C ASN A 280 78.81 40.54 23.42
N ILE A 281 77.61 40.12 23.03
CA ILE A 281 77.48 39.04 22.06
C ILE A 281 77.97 39.47 20.68
N TYR A 282 77.64 40.71 20.28
CA TYR A 282 77.98 41.14 18.94
C TYR A 282 79.49 41.14 18.71
N LYS A 283 80.26 41.63 19.70
CA LYS A 283 81.71 41.49 19.64
C LYS A 283 82.13 40.04 19.74
N LEU A 284 81.46 39.25 20.59
CA LEU A 284 81.78 37.83 20.69
C LEU A 284 81.51 37.11 19.38
N ASP A 285 80.42 37.47 18.70
CA ASP A 285 80.10 36.84 17.43
C ASP A 285 81.20 37.08 16.40
N ALA A 286 81.76 38.29 16.36
CA ALA A 286 82.85 38.57 15.45
C ALA A 286 84.06 37.68 15.71
N LYS A 287 84.19 37.15 16.93
CA LYS A 287 85.26 36.22 17.25
C LYS A 287 84.93 34.78 16.85
N LYS A 288 83.74 34.53 16.32
CA LYS A 288 83.30 33.21 15.88
C LYS A 288 83.15 32.25 17.05
N ARG A 289 83.11 32.76 18.28
CA ARG A 289 82.84 31.91 19.44
C ARG A 289 81.41 31.37 19.43
N ILE A 290 80.45 32.17 18.98
CA ILE A 290 79.05 31.77 18.87
C ILE A 290 78.54 32.19 17.50
N ASN A 291 77.49 31.52 17.05
CA ASN A 291 76.87 31.80 15.76
C ASN A 291 75.51 32.43 16.00
N LEU A 292 75.33 33.65 15.50
CA LEU A 292 74.06 34.36 15.65
C LEU A 292 73.13 34.13 14.47
N SER A 293 73.67 33.85 13.28
CA SER A 293 72.82 33.64 12.11
C SER A 293 71.93 32.41 12.30
N LYS A 294 72.48 31.33 12.83
CA LYS A 294 71.67 30.12 13.04
C LYS A 294 70.54 30.38 14.02
N ILE A 295 70.83 31.07 15.13
CA ILE A 295 69.80 31.37 16.10
C ILE A 295 68.74 32.28 15.51
N ASP A 296 69.17 33.27 14.73
CA ASP A 296 68.20 34.18 14.09
C ASP A 296 67.28 33.41 13.13
N LYS A 297 67.85 32.52 12.32
CA LYS A 297 67.04 31.73 11.41
C LYS A 297 66.07 30.83 12.17
N TYR A 298 66.55 30.20 13.25
CA TYR A 298 65.69 29.32 14.03
C TYR A 298 64.53 30.10 14.64
N PHE A 299 64.81 31.30 15.16
CA PHE A 299 63.74 32.14 15.70
C PHE A 299 62.77 32.57 14.61
N LYS A 300 63.29 32.90 13.42
CA LYS A 300 62.40 33.31 12.33
C LYS A 300 61.47 32.17 11.92
N GLN A 301 62.00 30.95 11.80
CA GLN A 301 61.18 29.82 11.42
C GLN A 301 60.16 29.50 12.51
N LEU A 302 60.60 29.46 13.77
CA LEU A 302 59.74 29.21 14.91
C LEU A 302 59.89 30.37 15.87
N GLN A 303 58.79 31.06 16.18
CA GLN A 303 58.83 32.29 16.95
C GLN A 303 58.29 32.14 18.37
N VAL A 304 57.30 31.27 18.59
CA VAL A 304 56.62 31.16 19.87
C VAL A 304 56.61 29.70 20.31
N VAL A 305 56.88 29.48 21.59
CA VAL A 305 56.79 28.15 22.19
C VAL A 305 56.04 28.28 23.51
N PRO A 306 55.37 27.22 23.99
CA PRO A 306 54.65 27.32 25.27
C PRO A 306 55.60 27.27 26.46
N LEU A 307 55.74 28.41 27.14
CA LEU A 307 56.61 28.47 28.30
C LEU A 307 56.10 27.60 29.44
N PHE A 308 54.82 27.74 29.80
CA PHE A 308 54.23 26.98 30.88
C PHE A 308 52.72 27.16 30.85
N GLY A 309 52.00 26.05 30.99
CA GLY A 309 50.56 26.11 30.97
C GLY A 309 50.00 26.73 29.71
N ASP A 310 49.15 27.76 29.87
CA ASP A 310 48.53 28.44 28.75
C ASP A 310 49.32 29.66 28.28
N MET A 311 50.49 29.91 28.86
CA MET A 311 51.31 31.07 28.52
C MET A 311 52.36 30.67 27.51
N GLN A 312 52.60 31.55 26.53
CA GLN A 312 53.62 31.34 25.51
C GLN A 312 54.70 32.41 25.63
N ILE A 313 55.91 32.05 25.23
CA ILE A 313 57.07 32.95 25.30
C ILE A 313 57.43 33.37 23.88
N GLU A 314 57.60 34.67 23.69
CA GLU A 314 58.05 35.19 22.40
C GLU A 314 59.59 35.21 22.39
N LEU A 315 60.18 34.41 21.52
CA LEU A 315 61.63 34.24 21.52
C LEU A 315 62.35 35.55 21.23
N ALA A 316 61.84 36.34 20.29
CA ALA A 316 62.51 37.58 19.90
C ALA A 316 62.52 38.62 21.02
N ARG A 317 61.73 38.44 22.07
CA ARG A 317 61.76 39.39 23.18
C ARG A 317 63.11 39.39 23.87
N TYR A 318 63.71 38.21 24.06
CA TYR A 318 65.02 38.14 24.70
C TYR A 318 66.06 38.92 23.93
N ILE A 319 65.89 39.08 22.62
CA ILE A 319 66.83 39.86 21.80
C ILE A 319 66.47 41.34 21.82
N LYS A 320 65.18 41.66 21.68
CA LYS A 320 64.75 43.05 21.67
C LYS A 320 65.05 43.75 22.99
N THR A 321 65.11 43.01 24.09
CA THR A 321 65.41 43.56 25.40
C THR A 321 66.89 43.51 25.73
N SER A 322 67.73 43.08 24.78
CA SER A 322 69.16 43.01 25.01
C SER A 322 69.74 44.41 25.22
N ALA A 323 70.83 44.46 25.99
CA ALA A 323 71.43 45.75 26.35
C ALA A 323 71.91 46.51 25.11
N HIS A 324 72.56 45.81 24.18
CA HIS A 324 73.11 46.43 22.98
C HIS A 324 72.29 46.11 21.73
N TYR A 325 70.99 45.88 21.88
CA TYR A 325 70.15 45.62 20.72
C TYR A 325 69.85 46.90 19.94
N GLU A 326 69.86 48.05 20.62
CA GLU A 326 69.49 49.30 19.95
C GLU A 326 70.45 49.64 18.82
N GLU A 327 71.75 49.44 19.04
CA GLU A 327 72.76 49.80 18.05
C GLU A 327 73.07 48.68 17.07
N ASN A 328 72.40 47.53 17.21
CA ASN A 328 72.64 46.40 16.31
C ASN A 328 71.34 45.69 15.92
N LYS A 329 70.23 46.42 15.82
CA LYS A 329 68.97 45.79 15.45
C LYS A 329 69.01 45.24 14.03
N SER A 330 69.83 45.82 13.16
CA SER A 330 69.91 45.37 11.79
C SER A 330 70.49 43.96 11.66
N ARG A 331 71.16 43.47 12.70
CA ARG A 331 71.76 42.13 12.64
C ARG A 331 70.71 41.03 12.69
N TRP A 332 69.53 41.31 13.26
CA TRP A 332 68.47 40.29 13.49
C TRP A 332 67.26 40.51 12.58
N THR A 333 66.84 39.48 11.82
CA THR A 333 65.62 39.53 10.98
C THR A 333 64.43 38.94 11.74
N CYS A 334 64.66 38.12 12.77
CA CYS A 334 63.60 37.49 13.60
C CYS A 334 62.83 38.58 14.34
N THR A 335 63.53 39.60 14.85
CA THR A 335 62.92 40.70 15.64
C THR A 335 61.98 41.51 14.76
N SER A 336 62.33 41.72 13.49
CA SER A 336 61.54 42.61 12.59
C SER A 336 60.12 42.09 12.43
N SER A 337 59.94 40.77 12.31
CA SER A 337 58.57 40.24 12.05
C SER A 337 58.32 39.00 12.91
N PRO A 341 52.88 33.54 8.94
CA PRO A 341 53.47 33.42 7.59
C PRO A 341 53.64 31.97 7.16
N GLN A 342 54.15 31.12 8.07
CA GLN A 342 54.32 29.71 7.78
C GLN A 342 53.61 28.82 8.81
N TYR A 343 52.83 29.41 9.71
CA TYR A 343 52.12 28.63 10.72
C TYR A 343 50.81 28.05 10.23
N ASN A 344 50.40 28.37 8.99
CA ASN A 344 49.17 27.83 8.44
C ASN A 344 49.23 26.32 8.39
N ILE A 345 48.37 25.65 9.17
CA ILE A 345 48.37 24.19 9.22
C ILE A 345 47.55 23.55 8.12
N CYS A 346 46.69 24.32 7.46
CA CYS A 346 45.86 23.79 6.38
C CYS A 346 46.66 23.43 5.14
N GLU A 347 47.83 24.03 4.93
CA GLU A 347 48.66 23.77 3.77
C GLU A 347 49.67 22.66 4.00
N GLN A 348 49.77 22.15 5.22
CA GLN A 348 50.71 21.07 5.55
C GLN A 348 50.01 19.74 5.79
N MET A 349 48.73 19.63 5.45
CA MET A 349 47.98 18.40 5.70
C MET A 349 48.37 17.28 4.76
N ILE A 350 48.79 17.60 3.53
CA ILE A 350 49.15 16.57 2.57
C ILE A 350 50.32 15.73 3.08
N GLN A 351 51.38 16.41 3.55
CA GLN A 351 52.54 15.69 4.05
C GLN A 351 52.20 14.90 5.30
N ILE A 352 51.36 15.47 6.14
CA ILE A 352 50.95 14.79 7.35
C ILE A 352 50.21 13.52 6.97
N ARG A 353 49.20 13.65 6.12
CA ARG A 353 48.40 12.50 5.73
C ARG A 353 49.22 11.42 5.04
N GLU A 354 50.10 11.83 4.13
CA GLU A 354 50.91 10.87 3.41
C GLU A 354 51.82 10.13 4.37
N ASP A 355 52.41 10.86 5.30
CA ASP A 355 53.31 10.25 6.26
C ASP A 355 52.55 9.26 7.12
N HIS A 356 51.36 9.66 7.54
CA HIS A 356 50.57 8.80 8.40
C HIS A 356 50.26 7.52 7.68
N MET A 357 49.84 7.62 6.41
CA MET A 357 49.50 6.40 5.70
C MET A 357 50.70 5.50 5.53
N ARG A 358 51.83 6.10 5.18
CA ARG A 358 53.03 5.30 4.96
C ARG A 358 53.43 4.59 6.22
N PHE A 359 53.39 5.27 7.36
CA PHE A 359 53.74 4.62 8.60
C PHE A 359 52.77 3.54 9.04
N ILE A 360 51.48 3.80 8.88
CA ILE A 360 50.46 2.85 9.32
C ILE A 360 50.57 1.60 8.48
N SER A 361 50.87 1.80 7.20
CA SER A 361 51.04 0.66 6.30
C SER A 361 52.27 -0.15 6.68
N GLU A 362 53.36 0.54 7.05
CA GLU A 362 54.57 -0.18 7.45
C GLU A 362 54.32 -1.01 8.72
N LEU A 363 53.60 -0.43 9.68
CA LEU A 363 53.40 -1.09 10.97
C LEU A 363 52.34 -2.20 10.91
N ALA A 364 51.39 -2.11 9.98
CA ALA A 364 50.30 -3.09 9.96
C ALA A 364 50.82 -4.50 9.76
N ARG A 365 51.90 -4.68 9.01
CA ARG A 365 52.42 -6.02 8.67
C ARG A 365 53.08 -6.69 9.88
N TYR A 366 53.47 -5.93 10.90
CA TYR A 366 54.03 -6.47 12.16
C TYR A 366 52.91 -6.35 13.18
N SER A 367 52.00 -7.34 13.24
CA SER A 367 50.84 -7.22 14.14
C SER A 367 51.12 -7.94 15.46
N ALA A 380 60.90 -20.04 17.69
CA ALA A 380 60.07 -18.88 18.01
C ALA A 380 60.88 -17.60 18.00
N GLN A 381 62.14 -17.70 18.41
CA GLN A 381 63.02 -16.54 18.45
C GLN A 381 63.30 -16.05 17.03
N LYS A 382 63.41 -14.74 16.89
CA LYS A 382 63.66 -14.08 15.62
C LYS A 382 65.11 -13.61 15.54
N THR A 383 65.53 -13.30 14.32
CA THR A 383 66.89 -12.82 14.10
C THR A 383 67.02 -11.36 14.51
N ASP A 384 68.27 -10.90 14.62
CA ASP A 384 68.53 -9.53 15.03
C ASP A 384 67.94 -8.53 14.03
N ALA A 385 67.76 -8.95 12.77
CA ALA A 385 67.22 -8.05 11.77
C ALA A 385 65.80 -7.61 12.11
N GLU A 386 64.96 -8.55 12.54
CA GLU A 386 63.58 -8.20 12.90
C GLU A 386 63.56 -7.26 14.09
N TYR A 387 64.39 -7.51 15.10
CA TYR A 387 64.44 -6.63 16.27
C TYR A 387 64.90 -5.24 15.88
N ARG A 388 65.91 -5.13 15.00
CA ARG A 388 66.35 -3.83 14.54
C ARG A 388 65.25 -3.12 13.76
N LYS A 389 64.52 -3.87 12.93
CA LYS A 389 63.41 -3.27 12.19
C LYS A 389 62.36 -2.72 13.14
N LEU A 390 61.99 -3.49 14.16
CA LEU A 390 61.02 -3.02 15.14
C LEU A 390 61.55 -1.79 15.88
N PHE A 391 62.83 -1.80 16.24
CA PHE A 391 63.43 -0.66 16.93
C PHE A 391 63.32 0.61 16.09
N ASP A 392 63.71 0.52 14.81
CA ASP A 392 63.66 1.71 13.96
C ASP A 392 62.22 2.14 13.67
N LEU A 393 61.30 1.18 13.54
CA LEU A 393 59.90 1.54 13.36
C LEU A 393 59.37 2.29 14.58
N ALA A 394 59.70 1.82 15.79
CA ALA A 394 59.25 2.50 16.99
C ALA A 394 59.85 3.91 17.07
N LEU A 395 61.14 4.04 16.73
CA LEU A 395 61.77 5.35 16.75
C LEU A 395 61.08 6.29 15.76
N GLN A 396 60.80 5.80 14.55
CA GLN A 396 60.14 6.62 13.55
C GLN A 396 58.75 7.04 14.00
N GLY A 397 57.99 6.12 14.60
CA GLY A 397 56.67 6.46 15.08
C GLY A 397 56.72 7.52 16.18
N LEU A 398 57.64 7.36 17.13
CA LEU A 398 57.77 8.35 18.19
C LEU A 398 58.16 9.71 17.61
N GLN A 399 59.09 9.73 16.66
CA GLN A 399 59.50 11.00 16.05
C GLN A 399 58.33 11.66 15.33
N LEU A 400 57.54 10.86 14.60
CA LEU A 400 56.40 11.42 13.87
C LEU A 400 55.36 11.98 14.82
N LEU A 401 55.06 11.24 15.89
CA LEU A 401 54.10 11.74 16.89
C LEU A 401 54.61 13.03 17.52
N SER A 402 55.90 13.08 17.84
CA SER A 402 56.47 14.29 18.41
C SER A 402 56.38 15.46 17.44
N GLN A 403 56.64 15.20 16.15
CA GLN A 403 56.55 16.27 15.16
C GLN A 403 55.14 16.81 15.06
N TRP A 404 54.15 15.91 15.03
CA TRP A 404 52.76 16.35 14.97
C TRP A 404 52.37 17.15 16.22
N SER A 405 52.77 16.68 17.40
CA SER A 405 52.46 17.41 18.62
C SER A 405 53.13 18.78 18.62
N ALA A 406 54.38 18.85 18.16
CA ALA A 406 55.08 20.12 18.11
C ALA A 406 54.38 21.08 17.16
N HIS A 407 53.95 20.60 15.99
CA HIS A 407 53.24 21.46 15.06
C HIS A 407 51.96 22.00 15.68
N VAL A 408 51.18 21.12 16.32
CA VAL A 408 49.91 21.53 16.90
C VAL A 408 50.14 22.57 18.00
N MET A 409 51.11 22.30 18.89
CA MET A 409 51.39 23.22 19.97
C MET A 409 51.89 24.56 19.44
N GLU A 410 52.76 24.52 18.42
CA GLU A 410 53.29 25.77 17.86
C GLU A 410 52.17 26.61 17.25
N VAL A 411 51.29 25.99 16.48
CA VAL A 411 50.21 26.76 15.86
C VAL A 411 49.28 27.31 16.94
N TYR A 412 48.97 26.51 17.96
CA TYR A 412 48.10 26.99 19.03
C TYR A 412 48.73 28.17 19.76
N SER A 413 50.02 28.08 20.08
CA SER A 413 50.70 29.17 20.77
C SER A 413 50.76 30.41 19.91
N TRP A 414 51.05 30.26 18.62
CA TRP A 414 51.11 31.42 17.74
C TRP A 414 49.75 32.10 17.65
N LYS A 415 48.67 31.32 17.55
CA LYS A 415 47.34 31.90 17.53
C LYS A 415 47.03 32.61 18.85
N LEU A 416 47.42 32.02 19.97
CA LEU A 416 47.19 32.65 21.26
C LEU A 416 47.92 33.99 21.35
N VAL A 417 49.17 34.03 20.90
CA VAL A 417 49.97 35.24 21.02
C VAL A 417 49.59 36.32 20.01
N HIS A 418 48.79 35.98 19.00
CA HIS A 418 48.40 36.91 17.94
C HIS A 418 46.88 36.93 17.84
N PRO A 419 46.20 37.56 18.80
CA PRO A 419 44.75 37.67 18.71
C PRO A 419 44.33 38.55 17.54
N THR A 420 43.15 38.25 16.99
CA THR A 420 42.62 38.99 15.86
C THR A 420 41.85 40.21 16.34
N ASP A 421 41.18 40.88 15.41
CA ASP A 421 40.40 42.07 15.72
C ASP A 421 39.27 42.20 14.70
N LYS A 422 38.29 43.04 15.03
CA LYS A 422 37.15 43.22 14.15
C LYS A 422 37.57 43.76 12.79
N TYR A 423 38.67 44.51 12.74
CA TYR A 423 39.17 45.03 11.47
C TYR A 423 39.56 43.89 10.52
N SER A 424 40.22 42.86 11.05
CA SER A 424 40.65 41.74 10.23
C SER A 424 39.53 40.73 10.02
N ASN A 425 38.87 40.34 11.10
CA ASN A 425 37.78 39.37 11.05
C ASN A 425 36.46 40.10 11.20
N LYS A 426 35.58 39.96 10.21
CA LYS A 426 34.28 40.63 10.28
C LYS A 426 33.34 39.95 11.26
N ASP A 427 33.46 38.64 11.43
CA ASP A 427 32.57 37.92 12.33
C ASP A 427 32.79 38.34 13.78
N CYS A 428 34.00 38.74 14.14
CA CYS A 428 34.29 39.11 15.51
C CYS A 428 33.50 40.36 15.88
N PRO A 429 32.77 40.36 17.01
CA PRO A 429 32.01 41.55 17.38
C PRO A 429 32.91 42.65 17.92
N ASP A 430 32.34 43.86 18.04
CA ASP A 430 33.09 44.99 18.53
C ASP A 430 33.55 44.76 19.97
N SER A 431 32.68 44.19 20.81
CA SER A 431 32.99 43.92 22.20
C SER A 431 33.32 42.44 22.36
N ALA A 432 34.48 42.15 22.92
CA ALA A 432 34.92 40.78 23.14
C ALA A 432 36.17 40.79 24.01
N GLU A 433 36.33 39.73 24.80
CA GLU A 433 37.47 39.61 25.68
C GLU A 433 38.71 39.20 24.88
N GLU A 434 39.87 39.27 25.55
CA GLU A 434 41.12 38.91 24.89
C GLU A 434 41.10 37.44 24.45
N TYR A 435 40.60 36.56 25.31
CA TYR A 435 40.53 35.15 24.96
C TYR A 435 39.62 34.92 23.75
N GLU A 436 38.52 35.67 23.67
CA GLU A 436 37.61 35.54 22.55
C GLU A 436 38.35 35.72 21.23
N ARG A 437 38.91 36.92 21.01
CA ARG A 437 39.65 37.17 19.78
C ARG A 437 40.85 36.25 19.63
N ALA A 438 41.46 35.83 20.74
CA ALA A 438 42.65 35.00 20.67
C ALA A 438 42.34 33.60 20.12
N THR A 439 41.23 33.01 20.55
CA THR A 439 40.93 31.62 20.24
C THR A 439 39.69 31.46 19.36
N ARG A 440 38.54 31.97 19.79
CA ARG A 440 37.29 31.59 19.15
C ARG A 440 37.23 32.11 17.71
N TYR A 441 37.54 33.38 17.50
CA TYR A 441 37.50 33.98 16.18
C TYR A 441 38.84 33.94 15.46
N ASN A 442 39.85 33.32 16.04
CA ASN A 442 41.17 33.24 15.43
C ASN A 442 41.39 31.98 14.60
N TYR A 443 40.37 31.12 14.49
CA TYR A 443 40.47 29.89 13.73
C TYR A 443 39.40 29.85 12.64
N THR A 444 39.79 29.38 11.46
CA THR A 444 38.86 29.18 10.36
C THR A 444 38.33 27.75 10.38
N SER A 445 37.24 27.53 9.64
CA SER A 445 36.64 26.20 9.58
C SER A 445 37.64 25.18 9.07
N GLU A 446 38.38 25.52 8.01
CA GLU A 446 39.40 24.62 7.49
C GLU A 446 40.50 24.38 8.53
N GLU A 447 40.90 25.43 9.24
CA GLU A 447 41.92 25.27 10.27
C GLU A 447 41.43 24.36 11.39
N LYS A 448 40.18 24.53 11.82
CA LYS A 448 39.64 23.65 12.86
C LYS A 448 39.58 22.22 12.38
N PHE A 449 39.14 22.00 11.13
CA PHE A 449 39.11 20.64 10.60
C PHE A 449 40.50 20.03 10.55
N ALA A 450 41.50 20.81 10.14
CA ALA A 450 42.87 20.31 10.10
C ALA A 450 43.36 19.95 11.49
N LEU A 451 43.09 20.80 12.48
CA LEU A 451 43.50 20.50 13.84
C LEU A 451 42.84 19.22 14.35
N VAL A 452 41.55 19.06 14.08
CA VAL A 452 40.84 17.86 14.53
C VAL A 452 41.42 16.62 13.85
N GLU A 453 41.70 16.72 12.55
CA GLU A 453 42.27 15.59 11.83
C GLU A 453 43.64 15.21 12.39
N VAL A 454 44.48 16.22 12.66
CA VAL A 454 45.80 15.95 13.21
C VAL A 454 45.69 15.29 14.58
N ILE A 455 44.79 15.79 15.42
CA ILE A 455 44.61 15.21 16.75
C ILE A 455 44.15 13.76 16.65
N ALA A 456 43.18 13.49 15.76
CA ALA A 456 42.67 12.14 15.61
C ALA A 456 43.76 11.21 15.10
N MET A 457 44.57 11.66 14.14
CA MET A 457 45.68 10.84 13.65
C MET A 457 46.68 10.56 14.77
N ILE A 458 46.98 11.57 15.58
CA ILE A 458 47.92 11.39 16.68
C ILE A 458 47.41 10.33 17.64
N LYS A 459 46.12 10.42 18.01
CA LYS A 459 45.57 9.47 18.98
C LYS A 459 45.48 8.07 18.39
N GLY A 460 45.11 7.96 17.12
CA GLY A 460 45.07 6.65 16.48
C GLY A 460 46.43 5.99 16.44
N LEU A 461 47.45 6.76 16.06
CA LEU A 461 48.81 6.22 16.07
C LEU A 461 49.25 5.86 17.48
N GLN A 462 48.86 6.67 18.48
CA GLN A 462 49.21 6.34 19.86
C GLN A 462 48.62 5.01 20.28
N VAL A 463 47.33 4.80 20.02
CA VAL A 463 46.69 3.54 20.42
C VAL A 463 47.30 2.38 19.66
N LEU A 464 47.57 2.56 18.37
CA LEU A 464 48.15 1.47 17.58
C LEU A 464 49.53 1.10 18.12
N MET A 465 50.35 2.09 18.45
CA MET A 465 51.66 1.82 19.03
C MET A 465 51.53 1.15 20.39
N GLY A 466 50.58 1.58 21.21
CA GLY A 466 50.37 0.96 22.50
C GLY A 466 49.96 -0.49 22.39
N ARG A 467 49.20 -0.84 21.34
CA ARG A 467 48.79 -2.23 21.16
C ARG A 467 50.01 -3.15 21.05
N MET A 468 51.12 -2.64 20.51
CA MET A 468 52.35 -3.41 20.35
C MET A 468 53.39 -3.09 21.42
N GLU A 469 52.95 -2.85 22.65
CA GLU A 469 53.88 -2.46 23.71
C GLU A 469 54.93 -3.54 23.94
N SER A 470 54.49 -4.79 24.11
CA SER A 470 55.42 -5.86 24.47
C SER A 470 56.44 -6.12 23.36
N VAL A 471 55.98 -6.21 22.12
CA VAL A 471 56.88 -6.51 21.01
C VAL A 471 57.92 -5.41 20.87
N PHE A 472 57.48 -4.15 20.90
CA PHE A 472 58.42 -3.03 20.79
C PHE A 472 59.42 -3.04 21.93
N ASN A 473 58.96 -3.25 23.17
CA ASN A 473 59.86 -3.25 24.30
C ASN A 473 60.90 -4.36 24.17
N HIS A 474 60.45 -5.57 23.84
CA HIS A 474 61.38 -6.70 23.70
C HIS A 474 62.40 -6.43 22.61
N ALA A 475 61.95 -5.99 21.43
CA ALA A 475 62.86 -5.75 20.33
C ALA A 475 63.87 -4.67 20.68
N ILE A 476 63.39 -3.56 21.26
CA ILE A 476 64.29 -2.46 21.59
C ILE A 476 65.33 -2.90 22.60
N ARG A 477 64.90 -3.59 23.67
CA ARG A 477 65.86 -3.98 24.71
C ARG A 477 66.86 -5.01 24.18
N HIS A 478 66.39 -5.96 23.37
CA HIS A 478 67.30 -6.95 22.81
C HIS A 478 68.33 -6.27 21.90
N THR A 479 67.88 -5.34 21.06
CA THR A 479 68.80 -4.64 20.18
C THR A 479 69.81 -3.83 20.98
N VAL A 480 69.35 -3.15 22.03
CA VAL A 480 70.26 -2.34 22.84
C VAL A 480 71.31 -3.23 23.50
N TYR A 481 70.87 -4.34 24.09
CA TYR A 481 71.83 -5.23 24.75
C TYR A 481 72.83 -5.80 23.75
N ALA A 482 72.35 -6.25 22.59
CA ALA A 482 73.25 -6.83 21.60
C ALA A 482 74.26 -5.80 21.12
N ALA A 483 73.80 -4.58 20.82
CA ALA A 483 74.71 -3.54 20.36
C ALA A 483 75.75 -3.20 21.43
N LEU A 484 75.30 -3.01 22.67
CA LEU A 484 76.23 -2.65 23.74
C LEU A 484 77.28 -3.74 23.94
N GLN A 485 76.84 -5.00 24.02
CA GLN A 485 77.78 -6.08 24.25
C GLN A 485 78.75 -6.24 23.09
N ASP A 486 78.24 -6.25 21.85
CA ASP A 486 79.11 -6.40 20.70
C ASP A 486 80.14 -5.27 20.66
N PHE A 487 79.68 -4.03 20.84
CA PHE A 487 80.60 -2.90 20.87
C PHE A 487 81.69 -3.12 21.91
N SER A 488 81.28 -3.18 23.18
CA SER A 488 82.25 -3.22 24.27
C SER A 488 83.15 -4.45 24.23
N GLN A 489 82.75 -5.51 23.52
CA GLN A 489 83.54 -6.74 23.51
C GLN A 489 84.37 -6.93 22.23
N VAL A 490 84.08 -6.18 21.16
CA VAL A 490 84.79 -6.33 19.90
C VAL A 490 85.43 -5.02 19.46
N THR A 491 84.66 -3.93 19.40
CA THR A 491 85.15 -2.69 18.82
C THR A 491 86.26 -2.06 19.66
N LEU A 492 86.22 -2.24 20.98
CA LEU A 492 87.21 -1.65 21.87
C LEU A 492 88.51 -2.45 21.93
N ARG A 493 88.49 -3.66 21.39
CA ARG A 493 89.66 -4.52 21.41
C ARG A 493 90.83 -3.92 20.65
N GLU A 494 90.60 -3.51 19.41
CA GLU A 494 91.69 -2.97 18.61
C GLU A 494 92.26 -1.71 19.24
N PRO A 495 91.39 -0.80 19.68
CA PRO A 495 91.89 0.43 20.31
C PRO A 495 92.67 0.11 21.57
N LEU A 496 92.19 -0.84 22.37
CA LEU A 496 92.87 -1.20 23.60
C LEU A 496 94.25 -1.75 23.29
N ARG A 497 94.33 -2.60 22.26
CA ARG A 497 95.59 -3.19 21.88
C ARG A 497 96.56 -2.11 21.46
N GLN A 498 96.07 -1.15 20.68
CA GLN A 498 96.96 -0.09 20.23
C GLN A 498 97.46 0.72 21.42
N ALA A 499 96.58 1.01 22.36
CA ALA A 499 96.97 1.79 23.52
C ALA A 499 98.04 1.05 24.32
N ILE A 500 97.84 -0.24 24.54
CA ILE A 500 98.81 -0.99 25.32
C ILE A 500 100.15 -1.01 24.61
N LYS A 501 100.11 -1.22 23.30
CA LYS A 501 101.30 -1.29 22.49
C LYS A 501 102.09 0.00 22.54
N LYS A 502 101.41 1.14 22.59
CA LYS A 502 102.12 2.41 22.64
C LYS A 502 102.17 3.06 24.02
N LYS A 503 101.96 2.25 25.05
CA LYS A 503 102.00 2.69 26.45
C LYS A 503 101.08 3.85 26.81
N LYS A 504 99.87 3.86 26.27
CA LYS A 504 98.92 4.93 26.58
C LYS A 504 98.05 4.49 27.75
N ASN A 505 98.54 4.74 28.96
CA ASN A 505 97.86 4.37 30.19
C ASN A 505 96.57 5.15 30.40
N VAL A 506 96.57 6.44 30.01
CA VAL A 506 95.37 7.25 30.17
C VAL A 506 94.21 6.66 29.37
N ILE A 507 94.47 6.28 28.11
CA ILE A 507 93.45 5.64 27.30
C ILE A 507 93.16 4.24 27.81
N GLN A 508 94.21 3.52 28.24
CA GLN A 508 94.02 2.15 28.71
C GLN A 508 93.10 2.10 29.92
N SER A 509 93.27 3.03 30.85
CA SER A 509 92.45 3.02 32.06
C SER A 509 90.97 3.19 31.74
N VAL A 510 90.65 4.18 30.92
CA VAL A 510 89.25 4.45 30.60
C VAL A 510 88.66 3.32 29.76
N LEU A 511 89.46 2.78 28.83
CA LEU A 511 88.98 1.66 28.02
C LEU A 511 88.68 0.44 28.89
N GLN A 512 89.57 0.14 29.85
CA GLN A 512 89.33 -0.97 30.75
C GLN A 512 88.12 -0.72 31.63
N ALA A 513 87.94 0.51 32.11
CA ALA A 513 86.76 0.82 32.90
C ALA A 513 85.48 0.61 32.08
N ILE A 514 85.47 1.05 30.83
CA ILE A 514 84.31 0.85 29.97
C ILE A 514 84.05 -0.63 29.78
N ARG A 515 85.10 -1.40 29.48
CA ARG A 515 84.93 -2.82 29.23
C ARG A 515 84.56 -3.59 30.49
N LYS A 516 84.84 -3.04 31.67
CA LYS A 516 84.50 -3.71 32.92
C LYS A 516 83.12 -3.31 33.43
N THR A 517 82.62 -2.14 33.04
CA THR A 517 81.35 -1.66 33.58
C THR A 517 80.16 -2.42 32.99
N VAL A 518 80.18 -2.73 31.70
CA VAL A 518 79.01 -3.25 31.01
C VAL A 518 79.22 -4.69 30.52
N CYS A 519 80.43 -5.03 30.07
CA CYS A 519 80.63 -6.33 29.45
C CYS A 519 80.21 -7.45 30.38
N ASP A 520 79.44 -8.39 29.84
CA ASP A 520 78.99 -9.57 30.56
C ASP A 520 79.62 -10.80 29.92
N TRP A 521 80.48 -11.48 30.68
CA TRP A 521 81.22 -12.63 30.16
C TRP A 521 80.37 -13.89 30.36
N GLU A 522 80.00 -14.54 29.26
CA GLU A 522 79.23 -15.77 29.35
C GLU A 522 79.98 -16.84 30.14
N THR A 523 81.31 -16.84 30.04
CA THR A 523 82.13 -17.79 30.78
C THR A 523 82.33 -17.38 32.24
N GLY A 524 81.87 -16.19 32.64
CA GLY A 524 82.01 -15.73 34.00
C GLY A 524 83.28 -14.99 34.31
N HIS A 525 84.10 -14.69 33.31
CA HIS A 525 85.34 -13.97 33.54
C HIS A 525 85.92 -13.54 32.19
N GLU A 526 86.75 -12.50 32.22
CA GLU A 526 87.37 -12.01 31.00
C GLU A 526 88.31 -13.09 30.44
N PRO A 527 88.32 -13.31 29.13
CA PRO A 527 89.22 -14.33 28.57
C PRO A 527 90.68 -13.99 28.82
N PHE A 528 91.47 -15.04 29.03
CA PHE A 528 92.90 -14.90 29.28
C PHE A 528 93.75 -15.14 28.03
N ASN A 529 93.19 -15.77 27.00
CA ASN A 529 93.92 -16.04 25.77
C ASN A 529 93.79 -14.90 24.75
N ASP A 530 93.13 -13.81 25.10
CA ASP A 530 92.95 -12.70 24.17
C ASP A 530 94.31 -12.09 23.84
N PRO A 531 94.69 -12.01 22.56
CA PRO A 531 95.98 -11.38 22.22
C PRO A 531 95.97 -9.87 22.33
N ALA A 532 94.81 -9.23 22.33
CA ALA A 532 94.76 -7.77 22.44
C ALA A 532 95.32 -7.30 23.78
N LEU A 533 95.00 -8.01 24.86
CA LEU A 533 95.50 -7.63 26.18
C LEU A 533 97.02 -7.67 26.22
N ARG A 534 97.63 -8.70 25.62
CA ARG A 534 99.08 -8.78 25.59
C ARG A 534 99.70 -7.76 24.64
N GLY A 535 98.92 -7.24 23.68
CA GLY A 535 99.35 -6.20 22.78
C GLY A 535 99.80 -6.71 21.41
N GLU A 536 100.11 -7.99 21.31
CA GLU A 536 100.54 -8.55 20.04
C GLU A 536 99.35 -8.87 19.15
N LYS A 537 99.56 -8.76 17.85
CA LYS A 537 98.46 -8.90 16.89
C LYS A 537 97.85 -10.30 16.96
N ASP A 538 96.54 -10.37 16.78
CA ASP A 538 95.82 -11.63 16.83
C ASP A 538 96.20 -12.49 15.63
N PRO A 539 96.11 -13.82 15.78
CA PRO A 539 96.47 -14.70 14.66
C PRO A 539 95.59 -14.47 13.45
N LYS A 540 96.19 -14.55 12.28
CA LYS A 540 95.48 -14.36 11.01
C LYS A 540 94.63 -13.09 11.04
N GLY A 542 91.02 -13.38 13.82
CA GLY A 542 90.96 -14.65 14.54
C GLY A 542 90.48 -14.48 15.96
N PHE A 543 90.66 -15.53 16.75
CA PHE A 543 90.24 -15.55 18.16
C PHE A 543 88.75 -15.22 18.29
N ASP A 544 87.93 -16.10 17.71
CA ASP A 544 86.49 -15.91 17.76
C ASP A 544 86.00 -15.89 19.21
N ILE A 545 85.16 -14.92 19.53
CA ILE A 545 84.58 -14.76 20.87
C ILE A 545 83.07 -14.77 20.73
N LYS A 546 82.41 -15.58 21.57
CA LYS A 546 80.96 -15.73 21.52
C LYS A 546 80.32 -14.69 22.43
N VAL A 547 79.57 -13.77 21.84
CA VAL A 547 78.88 -12.72 22.58
C VAL A 547 77.48 -13.23 22.93
N PRO A 548 77.09 -13.22 24.21
CA PRO A 548 75.74 -13.69 24.57
C PRO A 548 74.65 -12.74 24.13
N ARG A 549 73.40 -13.21 24.10
CA ARG A 549 72.28 -12.39 23.66
C ARG A 549 71.13 -12.56 24.64
N ARG A 550 70.68 -11.44 25.22
CA ARG A 550 69.51 -11.44 26.08
C ARG A 550 68.86 -10.07 25.98
N ALA A 551 67.57 -10.01 26.32
CA ALA A 551 66.76 -8.81 26.15
C ALA A 551 66.69 -8.06 27.48
N VAL A 552 67.57 -7.08 27.65
CA VAL A 552 67.52 -6.18 28.79
C VAL A 552 68.34 -4.94 28.48
N GLY A 553 67.79 -3.77 28.79
CA GLY A 553 68.50 -2.52 28.62
C GLY A 553 69.41 -2.24 29.80
N PRO A 554 70.52 -1.55 29.55
CA PRO A 554 71.43 -1.22 30.66
C PRO A 554 70.82 -0.22 31.62
N SER A 555 71.27 -0.28 32.87
CA SER A 555 70.77 0.65 33.88
C SER A 555 71.15 2.08 33.51
N SER A 556 70.37 3.03 34.02
CA SER A 556 70.60 4.43 33.69
C SER A 556 72.00 4.86 34.11
N THR A 557 72.43 4.48 35.33
CA THR A 557 73.76 4.85 35.79
C THR A 557 74.84 4.27 34.89
N GLN A 558 74.72 2.98 34.53
CA GLN A 558 75.72 2.35 33.68
C GLN A 558 75.77 3.02 32.31
N LEU A 559 74.61 3.28 31.71
CA LEU A 559 74.59 3.89 30.39
C LEU A 559 75.20 5.30 30.42
N TYR A 560 74.81 6.10 31.42
CA TYR A 560 75.37 7.45 31.53
C TYR A 560 76.88 7.38 31.74
N MET A 561 77.35 6.48 32.60
CA MET A 561 78.77 6.38 32.89
C MET A 561 79.54 5.99 31.63
N VAL A 562 79.03 5.00 30.89
CA VAL A 562 79.70 4.54 29.68
C VAL A 562 79.74 5.65 28.65
N ARG A 563 78.62 6.36 28.47
CA ARG A 563 78.60 7.44 27.50
C ARG A 563 79.57 8.53 27.88
N THR A 564 79.63 8.90 29.16
CA THR A 564 80.54 9.95 29.60
C THR A 564 81.98 9.55 29.36
N MET A 565 82.35 8.30 29.67
CA MET A 565 83.70 7.86 29.36
C MET A 565 83.97 7.87 27.86
N LEU A 566 83.01 7.42 27.06
CA LEU A 566 83.26 7.21 25.64
C LEU A 566 83.40 8.53 24.90
N GLU A 567 82.58 9.52 25.25
CA GLU A 567 82.65 10.81 24.57
C GLU A 567 83.75 11.71 25.11
N SER A 568 84.47 11.26 26.15
CA SER A 568 85.66 11.96 26.70
C SER A 568 86.83 11.71 25.77
N LEU A 569 86.90 10.51 25.17
CA LEU A 569 88.01 10.15 24.26
C LEU A 569 87.92 10.96 22.98
N ILE A 570 86.71 11.33 22.57
CA ILE A 570 86.51 12.08 21.29
C ILE A 570 86.56 13.58 21.56
N ALA A 571 86.67 13.99 22.82
CA ALA A 571 86.60 15.43 23.14
C ALA A 571 87.75 16.20 22.48
N ASP A 572 87.43 17.27 21.73
CA ASP A 572 88.48 18.13 21.13
C ASP A 572 89.20 18.96 22.21
N LYS A 573 88.44 19.55 23.14
CA LYS A 573 89.03 20.41 24.21
C LYS A 573 89.87 19.59 25.19
N SER A 574 89.37 18.42 25.61
CA SER A 574 90.08 17.59 26.63
C SER A 574 90.66 18.50 27.71
N LYS A 578 97.76 17.48 24.00
CA LYS A 578 97.31 16.72 25.20
C LYS A 578 95.95 16.09 24.91
N THR A 579 95.31 16.45 23.79
CA THR A 579 93.97 15.94 23.45
C THR A 579 94.00 14.42 23.32
N LEU A 580 93.11 13.71 24.03
CA LEU A 580 93.04 12.26 23.94
C LEU A 580 92.70 11.81 22.52
N ARG A 581 91.88 12.58 21.81
CA ARG A 581 91.54 12.24 20.44
C ARG A 581 92.78 12.10 19.56
N SER A 582 93.82 12.90 19.83
CA SER A 582 95.04 12.85 19.03
C SER A 582 95.80 11.55 19.18
N SER A 583 95.47 10.73 20.18
CA SER A 583 96.16 9.47 20.43
C SER A 583 95.42 8.27 19.86
N LEU A 584 94.39 8.49 19.04
CA LEU A 584 93.59 7.42 18.47
C LEU A 584 93.57 7.55 16.95
N GLU A 585 93.45 6.42 16.27
CA GLU A 585 93.39 6.40 14.82
C GLU A 585 92.04 6.94 14.34
N GLY A 586 91.84 6.92 13.02
CA GLY A 586 90.65 7.48 12.43
C GLY A 586 89.44 6.57 12.50
N PRO A 587 89.57 5.34 12.00
CA PRO A 587 88.43 4.42 12.03
C PRO A 587 87.87 4.19 13.43
N THR A 588 88.74 4.06 14.44
CA THR A 588 88.24 3.81 15.79
C THR A 588 87.43 5.00 16.30
N ILE A 589 87.91 6.22 16.09
CA ILE A 589 87.16 7.37 16.55
C ILE A 589 85.86 7.51 15.77
N LEU A 590 85.88 7.20 14.46
CA LEU A 590 84.66 7.27 13.68
C LEU A 590 83.61 6.30 14.21
N ASP A 591 84.02 5.07 14.50
CA ASP A 591 83.09 4.09 15.07
C ASP A 591 82.59 4.56 16.43
N ILE A 592 83.47 5.18 17.22
CA ILE A 592 83.06 5.64 18.55
C ILE A 592 82.00 6.74 18.43
N GLU A 593 82.21 7.70 17.53
CA GLU A 593 81.18 8.73 17.34
C GLU A 593 79.88 8.14 16.81
N LYS A 594 79.98 7.18 15.89
CA LYS A 594 78.76 6.54 15.40
C LYS A 594 77.97 5.90 16.53
N PHE A 595 78.67 5.14 17.39
CA PHE A 595 77.99 4.49 18.51
C PHE A 595 77.42 5.53 19.46
N HIS A 596 78.18 6.59 19.76
CA HIS A 596 77.71 7.61 20.69
C HIS A 596 76.48 8.32 20.17
N ARG A 597 76.44 8.67 18.89
CA ARG A 597 75.28 9.34 18.33
C ARG A 597 74.10 8.40 18.18
N GLU A 598 74.35 7.10 18.00
CA GLU A 598 73.25 6.15 17.89
C GLU A 598 72.64 5.85 19.26
N SER A 599 73.44 5.84 20.32
CA SER A 599 72.97 5.46 21.64
C SER A 599 72.29 6.60 22.40
N PHE A 600 71.99 7.72 21.72
CA PHE A 600 71.35 8.84 22.41
C PHE A 600 69.96 8.49 22.91
N PHE A 601 69.19 7.76 22.10
CA PHE A 601 67.78 7.51 22.38
C PHE A 601 67.54 6.21 23.15
N TYR A 602 68.60 5.57 23.64
CA TYR A 602 68.40 4.32 24.39
C TYR A 602 67.56 4.55 25.63
N THR A 603 67.86 5.60 26.39
CA THR A 603 67.10 5.87 27.61
C THR A 603 65.64 6.18 27.29
N HIS A 604 65.39 6.98 26.25
CA HIS A 604 64.02 7.32 25.90
C HIS A 604 63.25 6.09 25.45
N LEU A 605 63.89 5.23 24.66
CA LEU A 605 63.18 4.07 24.12
C LEU A 605 62.98 2.99 25.17
N ILE A 606 63.88 2.89 26.15
CA ILE A 606 63.71 1.90 27.21
C ILE A 606 62.42 2.16 27.96
N ASN A 607 62.17 3.42 28.32
CA ASN A 607 60.89 3.84 28.91
C ASN A 607 59.91 4.21 27.79
N PHE A 608 59.55 3.19 26.99
CA PHE A 608 58.79 3.43 25.78
C PHE A 608 57.42 4.01 26.09
N SER A 609 56.74 3.51 27.11
CA SER A 609 55.39 3.99 27.42
C SER A 609 55.42 5.46 27.83
N GLU A 610 56.35 5.83 28.71
CA GLU A 610 56.43 7.21 29.16
C GLU A 610 56.77 8.14 28.01
N THR A 611 57.73 7.74 27.17
CA THR A 611 58.09 8.56 26.01
C THR A 611 56.90 8.72 25.06
N LEU A 612 56.18 7.62 24.81
CA LEU A 612 55.04 7.68 23.89
C LEU A 612 53.96 8.61 24.42
N GLN A 613 53.66 8.51 25.71
CA GLN A 613 52.63 9.37 26.29
C GLN A 613 53.09 10.83 26.31
N GLN A 614 54.38 11.06 26.56
CA GLN A 614 54.89 12.43 26.58
C GLN A 614 54.83 13.07 25.21
N CYS A 615 55.17 12.33 24.15
CA CYS A 615 55.18 12.87 22.81
C CYS A 615 53.79 13.23 22.31
N CYS A 616 52.73 12.78 22.98
CA CYS A 616 51.36 13.05 22.57
C CYS A 616 50.58 13.82 23.64
N ASP A 617 51.22 14.83 24.24
CA ASP A 617 50.56 15.61 25.29
C ASP A 617 49.72 16.72 24.67
N LEU A 618 48.43 16.73 24.99
CA LEU A 618 47.51 17.75 24.50
C LEU A 618 46.73 18.39 25.64
N SER A 619 47.24 18.33 26.88
CA SER A 619 46.49 18.83 28.02
C SER A 619 46.55 20.35 28.12
N GLN A 620 47.48 20.98 27.40
CA GLN A 620 47.65 22.42 27.45
C GLN A 620 46.64 23.18 26.60
N LEU A 621 45.61 22.50 26.08
CA LEU A 621 44.62 23.11 25.22
C LEU A 621 43.37 23.57 25.97
N TRP A 622 43.35 23.44 27.30
CA TRP A 622 42.16 23.76 28.08
C TRP A 622 42.41 24.77 29.20
N PHE A 623 43.57 24.74 29.84
CA PHE A 623 43.83 25.63 30.96
C PHE A 623 43.83 27.09 30.50
N ARG A 624 43.29 27.96 31.36
CA ARG A 624 43.14 29.37 31.03
C ARG A 624 43.49 30.28 32.20
N GLU A 625 44.45 29.88 33.02
CA GLU A 625 44.81 30.67 34.20
C GLU A 625 45.33 32.04 33.80
N PHE A 626 46.17 32.09 32.76
CA PHE A 626 46.75 33.37 32.35
C PHE A 626 45.66 34.37 31.96
N PHE A 627 44.76 33.97 31.07
CA PHE A 627 43.69 34.85 30.64
C PHE A 627 42.71 35.17 31.77
N LEU A 628 42.49 34.24 32.70
CA LEU A 628 41.67 34.53 33.87
C LEU A 628 42.30 35.62 34.73
N GLU A 629 43.61 35.54 34.96
CA GLU A 629 44.30 36.59 35.69
C GLU A 629 44.27 37.90 34.92
N LEU A 630 44.27 37.83 33.60
CA LEU A 630 44.21 39.03 32.77
C LEU A 630 42.84 39.71 32.84
N THR A 631 41.88 39.08 33.51
CA THR A 631 40.56 39.67 33.71
C THR A 631 40.43 40.43 35.02
N MET A 632 41.15 40.01 36.06
CA MET A 632 41.14 40.68 37.36
C MET A 632 39.72 40.71 37.96
N GLY A 633 39.17 39.51 38.15
CA GLY A 633 37.93 39.32 38.87
C GLY A 633 36.68 39.42 38.03
N ARG A 634 36.76 39.98 36.82
CA ARG A 634 35.57 40.07 35.98
C ARG A 634 35.04 38.69 35.61
N ARG A 635 35.94 37.76 35.30
CA ARG A 635 35.57 36.40 34.94
C ARG A 635 36.20 35.43 35.91
N ILE A 636 35.38 34.79 36.74
CA ILE A 636 35.86 33.72 37.59
C ILE A 636 36.27 32.49 36.79
N GLN A 637 35.54 32.17 35.72
CA GLN A 637 35.89 31.07 34.84
C GLN A 637 35.19 31.29 33.51
N PHE A 638 35.90 31.04 32.42
CA PHE A 638 35.35 31.28 31.11
C PHE A 638 34.18 30.32 30.84
N PRO A 639 33.20 30.74 30.03
CA PRO A 639 32.05 29.88 29.75
C PRO A 639 32.38 28.69 28.85
N ILE A 640 31.34 27.94 28.49
CA ILE A 640 31.54 26.69 27.76
C ILE A 640 32.13 26.95 26.37
N GLU A 641 31.75 28.07 25.75
CA GLU A 641 32.10 28.34 24.36
C GLU A 641 33.52 28.86 24.17
N MET A 642 34.41 28.67 25.15
CA MET A 642 35.78 29.16 25.06
C MET A 642 36.82 28.04 25.12
N SER A 643 36.42 26.84 25.50
CA SER A 643 37.34 25.71 25.57
C SER A 643 37.47 25.06 24.20
N MET A 644 38.70 25.01 23.69
CA MET A 644 38.94 24.60 22.31
C MET A 644 38.24 23.30 21.93
N PRO A 645 38.28 22.25 22.76
CA PRO A 645 37.54 21.02 22.37
C PRO A 645 36.07 21.28 22.13
N TRP A 646 35.44 22.14 22.95
CA TRP A 646 34.03 22.43 22.75
C TRP A 646 33.78 23.17 21.46
N ILE A 647 34.61 24.15 21.13
CA ILE A 647 34.44 24.87 19.86
C ILE A 647 34.60 23.90 18.70
N LEU A 648 35.61 23.03 18.75
CA LEU A 648 35.80 22.07 17.66
C LEU A 648 34.59 21.15 17.51
N THR A 649 34.11 20.58 18.62
CA THR A 649 32.98 19.67 18.56
C THR A 649 31.73 20.38 18.06
N ASP A 650 31.47 21.59 18.57
CA ASP A 650 30.29 22.34 18.15
C ASP A 650 30.35 22.72 16.67
N HIS A 651 31.53 23.13 16.19
CA HIS A 651 31.68 23.46 14.78
C HIS A 651 31.42 22.22 13.92
N ILE A 652 31.99 21.08 14.32
CA ILE A 652 31.80 19.85 13.55
C ILE A 652 30.32 19.48 13.52
N LEU A 653 29.63 19.59 14.66
CA LEU A 653 28.22 19.22 14.71
C LEU A 653 27.37 20.17 13.89
N GLU A 654 27.56 21.47 14.07
CA GLU A 654 26.71 22.45 13.38
C GLU A 654 26.94 22.41 11.88
N THR A 655 28.20 22.37 11.45
CA THR A 655 28.50 22.32 10.02
C THR A 655 28.05 21.02 9.36
N LYS A 656 27.85 19.95 10.14
CA LYS A 656 27.37 18.68 9.61
C LYS A 656 28.25 18.18 8.46
N GLU A 657 29.56 18.27 8.67
CA GLU A 657 30.53 17.78 7.69
C GLU A 657 30.57 16.26 7.73
N ALA A 658 30.27 15.64 6.60
CA ALA A 658 30.28 14.18 6.53
C ALA A 658 31.68 13.63 6.81
N SER A 659 32.70 14.26 6.22
CA SER A 659 34.06 13.77 6.39
C SER A 659 34.51 13.86 7.84
N MET A 660 34.17 14.95 8.52
CA MET A 660 34.62 15.16 9.89
C MET A 660 33.67 14.60 10.93
N MET A 661 32.59 13.95 10.52
CA MET A 661 31.64 13.39 11.48
C MET A 661 32.27 12.32 12.36
N GLU A 662 33.17 11.51 11.82
CA GLU A 662 33.79 10.44 12.58
C GLU A 662 34.85 10.94 13.56
N TYR A 663 35.26 12.20 13.46
CA TYR A 663 36.26 12.77 14.36
C TYR A 663 35.65 13.48 15.56
N VAL A 664 34.33 13.51 15.68
CA VAL A 664 33.70 14.23 16.78
C VAL A 664 34.09 13.60 18.12
N LEU A 665 34.08 12.27 18.20
CA LEU A 665 34.50 11.58 19.42
C LEU A 665 35.99 11.75 19.69
N TYR A 666 36.82 11.65 18.65
CA TYR A 666 38.25 11.88 18.83
C TYR A 666 38.55 13.27 19.35
N SER A 667 37.71 14.26 18.99
CA SER A 667 37.87 15.61 19.50
C SER A 667 37.22 15.83 20.86
N LEU A 668 36.93 14.76 21.61
CA LEU A 668 36.25 14.88 22.89
C LEU A 668 37.06 14.35 24.07
N ASP A 669 38.10 13.56 23.82
CA ASP A 669 38.94 13.03 24.89
C ASP A 669 40.01 14.01 25.33
N LEU A 670 40.07 15.20 24.73
CA LEU A 670 40.94 16.25 25.27
C LEU A 670 40.55 16.58 26.70
N TYR A 671 39.25 16.49 27.02
CA TYR A 671 38.82 16.69 28.40
C TYR A 671 39.42 15.63 29.32
N ASN A 672 39.42 14.37 28.89
CA ASN A 672 40.04 13.31 29.68
C ASN A 672 41.52 13.58 29.87
N ASP A 673 42.20 13.99 28.80
CA ASP A 673 43.63 14.28 28.90
C ASP A 673 43.89 15.41 29.88
N SER A 674 43.10 16.49 29.80
CA SER A 674 43.28 17.61 30.72
C SER A 674 43.00 17.19 32.16
N ALA A 675 41.96 16.38 32.37
CA ALA A 675 41.67 15.90 33.72
C ALA A 675 42.81 15.07 34.27
N HIS A 676 43.37 14.18 33.45
CA HIS A 676 44.51 13.39 33.89
C HIS A 676 45.70 14.29 34.22
N TYR A 677 45.96 15.29 33.38
CA TYR A 677 47.07 16.20 33.65
C TYR A 677 46.86 16.93 34.97
N ALA A 678 45.65 17.42 35.21
CA ALA A 678 45.37 18.14 36.44
C ALA A 678 45.48 17.25 37.67
N LEU A 679 44.96 16.01 37.58
CA LEU A 679 44.95 15.11 38.72
C LEU A 679 46.31 14.48 39.01
N THR A 680 47.21 14.41 38.01
CA THR A 680 48.51 13.80 38.19
C THR A 680 49.63 14.82 38.36
N ARG A 681 49.60 15.91 37.58
CA ARG A 681 50.67 16.91 37.65
C ARG A 681 50.29 18.08 38.55
N PHE A 682 49.18 18.76 38.26
CA PHE A 682 48.77 19.90 39.07
C PHE A 682 48.23 19.47 40.43
N ASN A 683 47.58 18.31 40.51
CA ASN A 683 47.03 17.80 41.75
C ASN A 683 46.10 18.83 42.41
N LYS A 684 45.28 19.48 41.58
CA LYS A 684 44.34 20.49 42.03
C LYS A 684 42.93 19.95 41.83
N GLN A 685 42.16 19.90 42.93
CA GLN A 685 40.82 19.32 42.87
C GLN A 685 39.85 20.21 42.09
N PHE A 686 39.97 21.52 42.27
CA PHE A 686 39.01 22.44 41.65
C PHE A 686 39.10 22.42 40.13
N LEU A 687 40.31 22.23 39.58
CA LEU A 687 40.44 22.12 38.13
C LEU A 687 39.65 20.93 37.60
N TYR A 688 39.78 19.78 38.26
CA TYR A 688 39.01 18.60 37.85
C TYR A 688 37.52 18.83 38.04
N ASP A 689 37.12 19.49 39.11
CA ASP A 689 35.71 19.78 39.34
C ASP A 689 35.14 20.63 38.20
N GLU A 690 35.87 21.68 37.81
CA GLU A 690 35.42 22.53 36.72
C GLU A 690 35.39 21.77 35.40
N ILE A 691 36.38 20.91 35.14
CA ILE A 691 36.38 20.13 33.91
C ILE A 691 35.14 19.22 33.88
N GLU A 692 34.85 18.55 34.99
CA GLU A 692 33.68 17.68 35.04
C GLU A 692 32.39 18.47 34.86
N ALA A 693 32.30 19.64 35.48
CA ALA A 693 31.10 20.47 35.32
C ALA A 693 30.91 20.88 33.88
N GLU A 694 31.99 21.29 33.20
CA GLU A 694 31.89 21.66 31.80
C GLU A 694 31.47 20.47 30.95
N VAL A 695 32.07 19.30 31.21
CA VAL A 695 31.76 18.11 30.41
C VAL A 695 30.31 17.72 30.59
N ASN A 696 29.77 17.88 31.81
CA ASN A 696 28.40 17.47 32.07
C ASN A 696 27.42 18.11 31.10
N LEU A 697 27.68 19.37 30.70
CA LEU A 697 26.81 20.05 29.77
C LEU A 697 27.27 19.90 28.32
N CYS A 698 28.58 19.82 28.10
CA CYS A 698 29.09 19.60 26.75
C CYS A 698 28.55 18.30 26.16
N PHE A 699 28.61 17.22 26.94
CA PHE A 699 28.13 15.93 26.46
C PHE A 699 26.63 15.98 26.19
N ASP A 700 25.87 16.64 27.06
CA ASP A 700 24.43 16.73 26.86
C ASP A 700 24.10 17.46 25.56
N GLN A 701 24.75 18.61 25.34
CA GLN A 701 24.52 19.35 24.10
C GLN A 701 24.91 18.53 22.88
N PHE A 702 26.07 17.86 22.95
CA PHE A 702 26.52 17.06 21.82
C PHE A 702 25.54 15.94 21.51
N VAL A 703 25.06 15.25 22.56
CA VAL A 703 24.14 14.15 22.36
C VAL A 703 22.84 14.64 21.75
N TYR A 704 22.30 15.75 22.28
CA TYR A 704 21.04 16.27 21.76
C TYR A 704 21.17 16.66 20.30
N LYS A 705 22.22 17.42 19.97
CA LYS A 705 22.39 17.85 18.58
C LYS A 705 22.62 16.67 17.65
N LEU A 706 23.42 15.69 18.09
CA LEU A 706 23.68 14.53 17.25
C LEU A 706 22.39 13.76 16.98
N ALA A 707 21.59 13.52 18.01
CA ALA A 707 20.33 12.81 17.81
C ALA A 707 19.41 13.58 16.89
N ASP A 708 19.30 14.90 17.09
CA ASP A 708 18.41 15.70 16.25
C ASP A 708 18.82 15.63 14.79
N GLN A 709 20.12 15.82 14.52
CA GLN A 709 20.57 15.83 13.12
C GLN A 709 20.48 14.44 12.51
N ILE A 710 20.74 13.38 13.30
CA ILE A 710 20.62 12.03 12.78
C ILE A 710 19.17 11.75 12.37
N PHE A 711 18.22 12.11 13.24
CA PHE A 711 16.81 11.90 12.93
C PHE A 711 16.41 12.70 11.69
N ALA A 712 16.84 13.95 11.62
CA ALA A 712 16.50 14.78 10.46
C ALA A 712 17.04 14.18 9.17
N TYR A 713 18.31 13.76 9.18
CA TYR A 713 18.92 13.20 7.99
C TYR A 713 18.22 11.91 7.57
N TYR A 714 17.92 11.03 8.53
CA TYR A 714 17.25 9.79 8.19
C TYR A 714 15.85 10.05 7.63
N LYS A 715 15.11 10.98 8.23
CA LYS A 715 13.77 11.29 7.72
C LYS A 715 13.85 11.87 6.31
N VAL A 716 14.82 12.76 6.07
CA VAL A 716 14.97 13.34 4.74
C VAL A 716 15.30 12.26 3.72
N MET A 717 16.21 11.35 4.06
CA MET A 717 16.58 10.28 3.14
C MET A 717 15.38 9.39 2.85
N ALA A 718 14.60 9.04 3.89
CA ALA A 718 13.42 8.23 3.68
C ALA A 718 12.42 8.92 2.78
N GLY A 719 12.19 10.22 3.00
CA GLY A 719 11.27 10.95 2.15
C GLY A 719 11.74 11.01 0.71
N SER A 720 13.03 11.23 0.51
CA SER A 720 13.58 11.29 -0.85
C SER A 720 13.50 9.94 -1.55
N LEU A 721 13.67 8.84 -0.81
CA LEU A 721 13.66 7.52 -1.44
C LEU A 721 12.32 7.24 -2.10
N LEU A 722 11.21 7.58 -1.42
CA LEU A 722 9.88 7.27 -1.93
C LEU A 722 9.40 8.26 -2.98
N LEU A 723 10.08 9.38 -3.17
CA LEU A 723 9.65 10.36 -4.16
C LEU A 723 9.75 9.79 -5.57
N ASP A 724 8.74 10.09 -6.38
CA ASP A 724 8.71 9.57 -7.75
C ASP A 724 9.91 10.10 -8.54
N LYS A 725 10.55 9.20 -9.29
CA LYS A 725 11.71 9.59 -10.07
C LYS A 725 11.32 10.38 -11.31
N ARG A 726 10.18 10.03 -11.92
CA ARG A 726 9.74 10.76 -13.11
C ARG A 726 9.44 12.21 -12.77
N LEU A 727 8.81 12.46 -11.63
CA LEU A 727 8.55 13.84 -11.21
C LEU A 727 9.85 14.60 -11.01
N ARG A 728 10.85 13.97 -10.39
CA ARG A 728 12.14 14.62 -10.21
C ARG A 728 12.79 14.95 -11.55
N SER A 729 12.73 14.02 -12.50
CA SER A 729 13.31 14.27 -13.81
C SER A 729 12.59 15.42 -14.52
N GLU A 730 11.26 15.44 -14.43
CA GLU A 730 10.50 16.52 -15.06
C GLU A 730 10.86 17.86 -14.43
N CYS A 731 10.96 17.90 -13.10
CA CYS A 731 11.33 19.15 -12.43
C CYS A 731 12.73 19.60 -12.83
N LYS A 732 13.68 18.66 -12.92
CA LYS A 732 15.03 19.02 -13.33
C LYS A 732 15.02 19.57 -14.76
N ASN A 733 14.26 18.94 -15.66
CA ASN A 733 14.19 19.43 -17.03
C ASN A 733 13.58 20.82 -17.09
N GLN A 734 12.52 21.07 -16.30
CA GLN A 734 11.85 22.36 -16.29
C GLN A 734 12.64 23.43 -15.54
N GLY A 735 13.63 23.04 -14.75
CA GLY A 735 14.42 23.99 -13.99
C GLY A 735 14.04 24.14 -12.54
N ALA A 736 13.51 23.09 -11.91
CA ALA A 736 13.11 23.10 -10.51
C ALA A 736 13.66 21.87 -9.80
N THR A 737 14.93 21.59 -10.01
CA THR A 737 15.55 20.39 -9.44
C THR A 737 15.41 20.38 -7.93
N ILE A 738 15.07 19.21 -7.38
CA ILE A 738 14.98 19.01 -5.94
C ILE A 738 16.32 18.46 -5.49
N HIS A 739 17.06 19.26 -4.72
CA HIS A 739 18.40 18.87 -4.31
C HIS A 739 18.34 17.63 -3.41
N LEU A 740 19.25 16.69 -3.67
CA LEU A 740 19.34 15.46 -2.90
C LEU A 740 20.06 15.72 -1.58
N PRO A 741 19.83 14.88 -0.57
CA PRO A 741 20.51 15.06 0.71
C PRO A 741 21.91 14.50 0.67
N PRO A 742 22.92 15.29 1.08
CA PRO A 742 24.28 14.74 1.11
C PRO A 742 24.39 13.55 2.05
N SER A 743 25.25 12.62 1.70
CA SER A 743 25.46 11.43 2.50
C SER A 743 26.22 11.76 3.78
N ASN A 744 26.18 10.84 4.73
CA ASN A 744 26.82 11.02 6.02
C ASN A 744 27.25 9.67 6.57
N ARG A 745 28.09 9.72 7.61
CA ARG A 745 28.63 8.51 8.21
C ARG A 745 28.21 8.39 9.67
N TYR A 746 26.93 8.67 9.94
CA TYR A 746 26.43 8.58 11.31
C TYR A 746 26.42 7.16 11.85
N GLU A 747 26.51 6.15 10.98
CA GLU A 747 26.45 4.77 11.43
C GLU A 747 27.59 4.45 12.39
N THR A 748 28.76 5.04 12.16
CA THR A 748 29.90 4.79 13.05
C THR A 748 29.59 5.25 14.47
N LEU A 749 29.01 6.45 14.60
CA LEU A 749 28.64 6.93 15.93
C LEU A 749 27.48 6.13 16.51
N LEU A 750 26.56 5.68 15.65
CA LEU A 750 25.45 4.87 16.13
C LEU A 750 25.94 3.56 16.74
N LYS A 751 26.97 2.97 16.14
CA LYS A 751 27.51 1.71 16.66
C LYS A 751 28.52 1.91 17.78
N GLN A 752 28.42 3.01 18.53
CA GLN A 752 29.36 3.26 19.60
C GLN A 752 28.77 3.05 20.99
N ARG A 753 29.34 2.11 21.74
CA ARG A 753 28.87 1.82 23.08
C ARG A 753 29.96 1.96 24.16
N HIS A 754 31.14 2.44 23.77
CA HIS A 754 32.24 2.57 24.72
C HIS A 754 32.84 3.96 24.91
N VAL A 755 32.04 5.00 24.65
CA VAL A 755 32.48 6.37 24.85
C VAL A 755 32.99 6.51 26.28
N GLN A 756 34.29 6.78 26.43
CA GLN A 756 34.92 6.91 27.73
C GLN A 756 35.19 8.38 28.03
N LEU A 757 34.75 8.83 29.20
CA LEU A 757 34.93 10.24 29.59
C LEU A 757 35.03 10.29 31.10
N LEU A 758 36.21 10.66 31.60
CA LEU A 758 36.46 10.81 33.03
C LEU A 758 36.12 9.52 33.78
N GLY A 759 36.52 8.39 33.20
CA GLY A 759 36.30 7.10 33.82
C GLY A 759 34.88 6.58 33.74
N ARG A 760 34.03 7.19 32.91
CA ARG A 760 32.64 6.78 32.76
C ARG A 760 32.42 6.19 31.38
N SER A 761 31.72 5.06 31.34
CA SER A 761 31.33 4.41 30.11
C SER A 761 29.91 4.81 29.78
N ILE A 762 29.72 5.48 28.64
CA ILE A 762 28.44 6.03 28.24
C ILE A 762 27.94 5.26 27.03
N ASP A 763 26.69 4.80 27.10
CA ASP A 763 26.06 4.10 25.98
C ASP A 763 25.34 5.12 25.11
N LEU A 764 26.09 5.69 24.17
CA LEU A 764 25.52 6.68 23.27
C LEU A 764 24.34 6.10 22.49
N ASN A 765 24.40 4.81 22.18
CA ASN A 765 23.34 4.18 21.40
C ASN A 765 22.01 4.26 22.13
N ARG A 766 22.01 4.05 23.45
CA ARG A 766 20.77 4.12 24.21
C ARG A 766 20.16 5.51 24.15
N LEU A 767 20.97 6.55 24.33
CA LEU A 767 20.45 7.92 24.28
C LEU A 767 19.92 8.25 22.90
N ILE A 768 20.65 7.86 21.85
CA ILE A 768 20.17 8.11 20.50
C ILE A 768 18.87 7.37 20.24
N THR A 769 18.76 6.14 20.74
CA THR A 769 17.53 5.38 20.58
C THR A 769 16.36 6.08 21.26
N GLN A 770 16.57 6.56 22.48
CA GLN A 770 15.51 7.26 23.19
C GLN A 770 15.08 8.52 22.43
N ARG A 771 16.05 9.29 21.95
CA ARG A 771 15.73 10.52 21.24
C ARG A 771 14.97 10.22 19.95
N VAL A 772 15.39 9.21 19.20
CA VAL A 772 14.71 8.89 17.94
C VAL A 772 13.32 8.35 18.22
N SER A 773 13.15 7.59 19.30
CA SER A 773 11.82 7.11 19.66
C SER A 773 10.90 8.27 19.97
N ALA A 774 11.39 9.25 20.75
CA ALA A 774 10.58 10.42 21.06
C ALA A 774 10.23 11.18 19.78
N ALA A 775 11.21 11.35 18.89
CA ALA A 775 10.96 12.07 17.64
C ALA A 775 9.93 11.34 16.78
N MET A 776 10.02 10.01 16.70
CA MET A 776 9.08 9.23 15.91
C MET A 776 7.67 9.34 16.49
N TYR A 777 7.55 9.26 17.82
CA TYR A 777 6.24 9.42 18.45
C TYR A 777 5.67 10.81 18.15
N LYS A 778 6.50 11.84 18.25
CA LYS A 778 6.03 13.20 17.97
C LYS A 778 5.60 13.33 16.51
N SER A 779 6.37 12.73 15.59
CA SER A 779 6.00 12.81 14.17
C SER A 779 4.69 12.09 13.90
N LEU A 780 4.49 10.91 14.49
CA LEU A 780 3.24 10.20 14.31
C LEU A 780 2.06 10.99 14.86
N GLU A 781 2.24 11.59 16.05
CA GLU A 781 1.17 12.41 16.63
C GLU A 781 0.87 13.61 15.73
N LEU A 782 1.92 14.24 15.20
CA LEU A 782 1.72 15.38 14.30
C LEU A 782 0.97 14.96 13.04
N ALA A 783 1.31 13.80 12.48
CA ALA A 783 0.61 13.32 11.29
C ALA A 783 -0.86 13.07 11.59
N ILE A 784 -1.15 12.43 12.72
CA ILE A 784 -2.53 12.16 13.09
C ILE A 784 -3.30 13.46 13.30
N GLY A 785 -2.68 14.43 13.97
CA GLY A 785 -3.33 15.71 14.16
C GLY A 785 -3.59 16.44 12.85
N ARG A 786 -2.61 16.39 11.94
CA ARG A 786 -2.80 17.02 10.63
C ARG A 786 -3.95 16.38 9.87
N PHE A 787 -4.04 15.05 9.93
CA PHE A 787 -5.17 14.38 9.30
C PHE A 787 -6.48 14.81 9.94
N GLU A 788 -6.51 14.90 11.28
CA GLU A 788 -7.73 15.31 11.98
C GLU A 788 -8.08 16.76 11.70
N SER A 789 -7.11 17.58 11.28
CA SER A 789 -7.35 18.99 11.01
C SER A 789 -7.77 19.26 9.57
N GLU A 790 -7.94 18.23 8.75
CA GLU A 790 -8.34 18.37 7.36
C GLU A 790 -9.55 17.49 7.09
N ASP A 791 -10.09 17.62 5.88
CA ASP A 791 -11.29 16.88 5.49
C ASP A 791 -10.93 15.42 5.21
N LEU A 792 -11.91 14.65 4.75
CA LEU A 792 -11.68 13.24 4.48
C LEU A 792 -10.75 13.02 3.29
N THR A 793 -10.68 13.99 2.39
CA THR A 793 -9.83 13.83 1.20
C THR A 793 -8.36 13.79 1.55
N SER A 794 -7.98 14.16 2.77
CA SER A 794 -6.60 14.10 3.21
C SER A 794 -6.17 12.69 3.62
N ILE A 795 -7.02 11.69 3.40
CA ILE A 795 -6.68 10.33 3.80
C ILE A 795 -5.51 9.81 2.98
N VAL A 796 -5.45 10.17 1.69
CA VAL A 796 -4.33 9.74 0.85
C VAL A 796 -3.03 10.36 1.35
N GLU A 797 -3.06 11.66 1.71
CA GLU A 797 -1.87 12.30 2.25
C GLU A 797 -1.46 11.65 3.58
N LEU A 798 -2.43 11.33 4.43
CA LEU A 798 -2.11 10.64 5.68
C LEU A 798 -1.46 9.30 5.41
N ASP A 799 -1.98 8.54 4.45
CA ASP A 799 -1.40 7.25 4.11
C ASP A 799 0.03 7.40 3.60
N GLY A 800 0.26 8.40 2.74
CA GLY A 800 1.62 8.64 2.26
C GLY A 800 2.57 9.01 3.38
N LEU A 801 2.13 9.87 4.29
CA LEU A 801 2.98 10.26 5.41
C LEU A 801 3.25 9.07 6.32
N LEU A 802 2.26 8.21 6.53
CA LEU A 802 2.46 7.01 7.33
C LEU A 802 3.45 6.07 6.66
N GLU A 803 3.37 5.94 5.34
CA GLU A 803 4.34 5.12 4.61
C GLU A 803 5.74 5.70 4.76
N ILE A 804 5.87 7.02 4.68
CA ILE A 804 7.17 7.65 4.86
C ILE A 804 7.71 7.37 6.26
N ASN A 805 6.84 7.48 7.27
CA ASN A 805 7.27 7.21 8.64
C ASN A 805 7.70 5.75 8.81
N ARG A 806 6.96 4.82 8.18
CA ARG A 806 7.33 3.41 8.24
C ARG A 806 8.69 3.18 7.58
N MET A 807 8.93 3.82 6.44
CA MET A 807 10.23 3.70 5.78
C MET A 807 11.34 4.23 6.67
N THR A 808 11.11 5.38 7.32
CA THR A 808 12.10 5.94 8.23
C THR A 808 12.38 4.99 9.39
N HIS A 809 11.32 4.41 9.96
CA HIS A 809 11.50 3.47 11.05
C HIS A 809 12.29 2.25 10.61
N LYS A 810 11.99 1.73 9.42
CA LYS A 810 12.74 0.58 8.91
C LYS A 810 14.21 0.93 8.72
N LEU A 811 14.48 2.12 8.18
CA LEU A 811 15.87 2.55 8.00
C LEU A 811 16.58 2.68 9.33
N LEU A 812 15.90 3.23 10.34
CA LEU A 812 16.55 3.47 11.63
C LEU A 812 16.74 2.18 12.41
N SER A 813 15.87 1.18 12.19
CA SER A 813 15.96 -0.07 12.94
C SER A 813 17.20 -0.87 12.62
N ARG A 814 17.92 -0.53 11.54
CA ARG A 814 19.11 -1.29 11.19
C ARG A 814 20.16 -1.21 12.29
N TYR A 815 20.37 -0.02 12.86
CA TYR A 815 21.32 0.17 13.94
C TYR A 815 20.67 0.28 15.31
N LEU A 816 19.60 1.08 15.42
CA LEU A 816 18.92 1.30 16.67
C LEU A 816 17.87 0.21 16.91
N THR A 817 17.25 0.26 18.10
CA THR A 817 16.27 -0.72 18.53
C THR A 817 15.01 0.02 18.97
N LEU A 818 14.02 0.09 18.07
CA LEU A 818 12.75 0.73 18.34
C LEU A 818 11.63 -0.31 18.29
N ASP A 819 10.47 0.06 18.83
CA ASP A 819 9.32 -0.83 18.79
C ASP A 819 8.81 -0.98 17.37
N GLY A 820 8.04 -2.05 17.15
CA GLY A 820 7.46 -2.25 15.84
C GLY A 820 6.58 -1.08 15.43
N PHE A 821 6.58 -0.79 14.14
CA PHE A 821 5.81 0.35 13.64
C PHE A 821 4.34 0.24 14.03
N ASP A 822 3.81 -0.98 14.11
CA ASP A 822 2.41 -1.16 14.49
C ASP A 822 2.18 -0.67 15.91
N ALA A 823 3.09 -0.98 16.83
CA ALA A 823 2.92 -0.56 18.22
C ALA A 823 2.90 0.96 18.33
N MET A 824 3.85 1.63 17.68
CA MET A 824 3.89 3.09 17.72
C MET A 824 2.65 3.69 17.07
N PHE A 825 2.23 3.13 15.94
CA PHE A 825 1.04 3.65 15.26
C PHE A 825 -0.20 3.52 16.13
N ARG A 826 -0.36 2.37 16.80
CA ARG A 826 -1.50 2.18 17.67
C ARG A 826 -1.44 3.05 18.93
N GLU A 827 -0.25 3.24 19.50
CA GLU A 827 -0.12 4.13 20.64
C GLU A 827 -0.47 5.57 20.27
N ALA A 828 -0.02 6.02 19.10
CA ALA A 828 -0.38 7.34 18.62
C ALA A 828 -1.87 7.46 18.31
N ASN A 829 -2.48 6.41 17.77
CA ASN A 829 -3.90 6.39 17.46
C ASN A 829 -4.76 6.05 18.67
N HIS A 830 -4.16 5.72 19.81
CA HIS A 830 -4.88 5.35 21.01
C HIS A 830 -5.78 4.13 20.79
N ASN A 831 -5.41 3.29 19.84
CA ASN A 831 -6.15 2.05 19.57
C ASN A 831 -5.67 0.89 20.43
N VAL A 832 -4.55 1.05 21.15
CA VAL A 832 -4.04 -0.03 21.97
C VAL A 832 -4.99 -0.33 23.13
N SER A 833 -5.48 0.73 23.79
CA SER A 833 -6.33 0.59 24.95
C SER A 833 -7.80 0.88 24.67
N ALA A 834 -8.15 1.13 23.41
CA ALA A 834 -9.52 1.42 23.01
C ALA A 834 -9.87 0.59 21.79
N PRO A 835 -11.14 0.17 21.66
CA PRO A 835 -11.51 -0.59 20.45
C PRO A 835 -11.35 0.20 19.17
N TYR A 836 -11.56 1.51 19.22
CA TYR A 836 -11.54 2.37 18.03
C TYR A 836 -10.48 3.44 18.21
N GLY A 837 -9.69 3.67 17.16
CA GLY A 837 -8.65 4.67 17.19
C GLY A 837 -9.14 6.05 16.78
N ARG A 838 -8.19 6.99 16.74
CA ARG A 838 -8.53 8.35 16.36
C ARG A 838 -8.93 8.44 14.90
N ILE A 839 -8.27 7.66 14.03
CA ILE A 839 -8.53 7.77 12.60
C ILE A 839 -9.97 7.38 12.29
N THR A 840 -10.45 6.27 12.85
CA THR A 840 -11.81 5.84 12.57
C THR A 840 -12.83 6.82 13.15
N LEU A 841 -12.57 7.36 14.34
CA LEU A 841 -13.46 8.33 14.92
C LEU A 841 -13.56 9.58 14.05
N HIS A 842 -12.41 10.06 13.56
CA HIS A 842 -12.42 11.21 12.67
C HIS A 842 -13.14 10.92 11.36
N VAL A 843 -12.95 9.71 10.83
CA VAL A 843 -13.64 9.34 9.59
C VAL A 843 -15.15 9.35 9.81
N PHE A 844 -15.61 8.79 10.93
CA PHE A 844 -17.03 8.80 11.23
C PHE A 844 -17.54 10.23 11.41
N TRP A 845 -16.78 11.08 12.11
CA TRP A 845 -17.19 12.46 12.29
C TRP A 845 -17.34 13.18 10.95
N GLU A 846 -16.35 13.00 10.07
CA GLU A 846 -16.41 13.62 8.75
C GLU A 846 -17.61 13.10 7.96
N LEU A 847 -17.83 11.78 7.98
CA LEU A 847 -18.96 11.20 7.27
C LEU A 847 -20.27 11.80 7.77
N ASN A 848 -20.41 11.92 9.08
CA ASN A 848 -21.65 12.44 9.66
C ASN A 848 -21.86 13.91 9.28
N TYR A 849 -20.80 14.71 9.30
CA TYR A 849 -20.96 16.16 9.21
C TYR A 849 -20.72 16.73 7.81
N ASP A 850 -19.54 16.48 7.23
CA ASP A 850 -19.13 17.20 6.02
C ASP A 850 -19.33 16.40 4.74
N PHE A 851 -19.25 15.08 4.78
CA PHE A 851 -19.27 14.29 3.56
C PHE A 851 -20.69 14.15 3.00
N LEU A 852 -21.60 13.55 3.79
CA LEU A 852 -22.92 13.24 3.27
C LEU A 852 -23.68 14.45 2.80
N PRO A 853 -23.74 15.56 3.54
CA PRO A 853 -24.56 16.71 3.12
C PRO A 853 -23.88 17.69 2.18
N ASN A 854 -22.73 17.34 1.60
CA ASN A 854 -22.01 18.25 0.71
C ASN A 854 -21.56 17.61 -0.59
N TYR A 855 -21.45 16.29 -0.67
CA TYR A 855 -20.97 15.62 -1.87
C TYR A 855 -22.13 15.00 -2.62
N CYS A 856 -22.18 15.22 -3.94
CA CYS A 856 -23.22 14.69 -4.81
C CYS A 856 -22.60 13.60 -5.67
N TYR A 857 -23.25 12.43 -5.70
CA TYR A 857 -22.71 11.28 -6.40
C TYR A 857 -22.87 11.45 -7.92
N ASN A 858 -21.98 10.78 -8.66
CA ASN A 858 -22.05 10.74 -10.11
C ASN A 858 -21.81 9.30 -10.54
N GLY A 859 -22.88 8.62 -10.99
CA GLY A 859 -22.76 7.22 -11.32
C GLY A 859 -21.94 6.94 -12.56
N SER A 860 -21.90 7.88 -13.50
CA SER A 860 -21.14 7.66 -14.74
C SER A 860 -19.66 7.49 -14.44
N THR A 861 -19.10 8.33 -13.56
CA THR A 861 -17.69 8.28 -13.22
C THR A 861 -17.42 7.64 -11.86
N ASN A 862 -18.47 7.30 -11.11
CA ASN A 862 -18.31 6.70 -9.78
C ASN A 862 -17.42 7.56 -8.89
N ARG A 863 -17.68 8.86 -8.91
CA ARG A 863 -16.88 9.83 -8.16
C ARG A 863 -17.80 10.79 -7.43
N PHE A 864 -17.28 11.38 -6.35
CA PHE A 864 -17.99 12.36 -5.56
C PHE A 864 -17.36 13.73 -5.75
N VAL A 865 -18.19 14.77 -5.96
CA VAL A 865 -17.72 16.18 -6.15
C VAL A 865 -18.55 17.05 -5.22
N ARG A 866 -18.00 18.12 -4.64
CA ARG A 866 -18.71 18.95 -3.63
C ARG A 866 -19.87 19.70 -4.27
N THR A 867 -20.91 20.04 -3.50
CA THR A 867 -22.13 20.73 -3.98
C THR A 867 -21.78 22.13 -4.44
N VAL A 868 -22.51 22.67 -5.43
CA VAL A 868 -22.27 24.05 -5.97
C VAL A 868 -22.50 25.06 -4.85
N LEU A 869 -23.52 24.90 -3.99
CA LEU A 869 -23.71 25.78 -2.80
C LEU A 869 -23.74 24.90 -1.54
N PRO A 870 -22.81 25.05 -0.56
CA PRO A 870 -22.88 24.27 0.67
C PRO A 870 -24.11 24.57 1.52
N PHE A 871 -24.77 23.56 2.08
CA PHE A 871 -25.92 23.72 3.01
C PHE A 871 -25.46 23.38 4.44
N SER A 872 -24.15 23.22 4.66
CA SER A 872 -23.58 22.91 6.00
C SER A 872 -22.15 23.48 6.13
N GLN A 873 -21.87 24.32 7.14
CA GLN A 873 -20.50 24.83 7.41
C GLN A 873 -20.20 24.81 8.92
N GLU A 874 -21.05 24.15 9.73
CA GLU A 874 -20.84 24.13 11.17
C GLU A 874 -19.88 23.04 11.62
N PHE A 875 -19.06 22.50 10.71
CA PHE A 875 -18.12 21.45 11.08
C PHE A 875 -17.13 21.95 12.12
N GLN A 876 -16.62 23.17 11.95
CA GLN A 876 -15.71 23.81 12.91
C GLN A 876 -14.57 22.86 13.29
N ARG A 877 -13.75 22.55 12.29
CA ARG A 877 -12.63 21.65 12.48
C ARG A 877 -11.57 22.30 13.37
N ASP A 878 -10.64 21.48 13.85
CA ASP A 878 -9.59 21.95 14.74
C ASP A 878 -8.61 22.84 13.97
N LYS A 879 -7.62 23.34 14.69
CA LYS A 879 -6.60 24.20 14.12
C LYS A 879 -5.38 23.38 13.73
N GLN A 880 -4.86 23.65 12.54
CA GLN A 880 -3.72 22.89 12.02
C GLN A 880 -2.50 23.10 12.91
N PRO A 881 -1.89 22.05 13.45
CA PRO A 881 -0.70 22.24 14.30
C PRO A 881 0.56 22.42 13.46
N ASN A 882 1.35 23.43 13.80
CA ASN A 882 2.60 23.70 13.09
C ASN A 882 3.74 22.92 13.74
N ALA A 883 4.71 22.55 12.91
CA ALA A 883 5.86 21.79 13.39
C ALA A 883 7.00 21.96 12.39
N GLN A 884 8.18 21.50 12.80
CA GLN A 884 9.35 21.63 11.96
C GLN A 884 9.23 20.73 10.73
N PRO A 885 9.94 21.05 9.64
CA PRO A 885 9.85 20.21 8.44
C PRO A 885 10.25 18.76 8.68
N GLN A 886 11.18 18.52 9.61
CA GLN A 886 11.63 17.14 9.85
C GLN A 886 10.47 16.26 10.30
N TYR A 887 9.64 16.75 11.22
CA TYR A 887 8.45 15.99 11.62
C TYR A 887 7.48 15.80 10.46
N LEU A 888 7.58 16.64 9.44
CA LEU A 888 6.80 16.50 8.22
C LEU A 888 7.60 15.63 7.24
N HIS A 889 7.22 15.63 5.96
CA HIS A 889 7.85 14.76 4.98
C HIS A 889 9.37 14.81 5.02
N GLY A 890 9.96 15.86 5.59
CA GLY A 890 11.40 15.90 5.82
C GLY A 890 12.05 17.23 5.56
N SER A 891 11.52 18.02 4.62
CA SER A 891 12.13 19.30 4.28
C SER A 891 11.08 20.15 3.58
N LYS A 892 11.40 21.44 3.42
CA LYS A 892 10.49 22.36 2.75
C LYS A 892 10.24 21.91 1.31
N ALA A 893 11.30 21.56 0.59
CA ALA A 893 11.14 21.10 -0.79
C ALA A 893 10.35 19.81 -0.84
N LEU A 894 10.67 18.85 0.03
CA LEU A 894 9.93 17.60 0.07
C LEU A 894 8.48 17.83 0.45
N ASN A 895 8.23 18.69 1.43
CA ASN A 895 6.87 18.99 1.83
C ASN A 895 6.07 19.59 0.68
N LEU A 896 6.67 20.55 -0.03
CA LEU A 896 5.99 21.18 -1.15
C LEU A 896 5.72 20.16 -2.26
N ALA A 897 6.70 19.30 -2.55
CA ALA A 897 6.51 18.30 -3.60
C ALA A 897 5.39 17.34 -3.23
N TYR A 898 5.35 16.88 -1.98
CA TYR A 898 4.31 15.93 -1.57
C TYR A 898 2.94 16.61 -1.56
N SER A 899 2.88 17.87 -1.14
CA SER A 899 1.61 18.59 -1.16
C SER A 899 1.11 18.74 -2.59
N SER A 900 2.00 19.06 -3.53
CA SER A 900 1.60 19.15 -4.93
C SER A 900 1.14 17.79 -5.45
N ILE A 901 1.84 16.72 -5.06
CA ILE A 901 1.48 15.39 -5.52
C ILE A 901 0.08 15.02 -5.03
N TYR A 902 -0.20 15.30 -3.77
CA TYR A 902 -1.46 14.90 -3.15
C TYR A 902 -2.57 15.94 -3.30
N GLY A 903 -2.29 17.05 -3.98
CA GLY A 903 -3.30 18.06 -4.20
C GLY A 903 -4.35 17.72 -5.23
N SER A 904 -4.13 16.68 -6.03
CA SER A 904 -5.10 16.28 -7.05
C SER A 904 -6.31 15.56 -6.46
N TYR A 905 -6.18 14.97 -5.28
CA TYR A 905 -7.28 14.22 -4.66
C TYR A 905 -8.12 15.08 -3.74
N ARG A 906 -7.83 16.38 -3.63
CA ARG A 906 -8.54 17.23 -2.67
C ARG A 906 -9.99 17.43 -3.06
N ASN A 907 -10.28 17.53 -4.36
CA ASN A 907 -11.58 17.95 -4.84
C ASN A 907 -12.45 16.78 -5.29
N PHE A 908 -12.15 15.56 -4.87
CA PHE A 908 -12.99 14.42 -5.22
C PHE A 908 -12.67 13.26 -4.30
N VAL A 909 -13.63 12.34 -4.21
CA VAL A 909 -13.48 11.09 -3.46
C VAL A 909 -13.82 9.94 -4.39
N GLY A 910 -12.95 8.93 -4.43
CA GLY A 910 -13.12 7.84 -5.35
C GLY A 910 -12.58 6.52 -4.81
N PRO A 911 -12.35 5.57 -5.71
CA PRO A 911 -11.86 4.24 -5.30
C PRO A 911 -10.60 4.33 -4.45
N PRO A 912 -9.64 5.19 -4.80
CA PRO A 912 -8.44 5.27 -3.94
C PRO A 912 -8.76 5.62 -2.50
N HIS A 913 -9.64 6.61 -2.28
CA HIS A 913 -10.00 6.99 -0.92
C HIS A 913 -10.70 5.83 -0.21
N PHE A 914 -11.61 5.14 -0.91
CA PHE A 914 -12.33 4.04 -0.28
C PHE A 914 -11.38 2.91 0.12
N GLN A 915 -10.44 2.57 -0.75
CA GLN A 915 -9.49 1.50 -0.43
C GLN A 915 -8.58 1.91 0.71
N VAL A 916 -8.13 3.17 0.74
CA VAL A 916 -7.31 3.63 1.84
C VAL A 916 -8.08 3.56 3.15
N ILE A 917 -9.36 3.95 3.12
CA ILE A 917 -10.18 3.91 4.32
C ILE A 917 -10.34 2.47 4.79
N CYS A 918 -10.59 1.55 3.86
CA CYS A 918 -10.72 0.14 4.23
C CYS A 918 -9.42 -0.37 4.86
N ARG A 919 -8.28 -0.04 4.25
CA ARG A 919 -7.01 -0.51 4.79
C ARG A 919 -6.76 0.04 6.19
N LEU A 920 -7.08 1.32 6.40
CA LEU A 920 -6.83 1.93 7.71
C LEU A 920 -7.83 1.50 8.77
N LEU A 921 -9.04 1.10 8.39
CA LEU A 921 -10.07 0.74 9.34
C LEU A 921 -10.24 -0.76 9.52
N GLY A 922 -9.52 -1.57 8.75
CA GLY A 922 -9.52 -3.01 8.97
C GLY A 922 -10.92 -3.57 8.80
N TYR A 923 -11.50 -4.00 9.92
CA TYR A 923 -12.90 -4.40 9.99
C TYR A 923 -13.67 -3.67 11.06
N GLN A 924 -13.03 -3.32 12.17
CA GLN A 924 -13.71 -2.62 13.25
C GLN A 924 -14.22 -1.26 12.78
N GLY A 925 -13.39 -0.51 12.05
CA GLY A 925 -13.82 0.81 11.61
C GLY A 925 -15.02 0.73 10.69
N ILE A 926 -15.00 -0.21 9.73
CA ILE A 926 -16.13 -0.36 8.83
C ILE A 926 -17.38 -0.75 9.62
N ALA A 927 -17.24 -1.70 10.55
CA ALA A 927 -18.42 -2.15 11.30
C ALA A 927 -19.03 -1.00 12.08
N VAL A 928 -18.21 -0.25 12.81
CA VAL A 928 -18.74 0.83 13.63
C VAL A 928 -19.31 1.94 12.76
N VAL A 929 -18.64 2.26 11.65
CA VAL A 929 -19.14 3.32 10.77
C VAL A 929 -20.49 2.93 10.19
N MET A 930 -20.65 1.68 9.75
CA MET A 930 -21.93 1.25 9.21
C MET A 930 -23.01 1.22 10.27
N GLU A 931 -22.66 0.84 11.50
CA GLU A 931 -23.66 0.88 12.58
C GLU A 931 -24.13 2.30 12.83
N GLU A 932 -23.19 3.26 12.89
CA GLU A 932 -23.57 4.65 13.10
C GLU A 932 -24.38 5.19 11.92
N LEU A 933 -24.02 4.78 10.70
CA LEU A 933 -24.79 5.20 9.54
C LEU A 933 -26.21 4.66 9.58
N LEU A 934 -26.37 3.40 10.01
CA LEU A 934 -27.70 2.84 10.17
C LEU A 934 -28.50 3.62 11.21
N LYS A 935 -27.85 3.98 12.32
CA LYS A 935 -28.53 4.78 13.35
C LYS A 935 -28.96 6.13 12.79
N VAL A 936 -28.09 6.77 12.01
CA VAL A 936 -28.40 8.08 11.44
C VAL A 936 -29.56 7.96 10.46
N VAL A 937 -29.55 6.92 9.63
CA VAL A 937 -30.64 6.70 8.68
C VAL A 937 -31.96 6.47 9.42
N LYS A 938 -31.92 5.68 10.49
CA LYS A 938 -33.13 5.46 11.27
C LYS A 938 -33.64 6.76 11.86
N SER A 939 -32.74 7.60 12.40
CA SER A 939 -33.16 8.87 12.95
C SER A 939 -33.77 9.78 11.90
N LEU A 940 -33.15 9.83 10.71
CA LEU A 940 -33.64 10.72 9.67
C LEU A 940 -34.99 10.26 9.13
N LEU A 941 -35.11 8.96 8.82
CA LEU A 941 -36.34 8.45 8.22
C LEU A 941 -37.53 8.64 9.14
N GLN A 942 -37.34 8.38 10.44
CA GLN A 942 -38.41 8.49 11.42
C GLN A 942 -38.53 9.90 11.99
N GLY A 943 -37.70 10.83 11.55
CA GLY A 943 -37.73 12.18 12.08
C GLY A 943 -38.18 13.22 11.08
N THR A 944 -37.24 14.02 10.58
CA THR A 944 -37.59 15.13 9.69
C THR A 944 -38.29 14.64 8.42
N ILE A 945 -37.78 13.56 7.83
CA ILE A 945 -38.36 13.05 6.60
C ILE A 945 -39.80 12.62 6.82
N LEU A 946 -40.07 11.95 7.94
CA LEU A 946 -41.44 11.50 8.22
C LEU A 946 -42.38 12.69 8.36
N GLN A 947 -41.96 13.72 9.10
CA GLN A 947 -42.82 14.90 9.28
C GLN A 947 -43.07 15.60 7.94
N TYR A 948 -42.03 15.74 7.13
CA TYR A 948 -42.21 16.38 5.82
C TYR A 948 -43.13 15.57 4.92
N VAL A 949 -43.00 14.24 4.93
CA VAL A 949 -43.89 13.41 4.12
C VAL A 949 -45.33 13.55 4.60
N LYS A 950 -45.53 13.55 5.91
CA LYS A 950 -46.88 13.72 6.45
C LYS A 950 -47.46 15.07 6.05
N THR A 951 -46.66 16.13 6.13
CA THR A 951 -47.14 17.45 5.75
C THR A 951 -47.49 17.50 4.26
N LEU A 952 -46.65 16.89 3.42
CA LEU A 952 -46.90 16.94 1.98
C LEU A 952 -48.09 16.09 1.58
N MET A 953 -48.37 15.01 2.32
CA MET A 953 -49.50 14.16 1.97
C MET A 953 -50.82 14.91 2.06
N GLU A 954 -50.98 15.77 3.07
CA GLU A 954 -52.22 16.49 3.24
C GLU A 954 -52.54 17.37 2.03
N VAL A 955 -51.52 18.08 1.51
CA VAL A 955 -51.74 18.98 0.39
C VAL A 955 -51.89 18.26 -0.93
N MET A 956 -51.55 16.97 -1.01
CA MET A 956 -51.69 16.25 -2.25
C MET A 956 -53.17 16.09 -2.61
N PRO A 957 -53.48 15.99 -3.91
CA PRO A 957 -54.89 15.85 -4.30
C PRO A 957 -55.51 14.59 -3.73
N LYS A 958 -56.78 14.69 -3.35
CA LYS A 958 -57.48 13.54 -2.77
C LYS A 958 -57.54 12.38 -3.75
N ILE A 959 -57.88 12.68 -5.01
CA ILE A 959 -57.95 11.67 -6.06
C ILE A 959 -57.31 12.25 -7.33
N CYS A 960 -56.51 11.44 -8.01
CA CYS A 960 -55.83 11.86 -9.23
C CYS A 960 -55.70 10.65 -10.15
N ARG A 961 -56.41 10.69 -11.28
CA ARG A 961 -56.36 9.63 -12.28
C ARG A 961 -55.70 10.15 -13.54
N LEU A 962 -54.88 9.30 -14.16
CA LEU A 962 -54.16 9.70 -15.36
C LEU A 962 -55.14 10.07 -16.46
N PRO A 963 -55.04 11.25 -17.07
CA PRO A 963 -55.98 11.62 -18.14
C PRO A 963 -55.80 10.73 -19.36
N ARG A 964 -56.82 10.74 -20.23
CA ARG A 964 -56.80 9.94 -21.46
C ARG A 964 -55.86 10.60 -22.47
N HIS A 965 -55.52 9.89 -23.54
CA HIS A 965 -54.63 10.39 -24.59
C HIS A 965 -55.32 11.38 -25.52
N GLU A 966 -56.66 11.43 -25.50
CA GLU A 966 -57.38 12.34 -26.39
C GLU A 966 -57.08 13.80 -26.06
N TYR A 967 -56.90 14.12 -24.77
CA TYR A 967 -56.67 15.50 -24.39
C TYR A 967 -55.40 16.06 -25.03
N GLY A 968 -54.34 15.27 -25.05
CA GLY A 968 -53.09 15.67 -25.63
C GLY A 968 -52.06 16.06 -24.58
N SER A 969 -50.79 16.08 -25.00
CA SER A 969 -49.71 16.40 -24.08
C SER A 969 -49.86 17.78 -23.43
N PRO A 970 -50.23 18.84 -24.16
CA PRO A 970 -50.31 20.15 -23.48
C PRO A 970 -51.41 20.21 -22.44
N GLY A 971 -52.61 19.71 -22.76
CA GLY A 971 -53.68 19.71 -21.79
C GLY A 971 -53.35 18.85 -20.58
N ILE A 972 -52.71 17.70 -20.81
CA ILE A 972 -52.31 16.83 -19.70
C ILE A 972 -51.29 17.52 -18.81
N LEU A 973 -50.31 18.21 -19.42
CA LEU A 973 -49.32 18.94 -18.63
C LEU A 973 -49.99 20.04 -17.81
N GLU A 974 -50.92 20.77 -18.42
CA GLU A 974 -51.62 21.81 -17.69
C GLU A 974 -52.43 21.24 -16.53
N PHE A 975 -53.10 20.11 -16.76
CA PHE A 975 -53.87 19.48 -15.70
C PHE A 975 -52.97 19.04 -14.56
N PHE A 976 -51.82 18.44 -14.88
CA PHE A 976 -50.89 18.00 -13.85
C PHE A 976 -50.35 19.19 -13.06
N HIS A 977 -50.01 20.28 -13.76
CA HIS A 977 -49.51 21.47 -13.08
C HIS A 977 -50.57 22.05 -12.14
N HIS A 978 -51.82 22.13 -12.61
CA HIS A 978 -52.89 22.65 -11.77
C HIS A 978 -53.12 21.76 -10.55
N GLN A 979 -53.13 20.44 -10.75
CA GLN A 979 -53.35 19.53 -9.63
C GLN A 979 -52.22 19.61 -8.62
N LEU A 980 -50.98 19.70 -9.09
CA LEU A 980 -49.81 19.75 -8.24
C LEU A 980 -49.26 21.16 -8.08
N LYS A 981 -50.07 22.19 -8.32
CA LYS A 981 -49.60 23.55 -8.22
C LYS A 981 -49.10 23.87 -6.81
N ASP A 982 -49.87 23.47 -5.80
CA ASP A 982 -49.51 23.76 -4.41
C ASP A 982 -48.17 23.15 -4.03
N ILE A 983 -47.85 21.96 -4.53
CA ILE A 983 -46.54 21.35 -4.26
C ILE A 983 -45.42 22.18 -4.87
N VAL A 984 -45.63 22.71 -6.07
CA VAL A 984 -44.58 23.48 -6.74
C VAL A 984 -44.25 24.73 -5.94
N GLU A 985 -45.27 25.44 -5.46
CA GLU A 985 -45.01 26.68 -4.72
C GLU A 985 -44.29 26.41 -3.41
N TYR A 986 -44.42 25.20 -2.87
CA TYR A 986 -43.76 24.86 -1.61
C TYR A 986 -42.25 25.02 -1.76
N ALA A 987 -41.63 25.68 -0.79
CA ALA A 987 -40.22 26.06 -0.93
C ALA A 987 -39.30 25.10 -0.17
N GLU A 988 -39.73 24.62 0.99
CA GLU A 988 -38.85 23.79 1.81
C GLU A 988 -38.59 22.43 1.19
N LEU A 989 -39.33 22.05 0.15
CA LEU A 989 -39.11 20.76 -0.48
C LEU A 989 -37.71 20.65 -1.09
N LYS A 990 -37.25 21.72 -1.72
CA LYS A 990 -35.97 21.73 -2.42
C LYS A 990 -34.80 22.10 -1.51
N THR A 991 -35.03 22.33 -0.22
CA THR A 991 -33.98 22.77 0.68
C THR A 991 -33.79 21.89 1.92
N VAL A 992 -34.79 21.10 2.32
CA VAL A 992 -34.70 20.31 3.53
C VAL A 992 -34.96 18.84 3.22
N CYS A 993 -36.13 18.55 2.63
CA CYS A 993 -36.45 17.17 2.29
C CYS A 993 -35.47 16.62 1.27
N PHE A 994 -35.22 17.41 0.23
CA PHE A 994 -34.29 17.02 -0.80
C PHE A 994 -32.94 16.82 -0.16
N GLN A 995 -32.57 17.74 0.73
CA GLN A 995 -31.29 17.64 1.40
C GLN A 995 -31.21 16.37 2.24
N ASN A 996 -32.29 16.07 2.97
CA ASN A 996 -32.35 14.88 3.79
C ASN A 996 -32.28 13.62 2.95
N LEU A 997 -32.96 13.66 1.80
CA LEU A 997 -32.97 12.53 0.89
C LEU A 997 -31.56 12.30 0.35
N ARG A 998 -30.85 13.39 0.05
CA ARG A 998 -29.48 13.32 -0.44
C ARG A 998 -28.60 12.70 0.63
N GLU A 999 -28.83 13.08 1.88
CA GLU A 999 -28.09 12.50 2.99
C GLU A 999 -28.34 11.00 3.13
N VAL A 1000 -29.57 10.54 2.92
CA VAL A 1000 -29.81 9.09 3.06
C VAL A 1000 -29.31 8.24 1.88
N GLY A 1001 -29.18 8.86 0.71
CA GLY A 1001 -28.69 8.24 -0.50
C GLY A 1001 -27.18 8.14 -0.52
N ASN A 1002 -26.51 9.21 -0.08
CA ASN A 1002 -25.05 9.20 0.01
C ASN A 1002 -24.59 8.17 1.03
N ALA A 1003 -25.31 8.04 2.14
CA ALA A 1003 -24.94 7.04 3.15
C ALA A 1003 -25.00 5.63 2.56
N ILE A 1004 -26.09 5.31 1.87
CA ILE A 1004 -26.22 3.97 1.31
C ILE A 1004 -25.21 3.74 0.19
N LEU A 1005 -24.94 4.77 -0.61
CA LEU A 1005 -23.94 4.66 -1.66
C LEU A 1005 -22.56 4.41 -1.07
N PHE A 1006 -22.24 5.12 0.02
CA PHE A 1006 -20.96 4.89 0.71
C PHE A 1006 -20.90 3.46 1.24
N CYS A 1007 -22.00 2.96 1.80
CA CYS A 1007 -22.01 1.58 2.27
C CYS A 1007 -21.71 0.62 1.13
N LEU A 1008 -22.36 0.81 -0.02
CA LEU A 1008 -22.15 -0.08 -1.15
C LEU A 1008 -20.70 -0.02 -1.65
N LEU A 1009 -20.17 1.20 -1.79
CA LEU A 1009 -18.82 1.36 -2.30
C LEU A 1009 -17.78 0.81 -1.34
N ILE A 1010 -17.98 1.01 -0.04
CA ILE A 1010 -17.02 0.50 0.91
C ILE A 1010 -16.93 -1.03 0.82
N GLU A 1011 -18.07 -1.69 0.66
CA GLU A 1011 -18.08 -3.15 0.58
C GLU A 1011 -17.31 -3.67 -0.61
N GLN A 1012 -17.48 -3.01 -1.76
CA GLN A 1012 -16.79 -3.44 -2.96
C GLN A 1012 -15.28 -3.31 -2.78
N SER A 1013 -14.85 -2.22 -2.16
CA SER A 1013 -13.44 -1.99 -1.92
C SER A 1013 -12.88 -3.07 -0.99
N LEU A 1014 -13.66 -3.41 0.03
CA LEU A 1014 -13.25 -4.42 0.98
C LEU A 1014 -13.10 -5.76 0.27
N SER A 1015 -14.04 -6.07 -0.61
CA SER A 1015 -14.01 -7.31 -1.35
C SER A 1015 -12.76 -7.36 -2.22
N LEU A 1016 -12.44 -6.24 -2.87
CA LEU A 1016 -11.26 -6.22 -3.73
C LEU A 1016 -10.00 -6.46 -2.90
N GLU A 1017 -9.94 -5.83 -1.73
CA GLU A 1017 -8.76 -6.01 -0.88
C GLU A 1017 -8.63 -7.47 -0.47
N GLU A 1018 -9.75 -8.08 -0.11
CA GLU A 1018 -9.73 -9.46 0.31
C GLU A 1018 -9.29 -10.36 -0.82
N VAL A 1019 -9.75 -10.09 -2.04
CA VAL A 1019 -9.34 -10.92 -3.15
C VAL A 1019 -7.84 -10.80 -3.39
N CYS A 1020 -7.29 -9.59 -3.27
CA CYS A 1020 -5.84 -9.45 -3.45
C CYS A 1020 -5.09 -10.24 -2.38
N ASP A 1021 -5.57 -10.17 -1.14
CA ASP A 1021 -4.90 -10.90 -0.07
C ASP A 1021 -4.95 -12.42 -0.33
N LEU A 1022 -6.10 -12.89 -0.81
CA LEU A 1022 -6.26 -14.30 -1.10
C LEU A 1022 -5.32 -14.73 -2.20
N LEU A 1023 -5.16 -13.89 -3.22
CA LEU A 1023 -4.25 -14.18 -4.32
C LEU A 1023 -2.84 -14.31 -3.79
N HIS A 1024 -2.44 -13.40 -2.90
CA HIS A 1024 -1.12 -13.49 -2.32
C HIS A 1024 -0.88 -14.74 -1.47
N ALA A 1025 -1.90 -15.16 -0.72
CA ALA A 1025 -1.77 -16.33 0.17
C ALA A 1025 -1.86 -17.76 -0.43
N ALA A 1026 -2.02 -17.88 -1.74
CA ALA A 1026 -2.14 -19.18 -2.41
C ALA A 1026 -0.91 -20.05 -2.24
N PRO A 1027 0.31 -19.56 -2.43
CA PRO A 1027 1.49 -20.45 -2.34
C PRO A 1027 1.62 -21.12 -0.98
N PHE A 1028 1.27 -20.44 0.11
CA PHE A 1028 1.43 -20.98 1.45
C PHE A 1028 0.22 -21.79 1.91
N GLN A 1029 -0.81 -21.92 1.08
CA GLN A 1029 -2.00 -22.69 1.42
C GLN A 1029 -2.26 -23.82 0.44
N ASN A 1030 -1.25 -24.24 -0.33
CA ASN A 1030 -1.37 -25.34 -1.28
C ASN A 1030 -2.40 -25.06 -2.36
N ILE A 1031 -2.61 -23.78 -2.68
CA ILE A 1031 -3.52 -23.39 -3.75
C ILE A 1031 -2.71 -23.12 -5.01
N LEU A 1032 -3.07 -23.79 -6.10
CA LEU A 1032 -2.33 -23.69 -7.35
C LEU A 1032 -3.28 -23.40 -8.51
N PRO A 1033 -2.81 -22.75 -9.56
CA PRO A 1033 -3.65 -22.48 -10.71
C PRO A 1033 -3.74 -23.69 -11.64
N ARG A 1034 -4.66 -23.59 -12.60
CA ARG A 1034 -4.85 -24.65 -13.59
C ARG A 1034 -3.64 -24.66 -14.52
N VAL A 1035 -2.79 -25.67 -14.38
CA VAL A 1035 -1.57 -25.75 -15.18
C VAL A 1035 -1.91 -26.19 -16.60
N HIS A 1036 -1.08 -25.75 -17.54
CA HIS A 1036 -1.25 -26.13 -18.94
C HIS A 1036 -1.05 -27.63 -19.10
N VAL A 1037 -1.91 -28.25 -19.91
CA VAL A 1037 -1.85 -29.69 -20.17
C VAL A 1037 -1.73 -29.88 -21.68
N LYS A 1038 -0.78 -30.72 -22.08
CA LYS A 1038 -0.54 -31.03 -23.48
C LYS A 1038 -0.83 -32.49 -23.76
N GLU A 1039 -1.02 -32.80 -25.04
CA GLU A 1039 -1.32 -34.18 -25.44
C GLU A 1039 -0.22 -35.11 -24.98
N GLY A 1040 -0.63 -36.25 -24.42
CA GLY A 1040 0.33 -37.23 -23.91
C GLY A 1040 0.45 -37.19 -22.40
N GLU A 1041 0.31 -36.00 -21.83
CA GLU A 1041 0.41 -35.81 -20.39
C GLU A 1041 -0.97 -35.53 -19.81
N ARG A 1042 -1.30 -36.19 -18.71
CA ARG A 1042 -2.59 -36.05 -18.06
C ARG A 1042 -2.56 -34.89 -17.08
N LEU A 1043 -3.72 -34.24 -16.92
CA LEU A 1043 -3.81 -33.10 -16.01
C LEU A 1043 -3.51 -33.50 -14.57
N ASP A 1044 -4.01 -34.65 -14.14
CA ASP A 1044 -3.82 -35.06 -12.75
C ASP A 1044 -2.34 -35.26 -12.42
N ALA A 1045 -1.60 -35.92 -13.31
CA ALA A 1045 -0.18 -36.14 -13.05
C ALA A 1045 0.59 -34.83 -13.00
N LYS A 1046 0.28 -33.90 -13.93
CA LYS A 1046 0.96 -32.61 -13.92
C LYS A 1046 0.66 -31.84 -12.65
N MET A 1047 -0.61 -31.86 -12.22
CA MET A 1047 -0.97 -31.15 -10.99
C MET A 1047 -0.27 -31.77 -9.79
N LYS A 1048 -0.19 -33.11 -9.74
CA LYS A 1048 0.49 -33.76 -8.63
C LYS A 1048 1.97 -33.39 -8.60
N ARG A 1049 2.61 -33.39 -9.77
CA ARG A 1049 4.03 -33.02 -9.84
C ARG A 1049 4.24 -31.57 -9.41
N LEU A 1050 3.35 -30.66 -9.85
CA LEU A 1050 3.47 -29.27 -9.47
C LEU A 1050 3.30 -29.10 -7.96
N GLU A 1051 2.32 -29.80 -7.38
CA GLU A 1051 2.13 -29.73 -5.93
C GLU A 1051 3.34 -30.26 -5.19
N SER A 1052 3.92 -31.36 -5.68
CA SER A 1052 5.12 -31.91 -5.05
C SER A 1052 6.28 -30.92 -5.13
N LYS A 1053 6.41 -30.22 -6.25
CA LYS A 1053 7.49 -29.24 -6.38
C LYS A 1053 7.35 -28.13 -5.36
N TYR A 1054 6.12 -27.67 -5.10
CA TYR A 1054 5.85 -26.59 -4.17
C TYR A 1054 5.60 -27.08 -2.75
N ALA A 1055 5.80 -28.37 -2.48
CA ALA A 1055 5.55 -28.90 -1.15
C ALA A 1055 6.32 -28.16 -0.05
N PRO A 1056 7.60 -27.83 -0.22
CA PRO A 1056 8.30 -27.10 0.86
C PRO A 1056 7.65 -25.78 1.23
N LEU A 1057 7.05 -25.08 0.28
CA LEU A 1057 6.45 -23.78 0.57
C LEU A 1057 5.28 -23.90 1.55
N HIS A 1058 4.63 -25.05 1.61
CA HIS A 1058 3.50 -25.22 2.52
C HIS A 1058 3.96 -25.02 3.96
N LEU A 1059 3.14 -24.31 4.74
CA LEU A 1059 3.54 -23.88 6.07
C LEU A 1059 3.07 -24.84 7.16
N VAL A 1060 1.76 -25.04 7.20
CA VAL A 1060 1.12 -25.87 8.20
C VAL A 1060 1.78 -27.24 8.31
N PRO A 1061 1.85 -27.99 7.21
CA PRO A 1061 2.46 -29.30 7.30
C PRO A 1061 3.92 -29.19 7.69
N LEU A 1062 4.64 -28.22 7.15
CA LEU A 1062 6.04 -28.06 7.48
C LEU A 1062 6.19 -27.73 8.95
N ILE A 1063 5.34 -26.86 9.46
CA ILE A 1063 5.42 -26.50 10.86
C ILE A 1063 5.13 -27.72 11.71
N GLU A 1064 4.14 -28.52 11.34
CA GLU A 1064 3.84 -29.71 12.13
C GLU A 1064 5.04 -30.65 12.16
N ARG A 1065 5.68 -30.82 11.01
CA ARG A 1065 6.83 -31.69 10.93
C ARG A 1065 7.99 -31.19 11.80
N LEU A 1066 8.25 -29.89 11.80
CA LEU A 1066 9.37 -29.35 12.58
C LEU A 1066 8.94 -28.17 13.41
N GLY A 1067 8.11 -28.39 14.41
CA GLY A 1067 7.64 -27.27 15.20
C GLY A 1067 7.23 -27.64 16.60
N THR A 1068 7.22 -26.63 17.47
CA THR A 1068 6.80 -26.78 18.85
C THR A 1068 5.27 -26.85 18.88
N PRO A 1069 4.70 -27.43 19.94
CA PRO A 1069 3.25 -27.54 20.01
C PRO A 1069 2.57 -26.17 19.98
N GLN A 1070 3.14 -25.19 20.67
CA GLN A 1070 2.56 -23.85 20.69
C GLN A 1070 2.62 -23.17 19.32
N GLN A 1071 3.76 -23.29 18.65
CA GLN A 1071 3.94 -22.72 17.33
C GLN A 1071 2.95 -23.32 16.37
N ILE A 1072 2.77 -24.64 16.43
CA ILE A 1072 1.84 -25.30 15.53
C ILE A 1072 0.42 -24.81 15.77
N ALA A 1073 0.03 -24.67 17.03
CA ALA A 1073 -1.33 -24.20 17.30
C ALA A 1073 -1.54 -22.81 16.72
N ILE A 1074 -0.55 -21.95 16.94
CA ILE A 1074 -0.66 -20.58 16.45
C ILE A 1074 -0.75 -20.56 14.93
N ALA A 1075 0.07 -21.39 14.28
CA ALA A 1075 0.09 -21.45 12.83
C ALA A 1075 -1.26 -21.88 12.31
N ARG A 1076 -1.87 -22.89 12.95
CA ARG A 1076 -3.16 -23.35 12.49
C ARG A 1076 -4.18 -22.24 12.60
N GLU A 1077 -4.17 -21.54 13.73
CA GLU A 1077 -5.14 -20.46 13.90
C GLU A 1077 -4.95 -19.39 12.83
N GLY A 1078 -3.70 -19.04 12.57
CA GLY A 1078 -3.41 -18.00 11.60
C GLY A 1078 -3.88 -18.40 10.23
N ASP A 1079 -3.64 -19.66 9.86
CA ASP A 1079 -4.04 -20.14 8.55
C ASP A 1079 -5.55 -20.08 8.41
N LEU A 1080 -6.24 -20.49 9.47
CA LEU A 1080 -7.70 -20.46 9.41
C LEU A 1080 -8.17 -19.04 9.21
N LEU A 1081 -7.60 -18.10 9.95
CA LEU A 1081 -8.03 -16.70 9.82
C LEU A 1081 -7.77 -16.19 8.41
N THR A 1082 -6.61 -16.54 7.87
CA THR A 1082 -6.23 -16.12 6.53
C THR A 1082 -7.13 -16.66 5.42
N LYS A 1083 -7.58 -17.91 5.55
CA LYS A 1083 -8.39 -18.49 4.47
C LYS A 1083 -9.88 -18.09 4.43
N GLU A 1084 -10.40 -17.62 5.54
CA GLU A 1084 -11.81 -17.26 5.66
C GLU A 1084 -11.94 -15.75 5.55
N ARG A 1085 -12.66 -15.29 4.52
CA ARG A 1085 -12.87 -13.88 4.29
C ARG A 1085 -14.29 -13.67 3.77
N LEU A 1086 -14.77 -12.42 3.90
CA LEU A 1086 -16.14 -12.10 3.47
C LEU A 1086 -16.31 -12.32 1.97
N CYS A 1087 -15.24 -12.20 1.19
CA CYS A 1087 -15.34 -12.35 -0.26
C CYS A 1087 -15.59 -13.79 -0.68
N CYS A 1088 -15.53 -14.75 0.24
CA CYS A 1088 -15.70 -16.17 -0.09
C CYS A 1088 -17.17 -16.56 -0.25
N GLY A 1089 -18.08 -15.60 -0.37
CA GLY A 1089 -19.48 -15.90 -0.58
C GLY A 1089 -20.40 -15.32 0.46
N LEU A 1090 -19.98 -14.23 1.10
CA LEU A 1090 -20.77 -13.56 2.12
C LEU A 1090 -21.17 -12.17 1.63
N SER A 1091 -22.46 -11.88 1.66
CA SER A 1091 -23.00 -10.59 1.25
C SER A 1091 -23.33 -9.75 2.47
N MET A 1092 -23.31 -8.43 2.29
CA MET A 1092 -23.47 -7.49 3.38
C MET A 1092 -24.46 -6.37 3.10
N PHE A 1093 -24.80 -6.10 1.84
CA PHE A 1093 -25.77 -5.05 1.54
C PHE A 1093 -27.20 -5.49 1.86
N GLU A 1094 -27.49 -6.79 1.77
CA GLU A 1094 -28.84 -7.27 2.03
C GLU A 1094 -29.28 -6.98 3.46
N VAL A 1095 -28.36 -7.16 4.43
CA VAL A 1095 -28.70 -6.88 5.82
C VAL A 1095 -29.03 -5.41 6.00
N ILE A 1096 -28.24 -4.53 5.38
CA ILE A 1096 -28.49 -3.09 5.48
C ILE A 1096 -29.85 -2.76 4.89
N LEU A 1097 -30.16 -3.32 3.72
CA LEU A 1097 -31.46 -3.06 3.09
C LEU A 1097 -32.60 -3.56 3.96
N THR A 1098 -32.45 -4.74 4.56
CA THR A 1098 -33.49 -5.26 5.43
C THR A 1098 -33.69 -4.37 6.65
N ARG A 1099 -32.59 -3.88 7.24
CA ARG A 1099 -32.71 -3.00 8.39
C ARG A 1099 -33.40 -1.70 8.01
N ILE A 1100 -33.05 -1.13 6.85
CA ILE A 1100 -33.70 0.11 6.42
C ILE A 1100 -35.19 -0.13 6.20
N ARG A 1101 -35.54 -1.27 5.60
CA ARG A 1101 -36.95 -1.59 5.43
C ARG A 1101 -37.65 -1.72 6.78
N SER A 1102 -37.01 -2.37 7.75
CA SER A 1102 -37.58 -2.49 9.08
C SER A 1102 -37.77 -1.14 9.74
N PHE A 1103 -36.89 -0.17 9.47
CA PHE A 1103 -37.06 1.17 10.01
C PHE A 1103 -38.36 1.83 9.54
N LEU A 1104 -38.93 1.38 8.42
CA LEU A 1104 -40.18 1.91 7.91
C LEU A 1104 -41.34 1.14 8.54
N ASP A 1105 -41.95 1.75 9.56
CA ASP A 1105 -43.07 1.16 10.26
C ASP A 1105 -44.30 2.05 10.31
N ASP A 1106 -44.17 3.33 10.02
CA ASP A 1106 -45.31 4.24 10.07
C ASP A 1106 -46.35 3.84 9.02
N PRO A 1107 -47.64 3.82 9.37
CA PRO A 1107 -48.65 3.46 8.36
C PRO A 1107 -48.73 4.44 7.20
N ILE A 1108 -48.22 5.66 7.36
CA ILE A 1108 -48.31 6.65 6.28
C ILE A 1108 -47.59 6.16 5.03
N TRP A 1109 -46.56 5.33 5.20
CA TRP A 1109 -45.79 4.87 4.05
C TRP A 1109 -46.67 4.06 3.09
N ARG A 1110 -47.52 3.18 3.63
CA ARG A 1110 -48.34 2.30 2.82
C ARG A 1110 -49.79 2.76 2.73
N GLY A 1111 -50.32 3.40 3.77
CA GLY A 1111 -51.68 3.88 3.76
C GLY A 1111 -52.68 2.80 4.10
N PRO A 1112 -53.97 3.12 4.00
CA PRO A 1112 -55.01 2.15 4.33
C PRO A 1112 -55.20 1.12 3.23
N LEU A 1113 -55.99 0.10 3.54
CA LEU A 1113 -56.24 -0.96 2.58
C LEU A 1113 -57.05 -0.41 1.40
N PRO A 1114 -56.84 -0.94 0.19
CA PRO A 1114 -57.58 -0.43 -0.97
C PRO A 1114 -59.07 -0.70 -0.85
N SER A 1115 -59.86 0.23 -1.40
CA SER A 1115 -61.31 0.07 -1.38
C SER A 1115 -61.74 -1.08 -2.29
N ASN A 1116 -61.16 -1.16 -3.48
CA ASN A 1116 -61.48 -2.25 -4.40
C ASN A 1116 -60.91 -3.59 -3.94
N GLY A 1117 -60.02 -3.60 -2.95
CA GLY A 1117 -59.50 -4.82 -2.37
C GLY A 1117 -58.32 -5.42 -3.12
N VAL A 1118 -57.76 -4.71 -4.10
CA VAL A 1118 -56.63 -5.20 -4.89
C VAL A 1118 -55.45 -4.24 -4.80
N MET A 1119 -55.69 -2.95 -5.05
CA MET A 1119 -54.60 -1.98 -5.07
C MET A 1119 -55.18 -0.58 -5.21
N HIS A 1120 -54.38 0.41 -4.82
CA HIS A 1120 -54.76 1.80 -5.02
C HIS A 1120 -54.49 2.21 -6.46
N VAL A 1121 -55.45 2.93 -7.05
CA VAL A 1121 -55.32 3.40 -8.42
C VAL A 1121 -55.52 4.91 -8.46
N ASP A 1122 -56.66 5.37 -7.97
CA ASP A 1122 -56.99 6.80 -8.00
C ASP A 1122 -56.48 7.54 -6.77
N GLU A 1123 -56.71 6.98 -5.58
CA GLU A 1123 -56.30 7.65 -4.35
C GLU A 1123 -54.77 7.74 -4.28
N CYS A 1124 -54.30 8.85 -3.71
CA CYS A 1124 -52.88 9.14 -3.57
C CYS A 1124 -52.39 8.92 -2.15
N VAL A 1125 -52.85 7.84 -1.50
CA VAL A 1125 -52.48 7.56 -0.12
C VAL A 1125 -51.18 6.79 0.00
N GLU A 1126 -50.44 6.61 -1.10
CA GLU A 1126 -49.20 5.85 -1.09
C GLU A 1126 -48.01 6.77 -1.38
N PHE A 1127 -46.85 6.41 -0.82
CA PHE A 1127 -45.68 7.26 -0.93
C PHE A 1127 -45.20 7.37 -2.38
N HIS A 1128 -45.52 6.38 -3.21
CA HIS A 1128 -45.07 6.42 -4.60
C HIS A 1128 -45.67 7.61 -5.34
N ARG A 1129 -46.92 7.96 -5.04
CA ARG A 1129 -47.52 9.14 -5.65
C ARG A 1129 -46.78 10.41 -5.23
N LEU A 1130 -46.39 10.49 -3.96
CA LEU A 1130 -45.62 11.64 -3.50
C LEU A 1130 -44.27 11.71 -4.19
N TRP A 1131 -43.61 10.57 -4.39
CA TRP A 1131 -42.35 10.57 -5.12
C TRP A 1131 -42.55 10.99 -6.58
N SER A 1132 -43.66 10.55 -7.19
CA SER A 1132 -43.96 10.98 -8.55
C SER A 1132 -44.17 12.49 -8.60
N ALA A 1133 -44.85 13.05 -7.60
CA ALA A 1133 -45.02 14.49 -7.54
C ALA A 1133 -43.69 15.21 -7.39
N MET A 1134 -42.80 14.67 -6.56
CA MET A 1134 -41.46 15.24 -6.43
C MET A 1134 -40.73 15.22 -7.77
N GLN A 1135 -40.80 14.09 -8.48
CA GLN A 1135 -40.16 13.99 -9.79
C GLN A 1135 -40.73 15.01 -10.75
N PHE A 1136 -42.06 15.17 -10.75
CA PHE A 1136 -42.68 16.15 -11.62
C PHE A 1136 -42.21 17.57 -11.30
N VAL A 1137 -42.12 17.91 -10.02
CA VAL A 1137 -41.77 19.28 -9.66
C VAL A 1137 -40.31 19.57 -9.97
N TYR A 1138 -39.40 18.63 -9.70
CA TYR A 1138 -37.98 18.90 -9.94
C TYR A 1138 -37.53 18.49 -11.34
N CYS A 1139 -38.44 18.01 -12.18
CA CYS A 1139 -38.15 17.77 -13.59
C CYS A 1139 -38.39 19.00 -14.44
N ILE A 1140 -38.99 20.04 -13.89
CA ILE A 1140 -39.27 21.27 -14.65
C ILE A 1140 -37.96 21.98 -14.94
N PRO A 1141 -37.69 22.39 -16.18
CA PRO A 1141 -36.43 23.10 -16.47
C PRO A 1141 -36.39 24.44 -15.74
N VAL A 1142 -35.39 24.58 -14.87
CA VAL A 1142 -35.23 25.80 -14.08
C VAL A 1142 -34.55 26.87 -14.93
N GLY A 1143 -34.56 28.10 -14.44
CA GLY A 1143 -33.94 29.20 -15.17
C GLY A 1143 -32.43 29.05 -15.25
N THR A 1144 -31.80 30.12 -15.72
CA THR A 1144 -30.36 30.16 -15.91
C THR A 1144 -29.61 30.70 -14.70
N HIS A 1145 -30.29 31.36 -13.76
CA HIS A 1145 -29.65 31.94 -12.59
C HIS A 1145 -29.83 31.09 -11.34
N GLU A 1146 -30.32 29.86 -11.49
CA GLU A 1146 -30.53 28.97 -10.35
C GLU A 1146 -29.98 27.59 -10.69
N PHE A 1147 -29.57 26.88 -9.65
CA PHE A 1147 -29.00 25.55 -9.81
C PHE A 1147 -30.09 24.51 -10.08
N THR A 1148 -29.68 23.39 -10.66
CA THR A 1148 -30.60 22.29 -10.94
C THR A 1148 -30.56 21.27 -9.82
N VAL A 1149 -31.38 20.24 -9.91
CA VAL A 1149 -31.33 19.22 -8.86
C VAL A 1149 -29.98 18.48 -8.87
N GLU A 1150 -29.50 18.10 -10.05
CA GLU A 1150 -28.25 17.34 -10.17
C GLU A 1150 -27.03 18.09 -9.65
N GLN A 1151 -26.98 19.40 -9.88
CA GLN A 1151 -25.86 20.19 -9.42
C GLN A 1151 -25.71 20.18 -7.91
N CYS A 1152 -26.83 20.20 -7.18
CA CYS A 1152 -26.75 20.25 -5.73
C CYS A 1152 -26.86 18.90 -5.03
N PHE A 1153 -27.71 18.03 -5.56
CA PHE A 1153 -27.96 16.72 -4.96
C PHE A 1153 -27.44 15.54 -5.79
N GLY A 1154 -27.24 15.73 -7.09
CA GLY A 1154 -26.76 14.64 -7.92
C GLY A 1154 -27.73 13.47 -7.90
N ASP A 1155 -27.20 12.26 -7.78
CA ASP A 1155 -28.01 11.05 -7.81
C ASP A 1155 -28.39 10.53 -6.43
N GLY A 1156 -27.96 11.18 -5.35
CA GLY A 1156 -28.33 10.71 -4.02
C GLY A 1156 -29.81 10.75 -3.76
N LEU A 1157 -30.48 11.83 -4.19
CA LEU A 1157 -31.92 11.93 -4.00
C LEU A 1157 -32.66 10.81 -4.72
N HIS A 1158 -32.29 10.56 -5.98
CA HIS A 1158 -32.95 9.50 -6.74
C HIS A 1158 -32.66 8.14 -6.13
N TRP A 1159 -31.42 7.91 -5.70
CA TRP A 1159 -31.09 6.63 -5.07
C TRP A 1159 -31.92 6.42 -3.81
N ALA A 1160 -32.04 7.44 -2.97
CA ALA A 1160 -32.82 7.31 -1.75
C ALA A 1160 -34.28 7.04 -2.06
N GLY A 1161 -34.85 7.77 -3.02
CA GLY A 1161 -36.24 7.56 -3.37
C GLY A 1161 -36.50 6.17 -3.91
N CYS A 1162 -35.64 5.71 -4.80
CA CYS A 1162 -35.79 4.36 -5.36
C CYS A 1162 -35.61 3.30 -4.28
N MET A 1163 -34.67 3.48 -3.37
CA MET A 1163 -34.50 2.53 -2.28
C MET A 1163 -35.76 2.46 -1.42
N ILE A 1164 -36.33 3.62 -1.08
CA ILE A 1164 -37.54 3.64 -0.27
C ILE A 1164 -38.68 2.93 -1.01
N ILE A 1165 -38.83 3.23 -2.30
CA ILE A 1165 -39.92 2.62 -3.07
C ILE A 1165 -39.74 1.10 -3.13
N VAL A 1166 -38.52 0.64 -3.37
CA VAL A 1166 -38.26 -0.79 -3.48
C VAL A 1166 -38.54 -1.47 -2.13
N LEU A 1167 -38.05 -0.87 -1.04
CA LEU A 1167 -38.28 -1.48 0.27
C LEU A 1167 -39.75 -1.48 0.63
N LEU A 1168 -40.53 -0.53 0.10
CA LEU A 1168 -41.97 -0.53 0.31
C LEU A 1168 -42.71 -1.43 -0.68
N GLY A 1169 -42.00 -2.05 -1.63
CA GLY A 1169 -42.62 -2.96 -2.57
C GLY A 1169 -43.64 -2.29 -3.47
N GLN A 1170 -43.28 -1.13 -4.02
CA GLN A 1170 -44.18 -0.39 -4.90
C GLN A 1170 -43.49 0.02 -6.20
N GLN A 1171 -42.41 -0.65 -6.57
CA GLN A 1171 -41.70 -0.29 -7.79
C GLN A 1171 -42.58 -0.49 -9.03
N ARG A 1172 -43.31 -1.62 -9.08
CA ARG A 1172 -44.20 -1.86 -10.21
C ARG A 1172 -45.34 -0.85 -10.24
N ARG A 1173 -45.93 -0.55 -9.07
CA ARG A 1173 -47.00 0.43 -9.02
C ARG A 1173 -46.48 1.81 -9.42
N PHE A 1174 -45.28 2.17 -8.96
CA PHE A 1174 -44.71 3.46 -9.34
C PHE A 1174 -44.48 3.52 -10.84
N ALA A 1175 -43.96 2.45 -11.44
CA ALA A 1175 -43.73 2.44 -12.88
C ALA A 1175 -45.05 2.56 -13.64
N VAL A 1176 -46.08 1.83 -13.21
CA VAL A 1176 -47.37 1.89 -13.90
C VAL A 1176 -48.04 3.23 -13.63
N LEU A 1177 -48.02 3.69 -12.38
CA LEU A 1177 -48.69 4.92 -11.98
C LEU A 1177 -47.62 6.01 -11.79
N ASP A 1178 -47.55 6.94 -12.74
CA ASP A 1178 -46.61 8.05 -12.67
C ASP A 1178 -47.04 9.16 -13.62
N PHE A 1179 -47.06 10.39 -13.13
CA PHE A 1179 -47.50 11.51 -13.96
C PHE A 1179 -46.48 11.80 -15.06
N CYS A 1180 -45.19 11.84 -14.71
CA CYS A 1180 -44.17 12.14 -15.70
C CYS A 1180 -44.13 11.09 -16.79
N TYR A 1181 -44.23 9.81 -16.42
CA TYR A 1181 -44.16 8.75 -17.42
C TYR A 1181 -45.33 8.83 -18.38
N HIS A 1182 -46.53 9.06 -17.85
CA HIS A 1182 -47.71 9.19 -18.71
C HIS A 1182 -47.59 10.41 -19.62
N LEU A 1183 -47.10 11.52 -19.09
CA LEU A 1183 -46.92 12.71 -19.92
C LEU A 1183 -45.93 12.45 -21.05
N LEU A 1184 -44.81 11.78 -20.74
CA LEU A 1184 -43.84 11.45 -21.77
C LEU A 1184 -44.43 10.52 -22.82
N LYS A 1185 -45.19 9.51 -22.38
CA LYS A 1185 -45.81 8.59 -23.32
C LYS A 1185 -46.77 9.32 -24.25
N VAL A 1186 -47.58 10.22 -23.70
CA VAL A 1186 -48.52 10.97 -24.53
C VAL A 1186 -47.77 11.88 -25.50
N GLN A 1187 -46.71 12.53 -25.02
CA GLN A 1187 -45.93 13.40 -25.90
C GLN A 1187 -45.32 12.61 -27.05
N LYS A 1188 -44.79 11.42 -26.76
CA LYS A 1188 -44.24 10.58 -27.82
C LYS A 1188 -45.33 10.16 -28.79
N HIS A 1189 -46.52 9.80 -28.28
CA HIS A 1189 -47.61 9.37 -29.14
C HIS A 1189 -48.05 10.48 -30.09
N ASP A 1190 -48.23 11.69 -29.56
CA ASP A 1190 -48.72 12.79 -30.38
C ASP A 1190 -47.61 13.64 -30.97
N GLY A 1191 -46.54 13.88 -30.22
CA GLY A 1191 -45.43 14.68 -30.72
C GLY A 1191 -45.76 16.14 -30.89
N LYS A 1192 -45.99 16.84 -29.78
CA LYS A 1192 -46.31 18.26 -29.79
C LYS A 1192 -45.36 19.00 -28.87
N ASP A 1193 -45.14 20.28 -29.18
CA ASP A 1193 -44.24 21.13 -28.41
C ASP A 1193 -44.88 22.51 -28.27
N GLU A 1194 -45.18 22.91 -27.03
CA GLU A 1194 -45.73 24.22 -26.74
C GLU A 1194 -45.20 24.70 -25.41
N ILE A 1195 -45.19 26.02 -25.23
CA ILE A 1195 -44.73 26.64 -23.99
C ILE A 1195 -45.97 26.77 -23.10
N ILE A 1196 -46.24 25.71 -22.33
CA ILE A 1196 -47.41 25.65 -21.46
C ILE A 1196 -46.99 26.20 -20.10
N LYS A 1197 -47.39 27.44 -19.82
CA LYS A 1197 -47.13 28.08 -18.54
C LYS A 1197 -45.63 28.17 -18.27
N ASN A 1198 -44.91 28.77 -19.22
CA ASN A 1198 -43.47 29.00 -19.09
C ASN A 1198 -42.74 27.69 -18.77
N VAL A 1199 -43.13 26.62 -19.46
CA VAL A 1199 -42.51 25.31 -19.27
C VAL A 1199 -42.41 24.62 -20.62
N PRO A 1200 -41.23 24.60 -21.26
CA PRO A 1200 -41.10 23.89 -22.53
C PRO A 1200 -41.44 22.42 -22.38
N LEU A 1201 -42.09 21.87 -23.41
CA LEU A 1201 -42.56 20.49 -23.35
C LEU A 1201 -41.46 19.51 -23.75
N LYS A 1202 -40.78 19.78 -24.87
CA LYS A 1202 -39.77 18.84 -25.36
C LYS A 1202 -38.64 18.68 -24.37
N LYS A 1203 -38.14 19.78 -23.80
CA LYS A 1203 -37.07 19.69 -22.83
C LYS A 1203 -37.52 18.93 -21.58
N MET A 1204 -38.74 19.19 -21.13
CA MET A 1204 -39.25 18.51 -19.94
C MET A 1204 -39.36 17.01 -20.18
N VAL A 1205 -39.86 16.60 -21.34
CA VAL A 1205 -39.99 15.17 -21.62
C VAL A 1205 -38.63 14.53 -21.79
N GLU A 1206 -37.66 15.25 -22.37
CA GLU A 1206 -36.30 14.71 -22.45
C GLU A 1206 -35.71 14.49 -21.06
N ARG A 1207 -35.90 15.47 -20.17
CA ARG A 1207 -35.43 15.30 -18.79
C ARG A 1207 -36.12 14.13 -18.11
N ILE A 1208 -37.42 13.97 -18.35
CA ILE A 1208 -38.14 12.84 -17.78
C ILE A 1208 -37.57 11.53 -18.32
N ARG A 1209 -37.24 11.50 -19.60
CA ARG A 1209 -36.64 10.31 -20.20
C ARG A 1209 -35.34 9.96 -19.49
N LYS A 1210 -34.47 10.96 -19.31
CA LYS A 1210 -33.19 10.73 -18.63
C LYS A 1210 -33.41 10.25 -17.20
N PHE A 1211 -34.32 10.90 -16.47
CA PHE A 1211 -34.55 10.54 -15.09
C PHE A 1211 -35.14 9.14 -14.96
N GLN A 1212 -36.04 8.73 -15.86
CA GLN A 1212 -36.58 7.38 -15.74
C GLN A 1212 -35.53 6.35 -16.15
N ILE A 1213 -34.64 6.70 -17.08
CA ILE A 1213 -33.52 5.83 -17.38
C ILE A 1213 -32.69 5.59 -16.14
N LEU A 1214 -32.39 6.66 -15.40
CA LEU A 1214 -31.63 6.52 -14.16
C LEU A 1214 -32.40 5.68 -13.13
N ASN A 1215 -33.70 5.97 -12.97
CA ASN A 1215 -34.51 5.31 -11.96
C ASN A 1215 -34.65 3.81 -12.25
N ASP A 1216 -34.80 3.45 -13.53
CA ASP A 1216 -34.92 2.05 -13.89
C ASP A 1216 -33.66 1.27 -13.52
N GLU A 1217 -32.49 1.85 -13.82
CA GLU A 1217 -31.24 1.21 -13.46
C GLU A 1217 -31.10 1.07 -11.95
N ILE A 1218 -31.45 2.13 -11.21
CA ILE A 1218 -31.34 2.08 -9.75
C ILE A 1218 -32.26 1.01 -9.18
N ILE A 1219 -33.50 0.96 -9.67
CA ILE A 1219 -34.47 -0.02 -9.17
C ILE A 1219 -34.03 -1.43 -9.52
N THR A 1220 -33.50 -1.62 -10.73
CA THR A 1220 -33.02 -2.94 -11.12
C THR A 1220 -31.88 -3.39 -10.22
N ILE A 1221 -30.95 -2.47 -9.92
CA ILE A 1221 -29.84 -2.82 -9.02
C ILE A 1221 -30.35 -3.18 -7.65
N LEU A 1222 -31.29 -2.38 -7.12
CA LEU A 1222 -31.83 -2.65 -5.80
C LEU A 1222 -32.55 -3.99 -5.75
N ASP A 1223 -33.35 -4.30 -6.78
CA ASP A 1223 -34.05 -5.58 -6.82
C ASP A 1223 -33.07 -6.74 -6.92
N LYS A 1224 -32.03 -6.59 -7.74
CA LYS A 1224 -31.03 -7.65 -7.85
C LYS A 1224 -30.35 -7.90 -6.52
N TYR A 1225 -30.15 -6.90 -5.66
CA TYR A 1225 -29.54 -7.13 -4.32
C TYR A 1225 -30.51 -7.81 -3.35
N LEU A 1226 -31.80 -7.47 -3.33
CA LEU A 1226 -32.77 -8.01 -2.33
C LEU A 1226 -33.12 -9.47 -2.62
N LYS A 1227 -33.23 -9.85 -3.90
CA LYS A 1227 -33.59 -11.24 -4.29
C LYS A 1227 -32.35 -12.13 -4.28
N VAL A 1239 -49.66 -16.71 -2.52
CA VAL A 1239 -50.08 -15.36 -2.87
C VAL A 1239 -51.53 -15.15 -2.46
N ARG A 1240 -52.11 -14.03 -2.89
CA ARG A 1240 -53.49 -13.69 -2.58
C ARG A 1240 -54.40 -14.27 -3.65
N CYS A 1241 -55.34 -15.11 -3.23
CA CYS A 1241 -56.28 -15.75 -4.13
C CYS A 1241 -57.67 -15.17 -3.92
N PHE A 1242 -58.32 -14.79 -5.02
CA PHE A 1242 -59.66 -14.22 -4.98
C PHE A 1242 -60.71 -15.31 -5.19
N GLN A 1243 -61.97 -14.97 -4.85
CA GLN A 1243 -63.06 -15.91 -5.00
C GLN A 1243 -63.90 -15.57 -6.23
N PRO A 1244 -64.44 -16.56 -6.93
CA PRO A 1244 -65.25 -16.28 -8.12
C PRO A 1244 -66.65 -15.84 -7.73
N PRO A 1245 -67.40 -15.25 -8.67
CA PRO A 1245 -68.78 -14.86 -8.36
C PRO A 1245 -69.65 -16.08 -8.06
N ILE A 1246 -70.66 -15.86 -7.21
CA ILE A 1246 -71.57 -16.90 -6.77
C ILE A 1246 -72.96 -16.59 -7.31
N HIS A 1247 -73.62 -17.61 -7.85
CA HIS A 1247 -74.96 -17.43 -8.40
C HIS A 1247 -75.93 -16.99 -7.31
N GLN A 1248 -76.89 -16.14 -7.70
CA GLN A 1248 -77.88 -15.63 -6.78
C GLN A 1248 -79.26 -16.19 -7.11
N GLN B 7 -78.75 -41.31 -40.64
CA GLN B 7 -78.75 -41.41 -39.19
C GLN B 7 -77.66 -40.52 -38.58
N PRO B 8 -78.04 -39.39 -37.98
CA PRO B 8 -77.01 -38.47 -37.46
C PRO B 8 -76.11 -39.11 -36.41
N SER B 9 -76.64 -40.06 -35.63
CA SER B 9 -75.82 -40.69 -34.60
C SER B 9 -74.65 -41.45 -35.21
N GLN B 10 -74.86 -42.14 -36.32
CA GLN B 10 -73.82 -42.92 -36.96
C GLN B 10 -72.89 -42.10 -37.84
N GLN B 11 -73.20 -40.84 -38.08
CA GLN B 11 -72.33 -40.00 -38.92
C GLN B 11 -70.97 -39.76 -38.27
N LYS B 12 -70.94 -39.50 -36.96
CA LYS B 12 -69.68 -39.24 -36.26
C LYS B 12 -68.92 -38.09 -36.89
N LEU B 13 -69.65 -37.03 -37.28
CA LEU B 13 -69.03 -35.91 -37.97
C LEU B 13 -67.88 -35.32 -37.15
N ALA B 14 -68.01 -35.30 -35.83
CA ALA B 14 -66.97 -34.73 -34.98
C ALA B 14 -65.65 -35.48 -35.16
N GLU B 15 -65.69 -36.81 -35.07
CA GLU B 15 -64.49 -37.61 -35.23
C GLU B 15 -63.90 -37.44 -36.63
N LYS B 16 -64.76 -37.46 -37.65
CA LYS B 16 -64.27 -37.29 -39.02
C LYS B 16 -63.52 -35.97 -39.16
N LEU B 17 -64.12 -34.88 -38.68
CA LEU B 17 -63.49 -33.56 -38.82
C LEU B 17 -62.20 -33.48 -38.03
N THR B 18 -62.20 -33.93 -36.77
CA THR B 18 -61.03 -33.79 -35.94
C THR B 18 -59.88 -34.69 -36.40
N ILE B 19 -60.17 -35.78 -37.10
CA ILE B 19 -59.12 -36.62 -37.65
C ILE B 19 -58.63 -36.08 -38.99
N LEU B 20 -59.54 -35.61 -39.83
CA LEU B 20 -59.15 -35.11 -41.14
C LEU B 20 -58.36 -33.82 -41.03
N ASN B 21 -58.63 -32.98 -40.02
CA ASN B 21 -57.82 -31.79 -39.83
C ASN B 21 -56.37 -32.16 -39.56
N ASP B 22 -56.13 -33.11 -38.65
CA ASP B 22 -54.78 -33.55 -38.36
C ASP B 22 -54.13 -34.19 -39.58
N ARG B 23 -54.89 -35.02 -40.31
CA ARG B 23 -54.35 -35.65 -41.50
C ARG B 23 -53.95 -34.61 -42.55
N GLY B 24 -54.78 -33.58 -42.73
CA GLY B 24 -54.45 -32.52 -43.67
C GLY B 24 -53.23 -31.73 -43.24
N VAL B 25 -53.10 -31.47 -41.93
CA VAL B 25 -51.91 -30.78 -41.43
C VAL B 25 -50.66 -31.62 -41.74
N GLY B 26 -50.73 -32.92 -41.48
CA GLY B 26 -49.59 -33.78 -41.78
C GLY B 26 -49.27 -33.81 -43.26
N MET B 27 -50.29 -33.89 -44.11
CA MET B 27 -50.06 -33.88 -45.55
C MET B 27 -49.43 -32.57 -45.99
N LEU B 28 -49.89 -31.44 -45.44
CA LEU B 28 -49.29 -30.16 -45.75
C LEU B 28 -47.81 -30.13 -45.36
N THR B 29 -47.50 -30.62 -44.16
CA THR B 29 -46.10 -30.65 -43.73
C THR B 29 -45.26 -31.51 -44.66
N ARG B 30 -45.77 -32.69 -45.02
CA ARG B 30 -45.01 -33.59 -45.89
C ARG B 30 -44.79 -32.98 -47.27
N LEU B 31 -45.83 -32.34 -47.83
CA LEU B 31 -45.67 -31.73 -49.15
C LEU B 31 -44.74 -30.53 -49.09
N TYR B 32 -44.78 -29.74 -48.01
CA TYR B 32 -43.82 -28.65 -47.87
C TYR B 32 -42.39 -29.17 -47.82
N ASN B 33 -42.16 -30.24 -47.05
CA ASN B 33 -40.83 -30.83 -46.99
C ASN B 33 -40.39 -31.34 -48.36
N ILE B 34 -41.29 -32.01 -49.08
CA ILE B 34 -40.96 -32.52 -50.40
C ILE B 34 -40.61 -31.36 -51.34
N LYS B 35 -41.40 -30.29 -51.31
CA LYS B 35 -41.14 -29.15 -52.18
C LYS B 35 -39.79 -28.52 -51.86
N LYS B 36 -39.49 -28.35 -50.57
CA LYS B 36 -38.21 -27.77 -50.20
C LYS B 36 -37.04 -28.66 -50.61
N ALA B 37 -37.20 -29.98 -50.46
CA ALA B 37 -36.15 -30.90 -50.88
C ALA B 37 -35.93 -30.85 -52.38
N CYS B 38 -37.01 -30.78 -53.16
CA CYS B 38 -36.93 -30.82 -54.61
C CYS B 38 -36.70 -29.46 -55.25
N GLY B 39 -36.71 -28.39 -54.46
CA GLY B 39 -36.53 -27.05 -55.02
C GLY B 39 -35.07 -26.68 -55.19
N ASP B 40 -34.31 -26.72 -54.11
CA ASP B 40 -32.89 -26.40 -54.20
C ASP B 40 -32.19 -27.45 -55.06
N PRO B 41 -31.23 -27.04 -55.90
CA PRO B 41 -30.54 -28.03 -56.75
C PRO B 41 -29.41 -28.73 -56.04
N LYS B 42 -29.66 -29.18 -54.80
CA LYS B 42 -28.67 -29.96 -54.06
C LYS B 42 -29.25 -31.18 -53.36
N ALA B 43 -30.53 -31.18 -52.97
CA ALA B 43 -31.14 -32.29 -52.26
C ALA B 43 -32.13 -33.09 -53.10
N LYS B 44 -32.48 -32.61 -54.29
CA LYS B 44 -33.40 -33.34 -55.13
C LYS B 44 -32.75 -34.63 -55.62
N PRO B 45 -33.55 -35.63 -56.00
CA PRO B 45 -32.96 -36.89 -56.49
C PRO B 45 -32.06 -36.64 -57.69
N SER B 46 -30.95 -37.39 -57.74
CA SER B 46 -30.00 -37.23 -58.82
C SER B 46 -30.62 -37.57 -60.17
N TYR B 47 -31.70 -38.35 -60.18
CA TYR B 47 -32.32 -38.76 -61.43
C TYR B 47 -32.95 -37.58 -62.17
N LEU B 48 -33.31 -36.52 -61.46
CA LEU B 48 -33.91 -35.34 -62.07
C LEU B 48 -32.89 -34.31 -62.53
N ILE B 49 -31.61 -34.50 -62.21
CA ILE B 49 -30.56 -33.56 -62.60
C ILE B 49 -29.54 -34.29 -63.47
N ASP B 50 -29.53 -35.61 -63.42
CA ASP B 50 -28.59 -36.38 -64.22
C ASP B 50 -28.85 -36.16 -65.70
N LYS B 51 -27.77 -36.09 -66.47
CA LYS B 51 -27.88 -35.73 -67.89
C LYS B 51 -28.40 -36.89 -68.72
N ASN B 52 -27.77 -38.06 -68.62
CA ASN B 52 -28.13 -39.17 -69.49
C ASN B 52 -29.57 -39.61 -69.28
N LEU B 53 -30.13 -39.33 -68.10
CA LEU B 53 -31.51 -39.69 -67.78
C LEU B 53 -32.48 -38.57 -68.11
N GLU B 54 -32.00 -37.45 -68.66
CA GLU B 54 -32.84 -36.31 -68.99
C GLU B 54 -33.85 -36.64 -70.09
N SER B 55 -33.44 -37.42 -71.09
CA SER B 55 -34.33 -37.73 -72.20
C SER B 55 -35.56 -38.50 -71.72
N ALA B 56 -35.36 -39.48 -70.83
CA ALA B 56 -36.48 -40.29 -70.35
C ALA B 56 -37.49 -39.43 -69.58
N VAL B 57 -36.99 -38.58 -68.68
CA VAL B 57 -37.89 -37.74 -67.90
C VAL B 57 -38.61 -36.75 -68.82
N LYS B 58 -37.91 -36.19 -69.80
CA LYS B 58 -38.55 -35.26 -70.73
C LYS B 58 -39.65 -35.95 -71.51
N PHE B 59 -39.38 -37.15 -72.03
CA PHE B 59 -40.39 -37.88 -72.78
C PHE B 59 -41.59 -38.22 -71.90
N ILE B 60 -41.34 -38.64 -70.66
CA ILE B 60 -42.43 -38.99 -69.76
C ILE B 60 -43.28 -37.76 -69.47
N VAL B 61 -42.64 -36.61 -69.25
CA VAL B 61 -43.38 -35.38 -68.98
C VAL B 61 -44.18 -34.99 -70.22
N ARG B 62 -43.65 -35.24 -71.42
CA ARG B 62 -44.37 -34.89 -72.64
C ARG B 62 -45.75 -35.55 -72.67
N LYS B 63 -45.84 -36.80 -72.21
CA LYS B 63 -47.10 -37.52 -72.11
C LYS B 63 -47.15 -38.18 -70.73
N PHE B 64 -47.63 -37.42 -69.74
CA PHE B 64 -47.68 -37.89 -68.36
C PHE B 64 -48.86 -38.84 -68.14
N PRO B 65 -50.09 -38.45 -68.51
CA PRO B 65 -51.24 -39.31 -68.19
C PRO B 65 -51.15 -40.70 -68.80
N ALA B 66 -50.57 -40.81 -69.99
CA ALA B 66 -50.49 -42.09 -70.68
C ALA B 66 -49.13 -42.73 -70.49
N VAL B 67 -49.12 -44.04 -70.26
CA VAL B 67 -47.89 -44.81 -70.08
C VAL B 67 -47.78 -45.79 -71.23
N GLU B 68 -46.67 -45.71 -71.98
CA GLU B 68 -46.41 -46.61 -73.11
C GLU B 68 -44.95 -47.06 -73.02
N THR B 69 -44.68 -48.22 -72.41
CA THR B 69 -43.30 -48.79 -72.34
C THR B 69 -43.11 -49.88 -73.42
N ARG B 70 -44.16 -50.23 -74.18
CA ARG B 70 -44.12 -51.34 -75.17
C ARG B 70 -43.18 -51.06 -76.35
N ASN B 71 -43.21 -49.85 -76.94
CA ASN B 71 -42.39 -49.47 -78.12
C ASN B 71 -41.64 -48.19 -77.74
N ASN B 72 -40.56 -48.30 -76.97
CA ASN B 72 -39.89 -47.13 -76.41
C ASN B 72 -38.88 -46.51 -77.37
N ASN B 73 -38.53 -47.22 -78.46
CA ASN B 73 -37.60 -46.70 -79.45
C ASN B 73 -36.26 -46.36 -78.82
N GLN B 74 -35.73 -47.27 -78.00
CA GLN B 74 -34.43 -47.10 -77.37
C GLN B 74 -34.29 -45.72 -76.75
N GLN B 75 -35.32 -45.26 -76.03
CA GLN B 75 -35.27 -43.99 -75.33
C GLN B 75 -35.26 -44.15 -73.81
N LEU B 76 -35.85 -45.23 -73.30
CA LEU B 76 -35.84 -45.53 -71.87
C LEU B 76 -34.88 -46.67 -71.53
N ALA B 77 -33.89 -46.92 -72.38
CA ALA B 77 -32.94 -47.99 -72.12
C ALA B 77 -32.17 -47.75 -70.83
N GLN B 78 -31.77 -46.49 -70.59
CA GLN B 78 -31.04 -46.17 -69.36
C GLN B 78 -31.89 -46.46 -68.14
N LEU B 79 -33.17 -46.08 -68.19
CA LEU B 79 -34.07 -46.33 -67.07
C LEU B 79 -34.33 -47.82 -66.86
N GLN B 80 -34.11 -48.64 -67.89
CA GLN B 80 -34.41 -50.06 -67.79
C GLN B 80 -33.37 -50.84 -67.00
N LYS B 81 -32.19 -50.27 -66.74
CA LYS B 81 -31.14 -50.95 -66.01
C LYS B 81 -30.97 -50.43 -64.59
N GLU B 82 -31.84 -49.51 -64.15
CA GLU B 82 -31.77 -49.01 -62.79
C GLU B 82 -33.16 -48.86 -62.15
N LYS B 83 -34.17 -49.56 -62.67
CA LYS B 83 -35.51 -49.44 -62.12
C LYS B 83 -35.56 -49.80 -60.64
N SER B 84 -34.70 -50.72 -60.19
CA SER B 84 -34.67 -51.09 -58.79
C SER B 84 -34.33 -49.91 -57.89
N GLU B 85 -33.37 -49.08 -58.29
CA GLU B 85 -33.04 -47.88 -57.53
C GLU B 85 -34.13 -46.82 -57.61
N ILE B 86 -34.81 -46.71 -58.76
CA ILE B 86 -35.90 -45.73 -58.88
C ILE B 86 -37.05 -46.10 -57.94
N LEU B 87 -37.33 -47.40 -57.82
CA LEU B 87 -38.38 -47.88 -56.95
C LEU B 87 -37.96 -47.91 -55.48
N LYS B 88 -36.69 -47.61 -55.19
CA LYS B 88 -36.19 -47.62 -53.83
C LYS B 88 -35.99 -46.19 -53.33
N ASN B 89 -35.80 -45.25 -54.24
CA ASN B 89 -35.51 -43.86 -53.90
C ASN B 89 -36.74 -42.96 -54.00
N LEU B 90 -37.62 -43.20 -54.97
CA LEU B 90 -38.77 -42.33 -55.21
C LEU B 90 -40.06 -42.86 -54.60
N ALA B 91 -39.98 -43.91 -53.78
CA ALA B 91 -41.19 -44.48 -53.19
C ALA B 91 -41.88 -43.50 -52.26
N LEU B 92 -41.10 -42.76 -51.46
CA LEU B 92 -41.68 -41.88 -50.45
C LEU B 92 -42.56 -40.82 -51.08
N TYR B 93 -42.07 -40.17 -52.15
CA TYR B 93 -42.82 -39.08 -52.76
C TYR B 93 -44.10 -39.60 -53.39
N TYR B 94 -44.02 -40.71 -54.13
CA TYR B 94 -45.22 -41.26 -54.75
C TYR B 94 -46.23 -41.69 -53.71
N PHE B 95 -45.77 -42.29 -52.62
CA PHE B 95 -46.69 -42.70 -51.56
C PHE B 95 -47.31 -41.49 -50.88
N THR B 96 -46.56 -40.40 -50.72
CA THR B 96 -47.12 -39.17 -50.18
C THR B 96 -48.20 -38.62 -51.11
N PHE B 97 -47.96 -38.66 -52.43
CA PHE B 97 -48.98 -38.21 -53.36
C PHE B 97 -50.23 -39.08 -53.27
N VAL B 98 -50.05 -40.40 -53.13
CA VAL B 98 -51.20 -41.30 -52.99
C VAL B 98 -51.97 -40.97 -51.72
N ASP B 99 -51.25 -40.72 -50.62
CA ASP B 99 -51.92 -40.34 -49.37
C ASP B 99 -52.69 -39.03 -49.52
N VAL B 100 -52.12 -38.08 -50.25
CA VAL B 100 -52.80 -36.82 -50.50
C VAL B 100 -54.08 -37.05 -51.29
N MET B 101 -54.02 -37.92 -52.30
CA MET B 101 -55.22 -38.24 -53.07
C MET B 101 -56.28 -38.90 -52.20
N GLU B 102 -55.87 -39.82 -51.34
CA GLU B 102 -56.82 -40.47 -50.43
C GLU B 102 -57.45 -39.45 -49.49
N PHE B 103 -56.64 -38.52 -48.97
CA PHE B 103 -57.16 -37.48 -48.10
C PHE B 103 -58.17 -36.60 -48.85
N LYS B 104 -57.87 -36.26 -50.10
CA LYS B 104 -58.82 -35.48 -50.90
C LYS B 104 -60.13 -36.24 -51.07
N ASP B 105 -60.06 -37.53 -51.37
CA ASP B 105 -61.27 -38.32 -51.55
C ASP B 105 -62.09 -38.35 -50.26
N HIS B 106 -61.43 -38.57 -49.13
CA HIS B 106 -62.13 -38.60 -47.85
C HIS B 106 -62.76 -37.25 -47.53
N VAL B 107 -62.04 -36.16 -47.82
CA VAL B 107 -62.57 -34.82 -47.56
C VAL B 107 -63.80 -34.57 -48.42
N CYS B 108 -63.74 -34.97 -49.69
CA CYS B 108 -64.89 -34.81 -50.57
C CYS B 108 -66.09 -35.60 -50.06
N GLU B 109 -65.86 -36.84 -49.62
CA GLU B 109 -66.94 -37.66 -49.09
C GLU B 109 -67.56 -37.00 -47.86
N LEU B 110 -66.72 -36.49 -46.95
CA LEU B 110 -67.23 -35.85 -45.75
C LEU B 110 -68.01 -34.60 -46.09
N LEU B 111 -67.54 -33.81 -47.06
CA LEU B 111 -68.26 -32.60 -47.45
C LEU B 111 -69.62 -32.96 -48.07
N ASN B 112 -69.67 -34.01 -48.88
CA ASN B 112 -70.94 -34.45 -49.44
C ASN B 112 -71.89 -34.90 -48.32
N THR B 113 -71.37 -35.64 -47.35
CA THR B 113 -72.19 -36.08 -46.22
C THR B 113 -72.74 -34.88 -45.45
N ILE B 114 -71.90 -33.87 -45.22
CA ILE B 114 -72.34 -32.68 -44.50
C ILE B 114 -73.42 -31.96 -45.30
N ASP B 115 -73.22 -31.83 -46.61
CA ASP B 115 -74.21 -31.14 -47.44
C ASP B 115 -75.55 -31.86 -47.41
N VAL B 116 -75.54 -33.18 -47.55
CA VAL B 116 -76.79 -33.92 -47.49
C VAL B 116 -77.39 -33.92 -46.09
N CYS B 117 -76.58 -33.68 -45.06
CA CYS B 117 -77.08 -33.59 -43.69
C CYS B 117 -77.79 -32.28 -43.39
N GLN B 118 -77.54 -31.23 -44.18
CA GLN B 118 -78.15 -29.92 -43.96
C GLN B 118 -77.89 -29.43 -42.54
N VAL B 119 -76.60 -29.22 -42.26
CA VAL B 119 -76.17 -28.81 -40.93
C VAL B 119 -76.35 -27.30 -40.77
N PHE B 120 -76.47 -26.87 -39.53
CA PHE B 120 -76.61 -25.45 -39.18
C PHE B 120 -75.29 -24.94 -38.63
N PHE B 121 -74.79 -23.86 -39.20
CA PHE B 121 -73.49 -23.30 -38.85
C PHE B 121 -73.67 -21.89 -38.28
N ASP B 122 -73.06 -21.65 -37.11
CA ASP B 122 -73.07 -20.32 -36.51
C ASP B 122 -71.89 -20.26 -35.54
N ILE B 123 -70.91 -19.42 -35.84
CA ILE B 123 -69.69 -19.35 -35.06
C ILE B 123 -70.01 -19.00 -33.62
N THR B 124 -71.04 -18.17 -33.41
CA THR B 124 -71.39 -17.74 -32.07
C THR B 124 -72.20 -18.77 -31.29
N VAL B 125 -72.75 -19.78 -31.97
CA VAL B 125 -73.56 -20.80 -31.30
C VAL B 125 -72.74 -22.07 -31.16
N ASN B 126 -72.34 -22.66 -32.30
CA ASN B 126 -71.51 -23.85 -32.32
C ASN B 126 -70.16 -23.45 -32.90
N PHE B 127 -69.27 -22.97 -32.03
CA PHE B 127 -67.96 -22.51 -32.48
C PHE B 127 -67.13 -23.67 -33.01
N ASP B 128 -67.12 -24.80 -32.30
CA ASP B 128 -66.23 -25.90 -32.66
C ASP B 128 -66.55 -26.45 -34.04
N LEU B 129 -67.83 -26.66 -34.33
CA LEU B 129 -68.22 -27.29 -35.60
C LEU B 129 -67.86 -26.40 -36.78
N THR B 130 -68.25 -25.12 -36.72
CA THR B 130 -67.93 -24.21 -37.82
C THR B 130 -66.42 -24.03 -37.95
N LYS B 131 -65.71 -23.91 -36.83
CA LYS B 131 -64.26 -23.75 -36.89
C LYS B 131 -63.61 -24.95 -37.57
N ASN B 132 -64.02 -26.16 -37.18
CA ASN B 132 -63.44 -27.36 -37.78
C ASN B 132 -63.77 -27.44 -39.26
N TYR B 133 -65.01 -27.13 -39.64
CA TYR B 133 -65.40 -27.19 -41.04
C TYR B 133 -64.59 -26.23 -41.89
N LEU B 134 -64.49 -24.97 -41.45
CA LEU B 134 -63.73 -23.98 -42.19
C LEU B 134 -62.25 -24.33 -42.24
N ASP B 135 -61.70 -24.81 -41.11
CA ASP B 135 -60.29 -25.18 -41.10
C ASP B 135 -60.02 -26.34 -42.06
N LEU B 136 -60.92 -27.33 -42.11
CA LEU B 136 -60.74 -28.43 -43.04
C LEU B 136 -60.79 -27.95 -44.48
N ILE B 137 -61.75 -27.07 -44.79
CA ILE B 137 -61.85 -26.57 -46.17
C ILE B 137 -60.58 -25.80 -46.54
N ILE B 138 -60.10 -24.94 -45.64
CA ILE B 138 -58.92 -24.15 -45.94
C ILE B 138 -57.69 -25.04 -46.07
N THR B 139 -57.58 -26.06 -45.22
CA THR B 139 -56.46 -26.99 -45.32
C THR B 139 -56.49 -27.73 -46.65
N TYR B 140 -57.67 -28.16 -47.09
CA TYR B 140 -57.79 -28.83 -48.38
C TYR B 140 -57.36 -27.89 -49.51
N THR B 141 -57.84 -26.65 -49.48
CA THR B 141 -57.51 -25.70 -50.53
C THR B 141 -56.01 -25.43 -50.57
N THR B 142 -55.40 -25.17 -49.41
CA THR B 142 -53.98 -24.90 -49.35
C THR B 142 -53.16 -26.12 -49.78
N LEU B 143 -53.59 -27.32 -49.39
CA LEU B 143 -52.89 -28.53 -49.80
C LEU B 143 -52.91 -28.68 -51.32
N MET B 144 -54.08 -28.45 -51.93
CA MET B 144 -54.15 -28.56 -53.39
C MET B 144 -53.29 -27.50 -54.07
N ILE B 145 -53.32 -26.27 -53.55
CA ILE B 145 -52.50 -25.22 -54.15
C ILE B 145 -51.02 -25.55 -54.04
N LEU B 146 -50.59 -26.05 -52.87
CA LEU B 146 -49.20 -26.43 -52.68
C LEU B 146 -48.81 -27.56 -53.62
N LEU B 147 -49.69 -28.56 -53.78
CA LEU B 147 -49.41 -29.65 -54.70
C LEU B 147 -49.27 -29.13 -56.12
N SER B 148 -50.14 -28.22 -56.53
CA SER B 148 -50.05 -27.64 -57.86
C SER B 148 -48.75 -26.85 -58.05
N ARG B 149 -48.28 -26.23 -56.98
CA ARG B 149 -47.03 -25.45 -57.05
C ARG B 149 -45.77 -26.29 -57.30
N ILE B 150 -45.66 -27.44 -56.64
CA ILE B 150 -44.50 -28.32 -56.86
C ILE B 150 -44.35 -28.57 -58.35
N GLU B 151 -43.24 -28.16 -58.93
CA GLU B 151 -43.06 -28.29 -60.37
C GLU B 151 -42.80 -29.69 -60.89
N GLU B 152 -41.95 -30.44 -60.21
CA GLU B 152 -41.57 -31.76 -60.71
C GLU B 152 -42.31 -32.94 -60.09
N ARG B 153 -43.61 -32.83 -59.89
CA ARG B 153 -44.34 -34.00 -59.39
C ARG B 153 -44.60 -34.99 -60.51
N LYS B 154 -44.93 -34.48 -61.70
CA LYS B 154 -45.23 -35.35 -62.84
C LYS B 154 -44.05 -36.26 -63.15
N ALA B 155 -42.83 -35.71 -63.12
CA ALA B 155 -41.65 -36.51 -63.43
C ALA B 155 -41.50 -37.66 -62.43
N ILE B 156 -41.65 -37.36 -61.15
CA ILE B 156 -41.51 -38.40 -60.12
C ILE B 156 -42.56 -39.48 -60.31
N ILE B 157 -43.82 -39.06 -60.49
CA ILE B 157 -44.90 -40.04 -60.62
C ILE B 157 -44.67 -40.91 -61.84
N GLY B 158 -44.31 -40.30 -62.97
CA GLY B 158 -44.09 -41.07 -64.19
C GLY B 158 -42.93 -42.03 -64.07
N LEU B 159 -41.82 -41.57 -63.47
CA LEU B 159 -40.67 -42.44 -63.31
C LEU B 159 -41.02 -43.63 -62.43
N TYR B 160 -41.71 -43.38 -61.31
CA TYR B 160 -42.10 -44.48 -60.43
C TYR B 160 -43.02 -45.47 -61.14
N ASN B 161 -44.01 -44.96 -61.87
CA ASN B 161 -44.94 -45.84 -62.58
C ASN B 161 -44.20 -46.67 -63.63
N TYR B 162 -43.31 -46.03 -64.39
CA TYR B 162 -42.58 -46.75 -65.42
C TYR B 162 -41.68 -47.83 -64.83
N ALA B 163 -41.00 -47.51 -63.72
CA ALA B 163 -40.15 -48.50 -63.08
C ALA B 163 -40.98 -49.67 -62.55
N HIS B 164 -42.14 -49.37 -61.95
CA HIS B 164 -43.00 -50.43 -61.44
C HIS B 164 -43.50 -51.32 -62.57
N GLU B 165 -43.90 -50.71 -63.69
CA GLU B 165 -44.37 -51.50 -64.83
C GLU B 165 -43.23 -52.35 -65.39
N MET B 166 -42.03 -51.80 -65.49
CA MET B 166 -40.90 -52.55 -66.02
C MET B 166 -40.55 -53.73 -65.12
N THR B 167 -40.56 -53.54 -63.80
CA THR B 167 -40.18 -54.61 -62.89
C THR B 167 -41.27 -55.67 -62.73
N HIS B 168 -42.54 -55.27 -62.79
CA HIS B 168 -43.65 -56.19 -62.59
C HIS B 168 -44.50 -56.43 -63.83
N GLY B 169 -44.36 -55.62 -64.87
CA GLY B 169 -45.15 -55.78 -66.07
C GLY B 169 -46.51 -55.11 -66.04
N ALA B 170 -46.90 -54.51 -64.91
CA ALA B 170 -48.19 -53.84 -64.79
C ALA B 170 -47.99 -52.53 -64.05
N SER B 171 -48.79 -51.53 -64.40
CA SER B 171 -48.71 -50.24 -63.74
C SER B 171 -49.28 -50.33 -62.32
N ASP B 172 -48.95 -49.34 -61.51
CA ASP B 172 -49.42 -49.30 -60.13
C ASP B 172 -50.94 -49.21 -60.09
N ARG B 173 -51.53 -49.85 -59.08
CA ARG B 173 -52.98 -49.95 -59.01
C ARG B 173 -53.63 -48.57 -58.87
N GLU B 174 -53.06 -47.69 -58.04
CA GLU B 174 -53.62 -46.36 -57.83
C GLU B 174 -53.04 -45.31 -58.76
N TYR B 175 -52.16 -45.70 -59.68
CA TYR B 175 -51.55 -44.74 -60.58
C TYR B 175 -52.57 -43.98 -61.42
N PRO B 176 -53.54 -44.62 -62.08
CA PRO B 176 -54.43 -43.84 -62.98
C PRO B 176 -55.19 -42.73 -62.27
N ARG B 177 -55.68 -42.98 -61.06
CA ARG B 177 -56.44 -41.95 -60.35
C ARG B 177 -55.53 -40.78 -59.97
N LEU B 178 -54.31 -41.07 -59.49
CA LEU B 178 -53.37 -40.01 -59.15
C LEU B 178 -53.01 -39.19 -60.40
N GLY B 179 -52.79 -39.86 -61.52
CA GLY B 179 -52.50 -39.15 -62.75
C GLY B 179 -53.65 -38.28 -63.21
N GLN B 180 -54.87 -38.80 -63.10
CA GLN B 180 -56.04 -38.00 -63.45
C GLN B 180 -56.15 -36.76 -62.56
N MET B 181 -55.94 -36.94 -61.25
CA MET B 181 -55.99 -35.80 -60.34
C MET B 181 -54.93 -34.77 -60.70
N ILE B 182 -53.71 -35.24 -61.00
CA ILE B 182 -52.62 -34.31 -61.31
C ILE B 182 -52.92 -33.54 -62.60
N VAL B 183 -53.38 -34.25 -63.63
CA VAL B 183 -53.65 -33.59 -64.91
C VAL B 183 -54.90 -32.74 -64.85
N ASP B 184 -55.76 -32.95 -63.84
CA ASP B 184 -56.92 -32.09 -63.68
C ASP B 184 -56.59 -30.84 -62.89
N TYR B 185 -55.68 -30.95 -61.92
CA TYR B 185 -55.35 -29.85 -61.02
C TYR B 185 -54.11 -29.12 -61.53
N GLU B 186 -54.32 -28.24 -62.50
CA GLU B 186 -53.30 -27.28 -62.91
C GLU B 186 -53.59 -25.89 -62.37
N ASN B 187 -54.86 -25.53 -62.26
CA ASN B 187 -55.31 -24.28 -61.65
C ASN B 187 -56.33 -24.66 -60.58
N PRO B 188 -55.87 -25.08 -59.40
CA PRO B 188 -56.81 -25.68 -58.44
C PRO B 188 -57.97 -24.78 -58.08
N LEU B 189 -57.75 -23.47 -57.92
CA LEU B 189 -58.83 -22.58 -57.56
C LEU B 189 -59.89 -22.52 -58.66
N LYS B 190 -59.45 -22.48 -59.92
CA LYS B 190 -60.40 -22.42 -61.04
C LYS B 190 -61.30 -23.63 -61.08
N LYS B 191 -60.79 -24.81 -60.77
CA LYS B 191 -61.59 -26.03 -60.73
C LYS B 191 -62.44 -26.14 -59.48
N MET B 192 -61.94 -25.63 -58.34
CA MET B 192 -62.73 -25.68 -57.12
C MET B 192 -63.92 -24.72 -57.18
N MET B 193 -63.77 -23.59 -57.88
CA MET B 193 -64.91 -22.69 -58.04
C MET B 193 -66.09 -23.37 -58.72
N GLU B 194 -65.84 -24.44 -59.47
CA GLU B 194 -66.90 -25.23 -60.08
C GLU B 194 -67.24 -26.49 -59.29
N GLU B 195 -66.27 -27.07 -58.58
CA GLU B 195 -66.52 -28.28 -57.82
C GLU B 195 -67.26 -27.99 -56.51
N PHE B 196 -67.21 -26.75 -56.02
CA PHE B 196 -67.81 -26.39 -54.74
C PHE B 196 -69.23 -25.87 -54.88
N VAL B 197 -69.80 -25.91 -56.08
CA VAL B 197 -71.16 -25.41 -56.27
C VAL B 197 -72.15 -26.13 -55.37
N PRO B 198 -72.15 -27.47 -55.27
CA PRO B 198 -73.08 -28.11 -54.33
C PRO B 198 -72.89 -27.67 -52.89
N HIS B 199 -71.66 -27.38 -52.50
CA HIS B 199 -71.35 -26.97 -51.13
C HIS B 199 -71.48 -25.47 -50.91
N SER B 200 -71.92 -24.72 -51.94
CA SER B 200 -71.96 -23.27 -51.83
C SER B 200 -72.91 -22.81 -50.75
N LYS B 201 -74.08 -23.45 -50.63
CA LYS B 201 -75.05 -23.04 -49.61
C LYS B 201 -74.44 -23.16 -48.21
N SER B 202 -73.86 -24.32 -47.89
CA SER B 202 -73.27 -24.51 -46.58
C SER B 202 -72.10 -23.57 -46.36
N LEU B 203 -71.26 -23.38 -47.38
CA LEU B 203 -70.11 -22.51 -47.23
C LEU B 203 -70.54 -21.07 -46.94
N SER B 204 -71.54 -20.58 -47.66
CA SER B 204 -72.04 -19.23 -47.43
C SER B 204 -72.69 -19.11 -46.06
N ASP B 205 -73.46 -20.13 -45.65
CA ASP B 205 -74.08 -20.09 -44.33
C ASP B 205 -73.03 -20.02 -43.24
N ALA B 206 -71.96 -20.81 -43.36
CA ALA B 206 -70.89 -20.76 -42.37
C ALA B 206 -70.16 -19.42 -42.40
N LEU B 207 -69.89 -18.88 -43.59
CA LEU B 207 -69.15 -17.63 -43.71
C LEU B 207 -69.92 -16.45 -43.14
N ILE B 208 -71.22 -16.37 -43.43
CA ILE B 208 -72.01 -15.21 -43.00
C ILE B 208 -72.07 -15.07 -41.49
N SER B 209 -71.87 -16.15 -40.74
CA SER B 209 -71.92 -16.10 -39.29
C SER B 209 -70.76 -15.31 -38.69
N LEU B 210 -69.75 -14.97 -39.48
CA LEU B 210 -68.60 -14.21 -38.99
C LEU B 210 -68.84 -12.70 -39.01
N GLN B 211 -70.00 -12.26 -39.48
CA GLN B 211 -70.28 -10.83 -39.54
C GLN B 211 -70.32 -10.18 -38.16
N MET B 212 -70.52 -10.97 -37.11
CA MET B 212 -70.61 -10.45 -35.75
C MET B 212 -69.29 -10.51 -35.00
N VAL B 213 -68.22 -11.01 -35.63
CA VAL B 213 -66.93 -11.17 -34.95
C VAL B 213 -65.84 -10.46 -35.72
N TYR B 214 -65.67 -10.80 -37.00
CA TYR B 214 -64.54 -10.28 -37.76
C TYR B 214 -64.55 -8.76 -37.86
N PRO B 215 -65.63 -8.09 -38.26
CA PRO B 215 -65.56 -6.63 -38.42
C PRO B 215 -65.18 -5.90 -37.14
N ARG B 216 -65.60 -6.39 -35.98
CA ARG B 216 -65.27 -5.74 -34.72
C ARG B 216 -63.87 -6.09 -34.23
N ARG B 217 -63.23 -7.10 -34.81
CA ARG B 217 -61.88 -7.49 -34.43
C ARG B 217 -60.80 -6.90 -35.34
N ASN B 218 -61.19 -6.10 -36.33
CA ASN B 218 -60.26 -5.50 -37.27
C ASN B 218 -60.23 -3.98 -37.12
N LEU B 219 -60.54 -3.50 -35.92
CA LEU B 219 -60.56 -2.07 -35.65
C LEU B 219 -59.14 -1.51 -35.63
N SER B 220 -59.02 -0.23 -35.98
CA SER B 220 -57.74 0.44 -36.00
C SER B 220 -57.27 0.74 -34.58
N ALA B 221 -56.02 1.18 -34.46
CA ALA B 221 -55.46 1.49 -33.14
C ALA B 221 -56.23 2.61 -32.46
N ASP B 222 -56.81 3.53 -33.24
CA ASP B 222 -57.56 4.63 -32.64
C ASP B 222 -58.76 4.10 -31.86
N GLN B 223 -59.49 3.15 -32.42
CA GLN B 223 -60.63 2.57 -31.73
C GLN B 223 -60.20 1.87 -30.45
N TRP B 224 -59.10 1.11 -30.51
CA TRP B 224 -58.60 0.42 -29.32
C TRP B 224 -58.22 1.43 -28.24
N ARG B 225 -57.55 2.52 -28.62
CA ARG B 225 -57.19 3.54 -27.65
C ARG B 225 -58.44 4.18 -27.05
N ASN B 226 -59.45 4.45 -27.88
CA ASN B 226 -60.69 5.04 -27.38
C ASN B 226 -61.36 4.12 -26.37
N ALA B 227 -61.44 2.84 -26.71
CA ALA B 227 -62.10 1.85 -25.88
C ALA B 227 -61.22 1.37 -24.75
N GLN B 228 -59.97 1.84 -24.73
CA GLN B 228 -59.00 1.46 -23.69
C GLN B 228 -58.89 -0.05 -23.57
N LEU B 229 -58.73 -0.72 -24.70
CA LEU B 229 -58.65 -2.16 -24.74
C LEU B 229 -57.48 -2.71 -23.94
N LEU B 230 -57.74 -3.83 -23.27
CA LEU B 230 -56.77 -4.55 -22.45
C LEU B 230 -56.15 -3.73 -21.30
N SER B 231 -56.92 -2.86 -20.68
CA SER B 231 -56.39 -2.08 -19.56
C SER B 231 -57.08 -2.42 -18.25
N LEU B 232 -56.30 -2.96 -17.32
CA LEU B 232 -56.80 -3.32 -15.99
C LEU B 232 -57.19 -2.12 -15.14
N ILE B 233 -56.40 -1.05 -15.24
CA ILE B 233 -56.58 0.14 -14.43
C ILE B 233 -57.60 1.16 -14.95
N SER B 234 -58.21 0.89 -16.09
CA SER B 234 -59.20 1.82 -16.63
C SER B 234 -60.39 1.97 -15.68
N ALA B 235 -60.83 0.86 -15.10
CA ALA B 235 -61.94 0.86 -14.15
C ALA B 235 -61.56 0.01 -12.95
N PRO B 236 -60.95 0.65 -11.95
CA PRO B 236 -60.45 0.03 -10.70
C PRO B 236 -61.53 -0.56 -9.83
N SER B 237 -62.74 0.01 -9.84
CA SER B 237 -63.84 -0.53 -9.04
C SER B 237 -64.27 -1.91 -9.52
N THR B 238 -63.94 -2.29 -10.76
CA THR B 238 -64.33 -3.58 -11.33
C THR B 238 -63.14 -4.48 -11.57
N MET B 239 -62.02 -4.26 -10.86
CA MET B 239 -60.85 -5.11 -11.03
C MET B 239 -61.10 -6.55 -10.60
N LEU B 240 -61.96 -6.79 -9.62
CA LEU B 240 -62.28 -8.15 -9.18
C LEU B 240 -63.32 -8.83 -10.06
N ASN B 241 -64.03 -8.09 -10.89
CA ASN B 241 -65.03 -8.70 -11.76
C ASN B 241 -64.35 -9.54 -12.82
N PRO B 242 -64.73 -10.81 -13.00
CA PRO B 242 -64.08 -11.65 -14.01
C PRO B 242 -64.53 -11.27 -15.41
N ALA B 243 -63.57 -10.86 -16.24
CA ALA B 243 -63.88 -10.52 -17.63
C ALA B 243 -64.48 -11.74 -18.34
N GLN B 244 -65.58 -11.51 -19.05
CA GLN B 244 -66.28 -12.60 -19.72
C GLN B 244 -67.13 -12.03 -20.84
N SER B 245 -67.52 -12.92 -21.76
CA SER B 245 -68.36 -12.53 -22.88
C SER B 245 -69.16 -13.75 -23.32
N ASP B 246 -70.26 -13.48 -24.03
CA ASP B 246 -71.12 -14.56 -24.51
C ASP B 246 -70.40 -15.50 -25.46
N THR B 247 -69.39 -15.01 -26.19
CA THR B 247 -68.61 -15.81 -27.13
C THR B 247 -67.15 -15.71 -26.72
N MET B 248 -66.74 -16.53 -25.74
CA MET B 248 -65.36 -16.47 -25.28
C MET B 248 -64.37 -16.92 -26.34
N PRO B 249 -64.57 -18.04 -27.04
CA PRO B 249 -63.56 -18.47 -28.02
C PRO B 249 -63.30 -17.45 -29.12
N CYS B 250 -64.31 -16.71 -29.55
CA CYS B 250 -64.12 -15.76 -30.65
C CYS B 250 -63.23 -14.60 -30.24
N GLU B 251 -63.12 -14.31 -28.94
CA GLU B 251 -62.35 -13.17 -28.48
C GLU B 251 -60.88 -13.31 -28.86
N TYR B 252 -60.30 -14.49 -28.65
CA TYR B 252 -58.89 -14.73 -28.90
C TYR B 252 -58.64 -15.54 -30.16
N LEU B 253 -59.66 -15.73 -30.99
CA LEU B 253 -59.48 -16.48 -32.22
C LEU B 253 -58.53 -15.75 -33.16
N SER B 254 -57.68 -16.52 -33.84
CA SER B 254 -56.66 -15.94 -34.70
C SER B 254 -57.29 -15.08 -35.79
N LEU B 255 -56.71 -13.90 -36.00
CA LEU B 255 -57.22 -13.00 -37.03
C LEU B 255 -56.83 -13.48 -38.42
N ASP B 256 -55.62 -14.00 -38.59
CA ASP B 256 -55.21 -14.52 -39.89
C ASP B 256 -56.08 -15.70 -40.29
N ALA B 257 -56.51 -16.50 -39.32
CA ALA B 257 -57.42 -17.60 -39.63
C ALA B 257 -58.73 -17.08 -40.20
N MET B 258 -59.29 -16.03 -39.59
CA MET B 258 -60.51 -15.43 -40.13
C MET B 258 -60.26 -14.85 -41.52
N GLU B 259 -59.10 -14.21 -41.71
CA GLU B 259 -58.77 -13.65 -43.01
C GLU B 259 -58.77 -14.73 -44.09
N LYS B 260 -58.05 -15.82 -43.85
CA LYS B 260 -58.00 -16.90 -44.83
C LYS B 260 -59.38 -17.51 -45.03
N TRP B 261 -60.11 -17.76 -43.94
CA TRP B 261 -61.47 -18.28 -44.06
C TRP B 261 -62.28 -17.42 -45.02
N ILE B 262 -62.37 -16.13 -44.73
CA ILE B 262 -63.22 -15.24 -45.53
C ILE B 262 -62.78 -15.25 -46.98
N ILE B 263 -61.49 -15.03 -47.22
CA ILE B 263 -61.01 -14.87 -48.60
C ILE B 263 -61.25 -16.14 -49.40
N PHE B 264 -60.78 -17.27 -48.88
CA PHE B 264 -60.86 -18.51 -49.65
C PHE B 264 -62.31 -18.96 -49.80
N GLY B 265 -63.12 -18.85 -48.74
CA GLY B 265 -64.49 -19.28 -48.84
C GLY B 265 -65.28 -18.46 -49.84
N PHE B 266 -65.12 -17.12 -49.80
CA PHE B 266 -65.85 -16.28 -50.74
C PHE B 266 -65.28 -16.37 -52.15
N ILE B 267 -64.02 -16.80 -52.33
CA ILE B 267 -63.54 -17.12 -53.66
C ILE B 267 -64.21 -18.39 -54.18
N LEU B 268 -64.33 -19.40 -53.31
CA LEU B 268 -64.97 -20.65 -53.72
C LEU B 268 -66.45 -20.45 -53.99
N CYS B 269 -67.14 -19.70 -53.13
CA CYS B 269 -68.59 -19.48 -53.25
C CYS B 269 -68.89 -18.12 -53.87
N HIS B 270 -68.09 -17.71 -54.86
CA HIS B 270 -68.24 -16.42 -55.50
C HIS B 270 -69.67 -16.15 -55.98
N GLY B 271 -70.49 -17.19 -56.13
CA GLY B 271 -71.84 -16.98 -56.61
C GLY B 271 -72.65 -16.04 -55.73
N ILE B 272 -72.55 -16.22 -54.41
CA ILE B 272 -73.34 -15.40 -53.49
C ILE B 272 -72.86 -13.95 -53.51
N LEU B 273 -71.58 -13.72 -53.84
CA LEU B 273 -71.03 -12.37 -53.79
C LEU B 273 -71.87 -11.40 -54.63
N ASN B 274 -72.38 -11.86 -55.77
CA ASN B 274 -73.22 -11.00 -56.61
C ASN B 274 -74.57 -10.71 -55.98
N THR B 275 -75.10 -11.64 -55.18
CA THR B 275 -76.45 -11.50 -54.64
C THR B 275 -76.44 -10.84 -53.27
N ASP B 276 -75.74 -11.43 -52.30
CA ASP B 276 -75.72 -10.87 -50.96
C ASP B 276 -74.88 -9.61 -50.91
N ALA B 277 -75.28 -8.70 -50.01
CA ALA B 277 -74.56 -7.45 -49.80
C ALA B 277 -73.59 -7.52 -48.62
N THR B 278 -73.98 -8.18 -47.53
CA THR B 278 -73.07 -8.33 -46.40
C THR B 278 -71.83 -9.13 -46.79
N ALA B 279 -72.01 -10.17 -47.60
CA ALA B 279 -70.88 -10.97 -48.04
C ALA B 279 -69.89 -10.13 -48.84
N LEU B 280 -70.39 -9.28 -49.74
CA LEU B 280 -69.51 -8.43 -50.53
C LEU B 280 -68.73 -7.46 -49.65
N ASN B 281 -69.40 -6.84 -48.68
CA ASN B 281 -68.72 -5.92 -47.77
C ASN B 281 -67.66 -6.64 -46.95
N LEU B 282 -67.98 -7.83 -46.44
CA LEU B 282 -67.00 -8.59 -45.67
C LEU B 282 -65.80 -8.96 -46.52
N TRP B 283 -66.04 -9.40 -47.77
CA TRP B 283 -64.93 -9.75 -48.65
C TRP B 283 -64.07 -8.53 -48.97
N LYS B 284 -64.70 -7.37 -49.20
CA LYS B 284 -63.93 -6.17 -49.48
C LYS B 284 -63.08 -5.76 -48.27
N LEU B 285 -63.67 -5.84 -47.07
CA LEU B 285 -62.90 -5.51 -45.87
C LEU B 285 -61.75 -6.49 -45.69
N ALA B 286 -61.98 -7.77 -45.96
CA ALA B 286 -60.92 -8.77 -45.86
C ALA B 286 -59.79 -8.46 -46.83
N LEU B 287 -60.14 -8.13 -48.08
CA LEU B 287 -59.12 -7.82 -49.08
C LEU B 287 -58.34 -6.58 -48.72
N GLN B 288 -59.01 -5.55 -48.19
CA GLN B 288 -58.35 -4.30 -47.87
C GLN B 288 -57.39 -4.42 -46.69
N SER B 289 -57.47 -5.49 -45.91
CA SER B 289 -56.67 -5.63 -44.69
C SER B 289 -55.39 -6.41 -44.90
N SER B 290 -55.13 -6.90 -46.11
CA SER B 290 -53.92 -7.68 -46.37
C SER B 290 -53.62 -7.65 -47.86
N SER B 291 -52.39 -8.04 -48.19
CA SER B 291 -51.94 -8.12 -49.57
C SER B 291 -51.39 -9.49 -49.96
N CYS B 292 -51.18 -10.39 -49.00
CA CYS B 292 -50.66 -11.71 -49.31
C CYS B 292 -50.93 -12.62 -48.11
N LEU B 293 -51.45 -13.81 -48.38
CA LEU B 293 -51.74 -14.78 -47.33
C LEU B 293 -50.54 -15.69 -47.11
N SER B 294 -50.72 -16.73 -46.30
CA SER B 294 -49.67 -17.70 -46.01
C SER B 294 -50.28 -19.10 -46.10
N LEU B 295 -50.05 -19.77 -47.22
CA LEU B 295 -50.55 -21.13 -47.39
C LEU B 295 -49.96 -22.05 -46.33
N PHE B 296 -48.67 -21.89 -46.04
CA PHE B 296 -47.99 -22.66 -45.01
C PHE B 296 -46.93 -21.74 -44.40
N ARG B 297 -46.02 -22.29 -43.59
CA ARG B 297 -45.06 -21.47 -42.87
C ARG B 297 -44.37 -20.47 -43.79
N ASP B 298 -43.67 -20.97 -44.81
CA ASP B 298 -42.89 -20.11 -45.70
C ASP B 298 -43.63 -19.73 -46.97
N GLU B 299 -44.59 -20.55 -47.41
CA GLU B 299 -45.32 -20.27 -48.64
C GLU B 299 -46.28 -19.11 -48.44
N VAL B 300 -46.43 -18.31 -49.50
CA VAL B 300 -47.34 -17.19 -49.53
C VAL B 300 -48.15 -17.23 -50.83
N PHE B 301 -49.29 -16.58 -50.81
CA PHE B 301 -50.20 -16.58 -51.95
C PHE B 301 -50.73 -15.16 -52.17
N HIS B 302 -50.41 -14.59 -53.32
CA HIS B 302 -50.96 -13.28 -53.67
C HIS B 302 -52.46 -13.38 -53.90
N ILE B 303 -53.20 -12.36 -53.46
CA ILE B 303 -54.66 -12.42 -53.44
C ILE B 303 -55.24 -11.69 -54.64
N HIS B 304 -54.95 -10.39 -54.75
CA HIS B 304 -55.65 -9.57 -55.72
C HIS B 304 -55.39 -10.02 -57.15
N LYS B 305 -54.13 -10.31 -57.49
CA LYS B 305 -53.83 -10.74 -58.86
C LYS B 305 -54.53 -12.05 -59.19
N ALA B 306 -54.43 -13.04 -58.28
CA ALA B 306 -55.07 -14.32 -58.52
C ALA B 306 -56.59 -14.18 -58.61
N ALA B 307 -57.18 -13.37 -57.72
CA ALA B 307 -58.62 -13.16 -57.76
C ALA B 307 -59.05 -12.52 -59.06
N GLU B 308 -58.30 -11.51 -59.52
CA GLU B 308 -58.63 -10.88 -60.80
C GLU B 308 -58.51 -11.87 -61.96
N ASP B 309 -57.46 -12.70 -61.94
CA ASP B 309 -57.29 -13.68 -63.00
C ASP B 309 -58.43 -14.68 -63.03
N LEU B 310 -58.86 -15.14 -61.85
CA LEU B 310 -59.94 -16.12 -61.79
C LEU B 310 -61.26 -15.53 -62.26
N PHE B 311 -61.56 -14.30 -61.87
CA PHE B 311 -62.86 -13.69 -62.10
C PHE B 311 -62.98 -13.04 -63.48
N VAL B 312 -61.88 -12.93 -64.23
CA VAL B 312 -61.93 -12.26 -65.53
C VAL B 312 -62.75 -13.08 -66.52
N ASN B 313 -62.63 -14.41 -66.47
CA ASN B 313 -63.30 -15.26 -67.44
C ASN B 313 -64.80 -15.34 -67.19
N ILE B 314 -65.25 -14.96 -65.99
CA ILE B 314 -66.66 -15.09 -65.66
C ILE B 314 -67.46 -14.02 -66.44
N ARG B 315 -68.74 -14.30 -66.63
CA ARG B 315 -69.59 -13.46 -67.47
C ARG B 315 -69.73 -12.04 -66.92
N GLY B 316 -70.34 -11.90 -65.75
CA GLY B 316 -70.70 -10.59 -65.23
C GLY B 316 -70.03 -10.23 -63.93
N TYR B 317 -68.73 -10.50 -63.80
CA TYR B 317 -67.98 -10.22 -62.59
C TYR B 317 -67.04 -9.02 -62.76
N ASN B 318 -67.36 -8.12 -63.69
CA ASN B 318 -66.53 -6.94 -63.89
C ASN B 318 -66.54 -6.05 -62.64
N LYS B 319 -67.70 -5.90 -62.01
CA LYS B 319 -67.76 -5.13 -60.76
C LYS B 319 -66.87 -5.76 -59.69
N ARG B 320 -66.78 -7.09 -59.68
CA ARG B 320 -65.88 -7.75 -58.75
C ARG B 320 -64.42 -7.42 -59.05
N ILE B 321 -64.06 -7.34 -60.34
CA ILE B 321 -62.70 -6.95 -60.70
C ILE B 321 -62.41 -5.53 -60.23
N ASN B 322 -63.37 -4.62 -60.44
CA ASN B 322 -63.18 -3.24 -59.98
C ASN B 322 -63.03 -3.19 -58.47
N ASP B 323 -63.85 -3.95 -57.74
CA ASP B 323 -63.75 -3.97 -56.28
C ASP B 323 -62.41 -4.54 -55.84
N ILE B 324 -61.92 -5.56 -56.54
CA ILE B 324 -60.62 -6.14 -56.21
C ILE B 324 -59.53 -5.10 -56.41
N ARG B 325 -59.59 -4.35 -57.51
CA ARG B 325 -58.59 -3.32 -57.76
C ARG B 325 -58.62 -2.24 -56.69
N GLU B 326 -59.83 -1.79 -56.32
CA GLU B 326 -59.94 -0.77 -55.27
C GLU B 326 -59.42 -1.29 -53.94
N CYS B 327 -59.73 -2.55 -53.62
CA CYS B 327 -59.22 -3.14 -52.38
C CYS B 327 -57.71 -3.23 -52.40
N LYS B 328 -57.13 -3.61 -53.54
CA LYS B 328 -55.67 -3.65 -53.65
C LYS B 328 -55.07 -2.29 -53.41
N GLU B 329 -55.65 -1.25 -54.02
CA GLU B 329 -55.13 0.11 -53.83
C GLU B 329 -55.22 0.51 -52.37
N ALA B 330 -56.39 0.31 -51.75
CA ALA B 330 -56.56 0.71 -50.35
C ALA B 330 -55.60 -0.03 -49.45
N ALA B 331 -55.42 -1.34 -49.67
CA ALA B 331 -54.51 -2.11 -48.83
C ALA B 331 -53.08 -1.60 -48.98
N VAL B 332 -52.59 -1.51 -50.23
CA VAL B 332 -51.21 -1.08 -50.43
C VAL B 332 -51.02 0.34 -49.91
N SER B 333 -52.10 1.09 -49.77
CA SER B 333 -51.98 2.46 -49.26
C SER B 333 -51.92 2.50 -47.74
N HIS B 334 -52.78 1.74 -47.05
CA HIS B 334 -53.02 1.97 -45.64
C HIS B 334 -52.65 0.80 -44.72
N ALA B 335 -52.37 -0.40 -45.25
CA ALA B 335 -52.15 -1.55 -44.38
C ALA B 335 -50.91 -1.36 -43.52
N GLY B 336 -49.82 -0.84 -44.11
CA GLY B 336 -48.61 -0.65 -43.34
C GLY B 336 -48.81 0.30 -42.19
N SER B 337 -49.44 1.45 -42.45
CA SER B 337 -49.70 2.42 -41.39
C SER B 337 -50.61 1.84 -40.32
N MET B 338 -51.66 1.13 -40.74
CA MET B 338 -52.58 0.56 -39.76
C MET B 338 -51.87 -0.44 -38.86
N HIS B 339 -51.04 -1.31 -39.44
CA HIS B 339 -50.32 -2.28 -38.63
C HIS B 339 -49.27 -1.63 -37.75
N ARG B 340 -48.63 -0.56 -38.23
CA ARG B 340 -47.68 0.16 -37.40
C ARG B 340 -48.37 0.76 -36.17
N GLU B 341 -49.53 1.39 -36.37
CA GLU B 341 -50.26 1.94 -35.25
C GLU B 341 -50.72 0.83 -34.30
N ARG B 342 -51.17 -0.30 -34.86
CA ARG B 342 -51.58 -1.41 -34.01
C ARG B 342 -50.43 -1.91 -33.15
N ARG B 343 -49.25 -2.06 -33.75
CA ARG B 343 -48.08 -2.50 -32.98
C ARG B 343 -47.71 -1.47 -31.91
N LYS B 344 -47.77 -0.19 -32.26
CA LYS B 344 -47.43 0.85 -31.29
C LYS B 344 -48.37 0.80 -30.08
N PHE B 345 -49.67 0.66 -30.33
CA PHE B 345 -50.61 0.55 -29.22
C PHE B 345 -50.39 -0.72 -28.42
N LEU B 346 -50.17 -1.85 -29.12
CA LEU B 346 -50.05 -3.14 -28.45
C LEU B 346 -48.81 -3.19 -27.57
N ARG B 347 -47.73 -2.52 -27.97
CA ARG B 347 -46.52 -2.52 -27.15
C ARG B 347 -46.82 -1.99 -25.76
N SER B 348 -47.43 -0.79 -25.69
CA SER B 348 -47.75 -0.20 -24.39
C SER B 348 -48.82 -1.01 -23.67
N ALA B 349 -49.81 -1.51 -24.39
CA ALA B 349 -50.86 -2.31 -23.75
C ALA B 349 -50.26 -3.53 -23.06
N LEU B 350 -49.41 -4.27 -23.77
CA LEU B 350 -48.80 -5.45 -23.20
C LEU B 350 -47.86 -5.10 -22.06
N LYS B 351 -47.10 -4.00 -22.20
CA LYS B 351 -46.23 -3.58 -21.11
C LYS B 351 -47.04 -3.34 -19.84
N GLU B 352 -48.10 -2.54 -19.94
CA GLU B 352 -48.90 -2.23 -18.76
C GLU B 352 -49.55 -3.48 -18.19
N LEU B 353 -50.10 -4.33 -19.06
CA LEU B 353 -50.77 -5.54 -18.58
C LEU B 353 -49.79 -6.46 -17.85
N ALA B 354 -48.61 -6.67 -18.43
CA ALA B 354 -47.62 -7.52 -17.80
C ALA B 354 -47.16 -6.96 -16.46
N THR B 355 -46.92 -5.65 -16.40
CA THR B 355 -46.49 -5.04 -15.15
C THR B 355 -47.57 -5.19 -14.08
N VAL B 356 -48.82 -4.94 -14.44
CA VAL B 356 -49.91 -5.05 -13.48
C VAL B 356 -50.05 -6.48 -12.99
N LEU B 357 -49.98 -7.45 -13.90
CA LEU B 357 -50.10 -8.84 -13.50
C LEU B 357 -48.94 -9.26 -12.60
N SER B 358 -47.73 -8.81 -12.91
CA SER B 358 -46.59 -9.12 -12.05
C SER B 358 -46.79 -8.53 -10.65
N ASP B 359 -47.28 -7.29 -10.58
CA ASP B 359 -47.51 -6.67 -9.28
C ASP B 359 -48.59 -7.42 -8.50
N GLN B 360 -49.64 -7.87 -9.18
CA GLN B 360 -50.76 -8.57 -8.57
C GLN B 360 -50.99 -9.89 -9.32
N PRO B 361 -50.23 -10.93 -8.99
CA PRO B 361 -50.39 -12.20 -9.71
C PRO B 361 -51.78 -12.79 -9.58
N GLY B 362 -52.48 -12.53 -8.47
CA GLY B 362 -53.80 -13.10 -8.28
C GLY B 362 -54.84 -12.65 -9.30
N LEU B 363 -54.54 -11.57 -10.02
CA LEU B 363 -55.48 -11.06 -11.02
C LEU B 363 -55.54 -11.93 -12.27
N LEU B 364 -54.66 -12.93 -12.40
CA LEU B 364 -54.67 -13.75 -13.60
C LEU B 364 -55.99 -14.47 -13.78
N GLY B 365 -56.54 -15.02 -12.70
CA GLY B 365 -57.78 -15.75 -12.76
C GLY B 365 -58.91 -14.92 -13.35
N PRO B 366 -59.30 -13.86 -12.65
CA PRO B 366 -60.39 -13.02 -13.16
C PRO B 366 -60.11 -12.43 -14.53
N LYS B 367 -58.85 -12.09 -14.83
CA LYS B 367 -58.48 -11.46 -16.09
C LYS B 367 -57.66 -12.38 -16.98
N ALA B 368 -57.97 -13.69 -16.99
CA ALA B 368 -57.23 -14.61 -17.84
C ALA B 368 -57.44 -14.31 -19.31
N LEU B 369 -58.67 -13.96 -19.70
CA LEU B 369 -58.98 -13.75 -21.11
C LEU B 369 -58.12 -12.63 -21.70
N PHE B 370 -57.80 -11.61 -20.89
CA PHE B 370 -57.02 -10.50 -21.40
C PHE B 370 -55.63 -10.94 -21.84
N VAL B 371 -55.00 -11.83 -21.07
CA VAL B 371 -53.66 -12.30 -21.41
C VAL B 371 -53.68 -13.00 -22.76
N PHE B 372 -54.64 -13.89 -22.97
CA PHE B 372 -54.73 -14.62 -24.22
C PHE B 372 -55.09 -13.71 -25.40
N MET B 373 -55.99 -12.73 -25.19
CA MET B 373 -56.28 -11.80 -26.26
C MET B 373 -55.05 -11.00 -26.65
N ALA B 374 -54.30 -10.51 -25.66
CA ALA B 374 -53.08 -9.76 -25.95
C ALA B 374 -52.06 -10.62 -26.68
N LEU B 375 -51.89 -11.87 -26.23
CA LEU B 375 -50.94 -12.76 -26.89
C LEU B 375 -51.35 -13.02 -28.32
N SER B 376 -52.63 -13.29 -28.56
CA SER B 376 -53.10 -13.55 -29.92
C SER B 376 -52.90 -12.34 -30.82
N PHE B 377 -53.24 -11.15 -30.31
CA PHE B 377 -53.08 -9.94 -31.13
C PHE B 377 -51.61 -9.70 -31.46
N ALA B 378 -50.73 -9.83 -30.46
CA ALA B 378 -49.31 -9.62 -30.70
C ALA B 378 -48.76 -10.64 -31.69
N ARG B 379 -49.15 -11.91 -31.54
CA ARG B 379 -48.67 -12.94 -32.47
C ARG B 379 -49.16 -12.66 -33.88
N ASP B 380 -50.43 -12.27 -34.02
CA ASP B 380 -50.97 -11.97 -35.35
C ASP B 380 -50.20 -10.82 -35.99
N GLU B 381 -49.97 -9.75 -35.25
CA GLU B 381 -49.22 -8.63 -35.80
C GLU B 381 -47.81 -9.04 -36.17
N ILE B 382 -47.16 -9.84 -35.32
CA ILE B 382 -45.78 -10.24 -35.58
C ILE B 382 -45.71 -11.08 -36.86
N ILE B 383 -46.62 -12.05 -37.00
CA ILE B 383 -46.59 -12.91 -38.18
C ILE B 383 -46.92 -12.10 -39.43
N TRP B 384 -47.88 -11.18 -39.34
CA TRP B 384 -48.20 -10.35 -40.50
C TRP B 384 -46.99 -9.54 -40.94
N LEU B 385 -46.32 -8.88 -39.98
CA LEU B 385 -45.15 -8.08 -40.33
C LEU B 385 -44.05 -8.96 -40.91
N LEU B 386 -43.81 -10.12 -40.31
CA LEU B 386 -42.74 -10.99 -40.79
C LEU B 386 -43.01 -11.46 -42.21
N ARG B 387 -44.25 -11.84 -42.50
CA ARG B 387 -44.56 -12.35 -43.83
C ARG B 387 -44.64 -11.22 -44.87
N HIS B 388 -44.92 -10.00 -44.43
CA HIS B 388 -45.04 -8.90 -45.39
C HIS B 388 -43.72 -8.20 -45.66
N ALA B 389 -42.77 -8.28 -44.73
CA ALA B 389 -41.44 -7.68 -44.91
C ALA B 389 -40.71 -8.40 -46.05
N ASP B 390 -40.56 -9.73 -45.96
CA ASP B 390 -39.80 -10.53 -46.94
C ASP B 390 -40.41 -10.48 -48.34
N ASN B 391 -41.72 -10.62 -48.46
CA ASN B 391 -42.45 -10.61 -49.77
C ASN B 391 -43.01 -9.21 -49.99
N MET B 392 -43.77 -8.99 -51.07
CA MET B 392 -44.49 -7.70 -51.30
C MET B 392 -43.54 -6.51 -51.14
N PRO B 393 -42.41 -6.43 -51.87
CA PRO B 393 -41.47 -5.32 -51.69
C PRO B 393 -41.87 -4.07 -52.47
N LYS B 394 -43.00 -3.44 -52.12
CA LYS B 394 -43.45 -2.17 -52.75
C LYS B 394 -42.45 -1.08 -52.37
N LYS B 395 -42.00 -1.08 -51.11
CA LYS B 395 -40.98 -0.11 -50.61
C LYS B 395 -41.19 1.25 -51.30
N ASP B 398 -38.92 3.20 -44.00
CA ASP B 398 -40.14 2.50 -44.39
C ASP B 398 -40.85 1.94 -43.17
N ASP B 399 -42.17 1.76 -43.29
CA ASP B 399 -42.98 1.27 -42.19
C ASP B 399 -42.87 -0.24 -41.99
N PHE B 400 -42.24 -0.96 -42.91
CA PHE B 400 -42.12 -2.40 -42.81
C PHE B 400 -40.91 -2.84 -41.99
N ILE B 401 -40.06 -1.92 -41.56
CA ILE B 401 -38.94 -2.21 -40.69
C ILE B 401 -39.23 -1.58 -39.33
N ASP B 402 -39.39 -2.41 -38.31
CA ASP B 402 -39.71 -1.96 -36.96
C ASP B 402 -38.53 -2.27 -36.05
N LYS B 403 -38.09 -1.27 -35.29
CA LYS B 403 -36.96 -1.41 -34.39
C LYS B 403 -37.38 -1.81 -32.98
N HIS B 404 -38.68 -1.97 -32.73
CA HIS B 404 -39.19 -2.21 -31.38
C HIS B 404 -39.86 -3.57 -31.25
N ILE B 405 -39.66 -4.49 -32.20
CA ILE B 405 -40.28 -5.81 -32.11
C ILE B 405 -39.72 -6.58 -30.92
N ALA B 406 -38.47 -6.31 -30.55
CA ALA B 406 -37.86 -7.02 -29.43
C ALA B 406 -38.64 -6.79 -28.14
N GLU B 407 -39.09 -5.55 -27.90
CA GLU B 407 -39.88 -5.26 -26.72
C GLU B 407 -41.17 -6.06 -26.70
N LEU B 408 -41.84 -6.13 -27.85
CA LEU B 408 -43.09 -6.89 -27.93
C LEU B 408 -42.85 -8.36 -27.65
N ILE B 409 -41.80 -8.94 -28.24
CA ILE B 409 -41.51 -10.35 -28.01
C ILE B 409 -41.16 -10.59 -26.54
N PHE B 410 -40.40 -9.67 -25.95
CA PHE B 410 -40.03 -9.82 -24.54
C PHE B 410 -41.26 -9.79 -23.65
N TYR B 411 -42.21 -8.90 -23.95
CA TYR B 411 -43.44 -8.85 -23.14
C TYR B 411 -44.32 -10.07 -23.35
N MET B 412 -44.37 -10.61 -24.58
CA MET B 412 -45.09 -11.88 -24.77
C MET B 412 -44.44 -12.99 -23.97
N GLU B 413 -43.10 -13.04 -23.95
CA GLU B 413 -42.41 -14.04 -23.15
C GLU B 413 -42.68 -13.84 -21.66
N GLU B 414 -42.75 -12.60 -21.22
CA GLU B 414 -43.06 -12.31 -19.82
C GLU B 414 -44.46 -12.82 -19.47
N LEU B 415 -45.43 -12.59 -20.36
CA LEU B 415 -46.78 -13.08 -20.12
C LEU B 415 -46.80 -14.60 -20.09
N ARG B 416 -46.07 -15.25 -21.00
CA ARG B 416 -46.01 -16.71 -21.01
C ARG B 416 -45.42 -17.24 -19.70
N ALA B 417 -44.34 -16.61 -19.23
CA ALA B 417 -43.73 -17.03 -17.98
C ALA B 417 -44.67 -16.81 -16.80
N HIS B 418 -45.40 -15.70 -16.81
CA HIS B 418 -46.36 -15.45 -15.74
C HIS B 418 -47.45 -16.52 -15.72
N VAL B 419 -47.95 -16.90 -16.90
CA VAL B 419 -48.97 -17.94 -16.97
C VAL B 419 -48.40 -19.27 -16.48
N ARG B 420 -47.18 -19.60 -16.92
CA ARG B 420 -46.58 -20.88 -16.53
C ARG B 420 -46.36 -20.96 -15.02
N LYS B 421 -45.85 -19.88 -14.42
CA LYS B 421 -45.51 -19.91 -13.00
C LYS B 421 -46.75 -19.86 -12.11
N TYR B 422 -47.80 -19.18 -12.54
CA TYR B 422 -49.00 -18.95 -11.72
C TYR B 422 -50.18 -19.76 -12.23
N GLY B 423 -49.91 -21.00 -12.65
CA GLY B 423 -50.97 -21.90 -13.09
C GLY B 423 -51.91 -22.32 -11.97
N PRO B 424 -51.35 -22.67 -10.80
CA PRO B 424 -52.21 -23.17 -9.71
C PRO B 424 -53.32 -22.21 -9.29
N VAL B 425 -53.03 -20.90 -9.24
CA VAL B 425 -54.06 -19.95 -8.82
C VAL B 425 -55.20 -19.92 -9.83
N MET B 426 -54.87 -19.90 -11.12
CA MET B 426 -55.90 -19.94 -12.15
C MET B 426 -56.69 -21.23 -12.07
N GLN B 427 -56.01 -22.36 -11.84
CA GLN B 427 -56.69 -23.64 -11.73
C GLN B 427 -57.69 -23.62 -10.57
N ARG B 428 -57.26 -23.11 -9.42
CA ARG B 428 -58.15 -23.03 -8.26
C ARG B 428 -59.34 -22.14 -8.56
N TYR B 429 -59.10 -20.95 -9.12
CA TYR B 429 -60.18 -20.02 -9.40
C TYR B 429 -61.20 -20.63 -10.34
N TYR B 430 -60.74 -21.26 -11.42
CA TYR B 430 -61.65 -21.79 -12.42
C TYR B 430 -62.34 -23.07 -11.98
N VAL B 431 -61.69 -23.92 -11.18
CA VAL B 431 -62.39 -25.09 -10.65
C VAL B 431 -63.47 -24.64 -9.67
N GLN B 432 -63.17 -23.64 -8.85
CA GLN B 432 -64.20 -23.09 -7.96
C GLN B 432 -65.35 -22.51 -8.76
N TYR B 433 -65.04 -21.78 -9.85
CA TYR B 433 -66.09 -21.24 -10.71
C TYR B 433 -66.96 -22.36 -11.26
N LEU B 434 -66.34 -23.40 -11.80
CA LEU B 434 -67.11 -24.50 -12.40
C LEU B 434 -67.98 -25.18 -11.35
N SER B 435 -67.43 -25.40 -10.16
CA SER B 435 -68.19 -26.09 -9.12
C SER B 435 -69.29 -25.24 -8.52
N GLY B 436 -69.16 -23.91 -8.57
CA GLY B 436 -70.12 -23.06 -7.90
C GLY B 436 -71.19 -22.42 -8.78
N PHE B 437 -70.80 -21.88 -9.94
CA PHE B 437 -71.70 -21.11 -10.77
C PHE B 437 -72.16 -21.87 -12.02
N ASP B 438 -71.20 -22.33 -12.83
CA ASP B 438 -71.55 -23.00 -14.08
C ASP B 438 -72.35 -24.27 -13.83
N ALA B 439 -71.95 -25.05 -12.82
CA ALA B 439 -72.65 -26.30 -12.53
C ALA B 439 -74.11 -26.03 -12.20
N VAL B 440 -74.38 -25.10 -11.29
CA VAL B 440 -75.76 -24.82 -10.89
C VAL B 440 -76.55 -24.23 -12.05
N VAL B 441 -75.93 -23.32 -12.82
CA VAL B 441 -76.65 -22.69 -13.92
C VAL B 441 -77.05 -23.73 -14.96
N LEU B 442 -76.12 -24.61 -15.32
CA LEU B 442 -76.44 -25.64 -16.32
C LEU B 442 -77.45 -26.63 -15.76
N ASN B 443 -77.35 -26.97 -14.47
CA ASN B 443 -78.31 -27.90 -13.89
C ASN B 443 -79.72 -27.34 -13.93
N GLU B 444 -79.87 -26.06 -13.59
CA GLU B 444 -81.21 -25.45 -13.61
C GLU B 444 -81.69 -25.16 -15.02
N LEU B 445 -80.78 -24.95 -15.98
CA LEU B 445 -81.19 -24.72 -17.35
C LEU B 445 -81.61 -26.01 -18.06
N VAL B 446 -80.93 -27.12 -17.76
CA VAL B 446 -81.24 -28.39 -18.43
C VAL B 446 -82.67 -28.82 -18.10
N GLN B 447 -83.09 -28.64 -16.84
CA GLN B 447 -84.42 -29.03 -16.44
C GLN B 447 -85.51 -28.28 -17.20
N ASN B 448 -85.16 -27.14 -17.80
CA ASN B 448 -86.12 -26.32 -18.56
C ASN B 448 -86.16 -26.68 -20.03
N LEU B 449 -85.80 -27.91 -20.38
CA LEU B 449 -85.83 -28.38 -21.76
C LEU B 449 -87.12 -29.16 -22.00
N SER B 450 -87.78 -28.86 -23.12
CA SER B 450 -89.07 -29.50 -23.40
C SER B 450 -88.91 -31.01 -23.53
N VAL B 451 -87.91 -31.45 -24.28
CA VAL B 451 -87.66 -32.87 -24.49
C VAL B 451 -86.21 -33.06 -24.87
N CYS B 452 -85.64 -34.19 -24.46
CA CYS B 452 -84.24 -34.50 -24.74
C CYS B 452 -84.11 -35.99 -25.05
N PRO B 453 -83.48 -36.37 -26.17
CA PRO B 453 -83.26 -37.80 -26.43
C PRO B 453 -82.35 -38.44 -25.40
N GLU B 454 -82.16 -39.76 -25.50
CA GLU B 454 -81.37 -40.47 -24.49
C GLU B 454 -79.92 -39.99 -24.48
N ASP B 455 -79.27 -39.97 -25.65
CA ASP B 455 -77.84 -39.67 -25.69
C ASP B 455 -77.56 -38.26 -25.19
N GLU B 456 -78.35 -37.28 -25.62
CA GLU B 456 -78.13 -35.91 -25.17
C GLU B 456 -78.35 -35.79 -23.66
N SER B 457 -79.37 -36.46 -23.14
CA SER B 457 -79.60 -36.43 -21.70
C SER B 457 -78.41 -37.02 -20.94
N ILE B 458 -77.88 -38.15 -21.43
CA ILE B 458 -76.72 -38.74 -20.79
C ILE B 458 -75.53 -37.79 -20.85
N ILE B 459 -75.39 -37.08 -21.97
CA ILE B 459 -74.25 -36.16 -22.12
C ILE B 459 -74.34 -35.03 -21.11
N MET B 460 -75.51 -34.41 -20.99
CA MET B 460 -75.67 -33.33 -20.01
C MET B 460 -75.52 -33.85 -18.58
N SER B 461 -76.04 -35.06 -18.30
CA SER B 461 -75.88 -35.62 -16.96
C SER B 461 -74.40 -35.82 -16.64
N SER B 462 -73.63 -36.34 -17.60
CA SER B 462 -72.20 -36.52 -17.39
C SER B 462 -71.52 -35.18 -17.16
N PHE B 463 -71.87 -34.16 -17.95
CA PHE B 463 -71.29 -32.83 -17.77
C PHE B 463 -71.54 -32.32 -16.36
N VAL B 464 -72.79 -32.35 -15.92
CA VAL B 464 -73.13 -31.80 -14.62
C VAL B 464 -72.45 -32.59 -13.51
N ASN B 465 -72.46 -33.92 -13.61
CA ASN B 465 -71.83 -34.75 -12.59
C ASN B 465 -70.33 -34.47 -12.50
N THR B 466 -69.67 -34.35 -13.65
CA THR B 466 -68.23 -34.09 -13.66
C THR B 466 -67.94 -32.72 -13.05
N MET B 467 -68.70 -31.70 -13.44
CA MET B 467 -68.45 -30.36 -12.92
C MET B 467 -68.69 -30.31 -11.40
N THR B 468 -69.76 -30.96 -10.93
CA THR B 468 -70.03 -30.97 -9.50
C THR B 468 -68.99 -31.77 -8.72
N SER B 469 -68.45 -32.84 -9.31
CA SER B 469 -67.44 -33.64 -8.62
C SER B 469 -66.13 -32.88 -8.43
N LEU B 470 -65.88 -31.87 -9.25
CA LEU B 470 -64.65 -31.09 -9.11
C LEU B 470 -64.63 -30.36 -7.77
N SER B 471 -63.45 -30.36 -7.13
CA SER B 471 -63.26 -29.68 -5.86
C SER B 471 -61.91 -28.98 -5.86
N VAL B 472 -61.83 -27.87 -5.15
CA VAL B 472 -60.58 -27.12 -5.07
C VAL B 472 -59.49 -27.93 -4.39
N LYS B 473 -59.87 -28.89 -3.54
CA LYS B 473 -58.87 -29.68 -2.81
C LYS B 473 -57.95 -30.45 -3.74
N GLN B 474 -58.42 -30.79 -4.95
CA GLN B 474 -57.60 -31.59 -5.85
C GLN B 474 -56.52 -30.76 -6.53
N VAL B 475 -56.66 -29.43 -6.54
CA VAL B 475 -55.69 -28.61 -7.25
C VAL B 475 -54.36 -28.57 -6.50
N GLU B 476 -54.41 -28.40 -5.18
CA GLU B 476 -53.19 -28.16 -4.41
C GLU B 476 -52.43 -29.44 -4.07
N ASP B 477 -53.02 -30.62 -4.26
CA ASP B 477 -52.37 -31.87 -3.92
C ASP B 477 -51.69 -32.52 -5.12
N GLY B 478 -51.57 -31.80 -6.23
CA GLY B 478 -50.88 -32.30 -7.41
C GLY B 478 -51.73 -33.14 -8.34
N GLU B 479 -53.04 -33.25 -8.09
CA GLU B 479 -53.89 -34.03 -8.97
C GLU B 479 -53.92 -33.40 -10.36
N VAL B 480 -53.90 -34.26 -11.38
CA VAL B 480 -53.88 -33.84 -12.78
C VAL B 480 -55.26 -34.08 -13.36
N PHE B 481 -55.91 -33.01 -13.82
CA PHE B 481 -57.23 -33.12 -14.41
C PHE B 481 -57.13 -33.51 -15.88
N ASP B 482 -58.28 -33.94 -16.42
CA ASP B 482 -58.35 -34.33 -17.84
C ASP B 482 -59.79 -34.15 -18.29
N PHE B 483 -60.03 -33.16 -19.15
CA PHE B 483 -61.37 -32.84 -19.63
C PHE B 483 -61.48 -32.95 -21.14
N ARG B 484 -60.60 -33.74 -21.78
CA ARG B 484 -60.73 -33.96 -23.21
C ARG B 484 -62.06 -34.64 -23.53
N GLY B 485 -62.46 -35.61 -22.69
CA GLY B 485 -63.73 -36.27 -22.92
C GLY B 485 -64.90 -35.30 -22.88
N MET B 486 -64.85 -34.32 -21.98
CA MET B 486 -65.93 -33.33 -21.90
C MET B 486 -66.02 -32.52 -23.18
N ARG B 487 -64.88 -32.07 -23.69
CA ARG B 487 -64.89 -31.28 -24.93
C ARG B 487 -65.38 -32.13 -26.10
N LEU B 488 -64.93 -33.39 -26.17
CA LEU B 488 -65.38 -34.26 -27.27
C LEU B 488 -66.88 -34.52 -27.18
N ASP B 489 -67.40 -34.71 -25.97
CA ASP B 489 -68.83 -34.91 -25.80
C ASP B 489 -69.61 -33.66 -26.20
N TRP B 490 -69.10 -32.48 -25.84
CA TRP B 490 -69.77 -31.25 -26.26
C TRP B 490 -69.78 -31.10 -27.77
N PHE B 491 -68.65 -31.44 -28.42
CA PHE B 491 -68.61 -31.38 -29.87
C PHE B 491 -69.57 -32.39 -30.51
N ARG B 492 -69.68 -33.58 -29.93
CA ARG B 492 -70.64 -34.56 -30.41
C ARG B 492 -72.06 -34.04 -30.26
N LEU B 493 -72.35 -33.39 -29.14
CA LEU B 493 -73.67 -32.79 -28.94
C LEU B 493 -73.93 -31.71 -29.97
N GLN B 494 -72.93 -30.88 -30.26
CA GLN B 494 -73.05 -29.86 -31.29
C GLN B 494 -73.40 -30.48 -32.62
N ALA B 495 -72.68 -31.54 -32.99
CA ALA B 495 -72.95 -32.21 -34.26
C ALA B 495 -74.35 -32.80 -34.28
N TYR B 496 -74.77 -33.42 -33.18
CA TYR B 496 -76.09 -34.04 -33.14
C TYR B 496 -77.20 -33.01 -33.27
N THR B 497 -77.07 -31.87 -32.59
CA THR B 497 -78.12 -30.87 -32.54
C THR B 497 -78.03 -29.84 -33.66
N SER B 498 -76.96 -29.86 -34.46
CA SER B 498 -76.78 -28.89 -35.53
C SER B 498 -77.33 -29.39 -36.88
N VAL B 499 -77.83 -30.61 -36.95
CA VAL B 499 -78.34 -31.17 -38.19
C VAL B 499 -79.85 -31.00 -38.23
N SER B 500 -80.41 -31.02 -39.43
CA SER B 500 -81.84 -30.89 -39.60
C SER B 500 -82.56 -32.13 -39.04
N LYS B 501 -83.89 -32.06 -39.02
CA LYS B 501 -84.73 -33.15 -38.54
C LYS B 501 -84.28 -33.65 -37.18
N ALA B 502 -83.87 -32.71 -36.32
CA ALA B 502 -83.41 -33.01 -34.98
C ALA B 502 -84.46 -32.55 -33.96
N SER B 503 -84.77 -33.42 -33.01
CA SER B 503 -85.78 -33.08 -32.01
C SER B 503 -85.34 -31.88 -31.18
N LEU B 504 -84.08 -31.83 -30.79
CA LEU B 504 -83.52 -30.73 -30.00
C LEU B 504 -82.58 -29.94 -30.91
N GLY B 505 -83.13 -28.96 -31.61
CA GLY B 505 -82.33 -28.13 -32.50
C GLY B 505 -81.59 -27.05 -31.72
N LEU B 506 -80.34 -26.82 -32.13
CA LEU B 506 -79.51 -25.81 -31.47
C LEU B 506 -79.81 -24.40 -31.96
N ALA B 507 -80.56 -24.27 -33.07
CA ALA B 507 -80.90 -22.95 -33.58
C ALA B 507 -81.79 -22.16 -32.62
N ASP B 508 -82.61 -22.84 -31.83
CA ASP B 508 -83.48 -22.18 -30.86
C ASP B 508 -82.90 -22.15 -29.46
N HIS B 509 -81.65 -22.62 -29.28
CA HIS B 509 -81.00 -22.68 -27.98
C HIS B 509 -79.61 -22.06 -28.06
N ARG B 510 -79.51 -20.87 -28.65
CA ARG B 510 -78.22 -20.21 -28.81
C ARG B 510 -77.57 -19.92 -27.46
N GLU B 511 -78.38 -19.52 -26.47
CA GLU B 511 -77.84 -19.23 -25.14
C GLU B 511 -77.20 -20.48 -24.54
N LEU B 512 -77.79 -21.65 -24.76
CA LEU B 512 -77.20 -22.89 -24.27
C LEU B 512 -75.83 -23.11 -24.92
N GLY B 513 -75.72 -22.86 -26.22
CA GLY B 513 -74.44 -23.00 -26.87
C GLY B 513 -73.40 -22.03 -26.33
N LYS B 514 -73.82 -20.79 -26.08
CA LYS B 514 -72.90 -19.80 -25.51
C LYS B 514 -72.41 -20.24 -24.13
N MET B 515 -73.33 -20.72 -23.30
CA MET B 515 -72.94 -21.19 -21.97
C MET B 515 -71.99 -22.39 -22.07
N MET B 516 -72.26 -23.31 -22.99
CA MET B 516 -71.38 -24.46 -23.16
C MET B 516 -70.01 -24.03 -23.64
N ASN B 517 -69.95 -23.03 -24.53
CA ASN B 517 -68.65 -22.51 -24.97
C ASN B 517 -67.89 -21.90 -23.81
N THR B 518 -68.58 -21.14 -22.95
CA THR B 518 -67.94 -20.57 -21.78
C THR B 518 -67.41 -21.65 -20.85
N ILE B 519 -68.21 -22.70 -20.63
CA ILE B 519 -67.78 -23.80 -19.77
C ILE B 519 -66.57 -24.51 -20.38
N ILE B 520 -66.55 -24.67 -21.70
CA ILE B 520 -65.41 -25.31 -22.36
C ILE B 520 -64.17 -24.46 -22.21
N PHE B 521 -64.32 -23.13 -22.32
CA PHE B 521 -63.17 -22.25 -22.09
C PHE B 521 -62.67 -22.40 -20.66
N HIS B 522 -63.58 -22.47 -19.69
CA HIS B 522 -63.16 -22.66 -18.30
C HIS B 522 -62.41 -23.98 -18.13
N THR B 523 -62.92 -25.06 -18.73
CA THR B 523 -62.25 -26.35 -18.62
C THR B 523 -60.87 -26.31 -19.27
N LYS B 524 -60.77 -25.66 -20.43
CA LYS B 524 -59.48 -25.53 -21.10
C LYS B 524 -58.49 -24.78 -20.22
N MET B 525 -58.94 -23.72 -19.57
CA MET B 525 -58.09 -23.01 -18.62
C MET B 525 -57.68 -23.92 -17.48
N VAL B 526 -58.60 -24.73 -16.96
CA VAL B 526 -58.31 -25.57 -15.82
C VAL B 526 -57.24 -26.61 -16.18
N ASP B 527 -57.39 -27.27 -17.33
CA ASP B 527 -56.57 -28.44 -17.63
C ASP B 527 -55.67 -28.28 -18.85
N SER B 528 -55.78 -27.19 -19.61
CA SER B 528 -55.02 -27.07 -20.84
C SER B 528 -54.28 -25.75 -20.93
N LEU B 529 -53.60 -25.35 -19.85
CA LEU B 529 -52.87 -24.09 -19.85
C LEU B 529 -51.78 -24.10 -20.92
N VAL B 530 -50.99 -25.17 -20.98
CA VAL B 530 -49.89 -25.22 -21.93
C VAL B 530 -50.41 -25.29 -23.36
N GLU B 531 -51.46 -26.08 -23.60
CA GLU B 531 -52.02 -26.18 -24.94
C GLU B 531 -52.60 -24.85 -25.40
N MET B 532 -53.30 -24.15 -24.50
CA MET B 532 -53.81 -22.83 -24.85
C MET B 532 -52.67 -21.85 -25.13
N LEU B 533 -51.61 -21.90 -24.33
CA LEU B 533 -50.46 -21.04 -24.57
C LEU B 533 -49.85 -21.32 -25.94
N VAL B 534 -49.72 -22.59 -26.30
CA VAL B 534 -49.18 -22.93 -27.62
C VAL B 534 -50.10 -22.43 -28.71
N GLU B 535 -51.42 -22.61 -28.54
CA GLU B 535 -52.36 -22.20 -29.57
C GLU B 535 -52.34 -20.69 -29.77
N THR B 536 -52.15 -19.93 -28.68
CA THR B 536 -52.30 -18.48 -28.74
C THR B 536 -51.01 -17.75 -29.08
N SER B 537 -49.87 -18.22 -28.55
CA SER B 537 -48.62 -17.45 -28.62
C SER B 537 -47.46 -18.35 -29.07
N ASP B 538 -47.67 -19.08 -30.15
CA ASP B 538 -46.60 -19.86 -30.78
C ASP B 538 -45.98 -19.03 -31.90
N LEU B 539 -44.66 -18.85 -31.83
CA LEU B 539 -43.90 -18.09 -32.81
C LEU B 539 -42.80 -18.94 -33.42
N SER B 540 -43.12 -20.18 -33.77
CA SER B 540 -42.17 -21.06 -34.45
C SER B 540 -41.90 -20.61 -35.88
N ILE B 541 -42.67 -19.65 -36.40
CA ILE B 541 -42.47 -19.18 -37.77
C ILE B 541 -41.06 -18.61 -37.94
N PHE B 542 -40.49 -18.05 -36.86
CA PHE B 542 -39.17 -17.45 -36.97
C PHE B 542 -38.10 -18.47 -37.35
N CYS B 543 -38.35 -19.75 -37.07
CA CYS B 543 -37.38 -20.79 -37.42
C CYS B 543 -37.11 -20.84 -38.91
N PHE B 544 -38.12 -20.57 -39.74
CA PHE B 544 -37.98 -20.63 -41.20
C PHE B 544 -37.77 -19.25 -41.80
N TYR B 545 -37.51 -18.24 -40.98
CA TYR B 545 -37.14 -16.90 -41.41
C TYR B 545 -35.83 -16.49 -40.76
N SER B 546 -34.84 -17.39 -40.84
CA SER B 546 -33.60 -17.21 -40.09
C SER B 546 -32.91 -15.89 -40.46
N ARG B 547 -32.94 -15.52 -41.74
CA ARG B 547 -32.32 -14.27 -42.15
C ARG B 547 -32.99 -13.09 -41.45
N ALA B 548 -34.32 -13.05 -41.47
CA ALA B 548 -35.05 -11.96 -40.82
C ALA B 548 -34.82 -11.98 -39.32
N PHE B 549 -34.81 -13.17 -38.72
CA PHE B 549 -34.58 -13.28 -37.28
C PHE B 549 -33.21 -12.71 -36.90
N GLU B 550 -32.18 -13.08 -37.65
CA GLU B 550 -30.83 -12.60 -37.37
C GLU B 550 -30.75 -11.09 -37.60
N LYS B 551 -31.38 -10.58 -38.65
CA LYS B 551 -31.35 -9.15 -38.91
C LYS B 551 -32.02 -8.38 -37.76
N MET B 552 -33.18 -8.87 -37.30
CA MET B 552 -33.86 -8.23 -36.19
C MET B 552 -33.02 -8.29 -34.92
N PHE B 553 -32.37 -9.42 -34.66
CA PHE B 553 -31.50 -9.53 -33.49
C PHE B 553 -30.35 -8.53 -33.56
N GLN B 554 -29.71 -8.43 -34.71
CA GLN B 554 -28.60 -7.49 -34.87
C GLN B 554 -29.07 -6.05 -34.70
N GLN B 555 -30.23 -5.71 -35.27
CA GLN B 555 -30.77 -4.37 -35.12
C GLN B 555 -31.12 -4.07 -33.67
N CYS B 556 -31.62 -5.07 -32.94
CA CYS B 556 -31.91 -4.89 -31.52
C CYS B 556 -30.64 -4.65 -30.73
N LEU B 557 -29.57 -5.38 -31.04
CA LEU B 557 -28.32 -5.23 -30.29
C LEU B 557 -27.72 -3.84 -30.45
N GLU B 558 -27.73 -3.28 -31.66
CA GLU B 558 -27.06 -2.01 -31.92
C GLU B 558 -27.80 -0.81 -31.33
N LEU B 559 -29.02 -1.00 -30.81
CA LEU B 559 -29.74 0.07 -30.15
C LEU B 559 -29.62 -0.09 -28.64
N PRO B 560 -28.91 0.79 -27.93
CA PRO B 560 -28.81 0.63 -26.47
C PRO B 560 -30.16 0.62 -25.78
N SER B 561 -31.12 1.43 -26.24
CA SER B 561 -32.43 1.45 -25.62
C SER B 561 -33.15 0.12 -25.82
N GLN B 562 -33.05 -0.47 -27.01
CA GLN B 562 -33.72 -1.72 -27.31
C GLN B 562 -32.90 -2.94 -26.95
N SER B 563 -31.62 -2.77 -26.58
CA SER B 563 -30.82 -3.89 -26.13
C SER B 563 -31.33 -4.48 -24.82
N ARG B 564 -32.22 -3.77 -24.12
CA ARG B 564 -32.77 -4.29 -22.87
C ARG B 564 -33.58 -5.56 -23.10
N TYR B 565 -34.06 -5.78 -24.33
CA TYR B 565 -34.91 -6.91 -24.66
C TYR B 565 -34.24 -7.88 -25.63
N SER B 566 -32.91 -8.04 -25.51
CA SER B 566 -32.19 -8.93 -26.41
C SER B 566 -32.41 -10.40 -26.06
N ILE B 567 -32.83 -10.69 -24.83
CA ILE B 567 -33.05 -12.07 -24.40
C ILE B 567 -34.26 -12.70 -25.05
N ALA B 568 -35.11 -11.90 -25.71
CA ALA B 568 -36.33 -12.44 -26.30
C ALA B 568 -36.02 -13.47 -27.38
N PHE B 569 -35.02 -13.19 -28.23
CA PHE B 569 -34.73 -14.08 -29.35
C PHE B 569 -34.35 -15.48 -28.90
N PRO B 570 -33.39 -15.67 -27.98
CA PRO B 570 -33.13 -17.03 -27.49
C PRO B 570 -34.35 -17.67 -26.86
N LEU B 571 -35.18 -16.89 -26.18
CA LEU B 571 -36.43 -17.42 -25.66
C LEU B 571 -37.35 -17.86 -26.79
N LEU B 572 -37.40 -17.08 -27.87
CA LEU B 572 -38.19 -17.48 -29.03
C LEU B 572 -37.67 -18.79 -29.62
N CYS B 573 -36.36 -19.02 -29.53
CA CYS B 573 -35.80 -20.24 -30.08
C CYS B 573 -36.39 -21.49 -29.44
N THR B 574 -36.94 -21.37 -28.22
CA THR B 574 -37.56 -22.52 -27.56
C THR B 574 -38.84 -22.96 -28.25
N HIS B 575 -39.47 -22.08 -29.03
CA HIS B 575 -40.74 -22.41 -29.68
C HIS B 575 -40.57 -23.17 -30.98
N PHE B 576 -39.33 -23.46 -31.39
CA PHE B 576 -39.10 -24.07 -32.69
C PHE B 576 -39.73 -25.46 -32.78
N MET B 577 -39.63 -26.24 -31.71
CA MET B 577 -40.12 -27.62 -31.71
C MET B 577 -41.63 -27.74 -31.52
N SER B 578 -42.37 -26.63 -31.62
CA SER B 578 -43.82 -26.65 -31.53
C SER B 578 -44.50 -26.81 -32.88
N CYS B 579 -43.73 -26.85 -33.97
CA CYS B 579 -44.25 -26.96 -35.32
C CYS B 579 -43.97 -28.33 -35.95
N THR B 580 -43.51 -29.30 -35.16
CA THR B 580 -43.17 -30.63 -35.66
C THR B 580 -44.36 -31.56 -35.49
N HIS B 581 -44.70 -32.27 -36.56
CA HIS B 581 -45.84 -33.19 -36.57
C HIS B 581 -45.36 -34.62 -36.37
N GLU B 582 -46.29 -35.48 -35.96
CA GLU B 582 -46.00 -36.90 -35.77
C GLU B 582 -45.91 -37.66 -37.08
N LEU B 583 -46.42 -37.10 -38.18
CA LEU B 583 -46.41 -37.76 -39.47
C LEU B 583 -45.12 -37.50 -40.25
N CYS B 584 -44.22 -36.68 -39.72
CA CYS B 584 -42.96 -36.38 -40.39
C CYS B 584 -41.87 -36.12 -39.36
N PRO B 585 -41.32 -37.17 -38.74
CA PRO B 585 -40.28 -36.97 -37.71
C PRO B 585 -38.95 -36.51 -38.30
N GLU B 586 -38.82 -36.44 -39.62
CA GLU B 586 -37.54 -36.07 -40.22
C GLU B 586 -37.13 -34.66 -39.81
N GLU B 587 -38.10 -33.74 -39.73
CA GLU B 587 -37.80 -32.35 -39.44
C GLU B 587 -37.15 -32.20 -38.07
N ARG B 588 -37.62 -32.98 -37.09
CA ARG B 588 -37.26 -32.82 -35.68
C ARG B 588 -35.78 -32.50 -35.47
N HIS B 589 -34.89 -33.38 -35.97
CA HIS B 589 -33.47 -33.22 -35.69
C HIS B 589 -32.93 -31.92 -36.28
N HIS B 590 -33.25 -31.64 -37.54
CA HIS B 590 -32.73 -30.44 -38.19
C HIS B 590 -33.25 -29.18 -37.50
N ILE B 591 -34.53 -29.16 -37.14
CA ILE B 591 -35.10 -28.00 -36.47
C ILE B 591 -34.44 -27.80 -35.11
N GLY B 592 -34.23 -28.89 -34.37
CA GLY B 592 -33.57 -28.77 -33.08
C GLY B 592 -32.15 -28.25 -33.20
N ASP B 593 -31.40 -28.77 -34.18
CA ASP B 593 -30.04 -28.30 -34.39
C ASP B 593 -30.02 -26.82 -34.75
N ARG B 594 -30.93 -26.40 -35.63
CA ARG B 594 -30.98 -24.99 -36.01
C ARG B 594 -31.31 -24.11 -34.81
N SER B 595 -32.28 -24.55 -33.99
CA SER B 595 -32.64 -23.77 -32.82
C SER B 595 -31.47 -23.65 -31.85
N LEU B 596 -30.77 -24.76 -31.61
CA LEU B 596 -29.62 -24.73 -30.71
C LEU B 596 -28.54 -23.80 -31.25
N SER B 597 -28.25 -23.89 -32.54
CA SER B 597 -27.22 -23.03 -33.13
C SER B 597 -27.61 -21.57 -33.01
N LEU B 598 -28.87 -21.24 -33.31
CA LEU B 598 -29.31 -19.85 -33.23
C LEU B 598 -29.22 -19.33 -31.80
N CYS B 599 -29.66 -20.12 -30.83
CA CYS B 599 -29.60 -19.69 -29.44
C CYS B 599 -28.16 -19.47 -29.00
N ASN B 600 -27.27 -20.40 -29.35
CA ASN B 600 -25.87 -20.26 -28.99
C ASN B 600 -25.26 -19.02 -29.63
N MET B 601 -25.58 -18.76 -30.90
CA MET B 601 -25.05 -17.58 -31.57
C MET B 601 -25.55 -16.30 -30.92
N PHE B 602 -26.84 -16.26 -30.58
CA PHE B 602 -27.39 -15.07 -29.94
C PHE B 602 -26.72 -14.81 -28.60
N LEU B 603 -26.58 -15.85 -27.79
CA LEU B 603 -25.95 -15.68 -26.48
C LEU B 603 -24.49 -15.26 -26.62
N ASP B 604 -23.78 -15.86 -27.56
CA ASP B 604 -22.38 -15.49 -27.78
C ASP B 604 -22.26 -14.04 -28.24
N GLU B 605 -23.14 -13.59 -29.12
CA GLU B 605 -23.11 -12.20 -29.56
C GLU B 605 -23.40 -11.26 -28.41
N MET B 606 -24.37 -11.61 -27.56
CA MET B 606 -24.67 -10.77 -26.40
C MET B 606 -23.45 -10.68 -25.48
N ALA B 607 -22.80 -11.82 -25.22
CA ALA B 607 -21.61 -11.81 -24.38
C ALA B 607 -20.48 -10.98 -25.00
N LYS B 608 -20.30 -11.09 -26.31
CA LYS B 608 -19.26 -10.31 -26.98
C LYS B 608 -19.54 -8.82 -26.87
N GLN B 609 -20.79 -8.41 -27.07
CA GLN B 609 -21.14 -7.00 -26.92
C GLN B 609 -20.90 -6.53 -25.49
N ALA B 610 -21.28 -7.35 -24.51
CA ALA B 610 -21.08 -6.98 -23.12
C ALA B 610 -19.61 -6.80 -22.80
N ARG B 611 -18.76 -7.73 -23.26
CA ARG B 611 -17.34 -7.62 -22.95
C ARG B 611 -16.69 -6.46 -23.69
N ASN B 612 -17.16 -6.16 -24.91
CA ASN B 612 -16.65 -4.99 -25.63
C ASN B 612 -16.99 -3.70 -24.88
N LEU B 613 -18.24 -3.59 -24.40
CA LEU B 613 -18.62 -2.40 -23.63
C LEU B 613 -17.81 -2.32 -22.35
N ILE B 614 -17.59 -3.44 -21.68
CA ILE B 614 -16.84 -3.43 -20.43
C ILE B 614 -15.39 -3.03 -20.69
N THR B 615 -14.82 -3.49 -21.81
CA THR B 615 -13.46 -3.09 -22.16
C THR B 615 -13.38 -1.59 -22.44
N ASP B 616 -14.38 -1.05 -23.14
CA ASP B 616 -14.39 0.39 -23.38
C ASP B 616 -14.48 1.16 -22.08
N ILE B 617 -15.33 0.71 -21.16
CA ILE B 617 -15.47 1.38 -19.87
C ILE B 617 -14.16 1.29 -19.09
N CYS B 618 -13.50 0.14 -19.15
CA CYS B 618 -12.22 -0.02 -18.47
C CYS B 618 -11.17 0.93 -19.04
N THR B 619 -11.13 1.07 -20.37
CA THR B 619 -10.20 2.00 -20.99
C THR B 619 -10.48 3.43 -20.54
N GLU B 620 -11.76 3.81 -20.51
CA GLU B 620 -12.10 5.16 -20.05
C GLU B 620 -11.68 5.37 -18.61
N GLN B 621 -11.94 4.38 -17.74
CA GLN B 621 -11.56 4.51 -16.34
C GLN B 621 -10.06 4.61 -16.17
N CYS B 622 -9.29 3.82 -16.94
CA CYS B 622 -7.84 3.91 -16.87
C CYS B 622 -7.35 5.29 -17.33
N THR B 623 -7.96 5.81 -18.40
CA THR B 623 -7.59 7.14 -18.87
C THR B 623 -7.88 8.19 -17.80
N LEU B 624 -9.01 8.06 -17.11
CA LEU B 624 -9.32 8.99 -16.02
C LEU B 624 -8.31 8.85 -14.89
N SER B 625 -7.94 7.61 -14.55
CA SER B 625 -7.09 7.38 -13.38
C SER B 625 -5.66 7.83 -13.61
N ASP B 626 -5.14 7.66 -14.84
CA ASP B 626 -3.73 7.95 -15.09
C ASP B 626 -3.42 9.42 -14.83
N GLN B 627 -4.43 10.29 -14.86
CA GLN B 627 -4.21 11.71 -14.64
C GLN B 627 -3.76 12.01 -13.20
N LEU B 628 -3.99 11.09 -12.28
CA LEU B 628 -3.65 11.29 -10.87
C LEU B 628 -2.21 10.94 -10.54
N LEU B 629 -1.43 10.47 -11.52
CA LEU B 629 -0.07 10.06 -11.24
C LEU B 629 0.79 11.28 -10.90
N PRO B 630 1.85 11.09 -10.10
CA PRO B 630 2.63 12.25 -9.64
C PRO B 630 3.27 13.06 -10.77
N LYS B 631 3.56 12.44 -11.91
CA LYS B 631 4.33 13.13 -12.95
C LYS B 631 3.61 14.35 -13.49
N HIS B 632 2.29 14.46 -13.31
CA HIS B 632 1.54 15.58 -13.83
C HIS B 632 1.59 16.82 -12.93
N CYS B 633 2.22 16.72 -11.76
CA CYS B 633 2.30 17.82 -10.82
C CYS B 633 3.66 18.52 -10.84
N ALA B 634 4.49 18.23 -11.84
CA ALA B 634 5.79 18.88 -11.93
C ALA B 634 5.63 20.39 -12.12
N LYS B 635 4.73 20.80 -13.01
CA LYS B 635 4.55 22.24 -13.37
C LYS B 635 4.23 23.05 -12.11
N THR B 636 3.37 22.54 -11.23
CA THR B 636 2.94 23.26 -10.01
C THR B 636 4.15 23.44 -9.09
N ILE B 637 4.99 22.41 -8.91
CA ILE B 637 6.17 22.48 -8.01
C ILE B 637 7.13 23.51 -8.58
N SER B 638 7.34 23.48 -9.90
CA SER B 638 8.29 24.41 -10.58
C SER B 638 7.80 25.84 -10.45
N GLN B 639 6.50 26.09 -10.61
CA GLN B 639 5.96 27.47 -10.59
C GLN B 639 6.24 28.07 -9.21
N ALA B 640 5.99 27.33 -8.13
CA ALA B 640 6.23 27.82 -6.75
C ALA B 640 7.72 28.02 -6.48
N VAL B 641 8.58 27.06 -6.85
CA VAL B 641 10.05 27.11 -6.58
C VAL B 641 10.70 28.21 -7.41
N ASN B 642 10.30 28.39 -8.67
CA ASN B 642 10.93 29.36 -9.62
C ASN B 642 10.19 30.70 -9.57
N LYS B 643 9.14 30.80 -8.76
CA LYS B 643 8.42 32.10 -8.62
C LYS B 643 9.40 33.16 -8.15
N GLU B 658 -9.74 21.48 -15.71
CA GLU B 658 -8.56 20.77 -16.18
C GLU B 658 -8.12 19.76 -15.14
N LYS B 659 -8.13 20.17 -13.87
CA LYS B 659 -7.72 19.29 -12.79
C LYS B 659 -8.76 18.19 -12.58
N PRO B 660 -8.36 17.07 -11.97
CA PRO B 660 -9.31 15.98 -11.75
C PRO B 660 -10.49 16.43 -10.89
N GLY B 661 -11.65 15.85 -11.18
CA GLY B 661 -12.87 16.14 -10.43
C GLY B 661 -13.81 17.06 -11.18
N VAL B 662 -13.27 17.88 -12.07
CA VAL B 662 -14.11 18.78 -12.86
C VAL B 662 -14.98 18.02 -13.84
N GLU B 663 -14.47 16.94 -14.44
CA GLU B 663 -15.23 16.17 -15.41
C GLU B 663 -16.43 15.47 -14.80
N SER B 664 -16.49 15.33 -13.48
CA SER B 664 -17.59 14.65 -12.80
C SER B 664 -18.70 15.61 -12.38
N MET B 665 -18.58 16.89 -12.69
CA MET B 665 -19.61 17.86 -12.36
C MET B 665 -20.67 17.89 -13.45
N ARG B 666 -21.94 17.80 -13.06
CA ARG B 666 -23.05 17.73 -14.00
C ARG B 666 -23.79 19.07 -13.98
N LYS B 667 -23.40 19.96 -14.89
CA LYS B 667 -24.13 21.22 -15.04
C LYS B 667 -25.57 20.95 -15.50
N ASN B 668 -25.74 20.03 -16.44
CA ASN B 668 -27.06 19.63 -16.91
C ASN B 668 -26.99 18.19 -17.37
N ARG B 669 -28.15 17.53 -17.37
CA ARG B 669 -28.26 16.14 -17.78
C ARG B 669 -28.56 15.98 -19.27
N LEU B 670 -28.75 17.09 -20.00
CA LEU B 670 -29.01 17.01 -21.42
C LEU B 670 -27.74 16.81 -22.25
N VAL B 671 -26.56 16.98 -21.65
CA VAL B 671 -25.29 16.75 -22.32
C VAL B 671 -24.86 15.33 -21.99
N VAL B 672 -24.51 14.56 -23.02
CA VAL B 672 -24.15 13.15 -22.88
C VAL B 672 -22.69 12.98 -23.26
N THR B 673 -21.92 12.39 -22.36
CA THR B 673 -20.53 12.07 -22.62
C THR B 673 -20.44 10.64 -23.16
N ASN B 674 -19.23 10.08 -23.21
CA ASN B 674 -19.08 8.69 -23.62
C ASN B 674 -19.27 7.75 -22.43
N LEU B 675 -18.80 8.14 -21.25
CA LEU B 675 -18.87 7.25 -20.09
C LEU B 675 -20.32 6.94 -19.73
N ASP B 676 -21.18 7.96 -19.70
CA ASP B 676 -22.58 7.74 -19.34
C ASP B 676 -23.28 6.85 -20.37
N LYS B 677 -23.01 7.09 -21.65
CA LYS B 677 -23.62 6.25 -22.69
C LYS B 677 -23.18 4.80 -22.55
N LEU B 678 -21.89 4.58 -22.34
CA LEU B 678 -21.39 3.22 -22.16
C LEU B 678 -22.01 2.58 -20.92
N HIS B 679 -22.13 3.33 -19.83
CA HIS B 679 -22.72 2.80 -18.61
C HIS B 679 -24.17 2.40 -18.84
N THR B 680 -24.93 3.24 -19.53
CA THR B 680 -26.34 2.94 -19.80
C THR B 680 -26.46 1.70 -20.67
N ALA B 681 -25.65 1.61 -21.72
CA ALA B 681 -25.70 0.43 -22.58
C ALA B 681 -25.33 -0.83 -21.81
N LEU B 682 -24.29 -0.75 -20.97
CA LEU B 682 -23.89 -1.90 -20.16
C LEU B 682 -25.00 -2.31 -19.21
N SER B 683 -25.64 -1.36 -18.56
CA SER B 683 -26.71 -1.68 -17.63
C SER B 683 -27.87 -2.36 -18.35
N GLU B 684 -28.27 -1.82 -19.51
CA GLU B 684 -29.36 -2.43 -20.25
C GLU B 684 -29.01 -3.85 -20.69
N LEU B 685 -27.80 -4.04 -21.22
CA LEU B 685 -27.41 -5.36 -21.69
C LEU B 685 -27.30 -6.35 -20.55
N CYS B 686 -26.78 -5.92 -19.40
CA CYS B 686 -26.67 -6.81 -18.25
C CYS B 686 -28.05 -7.18 -17.73
N PHE B 687 -28.98 -6.23 -17.68
CA PHE B 687 -30.34 -6.55 -17.26
C PHE B 687 -30.96 -7.56 -18.22
N SER B 688 -30.74 -7.38 -19.52
CA SER B 688 -31.26 -8.34 -20.50
C SER B 688 -30.66 -9.72 -20.27
N ILE B 689 -29.35 -9.79 -20.00
CA ILE B 689 -28.70 -11.08 -19.80
C ILE B 689 -29.21 -11.75 -18.53
N ASN B 690 -29.31 -10.99 -17.44
CA ASN B 690 -29.70 -11.54 -16.15
C ASN B 690 -31.21 -11.68 -15.99
N TYR B 691 -31.98 -11.63 -17.08
CA TYR B 691 -33.43 -11.71 -16.98
C TYR B 691 -33.85 -13.06 -16.40
N VAL B 692 -33.26 -14.15 -16.88
CA VAL B 692 -33.64 -15.49 -16.45
C VAL B 692 -32.40 -16.26 -15.99
N PRO B 693 -32.49 -17.01 -14.90
CA PRO B 693 -31.30 -17.79 -14.48
C PRO B 693 -30.84 -18.78 -15.53
N ASN B 694 -31.77 -19.40 -16.26
CA ASN B 694 -31.42 -20.38 -17.28
C ASN B 694 -32.67 -20.68 -18.10
N MET B 695 -32.52 -21.58 -19.07
CA MET B 695 -33.61 -21.94 -19.96
C MET B 695 -33.32 -23.31 -20.57
N VAL B 696 -34.35 -23.93 -21.13
CA VAL B 696 -34.26 -25.25 -21.75
C VAL B 696 -34.69 -25.12 -23.20
N VAL B 697 -33.84 -25.58 -24.12
CA VAL B 697 -34.15 -25.60 -25.54
C VAL B 697 -33.91 -27.01 -26.05
N TRP B 698 -34.97 -27.65 -26.54
CA TRP B 698 -34.90 -29.02 -27.02
C TRP B 698 -34.26 -29.93 -25.97
N GLU B 699 -34.74 -29.80 -24.74
CA GLU B 699 -34.28 -30.59 -23.61
C GLU B 699 -32.83 -30.30 -23.22
N HIS B 700 -32.27 -29.23 -23.77
CA HIS B 700 -30.90 -28.82 -23.49
C HIS B 700 -30.87 -27.56 -22.63
N THR B 701 -30.38 -27.67 -21.40
CA THR B 701 -30.30 -26.50 -20.53
C THR B 701 -29.28 -25.49 -21.02
N PHE B 702 -29.61 -24.20 -20.92
CA PHE B 702 -28.73 -23.13 -21.35
C PHE B 702 -28.60 -22.07 -20.25
N THR B 703 -27.37 -21.62 -20.00
CA THR B 703 -27.13 -20.59 -18.99
C THR B 703 -26.47 -19.38 -19.67
N PRO B 704 -27.14 -18.22 -19.76
CA PRO B 704 -26.42 -17.10 -20.41
C PRO B 704 -25.25 -16.43 -19.61
N ARG B 705 -25.42 -16.43 -18.29
CA ARG B 705 -24.44 -15.82 -17.41
C ARG B 705 -23.08 -16.52 -17.50
N GLU B 706 -23.07 -17.84 -17.66
CA GLU B 706 -21.81 -18.58 -17.79
C GLU B 706 -21.04 -18.12 -19.03
N TYR B 707 -21.77 -17.89 -20.13
CA TYR B 707 -21.16 -17.41 -21.36
C TYR B 707 -20.51 -16.08 -21.08
N LEU B 708 -21.26 -15.21 -20.40
CA LEU B 708 -20.70 -13.89 -20.12
C LEU B 708 -19.43 -13.99 -19.27
N THR B 709 -19.45 -14.85 -18.25
CA THR B 709 -18.30 -14.99 -17.39
C THR B 709 -17.08 -15.49 -18.14
N SER B 710 -17.27 -16.47 -19.02
CA SER B 710 -16.13 -17.00 -19.76
C SER B 710 -15.54 -15.92 -20.65
N HIS B 711 -16.41 -15.17 -21.31
CA HIS B 711 -15.91 -14.12 -22.18
C HIS B 711 -15.13 -13.09 -21.38
N LEU B 712 -15.66 -12.71 -20.22
CA LEU B 712 -14.99 -11.73 -19.39
C LEU B 712 -13.62 -12.23 -18.97
N GLU B 713 -13.51 -13.48 -18.56
CA GLU B 713 -12.19 -13.95 -18.14
C GLU B 713 -11.19 -13.90 -19.28
N ILE B 714 -11.63 -14.34 -20.46
CA ILE B 714 -10.69 -14.33 -21.57
C ILE B 714 -10.24 -12.91 -21.90
N ARG B 715 -11.20 -12.00 -21.91
CA ARG B 715 -10.88 -10.62 -22.23
C ARG B 715 -9.95 -10.02 -21.22
N PHE B 716 -10.18 -10.31 -19.95
CA PHE B 716 -9.35 -9.76 -18.90
C PHE B 716 -7.93 -10.24 -19.07
N THR B 717 -7.75 -11.53 -19.36
CA THR B 717 -6.39 -12.02 -19.52
C THR B 717 -5.70 -11.33 -20.69
N LYS B 718 -6.42 -11.20 -21.80
CA LYS B 718 -5.82 -10.57 -22.96
C LYS B 718 -5.43 -9.13 -22.66
N SER B 719 -6.31 -8.41 -21.98
CA SER B 719 -6.06 -7.02 -21.64
C SER B 719 -4.87 -6.88 -20.73
N ILE B 720 -4.75 -7.77 -19.74
CA ILE B 720 -3.64 -7.68 -18.83
C ILE B 720 -2.35 -7.88 -19.60
N VAL B 721 -2.32 -8.86 -20.50
CA VAL B 721 -1.10 -9.06 -21.27
C VAL B 721 -0.76 -7.90 -22.20
N GLY B 722 -1.77 -7.29 -22.79
CA GLY B 722 -1.57 -6.19 -23.73
C GLY B 722 -1.19 -4.83 -23.19
N MET B 723 -1.41 -4.59 -21.90
CA MET B 723 -1.08 -3.33 -21.28
C MET B 723 0.39 -3.21 -20.91
N THR B 724 1.12 -4.33 -20.90
CA THR B 724 2.56 -4.26 -20.66
C THR B 724 3.28 -3.47 -21.73
N MET B 725 2.69 -3.34 -22.92
CA MET B 725 3.30 -2.58 -24.02
C MET B 725 4.68 -3.11 -24.36
N TYR B 726 4.87 -4.43 -24.24
CA TYR B 726 6.16 -5.03 -24.54
C TYR B 726 6.48 -4.88 -26.02
N ASN B 727 7.73 -4.52 -26.31
CA ASN B 727 8.20 -4.36 -27.69
C ASN B 727 9.55 -5.08 -27.80
N GLN B 728 9.55 -6.25 -28.45
CA GLN B 728 10.78 -7.03 -28.57
C GLN B 728 11.82 -6.27 -29.38
N ALA B 729 11.41 -5.60 -30.45
CA ALA B 729 12.36 -4.90 -31.31
C ALA B 729 13.07 -3.79 -30.56
N THR B 730 12.31 -2.95 -29.85
CA THR B 730 12.87 -1.82 -29.12
C THR B 730 13.14 -2.13 -27.66
N GLN B 731 12.82 -3.34 -27.20
CA GLN B 731 13.06 -3.73 -25.81
C GLN B 731 12.41 -2.75 -24.84
N GLU B 732 11.19 -2.32 -25.17
CA GLU B 732 10.43 -1.39 -24.35
C GLU B 732 9.36 -2.12 -23.57
N ILE B 733 9.18 -1.73 -22.30
CA ILE B 733 8.20 -2.36 -21.43
C ILE B 733 7.61 -1.28 -20.53
N ALA B 734 6.34 -1.43 -20.21
CA ALA B 734 5.64 -0.49 -19.34
C ALA B 734 6.11 -0.64 -17.90
N LYS B 735 6.13 0.46 -17.17
CA LYS B 735 6.56 0.43 -15.78
C LYS B 735 5.55 -0.36 -14.95
N PRO B 736 6.01 -1.09 -13.92
CA PRO B 736 5.05 -1.87 -13.12
C PRO B 736 3.96 -1.03 -12.49
N SER B 737 4.28 0.17 -12.01
CA SER B 737 3.28 1.00 -11.36
C SER B 737 2.19 1.43 -12.35
N GLU B 738 2.60 1.86 -13.54
CA GLU B 738 1.65 2.26 -14.57
C GLU B 738 0.76 1.10 -15.00
N LEU B 739 1.27 -0.12 -14.98
CA LEU B 739 0.47 -1.31 -15.26
C LEU B 739 -0.36 -1.75 -14.05
N LEU B 740 0.17 -1.59 -12.84
CA LEU B 740 -0.59 -1.95 -11.65
C LEU B 740 -1.83 -1.07 -11.50
N THR B 741 -1.69 0.24 -11.78
CA THR B 741 -2.85 1.12 -11.71
C THR B 741 -3.92 0.71 -12.72
N SER B 742 -3.51 0.38 -13.95
CA SER B 742 -4.47 -0.07 -14.94
C SER B 742 -5.14 -1.36 -14.53
N VAL B 743 -4.36 -2.29 -13.95
CA VAL B 743 -4.94 -3.55 -13.49
C VAL B 743 -5.96 -3.29 -12.38
N ARG B 744 -5.65 -2.40 -11.46
CA ARG B 744 -6.59 -2.07 -10.39
C ARG B 744 -7.86 -1.44 -10.95
N ALA B 745 -7.72 -0.55 -11.94
CA ALA B 745 -8.89 0.06 -12.55
C ALA B 745 -9.75 -1.00 -13.24
N TYR B 746 -9.11 -1.92 -13.95
CA TYR B 746 -9.85 -3.00 -14.61
C TYR B 746 -10.58 -3.86 -13.59
N MET B 747 -9.91 -4.18 -12.48
CA MET B 747 -10.54 -4.99 -11.44
C MET B 747 -11.73 -4.26 -10.84
N THR B 748 -11.59 -2.96 -10.59
CA THR B 748 -12.72 -2.20 -10.04
C THR B 748 -13.89 -2.19 -11.01
N VAL B 749 -13.62 -1.98 -12.30
CA VAL B 749 -14.70 -1.96 -13.29
C VAL B 749 -15.39 -3.32 -13.33
N LEU B 750 -14.60 -4.40 -13.33
CA LEU B 750 -15.18 -5.74 -13.38
C LEU B 750 -16.01 -6.02 -12.13
N GLN B 751 -15.53 -5.59 -10.96
CA GLN B 751 -16.31 -5.75 -9.74
C GLN B 751 -17.61 -4.97 -9.81
N SER B 752 -17.60 -3.81 -10.48
CA SER B 752 -18.83 -3.03 -10.62
C SER B 752 -19.91 -3.79 -11.39
N ILE B 753 -19.53 -4.83 -12.13
CA ILE B 753 -20.52 -5.57 -12.92
C ILE B 753 -21.50 -6.31 -12.01
N GLU B 754 -21.05 -6.69 -10.82
CA GLU B 754 -21.88 -7.49 -9.92
C GLU B 754 -23.21 -6.82 -9.58
N ASN B 755 -23.28 -5.48 -9.66
CA ASN B 755 -24.53 -4.80 -9.36
C ASN B 755 -25.64 -5.19 -10.33
N TYR B 756 -25.28 -5.61 -11.55
CA TYR B 756 -26.26 -5.91 -12.58
C TYR B 756 -26.41 -7.41 -12.87
N VAL B 757 -25.41 -8.21 -12.55
CA VAL B 757 -25.41 -9.64 -12.87
C VAL B 757 -25.05 -10.43 -11.61
N GLN B 758 -25.52 -11.68 -11.57
CA GLN B 758 -25.32 -12.56 -10.42
C GLN B 758 -24.07 -13.43 -10.56
N ILE B 759 -23.06 -12.97 -11.30
CA ILE B 759 -21.83 -13.74 -11.44
C ILE B 759 -20.90 -13.43 -10.26
N ASP B 760 -19.96 -14.34 -10.03
CA ASP B 760 -18.95 -14.21 -8.98
C ASP B 760 -17.67 -13.70 -9.62
N ILE B 761 -17.18 -12.56 -9.14
CA ILE B 761 -16.00 -11.94 -9.74
C ILE B 761 -14.73 -12.14 -8.92
N THR B 762 -14.87 -12.42 -7.62
CA THR B 762 -13.67 -12.65 -6.81
C THR B 762 -12.90 -13.87 -7.29
N ARG B 763 -13.59 -14.99 -7.50
CA ARG B 763 -12.92 -16.16 -8.03
C ARG B 763 -12.48 -15.97 -9.47
N VAL B 764 -13.14 -15.09 -10.23
CA VAL B 764 -12.67 -14.75 -11.56
C VAL B 764 -11.30 -14.07 -11.49
N PHE B 765 -11.16 -13.12 -10.56
CA PHE B 765 -9.87 -12.49 -10.35
C PHE B 765 -8.84 -13.52 -9.88
N ASN B 766 -9.24 -14.41 -8.99
CA ASN B 766 -8.33 -15.46 -8.54
C ASN B 766 -7.82 -16.29 -9.71
N ASN B 767 -8.71 -16.72 -10.60
CA ASN B 767 -8.30 -17.54 -11.74
C ASN B 767 -7.42 -16.75 -12.70
N VAL B 768 -7.84 -15.55 -13.08
CA VAL B 768 -7.11 -14.79 -14.10
C VAL B 768 -5.76 -14.33 -13.55
N LEU B 769 -5.76 -13.77 -12.34
CA LEU B 769 -4.53 -13.17 -11.81
C LEU B 769 -3.54 -14.21 -11.32
N LEU B 770 -4.01 -15.31 -10.73
CA LEU B 770 -3.10 -16.33 -10.21
C LEU B 770 -2.28 -17.00 -11.31
N GLN B 771 -2.83 -17.14 -12.51
CA GLN B 771 -2.09 -17.73 -13.62
C GLN B 771 -0.99 -16.83 -14.15
N GLN B 772 -1.13 -15.51 -14.01
CA GLN B 772 -0.09 -14.59 -14.43
C GLN B 772 1.19 -14.75 -13.62
N THR B 773 1.10 -15.32 -12.42
CA THR B 773 2.30 -15.53 -11.61
C THR B 773 3.18 -16.64 -12.16
N GLN B 774 2.58 -17.65 -12.78
CA GLN B 774 3.36 -18.75 -13.35
C GLN B 774 4.09 -18.30 -14.61
N HIS B 775 5.18 -19.00 -14.92
CA HIS B 775 5.95 -18.68 -16.11
C HIS B 775 5.18 -18.92 -17.40
N LEU B 776 4.12 -19.72 -17.36
CA LEU B 776 3.30 -19.99 -18.55
C LEU B 776 1.86 -20.27 -18.14
N ASP B 777 0.91 -19.57 -18.75
CA ASP B 777 -0.49 -19.73 -18.41
C ASP B 777 -0.99 -21.10 -18.88
N SER B 778 -2.24 -21.41 -18.52
CA SER B 778 -2.81 -22.70 -18.89
C SER B 778 -2.92 -22.86 -20.39
N HIS B 779 -3.34 -21.80 -21.09
CA HIS B 779 -3.49 -21.87 -22.54
C HIS B 779 -2.15 -21.93 -23.27
N GLY B 780 -1.04 -21.64 -22.60
CA GLY B 780 0.26 -21.74 -23.20
C GLY B 780 0.70 -20.50 -23.96
N GLU B 781 0.70 -19.36 -23.29
CA GLU B 781 1.17 -18.10 -23.85
C GLU B 781 2.01 -17.38 -22.81
N PRO B 782 2.90 -16.49 -23.24
CA PRO B 782 3.73 -15.77 -22.27
C PRO B 782 2.88 -14.96 -21.30
N THR B 783 3.36 -14.89 -20.06
CA THR B 783 2.70 -14.14 -19.00
C THR B 783 3.55 -12.91 -18.65
N ILE B 784 2.97 -12.04 -17.82
CA ILE B 784 3.65 -10.81 -17.46
C ILE B 784 4.94 -11.10 -16.71
N THR B 785 4.93 -12.12 -15.84
CA THR B 785 6.13 -12.42 -15.06
C THR B 785 7.28 -12.84 -15.97
N SER B 786 7.03 -13.70 -16.95
CA SER B 786 8.08 -14.13 -17.86
C SER B 786 8.61 -12.97 -18.70
N LEU B 787 7.71 -12.12 -19.22
CA LEU B 787 8.15 -10.96 -19.98
C LEU B 787 8.99 -10.02 -19.15
N TYR B 788 8.58 -9.75 -17.90
CA TYR B 788 9.36 -8.89 -17.04
C TYR B 788 10.73 -9.50 -16.72
N THR B 789 10.77 -10.80 -16.47
CA THR B 789 12.05 -11.46 -16.20
C THR B 789 12.98 -11.35 -17.41
N ASN B 790 12.45 -11.62 -18.60
CA ASN B 790 13.26 -11.53 -19.81
C ASN B 790 13.77 -10.12 -20.02
N TRP B 791 12.89 -9.12 -19.84
CA TRP B 791 13.30 -7.73 -20.01
C TRP B 791 14.40 -7.36 -19.03
N TYR B 792 14.21 -7.71 -17.75
CA TYR B 792 15.21 -7.37 -16.74
C TYR B 792 16.54 -8.05 -17.03
N LEU B 793 16.53 -9.30 -17.49
CA LEU B 793 17.76 -10.03 -17.71
C LEU B 793 18.46 -9.65 -19.02
N GLU B 794 17.73 -9.13 -20.00
CA GLU B 794 18.30 -8.85 -21.31
C GLU B 794 18.45 -7.37 -21.64
N THR B 795 17.93 -6.47 -20.80
CA THR B 795 18.04 -5.05 -21.09
C THR B 795 18.61 -4.23 -19.93
N LEU B 796 18.28 -4.60 -18.69
CA LEU B 796 18.72 -3.83 -17.52
C LEU B 796 20.05 -4.34 -17.00
N LEU B 797 20.10 -5.62 -16.59
CA LEU B 797 21.34 -6.19 -16.08
C LEU B 797 22.41 -6.31 -17.15
N ARG B 798 22.03 -6.60 -18.40
CA ARG B 798 23.01 -6.68 -19.47
C ARG B 798 23.70 -5.34 -19.70
N GLN B 799 22.93 -4.25 -19.65
CA GLN B 799 23.53 -2.92 -19.86
C GLN B 799 24.45 -2.53 -18.72
N VAL B 800 24.22 -3.05 -17.52
CA VAL B 800 25.08 -2.72 -16.38
C VAL B 800 26.51 -3.21 -16.64
N SER B 801 26.65 -4.42 -17.18
CA SER B 801 27.98 -4.95 -17.47
C SER B 801 28.73 -4.09 -18.47
N ASN B 802 28.02 -3.31 -19.28
CA ASN B 802 28.65 -2.43 -20.26
C ASN B 802 29.05 -1.09 -19.66
N GLY B 803 28.75 -0.85 -18.38
CA GLY B 803 29.11 0.39 -17.72
C GLY B 803 28.12 1.53 -17.91
N HIS B 804 27.06 1.33 -18.68
CA HIS B 804 26.07 2.39 -18.89
C HIS B 804 25.17 2.60 -17.68
N ILE B 805 25.04 1.60 -16.81
CA ILE B 805 24.20 1.69 -15.63
C ILE B 805 24.99 1.17 -14.43
N ALA B 806 24.68 1.71 -13.25
CA ALA B 806 25.36 1.34 -12.02
C ALA B 806 24.34 1.23 -10.91
N TYR B 807 24.70 0.45 -9.87
CA TYR B 807 23.83 0.25 -8.72
C TYR B 807 24.09 1.36 -7.72
N PHE B 808 23.05 2.15 -7.42
CA PHE B 808 23.15 3.26 -6.50
C PHE B 808 22.57 2.86 -5.14
N PRO B 809 23.39 2.40 -4.19
CA PRO B 809 22.85 2.02 -2.89
C PRO B 809 22.16 3.16 -2.16
N ALA B 810 22.55 4.41 -2.42
CA ALA B 810 21.90 5.53 -1.76
C ALA B 810 20.42 5.59 -2.10
N MET B 811 20.08 5.41 -3.37
CA MET B 811 18.69 5.38 -3.81
C MET B 811 18.11 3.98 -3.86
N LYS B 812 18.91 2.96 -3.56
CA LYS B 812 18.44 1.57 -3.59
C LYS B 812 17.84 1.23 -4.96
N ALA B 813 18.46 1.74 -6.01
CA ALA B 813 17.98 1.52 -7.36
C ALA B 813 19.14 1.75 -8.33
N PHE B 814 18.96 1.29 -9.56
CA PHE B 814 19.94 1.48 -10.62
C PHE B 814 19.67 2.79 -11.33
N VAL B 815 20.73 3.59 -11.50
CA VAL B 815 20.64 4.92 -12.10
C VAL B 815 21.57 4.98 -13.31
N ASN B 816 21.06 5.49 -14.42
CA ASN B 816 21.87 5.63 -15.62
C ASN B 816 23.02 6.60 -15.37
N LEU B 817 24.20 6.24 -15.86
CA LEU B 817 25.37 7.10 -15.71
C LEU B 817 25.25 8.31 -16.63
N PRO B 818 25.96 9.41 -16.30
CA PRO B 818 25.95 10.62 -17.15
C PRO B 818 26.87 10.50 -18.36
N THR B 819 26.72 9.42 -19.12
CA THR B 819 27.56 9.19 -20.29
C THR B 819 27.04 9.99 -21.48
N GLU B 820 27.91 10.13 -22.49
CA GLU B 820 27.53 10.87 -23.69
C GLU B 820 26.36 10.21 -24.40
N ASN B 821 26.25 8.88 -24.31
CA ASN B 821 25.16 8.15 -24.94
C ASN B 821 24.03 7.94 -23.94
N GLU B 822 22.82 8.29 -24.36
CA GLU B 822 21.63 8.17 -23.52
C GLU B 822 20.81 6.98 -23.99
N LEU B 823 20.48 6.09 -23.05
CA LEU B 823 19.68 4.93 -23.39
C LEU B 823 18.21 5.32 -23.57
N THR B 824 17.43 4.38 -24.07
CA THR B 824 16.01 4.61 -24.34
C THR B 824 15.16 4.45 -23.09
N PHE B 825 15.75 4.10 -21.95
CA PHE B 825 15.00 3.91 -20.71
C PHE B 825 15.88 4.35 -19.54
N ASN B 826 15.23 4.63 -18.42
CA ASN B 826 15.90 5.04 -17.20
C ASN B 826 15.76 3.92 -16.17
N ALA B 827 16.90 3.41 -15.69
CA ALA B 827 16.88 2.32 -14.72
C ALA B 827 16.25 2.74 -13.40
N GLU B 828 16.30 4.03 -13.05
CA GLU B 828 15.69 4.50 -11.82
C GLU B 828 14.16 4.44 -11.88
N GLU B 829 13.58 4.43 -13.07
CA GLU B 829 12.14 4.33 -13.25
C GLU B 829 11.66 2.89 -13.34
N TYR B 830 12.55 1.91 -13.16
CA TYR B 830 12.19 0.50 -13.14
C TYR B 830 12.72 -0.26 -11.95
N SER B 831 13.79 0.20 -11.31
CA SER B 831 14.37 -0.48 -10.15
C SER B 831 14.08 0.22 -8.83
N ASP B 832 13.24 1.25 -8.82
CA ASP B 832 12.94 1.97 -7.59
C ASP B 832 12.09 1.09 -6.67
N ILE B 833 12.09 1.46 -5.38
CA ILE B 833 11.35 0.68 -4.39
C ILE B 833 9.88 0.62 -4.75
N SER B 834 9.30 1.76 -5.14
CA SER B 834 7.90 1.80 -5.52
C SER B 834 7.67 0.91 -6.75
N GLU B 835 8.53 1.01 -7.75
CA GLU B 835 8.40 0.15 -8.92
C GLU B 835 8.62 -1.31 -8.58
N MET B 836 9.62 -1.60 -7.75
CA MET B 836 9.85 -2.98 -7.33
C MET B 836 8.68 -3.50 -6.51
N ARG B 837 8.10 -2.67 -5.65
CA ARG B 837 6.94 -3.08 -4.88
C ARG B 837 5.76 -3.41 -5.80
N SER B 838 5.51 -2.57 -6.81
CA SER B 838 4.42 -2.85 -7.74
C SER B 838 4.68 -4.13 -8.53
N LEU B 839 5.93 -4.33 -8.97
CA LEU B 839 6.26 -5.55 -9.69
C LEU B 839 6.04 -6.78 -8.82
N SER B 840 6.46 -6.72 -7.55
CA SER B 840 6.23 -7.84 -6.65
C SER B 840 4.74 -8.09 -6.44
N GLU B 841 3.96 -7.02 -6.27
CA GLU B 841 2.52 -7.18 -6.10
C GLU B 841 1.90 -7.84 -7.33
N LEU B 842 2.34 -7.44 -8.52
CA LEU B 842 1.80 -8.02 -9.75
C LEU B 842 2.21 -9.48 -9.90
N LEU B 843 3.45 -9.81 -9.56
CA LEU B 843 3.98 -11.15 -9.82
C LEU B 843 3.59 -12.16 -8.74
N GLY B 844 3.96 -11.91 -7.49
CA GLY B 844 3.69 -12.84 -6.42
C GLY B 844 4.89 -13.69 -6.08
N PRO B 845 4.76 -14.50 -5.03
CA PRO B 845 5.89 -15.37 -4.65
C PRO B 845 6.34 -16.29 -5.77
N TYR B 846 5.42 -16.80 -6.58
CA TYR B 846 5.81 -17.68 -7.68
C TYR B 846 6.68 -16.94 -8.69
N GLY B 847 6.26 -15.73 -9.07
CA GLY B 847 7.06 -14.96 -10.01
C GLY B 847 8.40 -14.56 -9.45
N MET B 848 8.43 -14.17 -8.17
CA MET B 848 9.71 -13.82 -7.54
C MET B 848 10.64 -15.04 -7.49
N LYS B 849 10.08 -16.22 -7.18
CA LYS B 849 10.89 -17.43 -7.16
C LYS B 849 11.44 -17.75 -8.54
N PHE B 850 10.61 -17.58 -9.58
CA PHE B 850 11.09 -17.82 -10.94
C PHE B 850 12.22 -16.87 -11.30
N LEU B 851 12.05 -15.59 -10.96
CA LEU B 851 13.11 -14.62 -11.22
C LEU B 851 14.39 -14.98 -10.48
N SER B 852 14.26 -15.37 -9.21
CA SER B 852 15.43 -15.76 -8.44
C SER B 852 16.10 -16.99 -9.05
N GLU B 853 15.31 -17.95 -9.52
CA GLU B 853 15.87 -19.14 -10.15
C GLU B 853 16.65 -18.78 -11.41
N SER B 854 16.10 -17.87 -12.23
CA SER B 854 16.81 -17.44 -13.42
C SER B 854 18.11 -16.73 -13.06
N LEU B 855 18.06 -15.86 -12.05
CA LEU B 855 19.27 -15.17 -11.63
C LEU B 855 20.31 -16.15 -11.10
N MET B 856 19.86 -17.18 -10.39
CA MET B 856 20.80 -18.20 -9.88
C MET B 856 21.37 -19.03 -11.03
N TRP B 857 20.58 -19.26 -12.07
CA TRP B 857 21.12 -19.92 -13.26
C TRP B 857 22.24 -19.08 -13.88
N HIS B 858 22.01 -17.76 -13.99
CA HIS B 858 23.04 -16.88 -14.51
C HIS B 858 24.28 -16.89 -13.62
N ILE B 859 24.08 -16.86 -12.30
CA ILE B 859 25.21 -16.85 -11.38
C ILE B 859 25.97 -18.17 -11.46
N SER B 860 25.25 -19.28 -11.63
CA SER B 860 25.91 -20.57 -11.76
C SER B 860 26.73 -20.63 -13.04
N SER B 861 26.21 -20.08 -14.13
CA SER B 861 27.00 -20.01 -15.36
C SER B 861 28.26 -19.18 -15.14
N GLN B 862 28.12 -18.04 -14.45
CA GLN B 862 29.28 -17.20 -14.16
C GLN B 862 30.31 -17.94 -13.32
N VAL B 863 29.84 -18.69 -12.32
CA VAL B 863 30.76 -19.42 -11.45
C VAL B 863 31.45 -20.53 -12.22
N ALA B 864 30.71 -21.21 -13.11
CA ALA B 864 31.32 -22.24 -13.93
C ALA B 864 32.40 -21.66 -14.83
N GLU B 865 32.14 -20.49 -15.42
CA GLU B 865 33.18 -19.83 -16.21
C GLU B 865 34.37 -19.44 -15.34
N LEU B 866 34.12 -18.95 -14.12
CA LEU B 866 35.20 -18.57 -13.23
C LEU B 866 36.07 -19.77 -12.85
N LYS B 867 35.44 -20.95 -12.72
CA LYS B 867 36.19 -22.13 -12.31
C LYS B 867 37.26 -22.50 -13.33
N LYS B 868 37.02 -22.23 -14.61
CA LYS B 868 38.04 -22.50 -15.61
C LYS B 868 39.29 -21.66 -15.36
N LEU B 869 39.11 -20.36 -15.09
CA LEU B 869 40.25 -19.51 -14.78
C LEU B 869 40.91 -19.94 -13.48
N VAL B 870 40.11 -20.37 -12.51
CA VAL B 870 40.68 -20.82 -11.24
C VAL B 870 41.57 -22.04 -11.44
N VAL B 871 41.07 -23.03 -12.20
CA VAL B 871 41.81 -24.27 -12.38
C VAL B 871 43.02 -24.07 -13.27
N GLU B 872 42.93 -23.21 -14.29
CA GLU B 872 44.04 -23.04 -15.21
C GLU B 872 45.26 -22.40 -14.56
N ASN B 873 45.12 -21.86 -13.34
CA ASN B 873 46.23 -21.28 -12.59
C ASN B 873 46.36 -21.93 -11.21
N VAL B 874 46.16 -23.23 -11.14
CA VAL B 874 46.17 -23.93 -9.85
C VAL B 874 47.57 -23.95 -9.26
N ASP B 875 48.59 -24.11 -10.10
CA ASP B 875 49.95 -24.29 -9.59
C ASP B 875 50.41 -23.05 -8.81
N VAL B 876 50.24 -21.87 -9.39
CA VAL B 876 50.70 -20.65 -8.72
C VAL B 876 49.89 -20.41 -7.46
N LEU B 877 48.57 -20.60 -7.54
CA LEU B 877 47.71 -20.37 -6.39
C LEU B 877 48.08 -21.28 -5.22
N THR B 878 48.38 -22.55 -5.51
CA THR B 878 48.71 -23.48 -4.44
C THR B 878 49.91 -23.01 -3.63
N GLN B 879 50.94 -22.51 -4.30
CA GLN B 879 52.11 -21.98 -3.61
C GLN B 879 51.84 -20.62 -2.97
N MET B 880 50.89 -19.86 -3.53
CA MET B 880 50.58 -18.54 -2.99
C MET B 880 50.04 -18.64 -1.56
N ARG B 881 49.17 -19.63 -1.33
CA ARG B 881 48.49 -19.83 -0.02
C ARG B 881 49.49 -20.07 1.10
N THR B 882 50.60 -20.76 0.84
CA THR B 882 51.58 -21.09 1.86
C THR B 882 52.66 -20.01 2.02
N SER B 883 52.72 -19.05 1.10
CA SER B 883 53.76 -18.04 1.11
C SER B 883 53.23 -16.64 1.46
N PHE B 884 52.07 -16.55 2.12
CA PHE B 884 51.47 -15.25 2.38
C PHE B 884 52.36 -14.37 3.26
N ASP B 885 53.28 -14.97 4.03
CA ASP B 885 54.12 -14.23 4.95
C ASP B 885 55.47 -13.85 4.35
N LYS B 886 55.70 -14.15 3.08
CA LYS B 886 56.98 -13.85 2.41
C LYS B 886 56.69 -13.05 1.14
N PRO B 887 56.64 -11.73 1.24
CA PRO B 887 56.29 -10.92 0.05
C PRO B 887 57.27 -11.08 -1.10
N ASP B 888 58.52 -11.45 -0.82
CA ASP B 888 59.52 -11.50 -1.88
C ASP B 888 59.12 -12.47 -2.99
N GLN B 889 58.65 -13.66 -2.62
CA GLN B 889 58.22 -14.62 -3.64
C GLN B 889 56.83 -14.33 -4.16
N MET B 890 55.96 -13.74 -3.33
CA MET B 890 54.62 -13.40 -3.80
C MET B 890 54.66 -12.34 -4.89
N ALA B 891 55.62 -11.41 -4.82
CA ALA B 891 55.74 -10.40 -5.86
C ALA B 891 56.00 -11.04 -7.21
N ALA B 892 56.89 -12.03 -7.27
CA ALA B 892 57.15 -12.72 -8.52
C ALA B 892 55.98 -13.62 -8.91
N LEU B 893 55.35 -14.28 -7.93
CA LEU B 893 54.25 -15.18 -8.24
C LEU B 893 53.08 -14.44 -8.87
N PHE B 894 52.75 -13.26 -8.35
CA PHE B 894 51.63 -12.48 -8.89
C PHE B 894 51.83 -12.12 -10.35
N LYS B 895 53.09 -12.03 -10.80
CA LYS B 895 53.37 -11.69 -12.20
C LYS B 895 53.06 -12.83 -13.15
N ARG B 896 52.99 -14.07 -12.67
CA ARG B 896 52.69 -15.22 -13.51
C ARG B 896 51.20 -15.46 -13.69
N LEU B 897 50.35 -14.81 -12.89
CA LEU B 897 48.91 -15.01 -13.02
C LEU B 897 48.41 -14.43 -14.34
N SER B 898 47.47 -15.13 -14.96
CA SER B 898 46.91 -14.74 -16.24
C SER B 898 45.42 -14.43 -16.07
N SER B 899 44.95 -13.40 -16.79
CA SER B 899 43.55 -13.00 -16.76
C SER B 899 43.12 -12.64 -15.34
N VAL B 900 43.78 -11.61 -14.79
CA VAL B 900 43.47 -11.18 -13.42
C VAL B 900 42.27 -10.24 -13.38
N ASP B 901 41.88 -9.66 -14.50
CA ASP B 901 40.74 -8.75 -14.55
C ASP B 901 39.43 -9.44 -14.92
N SER B 902 39.50 -10.57 -15.64
CA SER B 902 38.27 -11.29 -15.98
C SER B 902 37.58 -11.80 -14.73
N VAL B 903 38.35 -12.31 -13.76
CA VAL B 903 37.74 -12.78 -12.51
C VAL B 903 37.04 -11.64 -11.79
N LEU B 904 37.68 -10.47 -11.74
CA LEU B 904 37.06 -9.32 -11.09
C LEU B 904 35.79 -8.91 -11.81
N LYS B 905 35.80 -8.91 -13.14
CA LYS B 905 34.61 -8.55 -13.90
C LYS B 905 33.47 -9.52 -13.63
N ARG B 906 33.76 -10.82 -13.62
CA ARG B 906 32.72 -11.81 -13.38
C ARG B 906 32.17 -11.69 -11.96
N MET B 907 33.04 -11.46 -10.98
CA MET B 907 32.58 -11.27 -9.61
C MET B 907 31.73 -10.01 -9.50
N THR B 908 32.09 -8.95 -10.21
CA THR B 908 31.26 -7.73 -10.20
C THR B 908 29.89 -8.01 -10.80
N ILE B 909 29.83 -8.76 -11.89
CA ILE B 909 28.54 -9.11 -12.48
C ILE B 909 27.71 -9.92 -11.49
N ILE B 910 28.33 -10.88 -10.83
CA ILE B 910 27.62 -11.70 -9.84
C ILE B 910 27.09 -10.81 -8.71
N GLY B 911 27.91 -9.87 -8.27
CA GLY B 911 27.48 -8.96 -7.21
C GLY B 911 26.31 -8.09 -7.64
N VAL B 912 26.34 -7.62 -8.88
CA VAL B 912 25.22 -6.82 -9.39
C VAL B 912 23.94 -7.65 -9.41
N ILE B 913 24.05 -8.90 -9.88
CA ILE B 913 22.89 -9.78 -9.92
C ILE B 913 22.36 -10.02 -8.50
N LEU B 914 23.26 -10.24 -7.56
CA LEU B 914 22.84 -10.49 -6.18
C LEU B 914 22.19 -9.25 -5.57
N SER B 915 22.71 -8.06 -5.89
CA SER B 915 22.09 -6.84 -5.40
C SER B 915 20.69 -6.66 -5.96
N PHE B 916 20.50 -6.96 -7.25
CA PHE B 916 19.17 -6.91 -7.83
C PHE B 916 18.24 -7.90 -7.14
N ARG B 917 18.74 -9.11 -6.87
CA ARG B 917 17.94 -10.10 -6.17
C ARG B 917 17.56 -9.61 -4.77
N SER B 918 18.50 -8.97 -4.07
CA SER B 918 18.21 -8.46 -2.74
C SER B 918 17.15 -7.36 -2.79
N LEU B 919 17.24 -6.49 -3.79
CA LEU B 919 16.21 -5.46 -3.94
C LEU B 919 14.84 -6.10 -4.17
N ALA B 920 14.78 -7.09 -5.05
CA ALA B 920 13.51 -7.77 -5.30
C ALA B 920 12.99 -8.44 -4.03
N GLN B 921 13.88 -9.09 -3.28
CA GLN B 921 13.47 -9.80 -2.09
C GLN B 921 12.95 -8.85 -1.02
N GLU B 922 13.62 -7.72 -0.81
CA GLU B 922 13.15 -6.76 0.18
C GLU B 922 11.83 -6.12 -0.26
N ALA B 923 11.67 -5.88 -1.57
CA ALA B 923 10.38 -5.39 -2.06
C ALA B 923 9.27 -6.40 -1.78
N LEU B 924 9.54 -7.67 -2.04
CA LEU B 924 8.54 -8.71 -1.78
C LEU B 924 8.22 -8.80 -0.29
N ARG B 925 9.24 -8.72 0.56
CA ARG B 925 9.02 -8.76 2.00
C ARG B 925 8.16 -7.60 2.46
N ASP B 926 8.44 -6.40 1.95
CA ASP B 926 7.63 -5.24 2.30
C ASP B 926 6.19 -5.41 1.83
N VAL B 927 6.00 -5.93 0.61
CA VAL B 927 4.66 -6.10 0.08
C VAL B 927 3.88 -7.11 0.93
N LEU B 928 4.51 -8.24 1.27
CA LEU B 928 3.82 -9.28 2.02
C LEU B 928 3.69 -8.93 3.49
N SER B 929 4.44 -7.93 3.97
CA SER B 929 4.40 -7.59 5.39
C SER B 929 3.02 -7.09 5.82
N TYR B 930 2.23 -6.54 4.91
CA TYR B 930 0.92 -6.00 5.23
C TYR B 930 -0.22 -6.72 4.52
N HIS B 931 0.06 -7.69 3.65
CA HIS B 931 -0.98 -8.44 2.97
C HIS B 931 -1.39 -9.69 3.74
N ILE B 932 -0.41 -10.44 4.25
CA ILE B 932 -0.67 -11.64 5.04
C ILE B 932 0.17 -11.55 6.32
N PRO B 933 -0.16 -10.64 7.24
CA PRO B 933 0.69 -10.46 8.43
C PRO B 933 0.84 -11.71 9.27
N PHE B 934 -0.22 -12.53 9.39
CA PHE B 934 -0.13 -13.70 10.25
C PHE B 934 0.89 -14.70 9.74
N LEU B 935 0.84 -15.05 8.45
CA LEU B 935 1.77 -16.01 7.89
C LEU B 935 3.20 -15.48 7.95
N VAL B 936 3.38 -14.19 7.64
CA VAL B 936 4.72 -13.60 7.69
C VAL B 936 5.28 -13.65 9.11
N SER B 937 4.45 -13.30 10.09
CA SER B 937 4.90 -13.34 11.47
C SER B 937 5.24 -14.76 11.91
N SER B 938 4.42 -15.73 11.51
CA SER B 938 4.72 -17.13 11.86
C SER B 938 6.03 -17.58 11.23
N ILE B 939 6.26 -17.23 9.97
CA ILE B 939 7.50 -17.62 9.30
C ILE B 939 8.70 -16.98 9.98
N GLU B 940 8.57 -15.69 10.32
CA GLU B 940 9.68 -14.99 10.98
C GLU B 940 9.98 -15.63 12.33
N ASP B 941 8.95 -15.95 13.11
CA ASP B 941 9.15 -16.59 14.40
C ASP B 941 9.81 -17.96 14.24
N PHE B 942 9.36 -18.75 13.26
CA PHE B 942 9.92 -20.08 13.07
C PHE B 942 11.39 -20.00 12.66
N LYS B 943 11.71 -19.15 11.69
CA LYS B 943 13.08 -19.06 11.20
C LYS B 943 14.03 -18.53 12.28
N ASP B 944 13.60 -17.50 13.01
CA ASP B 944 14.49 -16.86 13.97
C ASP B 944 14.90 -17.83 15.08
N HIS B 945 13.96 -18.65 15.56
CA HIS B 945 14.21 -19.53 16.69
C HIS B 945 14.52 -20.96 16.26
N ILE B 946 15.08 -21.14 15.07
CA ILE B 946 15.49 -22.45 14.59
C ILE B 946 16.91 -22.71 15.08
N PRO B 947 17.15 -23.79 15.82
CA PRO B 947 18.53 -24.06 16.27
C PRO B 947 19.46 -24.29 15.09
N ARG B 948 20.56 -23.51 15.06
CA ARG B 948 21.55 -23.67 14.00
C ARG B 948 22.31 -24.99 14.12
N GLU B 949 22.30 -25.61 15.30
CA GLU B 949 22.99 -26.90 15.47
C GLU B 949 22.35 -27.99 14.64
N THR B 950 21.11 -27.80 14.19
CA THR B 950 20.45 -28.82 13.38
C THR B 950 21.17 -28.98 12.05
N ASP B 951 21.09 -30.20 11.50
CA ASP B 951 21.74 -30.48 10.23
C ASP B 951 21.19 -29.58 9.13
N MET B 952 21.99 -29.44 8.06
CA MET B 952 21.59 -28.57 6.96
C MET B 952 20.38 -29.10 6.21
N LYS B 953 19.99 -30.35 6.44
CA LYS B 953 18.89 -30.95 5.67
C LYS B 953 17.58 -30.23 5.95
N VAL B 954 17.29 -29.94 7.23
CA VAL B 954 16.07 -29.22 7.57
C VAL B 954 16.27 -27.71 7.51
N ALA B 955 17.50 -27.25 7.77
CA ALA B 955 17.79 -25.83 7.66
C ALA B 955 17.60 -25.33 6.23
N MET B 956 17.95 -26.13 5.23
CA MET B 956 17.74 -25.72 3.85
C MET B 956 16.26 -25.54 3.55
N ASN B 957 15.41 -26.45 4.03
CA ASN B 957 13.97 -26.31 3.83
C ASN B 957 13.44 -25.07 4.54
N VAL B 958 13.91 -24.83 5.77
CA VAL B 958 13.47 -23.66 6.51
C VAL B 958 13.86 -22.38 5.77
N TYR B 959 15.10 -22.34 5.28
CA TYR B 959 15.57 -21.16 4.56
C TYR B 959 14.79 -20.96 3.26
N GLU B 960 14.48 -22.05 2.56
CA GLU B 960 13.68 -21.94 1.34
C GLU B 960 12.31 -21.38 1.64
N LEU B 961 11.66 -21.89 2.71
CA LEU B 961 10.35 -21.39 3.08
C LEU B 961 10.41 -19.90 3.44
N SER B 962 11.44 -19.51 4.19
CA SER B 962 11.57 -18.11 4.58
C SER B 962 11.81 -17.22 3.36
N SER B 963 12.69 -17.64 2.46
CA SER B 963 12.99 -16.86 1.26
C SER B 963 11.80 -16.77 0.32
N ALA B 964 10.91 -17.77 0.34
CA ALA B 964 9.69 -17.67 -0.44
C ALA B 964 8.89 -16.43 -0.10
N ALA B 965 8.99 -15.95 1.15
CA ALA B 965 8.34 -14.72 1.57
C ALA B 965 9.27 -13.51 1.51
N GLY B 966 10.51 -13.70 1.09
CA GLY B 966 11.44 -12.60 0.96
C GLY B 966 12.31 -12.32 2.17
N LEU B 967 12.38 -13.25 3.13
CA LEU B 967 13.16 -13.02 4.33
C LEU B 967 14.65 -13.04 4.00
N PRO B 968 15.46 -12.32 4.80
CA PRO B 968 16.93 -12.27 4.55
C PRO B 968 17.69 -13.45 5.17
N CYS B 969 17.63 -14.58 4.49
CA CYS B 969 18.33 -15.78 4.96
C CYS B 969 19.83 -15.63 4.76
N GLU B 970 20.60 -16.13 5.75
CA GLU B 970 22.05 -16.05 5.67
C GLU B 970 22.58 -16.85 4.49
N ILE B 971 22.05 -18.05 4.27
CA ILE B 971 22.45 -18.93 3.18
C ILE B 971 21.31 -18.96 2.17
N ASP B 972 21.64 -18.71 0.90
CA ASP B 972 20.64 -18.68 -0.15
C ASP B 972 20.38 -20.08 -0.68
N PRO B 973 19.23 -20.70 -0.37
CA PRO B 973 18.98 -22.05 -0.90
C PRO B 973 18.95 -22.11 -2.42
N ALA B 974 18.45 -21.07 -3.09
CA ALA B 974 18.42 -21.07 -4.54
C ALA B 974 19.83 -21.10 -5.11
N LEU B 975 20.74 -20.31 -4.53
CA LEU B 975 22.12 -20.32 -5.00
C LEU B 975 22.77 -21.68 -4.78
N VAL B 976 22.50 -22.30 -3.62
CA VAL B 976 23.05 -23.63 -3.35
C VAL B 976 22.54 -24.63 -4.37
N VAL B 977 21.24 -24.60 -4.66
CA VAL B 977 20.68 -25.52 -5.64
C VAL B 977 21.30 -25.30 -7.00
N ALA B 978 21.42 -24.04 -7.42
CA ALA B 978 22.00 -23.75 -8.73
C ALA B 978 23.44 -24.22 -8.82
N LEU B 979 24.27 -23.87 -7.83
CA LEU B 979 25.73 -24.19 -7.85
C LEU B 979 25.93 -25.69 -7.66
N SER B 980 25.03 -26.39 -6.99
CA SER B 980 25.10 -27.87 -6.82
C SER B 980 24.88 -28.52 -8.18
N SER B 981 23.97 -27.98 -8.97
CA SER B 981 23.66 -28.57 -10.31
C SER B 981 24.84 -28.36 -11.25
N ILE B 987 36.32 -34.10 -12.17
CA ILE B 987 36.57 -33.42 -10.86
C ILE B 987 35.95 -34.28 -9.77
N SER B 988 36.75 -34.72 -8.79
CA SER B 988 36.29 -35.55 -7.64
C SER B 988 35.67 -34.63 -6.58
N PRO B 989 35.03 -35.15 -5.51
CA PRO B 989 34.54 -34.28 -4.43
C PRO B 989 35.65 -33.48 -3.75
N GLU B 990 36.81 -34.09 -3.49
CA GLU B 990 37.97 -33.41 -2.82
C GLU B 990 38.53 -32.34 -3.75
N GLU B 991 38.59 -32.58 -5.05
CA GLU B 991 39.14 -31.63 -6.05
C GLU B 991 38.25 -30.39 -6.16
N GLU B 992 36.93 -30.52 -6.05
CA GLU B 992 35.98 -29.38 -6.20
C GLU B 992 36.13 -28.47 -4.99
N TYR B 993 36.47 -29.02 -3.83
CA TYR B 993 36.71 -28.25 -2.61
C TYR B 993 38.00 -27.44 -2.72
N LYS B 994 39.05 -28.05 -3.27
CA LYS B 994 40.31 -27.33 -3.45
C LYS B 994 40.13 -26.15 -4.40
N ILE B 995 39.37 -26.35 -5.49
CA ILE B 995 39.12 -25.26 -6.43
C ILE B 995 38.36 -24.14 -5.75
N ALA B 996 37.34 -24.48 -4.95
CA ALA B 996 36.58 -23.46 -4.24
C ALA B 996 37.48 -22.69 -3.28
N CYS B 997 38.35 -23.39 -2.56
CA CYS B 997 39.27 -22.71 -1.64
C CYS B 997 40.22 -21.79 -2.40
N LEU B 998 40.73 -22.25 -3.54
CA LEU B 998 41.68 -21.45 -4.30
C LEU B 998 41.02 -20.26 -4.97
N LEU B 999 39.71 -20.33 -5.21
CA LEU B 999 39.01 -19.19 -5.82
C LEU B 999 39.10 -17.96 -4.92
N MET B 1000 38.92 -18.14 -3.61
CA MET B 1000 39.00 -17.02 -2.69
C MET B 1000 40.39 -16.40 -2.70
N VAL B 1001 41.43 -17.24 -2.71
CA VAL B 1001 42.80 -16.73 -2.73
C VAL B 1001 43.06 -15.97 -4.03
N PHE B 1002 42.60 -16.53 -5.16
CA PHE B 1002 42.79 -15.85 -6.43
C PHE B 1002 42.09 -14.51 -6.47
N VAL B 1003 40.87 -14.43 -5.92
CA VAL B 1003 40.15 -13.15 -5.89
C VAL B 1003 40.83 -12.16 -4.96
N ALA B 1004 41.35 -12.63 -3.83
CA ALA B 1004 41.94 -11.72 -2.84
C ALA B 1004 43.14 -10.99 -3.41
N VAL B 1005 44.05 -11.72 -4.08
CA VAL B 1005 45.27 -11.11 -4.58
C VAL B 1005 45.02 -10.18 -5.76
N SER B 1006 43.87 -10.29 -6.42
CA SER B 1006 43.54 -9.42 -7.54
C SER B 1006 42.88 -8.13 -7.12
N LEU B 1007 42.54 -7.99 -5.83
CA LEU B 1007 41.90 -6.75 -5.37
C LEU B 1007 42.76 -5.52 -5.61
N PRO B 1008 44.06 -5.51 -5.29
CA PRO B 1008 44.86 -4.29 -5.50
C PRO B 1008 44.93 -3.86 -6.96
N THR B 1009 44.70 -4.76 -7.91
CA THR B 1009 44.74 -4.38 -9.32
C THR B 1009 43.70 -3.33 -9.67
N LEU B 1010 42.62 -3.23 -8.87
CA LEU B 1010 41.59 -2.25 -9.15
C LEU B 1010 42.04 -0.83 -8.84
N ALA B 1011 43.08 -0.67 -8.02
CA ALA B 1011 43.54 0.66 -7.65
C ALA B 1011 44.02 1.47 -8.86
N SER B 1012 44.49 0.79 -9.91
CA SER B 1012 44.98 1.48 -11.09
C SER B 1012 43.86 1.85 -12.06
N ASN B 1013 42.63 1.42 -11.81
CA ASN B 1013 41.51 1.74 -12.70
C ASN B 1013 40.96 3.11 -12.36
N VAL B 1014 40.82 3.96 -13.38
CA VAL B 1014 40.29 5.31 -13.17
C VAL B 1014 38.82 5.28 -12.79
N MET B 1015 38.11 4.21 -13.11
CA MET B 1015 36.68 4.11 -12.83
C MET B 1015 36.38 3.64 -11.41
N SER B 1016 37.40 3.35 -10.61
CA SER B 1016 37.21 2.90 -9.24
C SER B 1016 37.11 4.05 -8.25
N GLN B 1017 36.73 5.25 -8.71
CA GLN B 1017 36.65 6.41 -7.84
C GLN B 1017 35.35 6.36 -7.05
N TYR B 1018 35.47 6.36 -5.72
CA TYR B 1018 34.29 6.38 -4.86
C TYR B 1018 33.58 7.73 -4.96
N SER B 1019 32.25 7.67 -5.04
CA SER B 1019 31.43 8.87 -5.16
C SER B 1019 30.49 8.95 -3.97
N PRO B 1020 30.60 9.95 -3.09
CA PRO B 1020 29.68 10.02 -1.95
C PRO B 1020 28.22 10.12 -2.37
N ALA B 1021 27.92 10.81 -3.48
CA ALA B 1021 26.55 10.89 -3.95
C ALA B 1021 25.99 9.52 -4.32
N ILE B 1022 26.85 8.58 -4.67
CA ILE B 1022 26.40 7.23 -5.03
C ILE B 1022 26.59 6.23 -3.89
N GLU B 1023 27.42 6.56 -2.90
CA GLU B 1023 27.76 5.63 -1.82
C GLU B 1023 28.36 4.34 -2.37
N GLY B 1024 29.07 4.45 -3.49
CA GLY B 1024 29.69 3.29 -4.11
C GLY B 1024 30.54 3.73 -5.28
N HIS B 1025 31.26 2.77 -5.84
CA HIS B 1025 32.16 3.05 -6.95
C HIS B 1025 31.38 3.08 -8.27
N CYS B 1026 31.97 3.75 -9.26
CA CYS B 1026 31.32 3.93 -10.55
C CYS B 1026 31.30 2.67 -11.40
N ASN B 1027 32.14 1.68 -11.10
CA ASN B 1027 32.21 0.45 -11.86
C ASN B 1027 31.56 -0.72 -11.12
N ASN B 1028 30.74 -0.41 -10.11
CA ASN B 1028 29.99 -1.42 -9.36
C ASN B 1028 30.90 -2.46 -8.71
N ILE B 1029 32.07 -2.04 -8.22
CA ILE B 1029 32.98 -2.97 -7.56
C ILE B 1029 32.61 -3.11 -6.10
N HIS B 1030 31.66 -2.29 -5.64
CA HIS B 1030 31.18 -2.40 -4.25
C HIS B 1030 30.28 -3.61 -4.03
N CYS B 1031 29.72 -4.18 -5.09
CA CYS B 1031 28.95 -5.41 -4.99
C CYS B 1031 29.85 -6.65 -4.89
N LEU B 1032 31.16 -6.47 -5.07
CA LEU B 1032 32.08 -7.59 -4.91
C LEU B 1032 31.98 -8.19 -3.51
N ALA B 1033 31.67 -7.37 -2.50
CA ALA B 1033 31.51 -7.90 -1.15
C ALA B 1033 30.40 -8.92 -1.09
N LYS B 1034 29.21 -8.54 -1.57
CA LYS B 1034 28.09 -9.47 -1.56
C LYS B 1034 28.38 -10.69 -2.43
N ALA B 1035 29.01 -10.47 -3.60
CA ALA B 1035 29.36 -11.59 -4.47
C ALA B 1035 30.23 -12.59 -3.74
N ILE B 1036 31.32 -12.11 -3.12
CA ILE B 1036 32.27 -12.99 -2.44
C ILE B 1036 31.56 -13.72 -1.31
N ASN B 1037 30.79 -12.98 -0.50
CA ASN B 1037 30.15 -13.60 0.66
C ASN B 1037 29.18 -14.70 0.22
N GLN B 1038 28.29 -14.40 -0.71
CA GLN B 1038 27.31 -15.38 -1.15
C GLN B 1038 27.98 -16.58 -1.82
N ILE B 1039 28.96 -16.34 -2.70
CA ILE B 1039 29.62 -17.44 -3.39
C ILE B 1039 30.35 -18.34 -2.40
N ALA B 1040 31.07 -17.74 -1.45
CA ALA B 1040 31.78 -18.54 -0.45
C ALA B 1040 30.80 -19.34 0.39
N ALA B 1041 29.71 -18.71 0.83
CA ALA B 1041 28.74 -19.43 1.65
C ALA B 1041 28.18 -20.62 0.89
N ALA B 1042 27.75 -20.41 -0.36
CA ALA B 1042 27.18 -21.50 -1.13
C ALA B 1042 28.20 -22.61 -1.37
N LEU B 1043 29.42 -22.23 -1.74
CA LEU B 1043 30.44 -23.23 -2.06
C LEU B 1043 30.81 -24.06 -0.83
N PHE B 1044 30.97 -23.41 0.31
CA PHE B 1044 31.44 -24.09 1.51
C PHE B 1044 30.31 -24.72 2.32
N THR B 1045 29.05 -24.45 1.98
CA THR B 1045 27.95 -25.25 2.51
C THR B 1045 27.61 -26.42 1.59
N ILE B 1046 27.90 -26.30 0.30
CA ILE B 1046 27.73 -27.43 -0.62
C ILE B 1046 28.78 -28.50 -0.34
N HIS B 1047 30.01 -28.08 -0.07
CA HIS B 1047 31.14 -28.98 0.13
C HIS B 1047 31.37 -29.30 1.61
N LYS B 1048 30.42 -28.96 2.48
CA LYS B 1048 30.53 -29.24 3.91
C LYS B 1048 31.78 -28.59 4.51
N GLY B 1049 32.11 -27.39 4.03
CA GLY B 1049 33.26 -26.66 4.51
C GLY B 1049 32.91 -25.72 5.64
N SER B 1050 33.93 -24.98 6.09
CA SER B 1050 33.79 -23.99 7.15
C SER B 1050 33.84 -22.60 6.53
N ILE B 1051 32.71 -21.90 6.59
CA ILE B 1051 32.63 -20.58 5.95
C ILE B 1051 33.48 -19.57 6.71
N GLU B 1052 33.26 -19.54 8.02
CA GLU B 1052 33.98 -18.59 8.89
C GLU B 1052 35.47 -18.70 8.61
N ASP B 1053 36.04 -19.90 8.69
CA ASP B 1053 37.51 -20.04 8.53
C ASP B 1053 37.92 -19.57 7.14
N ARG B 1054 37.17 -19.95 6.12
CA ARG B 1054 37.55 -19.59 4.74
C ARG B 1054 37.47 -18.08 4.53
N LEU B 1055 36.43 -17.45 5.05
CA LEU B 1055 36.28 -15.99 4.91
C LEU B 1055 37.40 -15.28 5.68
N LYS B 1056 37.80 -15.83 6.83
CA LYS B 1056 38.94 -15.25 7.60
C LYS B 1056 40.22 -15.34 6.77
N GLU B 1057 40.44 -16.47 6.08
CA GLU B 1057 41.63 -16.58 5.20
C GLU B 1057 41.54 -15.52 4.10
N PHE B 1058 40.34 -15.33 3.54
CA PHE B 1058 40.20 -14.35 2.43
C PHE B 1058 40.58 -12.99 2.99
N LEU B 1059 40.09 -12.65 4.18
CA LEU B 1059 40.34 -11.32 4.76
C LEU B 1059 41.84 -11.16 5.00
N ALA B 1060 42.53 -12.16 5.56
CA ALA B 1060 43.96 -11.96 5.83
C ALA B 1060 44.68 -11.70 4.51
N LEU B 1061 44.39 -12.51 3.49
CA LEU B 1061 45.17 -12.32 2.24
C LEU B 1061 44.89 -10.94 1.66
N ALA B 1062 43.61 -10.52 1.66
CA ALA B 1062 43.26 -9.22 1.05
C ALA B 1062 43.92 -8.07 1.82
N SER B 1063 43.92 -8.15 3.14
CA SER B 1063 44.53 -7.08 3.96
C SER B 1063 46.01 -6.99 3.62
N SER B 1064 46.69 -8.14 3.57
CA SER B 1064 48.14 -8.05 3.31
C SER B 1064 48.35 -7.41 1.93
N SER B 1065 47.57 -7.84 0.94
CA SER B 1065 47.82 -7.32 -0.43
C SER B 1065 47.62 -5.80 -0.45
N LEU B 1066 46.55 -5.34 0.17
CA LEU B 1066 46.23 -3.89 0.16
C LEU B 1066 47.28 -3.06 0.92
N LEU B 1067 47.78 -3.56 2.05
CA LEU B 1067 48.74 -2.80 2.89
C LEU B 1067 50.07 -2.65 2.15
N LYS B 1068 50.45 -3.66 1.36
CA LYS B 1068 51.71 -3.56 0.56
C LYS B 1068 51.56 -2.40 -0.42
N ILE B 1069 50.36 -2.19 -0.96
CA ILE B 1069 50.09 -1.05 -1.89
C ILE B 1069 50.33 0.27 -1.18
N GLY B 1070 50.01 0.37 0.11
CA GLY B 1070 50.09 1.66 0.83
C GLY B 1070 51.48 2.25 0.82
N GLN B 1071 52.52 1.43 0.93
CA GLN B 1071 53.93 1.90 0.86
C GLN B 1071 54.27 2.51 -0.51
N GLU B 1072 53.71 1.98 -1.61
CA GLU B 1072 54.04 2.43 -2.99
C GLU B 1072 53.68 3.91 -3.25
N THR B 1073 54.46 4.61 -4.07
CA THR B 1073 54.25 6.06 -4.33
C THR B 1073 53.85 6.40 -5.78
N ASP B 1074 53.71 5.42 -6.68
CA ASP B 1074 53.42 5.73 -8.11
C ASP B 1074 51.95 6.15 -8.26
N LYS B 1075 51.67 7.37 -8.74
CA LYS B 1075 50.28 7.84 -8.78
C LYS B 1075 49.42 6.96 -9.68
N THR B 1076 49.97 6.51 -10.81
CA THR B 1076 49.18 5.75 -11.77
C THR B 1076 48.66 4.45 -11.15
N THR B 1077 49.52 3.73 -10.43
CA THR B 1077 49.12 2.47 -9.82
C THR B 1077 48.26 2.64 -8.58
N THR B 1078 48.32 3.82 -7.95
CA THR B 1078 47.58 4.09 -6.72
C THR B 1078 46.61 5.26 -6.91
N ARG B 1079 45.99 5.35 -8.09
CA ARG B 1079 45.07 6.44 -8.37
C ARG B 1079 43.86 6.38 -7.44
N ASN B 1080 43.31 5.19 -7.21
CA ASN B 1080 42.12 5.01 -6.38
C ASN B 1080 42.39 3.99 -5.27
N ARG B 1081 43.58 4.05 -4.69
CA ARG B 1081 43.92 3.13 -3.60
C ARG B 1081 43.02 3.36 -2.40
N GLU B 1082 42.77 4.62 -2.06
CA GLU B 1082 41.90 4.92 -0.91
C GLU B 1082 40.49 4.40 -1.16
N SER B 1083 39.97 4.58 -2.38
CA SER B 1083 38.64 4.07 -2.69
C SER B 1083 38.59 2.55 -2.57
N VAL B 1084 39.64 1.87 -3.05
CA VAL B 1084 39.68 0.41 -2.96
C VAL B 1084 39.76 -0.03 -1.50
N TYR B 1085 40.40 0.77 -0.64
CA TYR B 1085 40.54 0.39 0.76
C TYR B 1085 39.18 0.18 1.43
N LEU B 1086 38.14 0.85 0.94
CA LEU B 1086 36.82 0.72 1.56
C LEU B 1086 36.18 -0.63 1.27
N LEU B 1087 36.73 -1.41 0.33
CA LEU B 1087 36.15 -2.71 0.02
C LEU B 1087 36.17 -3.63 1.23
N LEU B 1088 37.26 -3.64 2.00
CA LEU B 1088 37.32 -4.45 3.21
C LEU B 1088 36.23 -4.04 4.20
N ASP B 1089 36.05 -2.72 4.37
CA ASP B 1089 35.02 -2.24 5.29
C ASP B 1089 33.64 -2.70 4.86
N MET B 1090 33.33 -2.56 3.56
CA MET B 1090 32.03 -3.01 3.08
C MET B 1090 31.88 -4.51 3.28
N ILE B 1091 32.92 -5.29 2.98
CA ILE B 1091 32.85 -6.74 3.12
C ILE B 1091 32.53 -7.11 4.56
N VAL B 1092 33.24 -6.50 5.50
CA VAL B 1092 33.02 -6.82 6.90
C VAL B 1092 31.64 -6.36 7.35
N GLN B 1093 31.17 -5.23 6.85
CA GLN B 1093 29.87 -4.71 7.26
C GLN B 1093 28.73 -5.61 6.79
N GLU B 1094 28.73 -5.98 5.51
CA GLU B 1094 27.62 -6.73 4.94
C GLU B 1094 27.76 -8.24 5.13
N SER B 1095 28.90 -8.71 5.64
CA SER B 1095 29.11 -10.13 5.83
C SER B 1095 28.59 -10.56 7.20
N PRO B 1096 27.66 -11.52 7.28
CA PRO B 1096 27.16 -11.96 8.58
C PRO B 1096 28.11 -12.88 9.34
N PHE B 1097 29.23 -13.28 8.73
CA PHE B 1097 30.19 -14.17 9.37
C PHE B 1097 31.46 -13.47 9.83
N LEU B 1098 31.68 -12.22 9.45
CA LEU B 1098 32.87 -11.47 9.80
C LEU B 1098 32.51 -10.30 10.70
N THR B 1099 33.37 -10.02 11.68
CA THR B 1099 33.16 -8.94 12.63
C THR B 1099 34.29 -7.93 12.52
N MET B 1100 34.03 -6.73 13.05
CA MET B 1100 35.05 -5.67 12.99
C MET B 1100 36.31 -6.06 13.76
N ASP B 1101 36.19 -6.95 14.74
CA ASP B 1101 37.36 -7.38 15.49
C ASP B 1101 38.38 -8.06 14.59
N LEU B 1102 37.91 -8.93 13.68
CA LEU B 1102 38.82 -9.58 12.75
C LEU B 1102 39.52 -8.56 11.85
N LEU B 1103 38.76 -7.59 11.35
CA LEU B 1103 39.35 -6.57 10.47
C LEU B 1103 40.41 -5.76 11.22
N GLU B 1104 40.11 -5.38 12.47
CA GLU B 1104 41.06 -4.57 13.23
C GLU B 1104 42.34 -5.34 13.50
N SER B 1105 42.23 -6.63 13.80
CA SER B 1105 43.41 -7.45 14.09
C SER B 1105 44.36 -7.52 12.90
N CYS B 1106 43.84 -7.38 11.67
CA CYS B 1106 44.67 -7.45 10.47
C CYS B 1106 44.62 -6.19 9.62
N PHE B 1107 43.76 -5.22 9.95
CA PHE B 1107 43.66 -4.00 9.18
C PHE B 1107 43.20 -2.86 10.08
N PRO B 1108 44.07 -1.92 10.45
CA PRO B 1108 43.64 -0.82 11.32
C PRO B 1108 42.51 -0.02 10.70
N TYR B 1109 41.57 0.41 11.55
CA TYR B 1109 40.44 1.20 11.08
C TYR B 1109 40.81 2.63 10.75
N VAL B 1110 41.99 3.09 11.18
CA VAL B 1110 42.41 4.45 10.89
C VAL B 1110 42.58 4.66 9.39
N LEU B 1111 43.09 3.65 8.68
CA LEU B 1111 43.22 3.76 7.23
C LEU B 1111 41.85 3.93 6.58
N LEU B 1112 40.86 3.15 7.02
CA LEU B 1112 39.52 3.28 6.47
C LEU B 1112 38.93 4.64 6.78
N ARG B 1113 39.15 5.15 7.99
CA ARG B 1113 38.66 6.48 8.35
C ARG B 1113 39.30 7.55 7.46
N ASN B 1114 40.61 7.43 7.24
CA ASN B 1114 41.29 8.40 6.37
C ASN B 1114 40.77 8.33 4.94
N ALA B 1115 40.54 7.11 4.43
CA ALA B 1115 39.99 6.97 3.09
C ALA B 1115 38.60 7.60 3.00
N TYR B 1116 37.77 7.42 4.01
CA TYR B 1116 36.40 8.00 4.02
C TYR B 1116 36.51 9.51 3.98
N HIS B 1117 37.47 10.08 4.72
CA HIS B 1117 37.67 11.55 4.74
C HIS B 1117 38.07 12.02 3.35
N ALA B 1118 39.01 11.34 2.71
CA ALA B 1118 39.55 11.75 1.39
C ALA B 1118 38.49 11.67 0.29
N VAL B 1119 37.67 10.62 0.23
CA VAL B 1119 36.67 10.43 -0.87
C VAL B 1119 35.57 11.49 -0.71
N TYR B 1120 35.56 12.28 0.37
CA TYR B 1120 34.62 13.40 0.61
C TYR B 1120 35.39 14.72 0.55
N LYS B 1121 34.89 15.71 -0.20
CA LYS B 1121 35.67 16.95 -0.36
C LYS B 1121 34.78 18.03 -1.02
N ASN C 24 75.89 -6.65 49.12
CA ASN C 24 76.19 -6.04 47.81
C ASN C 24 75.12 -4.99 47.48
N GLU C 25 75.54 -3.83 46.97
CA GLU C 25 74.59 -2.75 46.61
C GLU C 25 73.65 -3.26 45.51
N LEU C 26 74.19 -3.98 44.53
CA LEU C 26 73.37 -4.51 43.42
C LEU C 26 72.34 -5.50 43.98
N GLU C 27 72.74 -6.33 44.93
CA GLU C 27 71.81 -7.30 45.57
C GLU C 27 70.72 -6.54 46.34
N CYS C 28 71.09 -5.46 47.02
CA CYS C 28 70.08 -4.65 47.75
C CYS C 28 69.09 -4.07 46.74
N VAL C 29 69.59 -3.61 45.59
CA VAL C 29 68.72 -3.02 44.53
C VAL C 29 67.70 -4.08 44.06
N THR C 30 68.14 -5.30 43.77
CA THR C 30 67.24 -6.33 43.26
C THR C 30 66.15 -6.66 44.27
N ASN C 31 66.49 -6.71 45.55
CA ASN C 31 65.47 -6.95 46.58
C ASN C 31 64.44 -5.83 46.61
N ILE C 32 64.90 -4.58 46.51
CA ILE C 32 63.97 -3.44 46.47
C ILE C 32 63.08 -3.56 45.23
N SER C 33 63.65 -3.95 44.11
CA SER C 33 62.86 -4.11 42.89
C SER C 33 61.81 -5.19 43.07
N LEU C 34 62.16 -6.30 43.72
CA LEU C 34 61.20 -7.37 43.96
C LEU C 34 60.07 -6.89 44.87
N ALA C 35 60.40 -6.12 45.91
CA ALA C 35 59.36 -5.57 46.77
C ALA C 35 58.44 -4.65 45.99
N ASN C 36 59.01 -3.80 45.14
CA ASN C 36 58.18 -2.92 44.30
C ASN C 36 57.31 -3.72 43.36
N ILE C 37 57.83 -4.84 42.86
CA ILE C 37 57.05 -5.70 41.98
C ILE C 37 55.87 -6.31 42.73
N ILE C 38 56.08 -6.72 43.98
CA ILE C 38 54.99 -7.22 44.79
C ILE C 38 53.93 -6.14 45.00
N ARG C 39 54.38 -4.91 45.26
CA ARG C 39 53.44 -3.81 45.41
C ARG C 39 52.64 -3.57 44.13
N GLN C 40 53.31 -3.66 42.97
CA GLN C 40 52.61 -3.51 41.71
C GLN C 40 51.62 -4.66 41.49
N LEU C 41 51.97 -5.86 41.95
CA LEU C 41 51.04 -6.97 41.89
C LEU C 41 49.79 -6.69 42.71
N SER C 42 49.97 -6.10 43.89
CA SER C 42 48.81 -5.71 44.71
C SER C 42 47.98 -4.65 44.00
N SER C 43 48.63 -3.68 43.37
CA SER C 43 47.91 -2.65 42.63
C SER C 43 47.10 -3.26 41.50
N LEU C 44 47.69 -4.23 40.78
CA LEU C 44 46.96 -4.96 39.75
C LEU C 44 45.78 -5.73 40.34
N SER C 45 45.97 -6.32 41.53
CA SER C 45 44.89 -7.02 42.19
C SER C 45 43.71 -6.09 42.43
N LYS C 46 44.00 -4.84 42.84
CA LYS C 46 42.94 -3.83 43.11
C LYS C 46 42.37 -3.31 41.80
N TYR C 47 43.15 -3.25 40.71
CA TYR C 47 42.63 -2.85 39.40
C TYR C 47 41.70 -3.90 38.82
N ALA C 48 41.89 -5.16 39.19
CA ALA C 48 40.98 -6.23 38.77
C ALA C 48 39.75 -6.30 39.69
N GLU C 49 39.97 -6.17 41.00
CA GLU C 49 38.91 -6.36 41.98
C GLU C 49 37.80 -5.32 41.81
N ASP C 50 38.18 -4.06 41.61
CA ASP C 50 37.17 -3.01 41.45
C ASP C 50 36.32 -3.26 40.21
N ILE C 51 36.95 -3.59 39.09
CA ILE C 51 36.22 -3.85 37.86
C ILE C 51 35.27 -5.03 38.04
N PHE C 52 35.78 -6.11 38.65
CA PHE C 52 34.95 -7.29 38.83
C PHE C 52 33.76 -7.01 39.75
N GLY C 53 33.99 -6.22 40.80
CA GLY C 53 32.89 -5.86 41.69
C GLY C 53 31.82 -5.04 40.98
N GLU C 54 32.24 -4.06 40.18
CA GLU C 54 31.27 -3.25 39.44
C GLU C 54 30.48 -4.13 38.47
N LEU C 55 31.18 -5.02 37.76
CA LEU C 55 30.49 -5.91 36.82
C LEU C 55 29.50 -6.80 37.56
N PHE C 56 29.90 -7.33 38.72
CA PHE C 56 28.99 -8.18 39.49
C PHE C 56 27.76 -7.40 39.94
N ASN C 57 27.95 -6.17 40.40
CA ASN C 57 26.81 -5.37 40.84
C ASN C 57 25.83 -5.12 39.70
N GLU C 58 26.34 -4.65 38.56
CA GLU C 58 25.45 -4.38 37.43
C GLU C 58 24.77 -5.64 36.91
N ALA C 59 25.49 -6.76 36.82
CA ALA C 59 24.87 -8.00 36.37
C ALA C 59 23.84 -8.51 37.36
N HIS C 60 24.06 -8.29 38.66
CA HIS C 60 23.09 -8.70 39.67
C HIS C 60 21.82 -7.87 39.56
N SER C 61 21.95 -6.57 39.30
CA SER C 61 20.77 -5.75 39.03
C SER C 61 20.05 -6.23 37.78
N PHE C 62 20.81 -6.58 36.74
CA PHE C 62 20.20 -7.12 35.52
C PHE C 62 19.45 -8.42 35.83
N SER C 63 20.02 -9.25 36.69
CA SER C 63 19.35 -10.51 37.06
C SER C 63 18.05 -10.24 37.80
N PHE C 64 18.05 -9.26 38.71
CA PHE C 64 16.80 -8.87 39.36
C PHE C 64 15.76 -8.47 38.33
N ARG C 65 16.16 -7.62 37.37
CA ARG C 65 15.20 -7.18 36.35
C ARG C 65 14.69 -8.36 35.54
N VAL C 66 15.57 -9.29 35.17
CA VAL C 66 15.16 -10.44 34.38
C VAL C 66 14.18 -11.30 35.15
N ASN C 67 14.44 -11.56 36.43
CA ASN C 67 13.53 -12.37 37.23
C ASN C 67 12.18 -11.70 37.37
N SER C 68 12.17 -10.38 37.62
CA SER C 68 10.90 -9.67 37.75
C SER C 68 10.10 -9.75 36.46
N LEU C 69 10.76 -9.54 35.32
CA LEU C 69 10.03 -9.60 34.05
C LEU C 69 9.62 -11.03 33.72
N GLN C 70 10.35 -12.03 34.20
CA GLN C 70 9.93 -13.41 33.98
C GLN C 70 8.66 -13.72 34.76
N GLU C 71 8.59 -13.25 36.01
CA GLU C 71 7.34 -13.37 36.76
C GLU C 71 6.21 -12.66 36.03
N ARG C 72 6.48 -11.45 35.54
CA ARG C 72 5.46 -10.70 34.81
C ARG C 72 5.01 -11.46 33.56
N VAL C 73 5.96 -12.08 32.85
CA VAL C 73 5.65 -12.74 31.60
C VAL C 73 4.81 -13.99 31.84
N ASP C 74 5.16 -14.78 32.86
CA ASP C 74 4.34 -15.95 33.13
C ASP C 74 2.94 -15.55 33.59
N ARG C 75 2.83 -14.50 34.41
CA ARG C 75 1.50 -14.00 34.79
C ARG C 75 0.71 -13.54 33.55
N LEU C 76 1.35 -12.82 32.64
CA LEU C 76 0.68 -12.36 31.44
C LEU C 76 0.24 -13.54 30.57
N SER C 77 1.07 -14.58 30.46
CA SER C 77 0.70 -15.74 29.66
C SER C 77 -0.50 -16.46 30.25
N VAL C 78 -0.48 -16.68 31.58
CA VAL C 78 -1.60 -17.37 32.21
C VAL C 78 -2.87 -16.53 32.13
N SER C 79 -2.73 -15.21 32.09
CA SER C 79 -3.90 -14.35 31.90
C SER C 79 -4.41 -14.42 30.48
N VAL C 80 -3.50 -14.39 29.49
CA VAL C 80 -3.88 -14.38 28.09
C VAL C 80 -4.50 -15.70 27.65
N THR C 81 -4.08 -16.81 28.24
CA THR C 81 -4.62 -18.11 27.86
C THR C 81 -6.04 -18.34 28.37
N GLN C 82 -6.70 -17.30 28.89
CA GLN C 82 -8.07 -17.41 29.39
C GLN C 82 -9.06 -16.53 28.63
N LEU C 83 -8.60 -15.70 27.68
CA LEU C 83 -9.49 -14.78 26.98
C LEU C 83 -10.62 -15.52 26.26
N ASP C 84 -11.74 -14.83 26.05
CA ASP C 84 -12.90 -15.39 25.37
C ASP C 84 -13.47 -14.38 24.39
N PRO C 85 -13.52 -14.69 23.09
CA PRO C 85 -14.05 -13.70 22.13
C PRO C 85 -15.47 -13.26 22.43
N LYS C 86 -16.32 -14.17 22.91
CA LYS C 86 -17.70 -13.80 23.21
C LYS C 86 -17.82 -12.89 24.43
N GLU C 87 -16.82 -12.97 25.31
CA GLU C 87 -16.84 -12.14 26.54
C GLU C 87 -16.54 -10.70 26.13
N GLU C 88 -15.86 -10.51 24.99
CA GLU C 88 -15.46 -9.14 24.62
C GLU C 88 -16.70 -8.29 24.41
N GLU C 89 -16.75 -7.12 25.04
CA GLU C 89 -17.89 -6.18 24.85
C GLU C 89 -17.28 -4.82 24.51
N LEU C 90 -17.79 -4.17 23.46
CA LEU C 90 -17.18 -2.88 23.03
C LEU C 90 -18.14 -1.76 23.42
N SER C 91 -17.65 -0.77 24.17
CA SER C 91 -18.51 0.38 24.56
C SER C 91 -18.14 1.59 23.68
N LEU C 92 -19.07 2.00 22.81
CA LEU C 92 -18.81 3.16 21.90
C LEU C 92 -18.65 4.44 22.71
N GLN C 93 -19.50 4.64 23.73
CA GLN C 93 -19.42 5.86 24.59
C GLN C 93 -18.10 5.89 25.36
N ASP C 94 -17.62 4.76 25.86
CA ASP C 94 -16.41 4.81 26.72
C ASP C 94 -15.15 4.89 25.85
N ILE C 95 -15.27 4.91 24.53
CA ILE C 95 -14.03 4.81 23.70
C ILE C 95 -13.05 5.96 24.01
N THR C 96 -13.51 7.21 24.11
CA THR C 96 -12.53 8.27 24.47
C THR C 96 -12.60 8.61 25.95
N MET C 97 -13.68 8.21 26.64
CA MET C 97 -13.76 8.46 28.09
C MET C 97 -12.66 7.64 28.76
N ARG C 98 -12.03 6.74 28.00
CA ARG C 98 -10.98 5.85 28.56
C ARG C 98 -9.63 6.58 28.56
N LYS C 99 -8.86 6.45 29.64
CA LYS C 99 -7.51 7.08 29.69
C LYS C 99 -6.64 6.44 28.62
N ALA C 100 -5.87 7.25 27.91
CA ALA C 100 -5.05 6.73 26.80
C ALA C 100 -3.72 6.22 27.35
N PHE C 101 -3.19 5.15 26.75
CA PHE C 101 -1.94 4.57 27.24
C PHE C 101 -0.75 5.24 26.57
N ARG C 102 0.27 5.53 27.37
CA ARG C 102 1.48 6.18 26.89
C ARG C 102 2.70 5.40 27.37
N SER C 103 3.66 5.23 26.47
CA SER C 103 4.87 4.50 26.80
C SER C 103 5.84 5.38 27.56
N SER C 104 6.76 4.75 28.27
CA SER C 104 7.77 5.48 29.04
C SER C 104 8.65 6.29 28.10
N THR C 105 9.03 7.48 28.57
CA THR C 105 9.86 8.40 27.79
C THR C 105 10.96 8.98 28.67
N ILE C 106 11.58 8.13 29.48
CA ILE C 106 12.65 8.57 30.37
C ILE C 106 13.92 8.76 29.56
N GLN C 107 14.59 9.89 29.78
CA GLN C 107 15.83 10.23 29.08
C GLN C 107 16.92 10.48 30.11
N ASP C 108 18.08 9.85 29.91
CA ASP C 108 19.19 10.00 30.84
C ASP C 108 19.85 11.35 30.68
N GLN C 109 20.25 11.95 31.80
CA GLN C 109 20.93 13.24 31.79
C GLN C 109 21.78 13.34 33.05
N GLN C 110 22.72 14.28 33.03
CA GLN C 110 23.65 14.47 34.14
C GLN C 110 24.46 13.19 34.39
N LEU C 111 25.18 12.77 33.35
CA LEU C 111 25.94 11.53 33.37
C LEU C 111 27.33 11.69 33.97
N PHE C 112 27.71 12.90 34.40
CA PHE C 112 29.03 13.18 34.93
C PHE C 112 28.92 13.81 36.31
N ASP C 113 28.07 13.23 37.16
CA ASP C 113 27.90 13.69 38.53
C ASP C 113 28.88 13.00 39.45
N ARG C 114 28.97 13.50 40.68
CA ARG C 114 29.90 12.92 41.66
C ARG C 114 29.53 11.48 41.98
N LYS C 115 28.24 11.16 42.00
CA LYS C 115 27.81 9.81 42.34
C LYS C 115 28.35 8.78 41.35
N THR C 116 28.61 9.20 40.11
CA THR C 116 29.07 8.29 39.07
C THR C 116 30.59 8.13 39.04
N LEU C 117 31.31 8.80 39.92
CA LEU C 117 32.77 8.73 39.90
C LEU C 117 33.23 7.33 40.29
N PRO C 118 34.05 6.66 39.47
CA PRO C 118 34.61 5.37 39.88
C PRO C 118 35.50 5.50 41.10
N ILE C 119 35.57 4.41 41.87
CA ILE C 119 36.34 4.42 43.11
C ILE C 119 37.80 4.79 42.86
N PRO C 120 38.52 4.17 41.91
CA PRO C 120 39.94 4.52 41.73
C PRO C 120 40.14 6.01 41.50
N LEU C 121 39.27 6.64 40.71
CA LEU C 121 39.32 8.08 40.59
C LEU C 121 39.00 8.75 41.92
N GLN C 122 38.19 8.12 42.76
CA GLN C 122 37.92 8.67 44.08
C GLN C 122 39.19 8.75 44.91
N GLU C 123 39.98 7.67 44.93
CA GLU C 123 41.26 7.73 45.64
C GLU C 123 42.21 8.71 44.98
N THR C 124 42.23 8.75 43.65
CA THR C 124 43.14 9.67 42.95
C THR C 124 42.80 11.12 43.24
N TYR C 125 41.51 11.43 43.50
CA TYR C 125 41.07 12.80 43.68
C TYR C 125 41.12 13.23 45.15
N ASP C 126 40.60 12.41 46.06
CA ASP C 126 40.55 12.81 47.47
C ASP C 126 41.94 13.01 48.05
N VAL C 127 42.97 12.48 47.37
CA VAL C 127 44.38 12.64 47.83
C VAL C 127 44.95 13.94 47.25
N CYS C 128 44.28 14.54 46.26
CA CYS C 128 44.76 15.80 45.64
C CYS C 128 44.51 16.99 46.58
N GLU C 129 45.19 18.11 46.35
CA GLU C 129 45.08 19.27 47.26
C GLU C 129 43.66 19.84 47.24
N GLN C 130 43.10 20.12 48.42
CA GLN C 130 41.72 20.67 48.54
C GLN C 130 41.74 22.19 48.37
N PRO C 131 40.63 22.84 47.97
CA PRO C 131 40.58 24.29 47.88
C PRO C 131 40.64 24.97 49.26
N PRO C 132 41.10 26.25 49.36
CA PRO C 132 41.24 26.94 50.65
C PRO C 132 39.92 27.08 51.41
N PRO C 133 39.91 27.02 52.76
CA PRO C 133 38.67 27.08 53.53
C PRO C 133 37.99 28.45 53.54
N LEU C 134 37.74 29.02 52.36
CA LEU C 134 37.11 30.33 52.25
C LEU C 134 35.64 30.34 52.68
N ASN C 135 35.07 29.17 52.94
CA ASN C 135 33.66 29.06 53.33
C ASN C 135 33.42 29.47 54.78
N ILE C 136 34.46 29.67 55.56
CA ILE C 136 34.32 30.06 56.96
C ILE C 136 34.16 31.58 57.09
N LEU C 137 34.17 32.31 55.97
CA LEU C 137 33.99 33.75 55.98
C LEU C 137 32.59 34.18 55.58
N THR C 138 31.69 33.26 55.25
CA THR C 138 30.35 33.64 54.83
C THR C 138 29.60 34.46 55.87
N PRO C 139 29.65 34.15 57.17
CA PRO C 139 28.86 34.94 58.13
C PRO C 139 29.24 36.41 58.14
N TYR C 140 30.46 36.75 57.76
CA TYR C 140 30.94 38.13 57.80
C TYR C 140 30.81 38.82 56.44
N ARG C 141 29.98 38.31 55.55
CA ARG C 141 29.74 38.89 54.24
C ARG C 141 28.38 39.55 54.22
N ASP C 142 28.33 40.81 53.77
CA ASP C 142 27.09 41.56 53.80
C ASP C 142 26.01 40.91 52.93
N ASP C 143 26.38 40.48 51.74
CA ASP C 143 25.43 39.88 50.82
C ASP C 143 25.13 38.41 51.11
N GLY C 144 25.95 37.76 51.94
CA GLY C 144 25.73 36.36 52.26
C GLY C 144 26.16 35.40 51.18
N LYS C 145 26.79 35.87 50.10
CA LYS C 145 27.23 34.99 49.05
C LYS C 145 28.33 34.07 49.55
N GLU C 146 28.34 32.83 49.05
CA GLU C 146 29.34 31.86 49.48
C GLU C 146 30.74 32.36 49.16
N GLY C 147 31.63 32.27 50.14
CA GLY C 147 33.00 32.73 49.94
C GLY C 147 33.75 31.88 48.93
N LEU C 148 33.60 30.56 49.00
CA LEU C 148 34.33 29.68 48.09
C LEU C 148 33.93 29.92 46.64
N LYS C 149 32.72 30.41 46.41
CA LYS C 149 32.27 30.68 45.04
C LYS C 149 33.06 31.78 44.36
N PHE C 150 33.75 32.63 45.12
CA PHE C 150 34.66 33.62 44.56
C PHE C 150 35.99 33.00 44.12
N TYR C 151 36.29 31.79 44.57
CA TYR C 151 37.50 31.07 44.17
C TYR C 151 37.28 30.22 42.93
N THR C 152 36.32 29.29 42.99
CA THR C 152 35.96 28.46 41.85
C THR C 152 34.47 28.21 41.89
N ASN C 153 33.81 28.34 40.72
CA ASN C 153 32.36 28.20 40.61
C ASN C 153 32.05 27.21 39.51
N PRO C 154 31.99 25.91 39.82
CA PRO C 154 31.64 24.92 38.79
C PRO C 154 30.30 25.18 38.14
N SER C 155 29.33 25.72 38.87
CA SER C 155 28.01 26.03 38.32
C SER C 155 28.00 27.28 37.45
N TYR C 156 29.14 27.98 37.35
CA TYR C 156 29.21 29.18 36.51
C TYR C 156 28.92 28.83 35.06
N PHE C 157 29.50 27.73 34.57
CA PHE C 157 29.22 27.32 33.20
C PHE C 157 27.72 27.20 32.97
N PHE C 158 27.05 26.44 33.84
CA PHE C 158 25.63 26.16 33.65
C PHE C 158 24.80 27.44 33.74
N ASP C 159 25.05 28.25 34.78
CA ASP C 159 24.21 29.43 34.97
C ASP C 159 24.40 30.45 33.85
N LEU C 160 25.66 30.72 33.47
CA LEU C 160 25.90 31.66 32.39
C LEU C 160 25.34 31.15 31.06
N TRP C 161 25.51 29.86 30.78
CA TRP C 161 24.96 29.31 29.54
C TRP C 161 23.45 29.41 29.51
N LYS C 162 22.80 29.11 30.64
CA LYS C 162 21.33 29.21 30.70
C LYS C 162 20.88 30.65 30.50
N GLU C 163 21.55 31.60 31.15
CA GLU C 163 21.18 33.00 30.99
C GLU C 163 21.35 33.44 29.54
N LYS C 164 22.47 33.07 28.92
CA LYS C 164 22.71 33.43 27.53
C LYS C 164 21.67 32.80 26.61
N MET C 165 21.33 31.54 26.85
CA MET C 165 20.33 30.87 26.02
C MET C 165 18.97 31.55 26.14
N LEU C 166 18.58 31.89 27.37
CA LEU C 166 17.30 32.57 27.57
C LEU C 166 17.29 33.93 26.89
N GLN C 167 18.38 34.68 27.01
CA GLN C 167 18.45 35.99 26.35
C GLN C 167 18.38 35.84 24.84
N ASP C 168 19.08 34.85 24.29
CA ASP C 168 19.05 34.63 22.85
C ASP C 168 17.65 34.25 22.39
N THR C 169 16.96 33.39 23.15
CA THR C 169 15.60 33.01 22.79
C THR C 169 14.68 34.21 22.82
N GLU C 170 14.79 35.05 23.85
CA GLU C 170 13.95 36.24 23.93
C GLU C 170 14.22 37.17 22.76
N ASP C 171 15.48 37.29 22.35
CA ASP C 171 15.78 38.11 21.13
C ASP C 171 15.27 37.38 19.88
N LYS C 172 15.41 36.05 19.85
CA LYS C 172 15.01 35.26 18.66
C LYS C 172 13.50 35.34 18.39
N ARG C 173 12.64 35.35 19.42
CA ARG C 173 11.19 35.46 19.09
C ARG C 173 10.94 36.79 18.37
N LYS C 174 11.55 37.86 18.87
CA LYS C 174 11.37 39.20 18.25
C LYS C 174 11.91 39.14 16.82
N GLU C 175 13.05 38.49 16.62
CA GLU C 175 13.67 38.41 15.26
C GLU C 175 12.72 37.67 14.32
N LYS C 176 12.11 36.56 14.78
CA LYS C 176 11.20 35.76 13.93
C LYS C 176 9.97 36.61 13.60
N ARG C 177 9.47 37.36 14.58
CA ARG C 177 8.15 38.05 14.45
C ARG C 177 8.32 39.31 13.60
N SER C 263 -24.73 10.33 16.33
CA SER C 263 -24.94 9.18 17.20
C SER C 263 -24.17 9.35 18.51
N VAL C 264 -24.24 8.34 19.38
CA VAL C 264 -23.60 8.44 20.68
C VAL C 264 -22.08 8.49 20.54
N LEU C 265 -21.53 7.78 19.56
CA LEU C 265 -20.11 7.90 19.29
C LEU C 265 -19.75 9.34 18.94
N LEU C 266 -20.69 10.08 18.37
CA LEU C 266 -20.48 11.51 18.16
C LEU C 266 -20.29 12.24 19.49
N GLU C 267 -21.12 11.90 20.49
CA GLU C 267 -20.91 12.46 21.82
C GLU C 267 -19.53 12.09 22.35
N ALA C 268 -19.13 10.83 22.17
CA ALA C 268 -17.85 10.40 22.69
C ALA C 268 -16.69 11.16 22.05
N ILE C 269 -16.74 11.34 20.73
CA ILE C 269 -15.66 12.06 20.06
C ILE C 269 -15.67 13.54 20.46
N ARG C 270 -16.86 14.11 20.64
CA ARG C 270 -16.94 15.49 21.12
C ARG C 270 -16.28 15.63 22.48
N LYS C 271 -16.58 14.71 23.39
CA LYS C 271 -15.95 14.75 24.71
C LYS C 271 -14.45 14.57 24.60
N GLY C 272 -14.00 13.68 23.71
CA GLY C 272 -12.58 13.47 23.54
C GLY C 272 -11.86 14.73 23.06
N ILE C 273 -12.44 15.41 22.07
CA ILE C 273 -11.81 16.63 21.57
C ILE C 273 -11.83 17.72 22.63
N GLN C 274 -12.91 17.80 23.41
CA GLN C 274 -12.96 18.78 24.49
C GLN C 274 -11.87 18.50 25.52
N LEU C 275 -11.72 17.24 25.91
CA LEU C 275 -10.67 16.87 26.87
C LEU C 275 -9.29 17.20 26.31
N ARG C 276 -9.05 16.86 25.04
CA ARG C 276 -7.74 17.13 24.45
C ARG C 276 -7.45 18.62 24.44
N LYS C 277 -8.46 19.44 24.09
CA LYS C 277 -8.25 20.88 24.08
C LYS C 277 -7.97 21.40 25.48
N VAL C 278 -8.82 21.07 26.45
CA VAL C 278 -8.63 21.59 27.80
C VAL C 278 -7.41 20.96 28.45
N GLU C 279 -7.26 19.64 28.32
CA GLU C 279 -6.14 18.93 28.93
C GLU C 279 -4.91 19.04 28.04
N GLU C 280 -4.41 20.26 27.93
CA GLU C 280 -3.21 20.53 27.14
C GLU C 280 -1.98 20.15 27.97
N GLN C 281 -0.80 20.50 27.47
CA GLN C 281 0.45 20.21 28.17
C GLN C 281 0.66 21.23 29.29
N ARG C 282 1.61 20.91 30.17
CA ARG C 282 1.92 21.78 31.30
C ARG C 282 3.42 21.98 31.42
N GLU C 292 13.13 25.87 33.15
CA GLU C 292 13.60 24.56 33.56
C GLU C 292 15.12 24.49 33.47
N ASN C 293 15.71 23.57 34.22
CA ASN C 293 17.17 23.41 34.28
C ASN C 293 17.62 22.14 33.58
N ASP C 294 16.99 21.82 32.45
CA ASP C 294 17.43 20.75 31.57
C ASP C 294 17.89 21.37 30.26
N VAL C 295 19.11 21.04 29.85
CA VAL C 295 19.67 21.66 28.66
C VAL C 295 18.82 21.32 27.44
N ALA C 296 18.36 20.07 27.35
CA ALA C 296 17.59 19.66 26.18
C ALA C 296 16.33 20.50 26.04
N THR C 297 15.65 20.78 27.15
CA THR C 297 14.45 21.61 27.10
C THR C 297 14.79 23.01 26.59
N ILE C 298 15.90 23.57 27.05
CA ILE C 298 16.27 24.92 26.63
C ILE C 298 16.55 24.95 25.13
N LEU C 299 17.29 23.97 24.62
CA LEU C 299 17.58 23.93 23.19
C LEU C 299 16.30 23.75 22.39
N SER C 300 15.39 22.89 22.88
CA SER C 300 14.14 22.68 22.17
C SER C 300 13.33 23.96 22.09
N ARG C 301 13.41 24.76 23.15
CA ARG C 301 12.73 26.08 23.14
C ARG C 301 13.34 26.94 22.05
N ARG C 302 14.67 27.06 21.98
CA ARG C 302 15.28 28.02 21.01
C ARG C 302 14.89 27.65 19.58
N ILE C 303 15.02 26.37 19.22
CA ILE C 303 14.71 25.95 17.82
C ILE C 303 13.21 26.14 17.55
N ALA C 304 12.35 25.82 18.52
CA ALA C 304 10.89 25.95 18.30
C ALA C 304 10.56 27.42 18.08
N VAL C 305 11.22 28.32 18.82
CA VAL C 305 11.01 29.80 18.68
C VAL C 305 11.49 30.27 17.30
N GLU C 306 12.62 29.72 16.83
CA GLU C 306 13.11 30.09 15.47
C GLU C 306 12.08 29.62 14.45
N TYR C 307 11.01 29.00 14.96
CA TYR C 307 9.92 28.50 14.06
C TYR C 307 8.61 29.05 14.63
N SER C 308 7.49 28.94 13.92
CA SER C 308 6.26 29.57 14.47
C SER C 308 5.07 28.61 14.40
N ARG D 10 81.50 -13.06 38.88
CA ARG D 10 81.52 -11.62 39.07
C ARG D 10 80.10 -11.12 39.35
N GLU D 11 80.00 -10.04 40.12
CA GLU D 11 78.69 -9.51 40.48
C GLU D 11 77.92 -8.99 39.27
N ILE D 12 78.64 -8.61 38.21
CA ILE D 12 77.97 -8.02 37.05
C ILE D 12 77.08 -9.05 36.36
N HIS D 13 77.56 -10.28 36.19
CA HIS D 13 76.75 -11.32 35.56
C HIS D 13 75.51 -11.62 36.40
N GLN D 14 75.67 -11.71 37.72
CA GLN D 14 74.52 -11.95 38.58
C GLN D 14 73.52 -10.81 38.49
N ASP D 15 74.01 -9.58 38.42
CA ASP D 15 73.11 -8.44 38.25
C ASP D 15 72.37 -8.53 36.93
N TRP D 16 73.05 -8.92 35.86
CA TRP D 16 72.38 -9.05 34.56
C TRP D 16 71.29 -10.12 34.61
N ALA D 17 71.58 -11.25 35.26
CA ALA D 17 70.58 -12.30 35.40
C ALA D 17 69.39 -11.82 36.22
N ASN D 18 69.66 -11.10 37.31
CA ASN D 18 68.58 -10.58 38.13
C ASN D 18 67.73 -9.58 37.34
N ARG D 19 68.37 -8.79 36.47
CA ARG D 19 67.69 -7.78 35.61
C ARG D 19 66.85 -8.52 34.57
N GLU D 20 67.30 -9.67 34.07
CA GLU D 20 66.48 -10.55 33.23
C GLU D 20 65.23 -10.98 33.98
N TYR D 21 65.42 -11.45 35.21
CA TYR D 21 64.29 -11.94 36.01
C TYR D 21 63.26 -10.84 36.24
N ILE D 22 63.74 -9.65 36.67
CA ILE D 22 62.84 -8.55 36.96
C ILE D 22 62.07 -8.13 35.72
N GLU D 23 62.77 -8.04 34.59
CA GLU D 23 62.12 -7.68 33.33
C GLU D 23 61.07 -8.70 32.91
N ILE D 24 61.36 -10.00 33.08
CA ILE D 24 60.36 -11.01 32.72
C ILE D 24 59.12 -10.85 33.59
N ILE D 25 59.31 -10.63 34.89
CA ILE D 25 58.17 -10.45 35.77
C ILE D 25 57.36 -9.23 35.37
N THR D 26 58.04 -8.12 35.07
CA THR D 26 57.33 -6.90 34.67
C THR D 26 56.57 -7.11 33.36
N SER D 27 57.17 -7.84 32.42
CA SER D 27 56.49 -8.13 31.16
C SER D 27 55.22 -8.95 31.42
N SER D 28 55.31 -9.95 32.30
CA SER D 28 54.11 -10.72 32.64
C SER D 28 53.04 -9.83 33.25
N ILE D 29 53.46 -8.88 34.12
CA ILE D 29 52.50 -7.97 34.72
C ILE D 29 51.80 -7.14 33.64
N LYS D 30 52.57 -6.65 32.66
CA LYS D 30 51.97 -5.88 31.58
C LYS D 30 50.99 -6.72 30.76
N LYS D 31 51.37 -7.98 30.48
CA LYS D 31 50.45 -8.88 29.79
C LYS D 31 49.13 -8.99 30.54
N ILE D 32 49.21 -9.22 31.85
CA ILE D 32 48.00 -9.37 32.65
C ILE D 32 47.17 -8.08 32.60
N ALA D 33 47.84 -6.95 32.77
CA ALA D 33 47.17 -5.65 32.78
C ALA D 33 46.43 -5.36 31.48
N ASP D 34 47.11 -5.64 30.37
CA ASP D 34 46.51 -5.44 29.05
C ASP D 34 45.30 -6.34 28.89
N PHE D 35 45.43 -7.59 29.36
CA PHE D 35 44.32 -8.53 29.29
C PHE D 35 43.16 -8.03 30.12
N LEU D 36 43.45 -7.49 31.29
CA LEU D 36 42.40 -6.98 32.16
C LEU D 36 41.66 -5.84 31.47
N ASN D 37 42.41 -4.95 30.82
CA ASN D 37 41.80 -3.84 30.13
C ASN D 37 40.89 -4.34 29.00
N SER D 38 41.39 -5.34 28.26
CA SER D 38 40.62 -5.91 27.17
C SER D 38 39.34 -6.54 27.66
N PHE D 39 39.44 -7.23 28.80
CA PHE D 39 38.31 -7.90 29.41
C PHE D 39 37.27 -6.86 29.79
N ASP D 40 37.72 -5.76 30.36
CA ASP D 40 36.82 -4.69 30.77
C ASP D 40 36.11 -4.14 29.53
N MET D 41 36.86 -3.95 28.44
CA MET D 41 36.26 -3.46 27.21
C MET D 41 35.22 -4.40 26.60
N SER D 42 35.47 -5.71 26.64
CA SER D 42 34.55 -6.67 26.03
C SER D 42 33.27 -6.89 26.83
N CYS D 43 33.44 -7.23 28.09
CA CYS D 43 32.38 -7.48 29.05
C CYS D 43 31.38 -6.35 28.98
N ARG D 44 31.84 -5.12 29.03
CA ARG D 44 30.94 -3.96 29.01
C ARG D 44 30.09 -3.87 27.75
N SER D 45 30.66 -4.13 26.59
CA SER D 45 29.89 -4.07 25.35
C SER D 45 28.76 -5.10 25.36
N ARG D 46 29.09 -6.30 25.83
CA ARG D 46 28.13 -7.38 25.94
C ARG D 46 27.03 -7.00 26.92
N LEU D 47 27.41 -6.38 28.02
CA LEU D 47 26.45 -5.94 29.02
C LEU D 47 25.52 -4.91 28.45
N ALA D 48 26.06 -4.00 27.65
CA ALA D 48 25.24 -2.97 27.03
C ALA D 48 24.23 -3.63 26.11
N THR D 49 24.66 -4.63 25.34
CA THR D 49 23.73 -5.30 24.46
C THR D 49 22.63 -5.99 25.27
N LEU D 50 23.02 -6.65 26.36
CA LEU D 50 22.05 -7.34 27.18
C LEU D 50 21.04 -6.37 27.76
N ASN D 51 21.53 -5.23 28.23
CA ASN D 51 20.67 -4.25 28.83
C ASN D 51 19.70 -3.73 27.81
N GLU D 52 20.17 -3.46 26.60
CA GLU D 52 19.26 -2.94 25.59
C GLU D 52 18.19 -3.98 25.25
N LYS D 53 18.58 -5.24 25.17
CA LYS D 53 17.61 -6.28 24.85
C LYS D 53 16.56 -6.36 25.96
N LEU D 54 17.00 -6.30 27.20
CA LEU D 54 16.10 -6.37 28.33
C LEU D 54 15.14 -5.20 28.33
N THR D 55 15.66 -4.02 28.02
CA THR D 55 14.84 -2.82 27.99
C THR D 55 13.78 -2.94 26.92
N ALA D 56 14.16 -3.47 25.76
CA ALA D 56 13.21 -3.64 24.69
C ALA D 56 12.12 -4.61 25.12
N LEU D 57 12.51 -5.70 25.77
CA LEU D 57 11.53 -6.68 26.22
C LEU D 57 10.57 -6.05 27.23
N GLU D 58 11.08 -5.28 28.17
CA GLU D 58 10.23 -4.67 29.19
C GLU D 58 9.13 -3.78 28.61
N ARG D 59 9.51 -2.90 27.70
CA ARG D 59 8.56 -1.99 27.09
C ARG D 59 7.52 -2.77 26.29
N ARG D 60 7.98 -3.80 25.58
CA ARG D 60 7.09 -4.62 24.78
C ARG D 60 6.10 -5.33 25.69
N ILE D 61 6.57 -5.83 26.82
CA ILE D 61 5.69 -6.50 27.77
C ILE D 61 4.65 -5.53 28.31
N GLU D 62 5.07 -4.31 28.60
CA GLU D 62 4.14 -3.30 29.09
C GLU D 62 3.07 -3.02 28.05
N TYR D 63 3.49 -2.91 26.79
CA TYR D 63 2.54 -2.66 25.71
C TYR D 63 1.55 -3.80 25.59
N ILE D 64 2.04 -5.04 25.71
CA ILE D 64 1.16 -6.21 25.64
C ILE D 64 0.16 -6.20 26.78
N GLU D 65 0.65 -5.82 27.95
CA GLU D 65 -0.17 -5.73 29.14
C GLU D 65 -1.15 -4.60 28.95
N ALA D 66 -0.69 -3.43 28.50
CA ALA D 66 -1.65 -2.35 28.32
C ALA D 66 -2.68 -2.70 27.26
N ARG D 67 -2.33 -3.58 26.32
CA ARG D 67 -3.23 -3.93 25.23
C ARG D 67 -4.25 -4.99 25.60
N VAL D 68 -4.07 -5.70 26.71
CA VAL D 68 -4.92 -6.85 27.03
C VAL D 68 -5.57 -6.65 28.40
N THR D 69 -5.73 -5.40 28.82
CA THR D 69 -6.38 -5.10 30.09
C THR D 69 -7.34 -3.93 29.89
N LYS D 70 -8.44 -3.94 30.65
CA LYS D 70 -9.43 -2.87 30.62
C LYS D 70 -9.41 -2.15 31.96
N GLY D 71 -9.00 -0.89 31.95
CA GLY D 71 -8.92 -0.10 33.16
C GLY D 71 -8.02 -0.71 34.21
N MET E 1 18.47 -22.95 35.36
CA MET E 1 18.27 -21.62 36.00
C MET E 1 18.91 -21.60 37.40
N ALA E 2 19.00 -22.73 38.12
CA ALA E 2 19.57 -22.82 39.48
C ALA E 2 21.05 -22.43 39.50
N GLU E 3 21.84 -22.84 38.49
CA GLU E 3 23.25 -22.53 38.35
C GLU E 3 23.49 -21.03 38.26
N LEU E 4 22.51 -20.28 37.77
CA LEU E 4 22.65 -18.83 37.73
C LEU E 4 22.79 -18.25 39.13
N GLN E 5 21.87 -18.61 40.05
CA GLN E 5 21.98 -18.13 41.42
C GLN E 5 23.25 -18.65 42.07
N MET E 6 23.61 -19.91 41.81
CA MET E 6 24.84 -20.44 42.39
C MET E 6 26.04 -19.60 41.97
N LEU E 7 26.21 -19.38 40.67
CA LEU E 7 27.34 -18.63 40.15
C LEU E 7 27.28 -17.16 40.54
N LEU E 8 26.09 -16.65 40.88
CA LEU E 8 25.97 -15.27 41.31
C LEU E 8 26.36 -15.07 42.76
N GLU E 9 25.78 -15.85 43.68
CA GLU E 9 25.95 -15.62 45.11
C GLU E 9 26.81 -16.67 45.79
N GLU E 10 27.64 -17.41 45.03
CA GLU E 10 28.65 -18.26 45.68
C GLU E 10 30.01 -18.21 45.02
N GLU E 11 30.15 -17.69 43.80
CA GLU E 11 31.42 -17.69 43.08
C GLU E 11 32.06 -16.30 43.05
N ILE E 12 31.34 -15.31 42.55
CA ILE E 12 31.92 -13.96 42.41
C ILE E 12 32.32 -13.40 43.76
N PRO E 13 31.48 -13.42 44.80
CA PRO E 13 31.95 -12.92 46.11
C PRO E 13 33.15 -13.69 46.63
N GLY E 14 33.21 -15.00 46.38
CA GLY E 14 34.39 -15.76 46.76
C GLY E 14 35.65 -15.24 46.09
N GLY E 15 35.55 -14.97 44.79
CA GLY E 15 36.70 -14.41 44.08
C GLY E 15 37.09 -13.04 44.60
N ARG E 16 36.09 -12.22 44.94
CA ARG E 16 36.39 -10.89 45.48
C ARG E 16 37.12 -11.00 46.82
N ARG E 17 36.51 -11.75 47.73
CA ARG E 17 37.15 -11.94 49.05
C ARG E 17 38.58 -12.39 48.78
N ALA E 18 38.73 -13.37 47.87
CA ALA E 18 40.08 -13.92 47.63
C ALA E 18 40.99 -12.82 47.15
N LEU E 19 40.55 -11.97 46.22
CA LEU E 19 41.45 -10.92 45.67
C LEU E 19 41.85 -9.89 46.74
N PHE E 20 40.92 -9.48 47.61
CA PHE E 20 41.25 -8.52 48.70
C PHE E 20 42.24 -9.17 49.66
N ASP E 21 42.03 -10.46 49.93
CA ASP E 21 42.94 -11.17 50.84
C ASP E 21 44.31 -11.17 50.18
N SER E 22 44.34 -11.38 48.87
CA SER E 22 45.61 -11.40 48.11
C SER E 22 46.28 -10.03 48.26
N TYR E 23 45.55 -8.93 48.09
CA TYR E 23 46.24 -7.62 48.17
C TYR E 23 46.85 -7.47 49.57
N THR E 24 46.07 -7.80 50.62
CA THR E 24 46.65 -7.57 51.97
C THR E 24 47.88 -8.47 52.18
N ASN E 25 47.78 -9.73 51.80
CA ASN E 25 48.89 -10.69 52.06
C ASN E 25 50.11 -10.26 51.25
N LEU E 26 49.90 -9.76 50.04
CA LEU E 26 51.01 -9.34 49.15
C LEU E 26 51.72 -8.14 49.78
N GLU E 27 50.98 -7.18 50.32
CA GLU E 27 51.73 -6.08 51.01
C GLU E 27 52.52 -6.69 52.16
N ARG E 28 51.88 -7.60 52.91
CA ARG E 28 52.60 -8.15 54.09
C ARG E 28 53.88 -8.83 53.61
N VAL E 29 53.82 -9.61 52.51
CA VAL E 29 54.97 -10.38 51.99
C VAL E 29 56.05 -9.45 51.46
N ALA E 30 55.70 -8.34 50.79
CA ALA E 30 56.77 -7.41 50.37
C ALA E 30 57.49 -6.92 51.63
N ASP E 31 56.72 -6.53 52.64
CA ASP E 31 57.46 -6.01 53.83
C ASP E 31 58.34 -7.13 54.40
N TYR E 32 57.82 -8.36 54.47
CA TYR E 32 58.58 -9.48 55.08
C TYR E 32 59.86 -9.75 54.31
N CYS E 33 59.80 -9.75 52.98
CA CYS E 33 60.98 -10.06 52.14
C CYS E 33 62.03 -8.95 52.31
N GLU E 34 61.54 -7.70 52.37
CA GLU E 34 62.51 -6.60 52.57
C GLU E 34 63.21 -6.83 53.92
N ASN E 35 62.44 -7.18 54.95
CA ASN E 35 63.07 -7.35 56.28
C ASN E 35 64.06 -8.51 56.23
N ASN E 36 63.67 -9.62 55.59
CA ASN E 36 64.56 -10.81 55.59
C ASN E 36 65.88 -10.42 54.94
N TYR E 37 65.84 -9.62 53.87
CA TYR E 37 67.12 -9.33 53.16
C TYR E 37 68.17 -8.62 54.02
N ILE E 38 67.83 -7.84 55.03
CA ILE E 38 68.81 -7.04 55.76
C ILE E 38 69.06 -7.51 57.18
N GLN E 39 68.22 -8.40 57.72
CA GLN E 39 68.49 -9.09 58.98
C GLN E 39 68.70 -10.59 58.76
N SER E 40 69.41 -10.94 57.70
CA SER E 40 69.78 -12.33 57.42
C SER E 40 71.26 -12.41 57.08
N ALA E 41 71.94 -13.41 57.66
CA ALA E 41 73.36 -13.58 57.41
C ALA E 41 73.62 -13.89 55.94
N ASP E 42 72.80 -14.75 55.35
CA ASP E 42 72.96 -15.17 53.95
C ASP E 42 72.02 -14.33 53.09
N LYS E 43 72.57 -13.34 52.40
CA LYS E 43 71.77 -12.50 51.53
C LYS E 43 71.22 -13.27 50.34
N GLN E 44 72.02 -14.19 49.78
CA GLN E 44 71.58 -14.94 48.61
C GLN E 44 70.36 -15.80 48.95
N ARG E 45 70.31 -16.33 50.18
CA ARG E 45 69.15 -17.12 50.58
C ARG E 45 67.87 -16.28 50.55
N ALA E 46 67.93 -15.07 51.10
CA ALA E 46 66.78 -14.18 51.07
C ALA E 46 66.42 -13.81 49.63
N LEU E 47 67.44 -13.57 48.79
CA LEU E 47 67.17 -13.24 47.39
C LEU E 47 66.41 -14.36 46.70
N GLU E 48 66.85 -15.60 46.88
CA GLU E 48 66.14 -16.74 46.29
C GLU E 48 64.74 -16.88 46.86
N GLU E 49 64.65 -16.63 48.17
CA GLU E 49 63.39 -16.69 48.88
C GLU E 49 62.52 -15.60 48.30
N THR E 50 63.09 -14.42 48.13
CA THR E 50 62.34 -13.30 47.57
C THR E 50 61.91 -13.63 46.16
N LYS E 51 62.80 -14.23 45.38
CA LYS E 51 62.46 -14.60 44.01
C LYS E 51 61.32 -15.59 44.02
N ALA E 52 61.38 -16.57 44.91
CA ALA E 52 60.32 -17.57 44.97
C ALA E 52 59.00 -16.91 45.31
N TYR E 53 59.02 -16.00 46.28
CA TYR E 53 57.79 -15.34 46.66
C TYR E 53 57.22 -14.55 45.51
N THR E 54 58.06 -13.81 44.80
CA THR E 54 57.53 -13.02 43.70
C THR E 54 56.96 -13.92 42.58
N THR E 55 57.61 -15.05 42.32
CA THR E 55 57.11 -15.96 41.30
C THR E 55 55.76 -16.55 41.69
N GLN E 56 55.61 -16.89 42.97
CA GLN E 56 54.38 -17.52 43.44
C GLN E 56 53.14 -16.64 43.31
N SER E 57 53.18 -15.50 44.01
CA SER E 57 52.12 -14.51 44.06
C SER E 57 51.58 -14.20 42.67
N LEU E 58 52.47 -14.07 41.68
CA LEU E 58 52.02 -13.80 40.32
C LEU E 58 51.13 -14.93 39.80
N ALA E 59 51.54 -16.17 40.04
CA ALA E 59 50.76 -17.31 39.58
C ALA E 59 49.40 -17.34 40.27
N SER E 60 49.37 -17.09 41.57
CA SER E 60 48.08 -17.08 42.28
C SER E 60 47.16 -16.00 41.74
N VAL E 61 47.69 -14.80 41.53
CA VAL E 61 46.87 -13.70 41.01
C VAL E 61 46.33 -14.05 39.63
N ALA E 62 47.19 -14.60 38.77
CA ALA E 62 46.74 -14.97 37.43
C ALA E 62 45.64 -16.02 37.48
N TYR E 63 45.80 -17.03 38.35
CA TYR E 63 44.80 -18.08 38.46
C TYR E 63 43.46 -17.50 38.93
N LEU E 64 43.49 -16.64 39.95
CA LEU E 64 42.25 -16.06 40.46
C LEU E 64 41.57 -15.22 39.38
N ILE E 65 42.35 -14.40 38.66
CA ILE E 65 41.77 -13.56 37.62
C ILE E 65 41.15 -14.42 36.53
N ASN E 66 41.85 -15.49 36.12
CA ASN E 66 41.33 -16.36 35.09
C ASN E 66 40.01 -16.99 35.52
N THR E 67 39.96 -17.53 36.74
CA THR E 67 38.75 -18.19 37.21
C THR E 67 37.58 -17.20 37.27
N LEU E 68 37.85 -16.04 37.84
CA LEU E 68 36.83 -15.00 37.98
C LEU E 68 36.34 -14.56 36.61
N ALA E 69 37.27 -14.36 35.69
CA ALA E 69 36.90 -13.93 34.34
C ALA E 69 36.04 -14.99 33.67
N ASN E 70 36.42 -16.25 33.84
CA ASN E 70 35.66 -17.34 33.24
C ASN E 70 34.26 -17.37 33.81
N ASN E 71 34.15 -17.19 35.13
CA ASN E 71 32.84 -17.20 35.77
C ASN E 71 31.99 -16.07 35.24
N VAL E 72 32.58 -14.89 35.08
CA VAL E 72 31.82 -13.75 34.59
C VAL E 72 31.32 -14.03 33.17
N LEU E 73 32.19 -14.60 32.35
CA LEU E 73 31.79 -14.89 30.98
C LEU E 73 30.65 -15.89 30.97
N GLN E 74 30.74 -16.92 31.79
CA GLN E 74 29.68 -17.91 31.82
C GLN E 74 28.37 -17.29 32.30
N MET E 75 28.44 -16.41 33.29
CA MET E 75 27.24 -15.76 33.78
C MET E 75 26.60 -14.96 32.68
N LEU E 76 27.40 -14.22 31.92
CA LEU E 76 26.85 -13.43 30.84
C LEU E 76 26.19 -14.32 29.79
N ASP E 77 26.85 -15.44 29.48
CA ASP E 77 26.28 -16.34 28.48
C ASP E 77 24.95 -16.89 28.96
N ILE E 78 24.90 -17.27 30.23
CA ILE E 78 23.68 -17.82 30.78
C ILE E 78 22.57 -16.80 30.74
N GLN E 79 22.89 -15.56 31.10
CA GLN E 79 21.88 -14.51 31.08
C GLN E 79 21.38 -14.23 29.67
N ALA E 80 22.28 -14.15 28.72
CA ALA E 80 21.87 -13.87 27.35
C ALA E 80 20.96 -14.96 26.82
N SER E 81 21.31 -16.21 27.11
CA SER E 81 20.50 -17.33 26.64
C SER E 81 19.11 -17.27 27.24
N GLN E 82 19.03 -16.98 28.53
CA GLN E 82 17.72 -16.90 29.19
C GLN E 82 16.90 -15.75 28.62
N LEU E 83 17.55 -14.63 28.31
CA LEU E 83 16.87 -13.50 27.74
C LEU E 83 16.31 -13.87 26.37
N ARG E 84 17.10 -14.61 25.59
CA ARG E 84 16.67 -15.07 24.27
C ARG E 84 15.46 -15.99 24.41
N ARG E 85 15.50 -16.86 25.40
CA ARG E 85 14.39 -17.78 25.64
C ARG E 85 13.13 -17.02 26.00
N MET E 86 13.29 -15.98 26.83
CA MET E 86 12.16 -15.15 27.23
C MET E 86 11.57 -14.42 26.02
N GLU E 87 12.44 -13.97 25.13
CA GLU E 87 12.01 -13.26 23.94
C GLU E 87 11.14 -14.14 23.06
N SER E 88 11.37 -15.46 23.08
CA SER E 88 10.55 -16.36 22.27
C SER E 88 9.16 -16.52 22.88
N SER E 89 9.11 -16.74 24.19
CA SER E 89 7.82 -16.85 24.87
C SER E 89 7.00 -15.58 24.72
N ILE E 90 7.64 -14.42 24.86
CA ILE E 90 6.93 -13.15 24.74
C ILE E 90 6.37 -12.98 23.32
N ASN E 91 7.14 -13.38 22.32
CA ASN E 91 6.65 -13.30 20.94
C ASN E 91 5.44 -14.21 20.74
N HIS E 92 5.48 -15.41 21.32
CA HIS E 92 4.32 -16.29 21.24
C HIS E 92 3.10 -15.65 21.90
N ILE E 93 3.31 -14.99 23.05
CA ILE E 93 2.21 -14.33 23.74
C ILE E 93 1.62 -13.23 22.86
N SER E 94 2.48 -12.44 22.23
CA SER E 94 1.99 -11.36 21.35
C SER E 94 1.22 -11.93 20.17
N GLN E 95 1.70 -13.02 19.59
CA GLN E 95 0.97 -13.66 18.50
C GLN E 95 -0.41 -14.10 18.96
N THR E 96 -0.50 -14.71 20.13
CA THR E 96 -1.81 -15.11 20.66
C THR E 96 -2.71 -13.89 20.84
N VAL E 97 -2.14 -12.80 21.37
CA VAL E 97 -2.95 -11.61 21.65
C VAL E 97 -3.54 -11.04 20.37
N ASP E 98 -2.70 -10.86 19.34
CA ASP E 98 -3.23 -10.25 18.12
C ASP E 98 -4.14 -11.21 17.38
N ILE E 99 -3.93 -12.53 17.50
CA ILE E 99 -4.87 -13.48 16.93
C ILE E 99 -6.23 -13.34 17.60
N HIS E 100 -6.24 -13.20 18.93
CA HIS E 100 -7.49 -12.99 19.64
C HIS E 100 -8.18 -11.70 19.20
N LYS E 101 -7.39 -10.64 19.01
CA LYS E 101 -7.97 -9.37 18.57
C LYS E 101 -8.60 -9.51 17.19
N GLU E 102 -7.93 -10.21 16.27
CA GLU E 102 -8.49 -10.43 14.94
C GLU E 102 -9.77 -11.27 15.03
N LYS E 103 -9.77 -12.27 15.91
CA LYS E 103 -10.98 -13.07 16.11
C LYS E 103 -12.13 -12.20 16.60
N VAL E 104 -11.86 -11.30 17.53
CA VAL E 104 -12.91 -10.41 18.04
C VAL E 104 -13.43 -9.51 16.92
N ALA E 105 -12.52 -8.98 16.09
CA ALA E 105 -12.95 -8.15 14.97
C ALA E 105 -13.84 -8.92 14.01
N ARG E 106 -13.44 -10.15 13.68
CA ARG E 106 -14.26 -10.97 12.79
C ARG E 106 -15.63 -11.24 13.41
N ARG E 107 -15.66 -11.55 14.71
CA ARG E 107 -16.92 -11.86 15.37
C ARG E 107 -17.85 -10.65 15.34
N GLU E 108 -17.31 -9.47 15.63
CA GLU E 108 -18.15 -8.26 15.69
C GLU E 108 -18.56 -7.77 14.30
N ILE E 109 -17.80 -8.07 13.26
CA ILE E 109 -18.22 -7.68 11.91
C ILE E 109 -19.13 -8.73 11.25
N GLY E 110 -19.13 -9.97 11.74
CA GLY E 110 -19.94 -11.01 11.12
C GLY E 110 -21.43 -10.82 11.30
N ILE E 111 -21.85 -9.85 12.12
CA ILE E 111 -23.28 -9.66 12.38
C ILE E 111 -24.05 -9.19 11.17
N LEU E 112 -23.37 -8.61 10.17
CA LEU E 112 -24.02 -8.06 8.98
C LEU E 112 -23.62 -8.82 7.72
N THR E 113 -23.56 -10.15 7.80
CA THR E 113 -23.13 -10.99 6.69
C THR E 113 -24.21 -12.01 6.35
N THR E 114 -24.44 -12.21 5.06
CA THR E 114 -25.39 -13.20 4.58
C THR E 114 -24.75 -13.96 3.42
N ASN E 115 -25.25 -15.17 3.19
CA ASN E 115 -24.66 -16.03 2.14
C ASN E 115 -25.08 -15.56 0.74
N LYS E 116 -24.11 -15.22 -0.11
CA LYS E 116 -24.44 -14.90 -1.53
C LYS E 116 -24.82 -16.22 -2.18
N ASN E 117 -25.75 -16.22 -3.13
CA ASN E 117 -26.05 -17.49 -3.83
C ASN E 117 -25.22 -17.52 -5.11
N THR E 118 -24.11 -18.28 -5.12
CA THR E 118 -23.23 -18.34 -6.30
C THR E 118 -22.99 -19.80 -6.70
N SER E 119 -23.23 -20.14 -7.98
CA SER E 119 -22.96 -21.52 -8.47
C SER E 119 -22.45 -21.43 -9.91
N ARG E 120 -21.67 -22.43 -10.36
CA ARG E 120 -21.15 -22.43 -11.75
C ARG E 120 -21.62 -23.70 -12.47
N THR E 121 -22.22 -23.55 -13.65
CA THR E 121 -22.66 -24.73 -14.46
C THR E 121 -21.77 -24.81 -15.71
N HIS E 122 -22.28 -25.37 -16.81
CA HIS E 122 -21.40 -25.61 -17.99
C HIS E 122 -21.86 -24.93 -19.29
N LYS E 123 -22.65 -23.86 -19.24
CA LYS E 123 -23.09 -23.09 -20.44
C LYS E 123 -24.15 -23.86 -21.21
N ILE E 124 -23.85 -25.04 -21.73
CA ILE E 124 -24.88 -25.91 -22.37
C ILE E 124 -24.80 -27.26 -21.64
N ILE E 125 -25.93 -27.75 -21.13
CA ILE E 125 -25.92 -29.09 -20.47
C ILE E 125 -26.77 -30.02 -21.32
N ALA E 126 -26.18 -31.14 -21.78
CA ALA E 126 -26.87 -32.11 -22.65
C ALA E 126 -27.77 -33.03 -21.81
N PRO E 127 -28.78 -33.72 -22.38
CA PRO E 127 -29.70 -34.54 -21.63
C PRO E 127 -29.05 -35.91 -21.38
N ALA E 128 -29.60 -36.67 -20.42
CA ALA E 128 -28.99 -37.97 -20.09
C ALA E 128 -29.05 -38.86 -21.33
N ASN E 129 -30.18 -38.86 -22.04
CA ASN E 129 -30.31 -39.64 -23.28
C ASN E 129 -30.80 -38.73 -24.40
N LEU E 130 -30.19 -38.81 -25.58
CA LEU E 130 -30.59 -37.93 -26.71
C LEU E 130 -31.77 -38.52 -27.46
N GLU E 131 -32.73 -37.67 -27.86
CA GLU E 131 -33.89 -38.09 -28.63
C GLU E 131 -33.45 -38.72 -29.94
N ARG E 132 -34.02 -39.91 -30.26
CA ARG E 132 -33.63 -40.65 -31.44
C ARG E 132 -34.68 -40.50 -32.54
N PRO E 133 -34.30 -40.58 -33.81
CA PRO E 133 -35.28 -40.47 -34.88
C PRO E 133 -36.25 -41.65 -34.86
N VAL E 134 -37.47 -41.38 -35.31
CA VAL E 134 -38.54 -42.38 -35.36
C VAL E 134 -38.92 -42.60 -36.82
N ARG E 135 -38.91 -43.86 -37.23
CA ARG E 135 -39.24 -44.20 -38.60
C ARG E 135 -40.71 -43.88 -38.90
N TYR E 136 -40.96 -43.45 -40.13
CA TYR E 136 -42.30 -43.08 -40.57
C TYR E 136 -42.98 -44.31 -41.16
N ILE E 137 -44.08 -44.72 -40.57
CA ILE E 137 -44.86 -45.87 -41.02
C ILE E 137 -46.20 -45.38 -41.54
N ARG E 138 -46.47 -45.66 -42.83
CA ARG E 138 -47.71 -45.21 -43.49
C ARG E 138 -48.89 -46.02 -42.92
N LYS E 139 -49.99 -45.36 -42.57
CA LYS E 139 -51.19 -45.98 -42.04
C LYS E 139 -52.40 -45.39 -42.76
N PRO E 140 -53.48 -46.16 -42.86
CA PRO E 140 -54.70 -45.62 -43.49
C PRO E 140 -55.45 -44.69 -42.56
N ILE E 141 -56.32 -43.88 -43.14
CA ILE E 141 -57.15 -42.95 -42.38
C ILE E 141 -58.14 -43.76 -41.56
N ASP E 142 -57.94 -43.79 -40.24
CA ASP E 142 -58.77 -44.56 -39.32
C ASP E 142 -59.73 -43.60 -38.62
N TYR E 143 -61.02 -43.89 -38.71
CA TYR E 143 -62.05 -43.07 -38.10
C TYR E 143 -62.56 -43.64 -36.78
N THR E 144 -61.93 -44.71 -36.27
CA THR E 144 -62.38 -45.35 -35.04
C THR E 144 -61.30 -45.31 -33.97
N ILE E 145 -60.65 -44.16 -33.81
CA ILE E 145 -59.62 -43.99 -32.80
C ILE E 145 -60.08 -43.19 -31.60
N LEU E 146 -61.18 -42.44 -31.72
CA LEU E 146 -61.71 -41.64 -30.63
C LEU E 146 -62.91 -42.29 -29.94
N ASP E 147 -63.18 -43.56 -30.24
CA ASP E 147 -64.32 -44.24 -29.63
C ASP E 147 -64.18 -44.36 -28.12
N ASP E 148 -62.96 -44.37 -27.60
CA ASP E 148 -62.72 -44.52 -26.16
C ASP E 148 -62.66 -43.18 -25.45
N ILE E 149 -62.86 -42.07 -26.15
CA ILE E 149 -62.81 -40.73 -25.57
C ILE E 149 -64.26 -40.28 -25.42
N GLY E 150 -64.69 -40.01 -24.19
CA GLY E 150 -66.03 -39.54 -23.95
C GLY E 150 -67.07 -40.59 -24.29
N HIS E 151 -68.29 -40.11 -24.59
CA HIS E 151 -69.40 -40.99 -24.94
C HIS E 151 -69.38 -41.24 -26.46
N GLY E 152 -68.49 -42.13 -26.89
CA GLY E 152 -68.31 -42.41 -28.32
C GLY E 152 -69.35 -43.36 -28.86
N VAL E 153 -69.47 -43.46 -30.18
CA VAL E 153 -70.41 -44.39 -30.86
C VAL E 153 -69.53 -45.36 -31.64
N LYS E 154 -69.95 -46.61 -31.82
CA LYS E 154 -69.19 -47.62 -32.59
C LYS E 154 -69.96 -47.88 -33.89
N VAL E 155 -69.31 -47.70 -35.04
CA VAL E 155 -70.00 -47.88 -36.35
C VAL E 155 -71.23 -46.97 -36.38
N GLN F 2 -73.52 0.12 -28.27
CA GLN F 2 -73.32 -0.24 -26.87
C GLN F 2 -72.43 0.78 -26.16
N ALA F 3 -71.74 1.61 -26.94
CA ALA F 3 -70.85 2.64 -26.42
C ALA F 3 -71.49 4.00 -26.60
N ILE F 4 -71.54 4.77 -25.51
CA ILE F 4 -72.13 6.10 -25.51
C ILE F 4 -71.13 7.09 -24.93
N LYS F 5 -70.92 8.19 -25.63
CA LYS F 5 -70.02 9.27 -25.19
C LYS F 5 -70.89 10.44 -24.75
N CYS F 6 -71.10 10.57 -23.44
CA CYS F 6 -71.90 11.63 -22.86
C CYS F 6 -70.96 12.67 -22.24
N VAL F 7 -71.11 13.92 -22.66
CA VAL F 7 -70.30 15.03 -22.16
C VAL F 7 -71.21 15.95 -21.35
N VAL F 8 -70.79 16.26 -20.13
CA VAL F 8 -71.57 17.10 -19.22
C VAL F 8 -70.89 18.46 -19.12
N VAL F 9 -71.65 19.52 -19.41
CA VAL F 9 -71.14 20.88 -19.38
C VAL F 9 -72.08 21.75 -18.56
N GLY F 10 -71.57 22.89 -18.12
CA GLY F 10 -72.35 23.82 -17.33
C GLY F 10 -71.48 24.84 -16.61
N ASP F 11 -72.12 25.82 -15.97
CA ASP F 11 -71.40 26.85 -15.26
C ASP F 11 -70.71 26.25 -14.02
N GLY F 12 -69.67 26.95 -13.56
CA GLY F 12 -68.94 26.48 -12.40
C GLY F 12 -69.79 26.46 -11.14
N ALA F 13 -69.51 25.50 -10.27
CA ALA F 13 -70.19 25.35 -9.00
C ALA F 13 -71.70 25.16 -9.20
N VAL F 14 -72.04 24.09 -9.92
CA VAL F 14 -73.43 23.73 -10.14
C VAL F 14 -73.74 22.30 -9.74
N GLY F 15 -72.74 21.42 -9.61
CA GLY F 15 -72.97 20.07 -9.13
C GLY F 15 -72.70 18.98 -10.16
N LYS F 16 -72.06 19.34 -11.26
CA LYS F 16 -71.80 18.35 -12.31
C LYS F 16 -70.92 17.21 -11.79
N THR F 17 -69.77 17.57 -11.21
CA THR F 17 -68.87 16.54 -10.70
C THR F 17 -69.53 15.76 -9.57
N CYS F 18 -70.17 16.46 -8.64
CA CYS F 18 -70.86 15.77 -7.55
C CYS F 18 -72.01 14.93 -8.07
N LEU F 19 -72.74 15.42 -9.06
CA LEU F 19 -73.81 14.63 -9.67
C LEU F 19 -73.26 13.32 -10.22
N LEU F 20 -72.17 13.40 -11.00
CA LEU F 20 -71.60 12.21 -11.61
C LEU F 20 -71.09 11.25 -10.54
N ILE F 21 -70.40 11.77 -9.52
CA ILE F 21 -69.87 10.91 -8.47
C ILE F 21 -71.00 10.22 -7.72
N SER F 22 -72.06 10.96 -7.37
CA SER F 22 -73.18 10.36 -6.68
C SER F 22 -73.85 9.29 -7.52
N TYR F 23 -74.05 9.55 -8.82
CA TYR F 23 -74.66 8.54 -9.67
C TYR F 23 -73.79 7.29 -9.77
N THR F 24 -72.48 7.46 -9.94
CA THR F 24 -71.60 6.32 -10.18
C THR F 24 -71.32 5.50 -8.94
N THR F 25 -71.20 6.14 -7.77
CA THR F 25 -70.82 5.44 -6.55
C THR F 25 -71.79 5.66 -5.38
N ASN F 26 -72.89 6.38 -5.61
CA ASN F 26 -73.87 6.64 -4.54
C ASN F 26 -73.20 7.28 -3.34
N ALA F 27 -72.28 8.22 -3.60
CA ALA F 27 -71.57 8.93 -2.56
C ALA F 27 -71.64 10.42 -2.85
N PHE F 28 -71.72 11.22 -1.77
CA PHE F 28 -71.83 12.66 -1.89
C PHE F 28 -70.82 13.32 -0.96
N SER F 29 -70.33 14.48 -1.37
CA SER F 29 -69.36 15.23 -0.59
C SER F 29 -69.75 16.71 -0.61
N GLY F 30 -69.30 17.43 0.40
CA GLY F 30 -69.65 18.83 0.54
C GLY F 30 -68.59 19.78 0.00
N GLU F 31 -67.32 19.38 0.11
CA GLU F 31 -66.24 20.26 -0.33
C GLU F 31 -66.34 20.51 -1.83
N TYR F 32 -65.98 21.73 -2.23
CA TYR F 32 -66.00 22.14 -3.63
C TYR F 32 -64.57 22.14 -4.17
N ILE F 33 -64.36 21.41 -5.27
CA ILE F 33 -63.04 21.31 -5.89
C ILE F 33 -63.19 21.48 -7.40
N PRO F 34 -62.68 22.57 -7.99
CA PRO F 34 -62.76 22.71 -9.45
C PRO F 34 -62.06 21.56 -10.14
N THR F 35 -62.64 21.13 -11.27
CA THR F 35 -62.14 20.00 -12.03
C THR F 35 -61.76 20.43 -13.43
N VAL F 36 -60.76 19.75 -13.99
CA VAL F 36 -60.30 20.02 -15.35
C VAL F 36 -60.77 18.89 -16.25
N PHE F 37 -60.30 17.67 -15.97
CA PHE F 37 -60.73 16.49 -16.70
C PHE F 37 -61.07 15.37 -15.72
N ASP F 38 -62.26 14.80 -15.93
CA ASP F 38 -62.70 13.64 -15.15
C ASP F 38 -63.49 12.73 -16.08
N ASN F 39 -63.22 11.44 -15.99
CA ASN F 39 -63.89 10.44 -16.81
C ASN F 39 -64.48 9.37 -15.91
N TYR F 40 -65.76 9.07 -16.09
CA TYR F 40 -66.46 8.06 -15.32
C TYR F 40 -67.16 7.08 -16.26
N SER F 41 -67.08 5.79 -15.93
CA SER F 41 -67.68 4.74 -16.73
C SER F 41 -68.78 4.06 -15.92
N ALA F 42 -69.94 3.87 -16.56
CA ALA F 42 -71.08 3.25 -15.91
C ALA F 42 -71.78 2.34 -16.91
N ASN F 43 -72.21 1.18 -16.41
CA ASN F 43 -72.94 0.20 -17.21
C ASN F 43 -74.38 0.13 -16.70
N VAL F 44 -75.34 0.28 -17.61
CA VAL F 44 -76.75 0.30 -17.25
C VAL F 44 -77.52 -0.61 -18.20
N MET F 45 -78.71 -1.02 -17.75
CA MET F 45 -79.61 -1.86 -18.52
C MET F 45 -80.77 -0.97 -18.97
N VAL F 46 -80.81 -0.67 -20.27
CA VAL F 46 -81.87 0.15 -20.86
C VAL F 46 -82.59 -0.68 -21.90
N ASP F 47 -83.89 -0.90 -21.70
CA ASP F 47 -84.70 -1.69 -22.62
C ASP F 47 -84.11 -3.07 -22.83
N GLY F 48 -83.46 -3.60 -21.79
CA GLY F 48 -82.85 -4.91 -21.87
C GLY F 48 -81.65 -4.95 -22.80
N LYS F 49 -81.06 -3.78 -23.07
CA LYS F 49 -79.91 -3.68 -23.96
C LYS F 49 -78.72 -3.15 -23.17
N PRO F 50 -77.61 -3.87 -23.06
CA PRO F 50 -76.45 -3.33 -22.34
C PRO F 50 -75.91 -2.09 -23.04
N VAL F 51 -75.44 -1.15 -22.23
CA VAL F 51 -74.90 0.12 -22.72
C VAL F 51 -73.76 0.54 -21.82
N ASN F 52 -72.71 1.08 -22.42
CA ASN F 52 -71.56 1.63 -21.71
C ASN F 52 -71.62 3.15 -21.81
N LEU F 53 -71.65 3.83 -20.66
CA LEU F 53 -71.79 5.27 -20.61
C LEU F 53 -70.43 5.92 -20.42
N GLY F 54 -70.02 6.74 -21.40
CA GLY F 54 -68.81 7.52 -21.27
C GLY F 54 -69.10 8.91 -20.76
N LEU F 55 -68.91 9.13 -19.46
CA LEU F 55 -69.22 10.41 -18.83
C LEU F 55 -67.97 11.27 -18.82
N TRP F 56 -68.06 12.46 -19.42
CA TRP F 56 -66.93 13.38 -19.54
C TRP F 56 -67.29 14.67 -18.81
N ASP F 57 -66.60 14.94 -17.71
CA ASP F 57 -66.78 16.20 -16.99
C ASP F 57 -65.92 17.28 -17.62
N THR F 58 -66.44 18.51 -17.63
CA THR F 58 -65.75 19.65 -18.22
C THR F 58 -65.74 20.80 -17.23
N ALA F 59 -64.64 21.55 -17.25
CA ALA F 59 -64.49 22.70 -16.37
C ALA F 59 -65.45 23.80 -16.75
N GLY F 60 -66.08 24.40 -15.74
CA GLY F 60 -67.02 25.48 -15.96
C GLY F 60 -66.39 26.86 -15.80
N LEU F 61 -65.16 26.90 -15.29
CA LEU F 61 -64.49 28.17 -15.07
C LEU F 61 -64.13 28.82 -16.40
N GLU F 62 -64.11 30.15 -16.40
CA GLU F 62 -63.85 30.89 -17.63
C GLU F 62 -62.41 30.74 -18.11
N ASP F 63 -61.50 30.29 -17.24
CA ASP F 63 -60.09 30.16 -17.59
C ASP F 63 -59.77 28.83 -18.26
N TYR F 64 -60.78 28.12 -18.78
CA TYR F 64 -60.55 26.85 -19.46
C TYR F 64 -61.35 26.72 -20.75
N ASP F 65 -61.75 27.85 -21.36
CA ASP F 65 -62.52 27.78 -22.59
C ASP F 65 -61.72 27.12 -23.70
N ARG F 66 -60.45 27.48 -23.84
CA ARG F 66 -59.61 26.87 -24.86
C ARG F 66 -59.39 25.38 -24.60
N LEU F 67 -59.45 24.97 -23.33
CA LEU F 67 -59.19 23.59 -22.95
C LEU F 67 -60.45 22.73 -22.89
N ARG F 68 -61.62 23.31 -23.11
CA ARG F 68 -62.89 22.61 -23.02
C ARG F 68 -63.19 21.76 -24.25
N PRO F 69 -63.08 22.30 -25.47
CA PRO F 69 -63.58 21.56 -26.64
C PRO F 69 -62.84 20.26 -26.94
N LEU F 70 -61.81 19.95 -26.16
CA LEU F 70 -61.07 18.72 -26.38
C LEU F 70 -61.94 17.47 -26.24
N SER F 71 -63.02 17.55 -25.48
CA SER F 71 -63.89 16.40 -25.23
C SER F 71 -65.16 16.41 -26.09
N TYR F 72 -65.29 17.36 -27.01
CA TYR F 72 -66.52 17.50 -27.80
C TYR F 72 -66.60 16.52 -28.95
N PRO F 73 -65.53 16.28 -29.69
CA PRO F 73 -65.63 15.47 -30.91
C PRO F 73 -66.21 14.08 -30.64
N GLN F 74 -67.05 13.62 -31.57
CA GLN F 74 -67.60 12.26 -31.54
C GLN F 74 -68.48 12.04 -30.32
N THR F 75 -69.02 13.11 -29.75
CA THR F 75 -69.91 13.01 -28.61
C THR F 75 -71.32 12.64 -29.09
N ASP F 76 -72.03 11.88 -28.25
CA ASP F 76 -73.36 11.39 -28.62
C ASP F 76 -74.47 12.29 -28.08
N VAL F 77 -74.41 12.63 -26.80
CA VAL F 77 -75.46 13.41 -26.15
C VAL F 77 -74.82 14.47 -25.26
N PHE F 78 -75.39 15.66 -25.25
CA PHE F 78 -74.95 16.75 -24.40
C PHE F 78 -75.83 16.87 -23.16
N LEU F 79 -75.21 17.25 -22.05
CA LEU F 79 -75.91 17.41 -20.77
C LEU F 79 -75.55 18.78 -20.20
N ILE F 80 -76.44 19.75 -20.37
CA ILE F 80 -76.24 21.09 -19.85
C ILE F 80 -76.93 21.16 -18.48
N CYS F 81 -76.16 21.51 -17.46
CA CYS F 81 -76.66 21.57 -16.09
C CYS F 81 -76.59 23.00 -15.57
N PHE F 82 -77.68 23.44 -14.94
CA PHE F 82 -77.74 24.77 -14.34
C PHE F 82 -78.32 24.66 -12.94
N SER F 83 -77.72 25.39 -12.01
CA SER F 83 -78.20 25.38 -10.63
C SER F 83 -79.59 26.00 -10.54
N LEU F 84 -80.45 25.41 -9.71
CA LEU F 84 -81.80 25.90 -9.54
C LEU F 84 -81.89 27.08 -8.58
N VAL F 85 -80.83 27.37 -7.84
CA VAL F 85 -80.84 28.45 -6.84
C VAL F 85 -79.86 29.54 -7.27
N SER F 86 -79.62 29.66 -8.58
CA SER F 86 -78.69 30.66 -9.12
C SER F 86 -79.15 31.05 -10.51
N PRO F 87 -79.91 32.15 -10.62
CA PRO F 87 -80.34 32.61 -11.95
C PRO F 87 -79.16 32.97 -12.85
N ALA F 88 -77.99 33.22 -12.24
CA ALA F 88 -76.80 33.51 -13.04
C ALA F 88 -76.51 32.39 -14.02
N SER F 89 -76.47 31.15 -13.53
CA SER F 89 -76.26 30.01 -14.42
C SER F 89 -77.43 29.83 -15.37
N PHE F 90 -78.64 30.13 -14.90
CA PHE F 90 -79.82 30.03 -15.77
C PHE F 90 -79.65 30.89 -17.01
N GLU F 91 -79.15 32.11 -16.83
CA GLU F 91 -78.90 32.97 -18.00
C GLU F 91 -77.67 32.51 -18.76
N ASN F 92 -76.60 32.15 -18.05
CA ASN F 92 -75.36 31.77 -18.72
C ASN F 92 -75.56 30.58 -19.65
N VAL F 93 -76.51 29.71 -19.33
CA VAL F 93 -76.79 28.57 -20.21
C VAL F 93 -77.06 29.06 -21.62
N ARG F 94 -78.15 29.81 -21.80
CA ARG F 94 -78.48 30.35 -23.11
C ARG F 94 -77.40 31.30 -23.62
N ALA F 95 -76.69 31.99 -22.71
CA ALA F 95 -75.70 32.95 -23.14
C ALA F 95 -74.55 32.27 -23.89
N LYS F 96 -73.98 31.21 -23.33
CA LYS F 96 -72.75 30.63 -23.86
C LYS F 96 -72.86 29.15 -24.20
N TRP F 97 -73.51 28.34 -23.35
CA TRP F 97 -73.35 26.90 -23.47
C TRP F 97 -74.04 26.39 -24.73
N TYR F 98 -75.29 26.78 -24.95
CA TYR F 98 -76.00 26.36 -26.16
C TYR F 98 -75.33 26.82 -27.44
N PRO F 99 -75.00 28.12 -27.61
CA PRO F 99 -74.30 28.53 -28.84
C PRO F 99 -72.96 27.83 -29.02
N GLU F 100 -72.21 27.61 -27.94
CA GLU F 100 -70.93 26.93 -28.07
C GLU F 100 -71.13 25.49 -28.55
N VAL F 101 -72.11 24.80 -27.98
CA VAL F 101 -72.38 23.42 -28.39
C VAL F 101 -72.80 23.39 -29.85
N ARG F 102 -73.66 24.32 -30.26
CA ARG F 102 -74.05 24.39 -31.66
C ARG F 102 -72.86 24.66 -32.58
N HIS F 103 -71.97 25.59 -32.20
CA HIS F 103 -70.81 25.88 -33.03
C HIS F 103 -69.90 24.66 -33.15
N HIS F 104 -69.67 23.95 -32.05
CA HIS F 104 -68.81 22.78 -32.07
C HIS F 104 -69.57 21.48 -32.31
N CYS F 105 -70.90 21.49 -32.22
CA CYS F 105 -71.71 20.31 -32.44
C CYS F 105 -73.12 20.73 -32.85
N PRO F 106 -73.40 20.84 -34.15
CA PRO F 106 -74.71 21.36 -34.59
C PRO F 106 -75.82 20.31 -34.65
N ASN F 107 -75.49 19.02 -34.59
CA ASN F 107 -76.46 17.95 -34.75
C ASN F 107 -76.36 16.94 -33.61
N THR F 108 -76.31 17.45 -32.37
CA THR F 108 -76.25 16.59 -31.20
C THR F 108 -77.38 16.93 -30.24
N PRO F 109 -78.08 15.91 -29.70
CA PRO F 109 -79.16 16.20 -28.75
C PRO F 109 -78.62 16.84 -27.48
N ILE F 110 -79.47 17.65 -26.84
CA ILE F 110 -79.14 18.33 -25.59
C ILE F 110 -80.20 17.97 -24.56
N ILE F 111 -79.74 17.59 -23.37
CA ILE F 111 -80.63 17.22 -22.26
C ILE F 111 -80.39 18.25 -21.16
N LEU F 112 -81.28 19.23 -21.06
CA LEU F 112 -81.18 20.23 -20.01
C LEU F 112 -81.46 19.58 -18.65
N VAL F 113 -80.69 19.97 -17.65
CA VAL F 113 -80.76 19.39 -16.31
C VAL F 113 -80.81 20.51 -15.28
N GLY F 114 -81.42 20.20 -14.13
CA GLY F 114 -81.49 21.14 -13.03
C GLY F 114 -80.98 20.54 -11.73
N THR F 115 -80.01 21.21 -11.11
CA THR F 115 -79.38 20.73 -9.89
C THR F 115 -79.85 21.58 -8.71
N LYS F 116 -79.61 21.07 -7.50
CA LYS F 116 -79.99 21.75 -6.25
C LYS F 116 -81.49 21.73 -6.02
N LEU F 117 -82.15 20.63 -6.39
CA LEU F 117 -83.59 20.53 -6.15
C LEU F 117 -83.91 20.57 -4.66
N ASP F 118 -83.11 19.87 -3.85
CA ASP F 118 -83.36 19.85 -2.41
C ASP F 118 -83.29 21.24 -1.80
N LEU F 119 -82.45 22.13 -2.34
CA LEU F 119 -82.35 23.50 -1.86
C LEU F 119 -83.40 24.42 -2.47
N ARG F 120 -84.25 23.90 -3.35
CA ARG F 120 -85.27 24.74 -3.97
C ARG F 120 -86.24 25.28 -2.93
N ASP F 121 -86.64 24.44 -1.97
CA ASP F 121 -87.60 24.83 -0.94
C ASP F 121 -86.98 25.00 0.43
N ASP F 122 -85.65 24.84 0.57
CA ASP F 122 -85.02 25.04 1.86
C ASP F 122 -85.12 26.50 2.27
N LYS F 123 -85.22 26.74 3.58
CA LYS F 123 -85.45 28.09 4.09
C LYS F 123 -84.21 28.97 3.94
N ASP F 124 -83.13 28.63 4.63
CA ASP F 124 -81.98 29.52 4.70
C ASP F 124 -81.56 29.99 3.32
N THR F 125 -81.52 29.06 2.36
CA THR F 125 -81.14 29.43 1.01
C THR F 125 -82.15 30.40 0.39
N ILE F 126 -83.45 30.21 0.67
CA ILE F 126 -84.43 31.07 0.02
C ILE F 126 -84.35 32.49 0.57
N GLU F 127 -84.21 32.66 1.90
CA GLU F 127 -84.04 34.02 2.38
C GLU F 127 -82.70 34.61 1.93
N LYS F 128 -81.65 33.80 1.87
CA LYS F 128 -80.37 34.33 1.38
C LYS F 128 -80.50 34.82 -0.05
N LEU F 129 -81.26 34.11 -0.89
CA LEU F 129 -81.47 34.55 -2.25
C LEU F 129 -82.38 35.78 -2.32
N LYS F 130 -83.39 35.86 -1.44
CA LYS F 130 -84.23 37.06 -1.38
C LYS F 130 -83.40 38.29 -1.04
N GLU F 131 -82.32 38.11 -0.25
CA GLU F 131 -81.49 39.26 0.09
C GLU F 131 -81.00 39.97 -1.17
N LYS F 132 -80.79 39.22 -2.26
CA LYS F 132 -80.31 39.77 -3.51
C LYS F 132 -81.41 39.99 -4.54
N LYS F 133 -82.68 39.92 -4.12
CA LYS F 133 -83.81 40.14 -5.02
C LYS F 133 -83.85 39.12 -6.15
N LEU F 134 -83.40 37.90 -5.88
CA LEU F 134 -83.43 36.81 -6.85
C LEU F 134 -84.28 35.67 -6.30
N THR F 135 -84.88 34.90 -7.19
CA THR F 135 -85.78 33.83 -6.82
C THR F 135 -85.32 32.52 -7.44
N PRO F 136 -85.62 31.38 -6.80
CA PRO F 136 -85.27 30.09 -7.40
C PRO F 136 -85.99 29.87 -8.72
N ILE F 137 -85.34 29.14 -9.61
CA ILE F 137 -85.93 28.83 -10.91
C ILE F 137 -87.08 27.85 -10.72
N THR F 138 -88.14 28.05 -11.50
CA THR F 138 -89.34 27.23 -11.41
C THR F 138 -89.47 26.35 -12.64
N TYR F 139 -90.35 25.36 -12.54
CA TYR F 139 -90.57 24.41 -13.63
C TYR F 139 -90.98 25.08 -14.94
N PRO F 140 -91.93 26.01 -14.96
CA PRO F 140 -92.30 26.65 -16.24
C PRO F 140 -91.13 27.35 -16.91
N GLN F 141 -90.27 28.02 -16.13
CA GLN F 141 -89.12 28.68 -16.73
C GLN F 141 -88.16 27.66 -17.35
N GLY F 142 -87.92 26.55 -16.65
CA GLY F 142 -87.07 25.51 -17.21
C GLY F 142 -87.61 24.95 -18.50
N LEU F 143 -88.92 24.66 -18.53
CA LEU F 143 -89.52 24.16 -19.76
C LEU F 143 -89.44 25.19 -20.88
N ALA F 144 -89.70 26.46 -20.56
CA ALA F 144 -89.62 27.50 -21.58
C ALA F 144 -88.23 27.58 -22.18
N MET F 145 -87.20 27.59 -21.33
CA MET F 145 -85.84 27.66 -21.85
C MET F 145 -85.48 26.40 -22.65
N ALA F 146 -85.91 25.23 -22.17
CA ALA F 146 -85.61 23.99 -22.87
C ALA F 146 -86.22 23.98 -24.26
N LYS F 147 -87.48 24.41 -24.38
CA LYS F 147 -88.10 24.47 -25.70
C LYS F 147 -87.54 25.60 -26.55
N GLU F 148 -87.00 26.66 -25.93
CA GLU F 148 -86.39 27.72 -26.70
C GLU F 148 -85.08 27.28 -27.31
N ILE F 149 -84.23 26.59 -26.54
CA ILE F 149 -82.95 26.15 -27.06
C ILE F 149 -83.08 24.89 -27.91
N GLY F 150 -84.12 24.08 -27.69
CA GLY F 150 -84.34 22.87 -28.45
C GLY F 150 -84.08 21.59 -27.68
N ALA F 151 -83.83 21.64 -26.38
CA ALA F 151 -83.57 20.42 -25.61
C ALA F 151 -84.77 19.49 -25.70
N VAL F 152 -84.50 18.21 -25.95
CA VAL F 152 -85.58 17.23 -26.12
C VAL F 152 -86.20 16.80 -24.79
N LYS F 153 -85.53 17.07 -23.66
CA LYS F 153 -86.07 16.68 -22.37
C LYS F 153 -85.36 17.42 -21.24
N TYR F 154 -86.14 18.06 -20.37
CA TYR F 154 -85.62 18.79 -19.23
C TYR F 154 -86.12 18.15 -17.94
N LEU F 155 -85.20 17.90 -17.00
CA LEU F 155 -85.50 17.13 -15.80
C LEU F 155 -84.89 17.80 -14.59
N GLU F 156 -85.18 17.23 -13.42
CA GLU F 156 -84.62 17.68 -12.15
C GLU F 156 -83.81 16.55 -11.54
N CYS F 157 -82.88 16.91 -10.67
CA CYS F 157 -82.09 15.92 -9.94
C CYS F 157 -81.32 16.62 -8.83
N SER F 158 -81.11 15.90 -7.74
CA SER F 158 -80.34 16.38 -6.60
C SER F 158 -79.30 15.33 -6.25
N ALA F 159 -78.04 15.74 -6.20
CA ALA F 159 -76.95 14.81 -5.90
C ALA F 159 -76.97 14.32 -4.46
N LEU F 160 -77.74 14.96 -3.58
CA LEU F 160 -77.79 14.58 -2.17
C LEU F 160 -78.87 13.53 -1.91
N THR F 161 -80.12 13.85 -2.24
CA THR F 161 -81.25 12.95 -2.01
C THR F 161 -81.42 11.94 -3.12
N GLN F 162 -80.71 12.09 -4.24
CA GLN F 162 -80.76 11.17 -5.38
C GLN F 162 -82.14 11.13 -6.03
N ARG F 163 -83.01 12.10 -5.75
CA ARG F 163 -84.33 12.13 -6.36
C ARG F 163 -84.19 12.44 -7.85
N GLY F 164 -84.83 11.61 -8.69
CA GLY F 164 -84.72 11.79 -10.11
C GLY F 164 -83.30 11.71 -10.64
N LEU F 165 -82.49 10.79 -10.11
CA LEU F 165 -81.10 10.70 -10.52
C LEU F 165 -80.93 9.77 -11.71
N LYS F 166 -81.51 8.58 -11.64
CA LYS F 166 -81.36 7.61 -12.72
C LYS F 166 -82.03 8.10 -14.01
N THR F 167 -83.17 8.78 -13.88
CA THR F 167 -83.92 9.20 -15.05
C THR F 167 -83.09 10.12 -15.95
N VAL F 168 -82.29 11.00 -15.35
CA VAL F 168 -81.47 11.91 -16.17
C VAL F 168 -80.76 11.11 -17.25
N PHE F 169 -79.94 10.15 -16.85
CA PHE F 169 -79.18 9.37 -17.82
C PHE F 169 -80.08 8.39 -18.58
N ASP F 170 -81.20 7.96 -18.00
CA ASP F 170 -82.07 7.03 -18.71
C ASP F 170 -82.63 7.68 -19.98
N GLU F 171 -83.00 8.95 -19.90
CA GLU F 171 -83.53 9.67 -21.09
C GLU F 171 -82.44 9.92 -22.13
N ALA F 172 -81.19 10.21 -21.73
CA ALA F 172 -80.07 10.52 -22.66
C ALA F 172 -79.70 9.31 -23.54
N ILE F 173 -79.66 8.12 -22.92
CA ILE F 173 -79.36 6.87 -23.67
C ILE F 173 -80.49 6.69 -24.68
N ARG F 174 -81.74 6.90 -24.25
CA ARG F 174 -82.92 6.78 -25.14
C ARG F 174 -82.82 7.80 -26.26
N ALA F 175 -82.28 8.99 -26.02
CA ALA F 175 -82.18 10.07 -27.03
C ALA F 175 -81.26 9.67 -28.18
N VAL F 176 -80.20 8.93 -27.90
CA VAL F 176 -79.26 8.51 -28.92
C VAL F 176 -79.75 7.21 -29.57
N LEU F 177 -80.17 6.27 -28.74
CA LEU F 177 -80.71 5.02 -29.27
C LEU F 177 -81.84 5.30 -30.24
N CYS F 178 -82.62 6.34 -29.95
CA CYS F 178 -83.73 6.70 -30.82
C CYS F 178 -83.43 7.97 -31.60
PG GTP G . -66.79 23.05 -11.82
O1G GTP G . -65.84 22.17 -11.14
O2G GTP G . -67.01 22.64 -13.23
O3G GTP G . -66.42 24.50 -11.73
O3B GTP G . -68.13 22.80 -10.97
PB GTP G . -68.79 21.49 -10.35
O1B GTP G . -70.03 21.24 -11.09
O2B GTP G . -67.75 20.42 -10.25
O3A GTP G . -69.22 21.83 -8.85
PA GTP G . -69.73 20.68 -7.86
O1A GTP G . -70.31 19.63 -8.72
O2A GTP G . -68.63 20.25 -6.96
O5' GTP G . -70.89 21.40 -7.02
C5' GTP G . -70.63 22.64 -6.30
C4' GTP G . -71.04 22.48 -4.86
O4' GTP G . -72.46 22.18 -4.80
C3' GTP G . -70.35 21.37 -4.06
O3' GTP G . -70.03 21.81 -2.76
C2' GTP G . -71.41 20.27 -4.02
O2' GTP G . -71.27 19.42 -2.90
C1' GTP G . -72.67 21.09 -3.94
N9 GTP G . -73.88 20.40 -4.37
C8 GTP G . -74.11 19.87 -5.61
N7 GTP G . -75.29 19.32 -5.74
C5 GTP G . -75.89 19.52 -4.50
C6 GTP G . -77.17 19.14 -4.04
O6 GTP G . -78.07 18.55 -4.66
N1 GTP G . -77.38 19.54 -2.73
C2 GTP G . -76.47 20.21 -1.95
N2 GTP G . -76.86 20.50 -0.70
N3 GTP G . -75.26 20.55 -2.37
C4 GTP G . -75.04 20.18 -3.65
MG MG H . -66.40 20.35 -12.48
#